data_8F4P
#
_entry.id   8F4P
#
_cell.length_a   1.00
_cell.length_b   1.00
_cell.length_c   1.00
_cell.angle_alpha   90.00
_cell.angle_beta   90.00
_cell.angle_gamma   90.00
#
_symmetry.space_group_name_H-M   'P 1'
#
loop_
_entity.id
_entity.type
_entity.pdbx_description
1 polymer 'Spike glycoprotein'
2 polymer 'Anti-S1 Nanobody'
3 branched 2-acetamido-2-deoxy-beta-D-glucopyranose-(1-4)-2-acetamido-2-deoxy-beta-D-glucopyranose
4 non-polymer 2-acetamido-2-deoxy-beta-D-glucopyranose
#
loop_
_entity_poly.entity_id
_entity_poly.type
_entity_poly.pdbx_seq_one_letter_code
_entity_poly.pdbx_strand_id
1 'polypeptide(L)'
;QCVNLTTRTQLPPAYTNSFTRGVYYPDKVFRSSVLHSTQDLFLPFFSNVTWFHAIHVSGTNGTKRFDNPVLPFNDGVYFA
STEKSNIIRGWIFGTTLDSKTQSLLIVNNATNVVIKVCEFQFCNDPFLGVYYHKNNKSWMESEFRVYSSANNCTFEYVSQ
PFLMDLEGKQGNFKNLREFVFKNIDGYFKIYSKHTPINLVRDLPQGFSALEPLVDLPIGINITRFQTLLALHRSYLTPGD
SSSGWTAGAAAYYVGYLQPRTFLLKYNENGTITDAVDCALDPLSETKCTLKSFTVEKGIYQTSNFRVQPTESIVRFPNIT
NLCPFGEVFNATRFASVYAWNRKRISNCVADYSVLYNSASFSTFKCYGVSPTKLNDLCFTNVYADSFVIRGDEVRQIAPG
QTGKIADYNYKLPDDFTGCVIAWNSNNLDSKVGGNYNYLYRLFRKSNLKPFERDISTEIYQAGSTPCNGVEGFNCYFPLQ
SYGFQPTNGVGYQPYRVVVLSFELLHAPATVCGPKKSTNLVKNKCVNFNFNGLTGTGVLTESNKKFLPFQQFGRDIADTT
DAVRDPQTLEILDITPCSFGGVSVITPGTNTSNQVAVLYQDVNCTEVPVAIHADQLTPTWRVYSTGSNVFQTRAGCLIGA
EHVNNSYECDIPIGAGICASYQTQTNSPRRARSVASQSIIAYTMSLGAENSVAYSNNSIAIPTNFTISVTTEILPVSMTK
TSVDCTMYICGDSTECSNLLLQYGSFCTQLNRALTGIAVEQDKNTQEVFAQVKQIYKTPPIKDFGGFNFSQILPDPSKPS
KRSPIEDLLFNKVTLADAGFIKQYGDCLGDIAARDLICAQKFNGLTVLPPLLTDEMIAQYTSALLAGTITSGWTFGAGPA
LQIPFPMQMAYRFNGIGVTQNVLYENQKLIANQFNSAIGKIQDSLSSTPSALGKLQDVVNQNAQALNTLVKQLSSNFGAI
SSVLNDILSRLDPPEAEVQIDRLITGRLQSLQTYVTQQLIRAAEIRASANLAATKMSECVLGQSKRVDFCGKGYHLMSFP
QSAPHGVVFLHVTYVPAQEKNFTTAPAICHDGKAHFPREGVFVSNGTHWFVTQRNFYEPQIITTDNTFVSGNCDVVIGIV
NNTVYDPLQPELDSFK
;
A,B,C
2 'polypeptide(L)'
;EVQLVESGGGLVQPGGSLRLSCAASGGTFSSIGMGWFRQAPGKEREFVAAISWDGGATAYADSVKGRFTISADNSKNTAY
LQMNSLKPEDTAVYYCAKEDVGKPFDWGQGTLVTVSSG
;
D
#
loop_
_chem_comp.id
_chem_comp.type
_chem_comp.name
_chem_comp.formula
NAG D-saccharide, beta linking 2-acetamido-2-deoxy-beta-D-glucopyranose 'C8 H15 N O6'
#
# COMPACT_ATOMS: atom_id res chain seq x y z
N GLN A 1 21.32 18.16 72.38
CA GLN A 1 22.19 17.00 72.26
C GLN A 1 23.12 17.14 71.06
N CYS A 2 24.36 17.53 71.31
CA CYS A 2 25.36 17.71 70.27
C CYS A 2 26.58 16.86 70.57
N VAL A 3 27.14 16.24 69.54
CA VAL A 3 28.31 15.39 69.66
C VAL A 3 29.46 16.04 68.89
N ASN A 4 30.60 16.22 69.57
CA ASN A 4 31.77 16.86 68.98
C ASN A 4 32.66 15.78 68.40
N LEU A 5 32.66 15.64 67.07
CA LEU A 5 33.49 14.68 66.36
C LEU A 5 34.18 15.42 65.22
N THR A 6 35.34 16.00 65.51
CA THR A 6 36.12 16.75 64.54
C THR A 6 37.31 15.92 64.07
N THR A 7 37.64 16.06 62.79
CA THR A 7 38.72 15.31 62.17
C THR A 7 39.86 16.27 61.81
N ARG A 8 41.06 15.96 62.30
CA ARG A 8 42.22 16.80 61.99
C ARG A 8 42.84 16.45 60.65
N THR A 9 42.83 15.18 60.27
CA THR A 9 43.39 14.73 59.00
C THR A 9 42.27 14.19 58.13
N GLN A 10 42.16 14.73 56.91
CA GLN A 10 41.14 14.32 55.95
C GLN A 10 41.81 13.79 54.70
N LEU A 11 41.43 12.59 54.28
CA LEU A 11 41.98 12.00 53.07
C LEU A 11 41.38 12.67 51.84
N PRO A 12 42.20 13.16 50.91
CA PRO A 12 41.64 13.84 49.73
C PRO A 12 40.85 12.88 48.88
N PRO A 13 39.80 13.37 48.21
CA PRO A 13 39.02 12.49 47.32
C PRO A 13 39.80 12.09 46.08
N ALA A 14 39.42 10.95 45.51
CA ALA A 14 40.04 10.44 44.30
C ALA A 14 38.98 9.77 43.44
N TYR A 15 39.26 9.69 42.14
CA TYR A 15 38.37 9.06 41.18
C TYR A 15 38.96 7.74 40.74
N THR A 16 38.16 6.68 40.83
CA THR A 16 38.58 5.35 40.41
C THR A 16 37.88 5.01 39.10
N ASN A 17 38.66 4.65 38.09
CA ASN A 17 38.10 4.36 36.78
C ASN A 17 37.39 3.01 36.78
N SER A 18 36.40 2.87 35.90
CA SER A 18 35.58 1.68 35.80
C SER A 18 35.22 1.43 34.35
N PHE A 19 35.35 0.17 33.92
CA PHE A 19 35.04 -0.23 32.55
C PHE A 19 33.64 -0.80 32.42
N THR A 20 33.35 -1.91 33.10
CA THR A 20 32.15 -2.70 32.83
C THR A 20 31.49 -3.15 34.13
N ARG A 21 31.37 -2.24 35.09
CA ARG A 21 30.73 -2.55 36.38
C ARG A 21 29.50 -1.66 36.54
N GLY A 22 28.35 -2.29 36.75
CA GLY A 22 27.10 -1.56 36.89
C GLY A 22 26.03 -1.97 35.91
N VAL A 23 26.09 -3.21 35.41
CA VAL A 23 25.10 -3.76 34.49
C VAL A 23 24.37 -4.89 35.19
N TYR A 24 23.05 -4.81 35.22
CA TYR A 24 22.20 -5.74 35.95
C TYR A 24 21.21 -6.41 34.99
N TYR A 25 20.27 -7.17 35.56
CA TYR A 25 19.23 -7.86 34.80
C TYR A 25 17.89 -7.28 35.24
N PRO A 26 17.36 -6.28 34.51
CA PRO A 26 16.06 -5.70 34.92
C PRO A 26 14.92 -6.70 34.93
N ASP A 27 14.94 -7.67 34.03
CA ASP A 27 13.92 -8.70 33.95
C ASP A 27 14.55 -10.08 34.15
N LYS A 28 13.69 -11.09 34.29
CA LYS A 28 14.13 -12.47 34.44
C LYS A 28 14.00 -13.26 33.14
N VAL A 29 13.84 -12.59 32.01
CA VAL A 29 13.62 -13.26 30.73
C VAL A 29 14.96 -13.70 30.15
N PHE A 30 15.07 -14.97 29.81
CA PHE A 30 16.23 -15.51 29.13
C PHE A 30 16.06 -15.38 27.62
N ARG A 31 17.19 -15.39 26.92
CA ARG A 31 17.21 -15.27 25.46
C ARG A 31 18.40 -16.07 24.96
N SER A 32 18.16 -17.32 24.57
CA SER A 32 19.25 -18.27 24.30
C SER A 32 19.94 -17.88 23.00
N SER A 33 21.01 -17.10 23.15
CA SER A 33 21.90 -16.74 22.04
C SER A 33 21.17 -15.94 20.95
N VAL A 34 20.64 -14.79 21.34
CA VAL A 34 20.06 -13.82 20.42
C VAL A 34 20.63 -12.45 20.73
N LEU A 35 21.15 -11.77 19.71
CA LEU A 35 21.61 -10.40 19.87
C LEU A 35 20.42 -9.47 20.11
N HIS A 36 20.65 -8.41 20.89
CA HIS A 36 19.55 -7.56 21.32
C HIS A 36 20.10 -6.20 21.72
N SER A 37 19.19 -5.23 21.84
CA SER A 37 19.53 -3.89 22.29
C SER A 37 18.92 -3.65 23.67
N THR A 38 19.25 -2.50 24.25
CA THR A 38 18.72 -2.12 25.55
C THR A 38 18.56 -0.61 25.63
N GLN A 39 17.58 -0.19 26.43
CA GLN A 39 17.32 1.22 26.73
C GLN A 39 16.98 1.30 28.22
N ASP A 40 18.01 1.48 29.05
CA ASP A 40 17.83 1.47 30.50
C ASP A 40 18.98 2.25 31.13
N LEU A 41 18.99 2.31 32.46
CA LEU A 41 20.04 3.01 33.18
C LEU A 41 21.30 2.17 33.20
N PHE A 42 22.39 2.72 32.67
CA PHE A 42 23.67 2.02 32.64
C PHE A 42 24.80 3.02 32.84
N LEU A 43 26.02 2.48 32.88
CA LEU A 43 27.36 3.04 32.88
C LEU A 43 28.11 2.60 31.63
N PRO A 44 28.62 3.55 30.84
CA PRO A 44 29.24 3.19 29.56
C PRO A 44 30.56 2.44 29.73
N PHE A 45 31.23 2.15 28.62
CA PHE A 45 32.46 1.35 28.66
C PHE A 45 33.57 1.99 29.46
N PHE A 46 33.55 3.30 29.67
CA PHE A 46 34.64 3.97 30.36
C PHE A 46 34.06 5.11 31.20
N SER A 47 34.22 5.04 32.52
CA SER A 47 33.72 6.08 33.40
C SER A 47 34.58 6.12 34.66
N ASN A 48 34.20 7.01 35.58
CA ASN A 48 34.88 7.15 36.86
C ASN A 48 33.84 7.17 37.98
N VAL A 49 34.25 6.70 39.15
CA VAL A 49 33.38 6.66 40.33
C VAL A 49 34.16 7.19 41.52
N THR A 50 33.41 7.61 42.54
CA THR A 50 34.02 8.08 43.78
C THR A 50 34.34 6.89 44.68
N TRP A 51 35.43 7.02 45.44
CA TRP A 51 35.90 5.93 46.29
C TRP A 51 36.42 6.51 47.60
N PHE A 52 35.79 6.13 48.70
CA PHE A 52 36.22 6.54 50.03
C PHE A 52 36.95 5.38 50.70
N HIS A 53 38.18 5.64 51.12
CA HIS A 53 39.05 4.63 51.72
C HIS A 53 39.18 4.95 53.21
N ALA A 54 38.34 4.30 54.02
CA ALA A 54 38.28 4.64 55.44
C ALA A 54 39.39 3.95 56.22
N ILE A 55 40.63 4.14 55.80
CA ILE A 55 41.79 3.58 56.47
C ILE A 55 42.75 4.73 56.76
N HIS A 56 42.85 5.12 58.03
CA HIS A 56 43.71 6.21 58.46
C HIS A 56 44.88 5.64 59.25
N VAL A 57 46.09 6.04 58.90
CA VAL A 57 47.30 5.57 59.58
C VAL A 57 47.45 6.26 60.93
N THR A 63 45.22 10.58 63.47
CA THR A 63 44.24 10.39 64.53
C THR A 63 43.12 9.44 64.08
N LYS A 64 41.98 10.03 63.72
CA LYS A 64 40.84 9.26 63.26
C LYS A 64 40.10 10.03 62.17
N ARG A 65 39.36 9.30 61.34
CA ARG A 65 38.58 9.87 60.27
C ARG A 65 37.10 9.64 60.53
N PHE A 66 36.30 10.69 60.39
CA PHE A 66 34.85 10.60 60.60
C PHE A 66 34.19 11.61 59.65
N ASP A 67 33.81 11.12 58.47
CA ASP A 67 33.20 11.96 57.44
C ASP A 67 31.99 11.27 56.86
N ASN A 68 30.90 12.02 56.70
CA ASN A 68 29.66 11.49 56.11
C ASN A 68 28.87 12.65 55.50
N PRO A 69 29.32 13.15 54.36
CA PRO A 69 28.61 14.28 53.73
C PRO A 69 27.27 13.87 53.15
N VAL A 70 26.42 14.87 52.94
CA VAL A 70 25.09 14.68 52.38
C VAL A 70 25.14 15.06 50.90
N LEU A 71 24.63 14.17 50.06
CA LEU A 71 24.65 14.38 48.62
C LEU A 71 23.25 14.15 48.05
N PRO A 72 22.92 14.83 46.95
CA PRO A 72 21.61 14.61 46.32
C PRO A 72 21.46 13.18 45.82
N PHE A 73 20.22 12.68 45.92
CA PHE A 73 19.95 11.29 45.53
C PHE A 73 19.76 11.16 44.02
N ASN A 74 18.76 11.88 43.48
CA ASN A 74 18.42 11.81 42.06
C ASN A 74 18.12 10.37 41.64
N ASP A 75 19.11 9.71 41.05
CA ASP A 75 18.97 8.32 40.65
C ASP A 75 19.21 7.42 41.86
N GLY A 76 19.35 6.11 41.62
CA GLY A 76 19.49 5.17 42.72
C GLY A 76 20.83 5.21 43.43
N VAL A 77 21.82 5.89 42.85
CA VAL A 77 23.16 6.03 43.43
C VAL A 77 23.82 4.67 43.55
N TYR A 78 24.66 4.33 42.58
CA TYR A 78 25.40 3.06 42.59
C TYR A 78 26.23 2.94 43.86
N PHE A 79 26.18 1.77 44.48
CA PHE A 79 26.89 1.50 45.73
C PHE A 79 27.64 0.17 45.63
N ALA A 80 28.86 0.15 46.16
CA ALA A 80 29.64 -1.06 46.24
C ALA A 80 30.51 -1.01 47.49
N SER A 81 30.76 -2.18 48.08
CA SER A 81 31.52 -2.26 49.32
C SER A 81 32.25 -3.58 49.40
N THR A 82 33.27 -3.63 50.25
CA THR A 82 34.02 -4.85 50.53
C THR A 82 34.13 -5.12 52.02
N GLU A 83 33.29 -4.47 52.83
CA GLU A 83 33.39 -4.59 54.28
C GLU A 83 32.97 -5.98 54.74
N LYS A 84 33.57 -6.43 55.84
CA LYS A 84 33.19 -7.68 56.49
C LYS A 84 32.89 -7.52 57.98
N SER A 85 33.14 -6.36 58.56
CA SER A 85 32.87 -6.12 59.98
C SER A 85 31.50 -5.49 60.23
N ASN A 86 30.69 -5.33 59.19
CA ASN A 86 29.34 -4.76 59.31
C ASN A 86 29.39 -3.35 59.90
N ILE A 87 30.05 -2.46 59.16
CA ILE A 87 30.19 -1.07 59.58
C ILE A 87 29.11 -0.23 58.91
N ILE A 88 29.08 -0.23 57.58
CA ILE A 88 28.10 0.56 56.85
C ILE A 88 26.72 -0.07 57.02
N ARG A 89 25.83 0.63 57.70
CA ARG A 89 24.48 0.14 57.98
C ARG A 89 23.54 0.55 56.85
N GLY A 90 22.24 0.39 57.10
CA GLY A 90 21.27 0.73 56.06
C GLY A 90 21.31 2.21 55.73
N TRP A 91 21.14 2.51 54.44
CA TRP A 91 21.20 3.88 53.96
C TRP A 91 19.92 4.63 54.29
N ILE A 92 20.06 5.94 54.47
CA ILE A 92 18.95 6.81 54.82
C ILE A 92 18.61 7.67 53.60
N PHE A 93 17.35 7.63 53.19
CA PHE A 93 16.84 8.43 52.08
C PHE A 93 15.79 9.39 52.60
N GLY A 94 15.93 10.66 52.26
CA GLY A 94 14.98 11.65 52.72
C GLY A 94 15.39 13.05 52.29
N THR A 95 14.65 14.03 52.81
CA THR A 95 14.88 15.43 52.50
C THR A 95 15.44 16.20 53.69
N THR A 96 14.75 16.18 54.83
CA THR A 96 15.21 16.87 56.01
C THR A 96 16.03 16.00 56.94
N LEU A 97 16.10 14.70 56.69
CA LEU A 97 16.87 13.75 57.49
C LEU A 97 16.48 13.83 58.96
N ASP A 98 15.21 13.54 59.23
CA ASP A 98 14.67 13.58 60.58
C ASP A 98 13.50 12.61 60.67
N SER A 99 12.75 12.69 61.75
CA SER A 99 11.59 11.82 61.95
C SER A 99 10.45 12.12 60.99
N LYS A 100 10.47 13.28 60.32
CA LYS A 100 9.42 13.61 59.37
C LYS A 100 9.50 12.77 58.10
N THR A 101 10.64 12.11 57.85
CA THR A 101 10.81 11.28 56.67
C THR A 101 11.29 9.89 57.09
N GLN A 102 10.93 8.90 56.29
CA GLN A 102 11.29 7.52 56.58
C GLN A 102 12.78 7.27 56.31
N SER A 103 13.27 6.16 56.83
CA SER A 103 14.65 5.74 56.63
C SER A 103 14.71 4.23 56.68
N LEU A 104 15.72 3.67 56.01
CA LEU A 104 15.91 2.23 55.90
C LEU A 104 17.06 1.80 56.80
N LEU A 105 16.80 0.79 57.63
CA LEU A 105 17.80 0.26 58.56
C LEU A 105 17.94 -1.24 58.33
N ILE A 106 19.19 -1.69 58.15
CA ILE A 106 19.51 -3.09 57.96
C ILE A 106 20.38 -3.53 59.13
N VAL A 107 19.94 -4.56 59.85
CA VAL A 107 20.66 -5.08 61.01
C VAL A 107 20.95 -6.56 60.78
N ASN A 108 22.21 -6.93 60.96
CA ASN A 108 22.65 -8.31 60.80
C ASN A 108 23.37 -8.75 62.06
N ASN A 109 22.99 -9.92 62.59
CA ASN A 109 23.59 -10.47 63.80
C ASN A 109 24.02 -11.91 63.58
N ALA A 110 24.43 -12.26 62.37
CA ALA A 110 24.88 -13.59 61.97
C ALA A 110 23.81 -14.65 62.07
N THR A 111 22.58 -14.28 62.44
CA THR A 111 21.46 -15.20 62.53
C THR A 111 20.35 -14.86 61.56
N ASN A 112 19.87 -13.61 61.57
CA ASN A 112 18.79 -13.20 60.68
C ASN A 112 18.99 -11.75 60.30
N VAL A 113 18.32 -11.36 59.21
CA VAL A 113 18.36 -9.99 58.71
C VAL A 113 17.12 -9.25 59.21
N VAL A 114 17.31 -8.07 59.77
CA VAL A 114 16.22 -7.21 60.22
C VAL A 114 16.22 -5.99 59.31
N ILE A 115 15.18 -5.84 58.51
CA ILE A 115 15.03 -4.71 57.59
C ILE A 115 13.85 -3.88 58.07
N LYS A 116 14.10 -2.60 58.34
CA LYS A 116 13.08 -1.70 58.83
C LYS A 116 13.00 -0.47 57.93
N VAL A 117 11.78 -0.06 57.62
CA VAL A 117 11.51 1.19 56.90
C VAL A 117 10.67 2.03 57.84
N CYS A 118 11.33 2.86 58.65
CA CYS A 118 10.66 3.55 59.75
C CYS A 118 11.14 4.99 59.85
N GLU A 119 10.33 5.82 60.49
CA GLU A 119 10.68 7.23 60.68
C GLU A 119 11.70 7.32 61.82
N PHE A 120 12.93 7.72 61.48
CA PHE A 120 14.02 7.79 62.44
C PHE A 120 14.49 9.24 62.58
N GLN A 121 14.65 9.68 63.82
CA GLN A 121 15.14 11.02 64.12
C GLN A 121 16.65 10.93 64.37
N PHE A 122 17.42 11.68 63.61
CA PHE A 122 18.87 11.61 63.65
C PHE A 122 19.45 12.80 64.42
N CYS A 123 20.73 12.67 64.78
CA CYS A 123 21.47 13.67 65.51
C CYS A 123 22.47 14.37 64.59
N ASN A 124 23.30 15.23 65.15
CA ASN A 124 24.30 15.94 64.36
C ASN A 124 25.30 14.96 63.75
N ASP A 125 25.77 14.00 64.54
CA ASP A 125 26.70 12.96 64.07
C ASP A 125 26.17 11.60 64.50
N PRO A 126 25.12 11.11 63.85
CA PRO A 126 24.55 9.82 64.24
C PRO A 126 25.50 8.66 63.98
N PHE A 127 25.44 7.68 64.86
CA PHE A 127 26.25 6.47 64.72
C PHE A 127 25.63 5.37 65.57
N LEU A 128 25.99 4.13 65.25
CA LEU A 128 25.49 2.95 65.94
C LEU A 128 26.64 2.26 66.65
N GLY A 129 26.50 2.04 67.95
CA GLY A 129 27.53 1.44 68.76
C GLY A 129 27.35 -0.06 68.92
N VAL A 130 28.47 -0.77 68.99
CA VAL A 130 28.48 -2.21 69.21
C VAL A 130 29.48 -2.51 70.34
N TYR A 131 29.11 -3.45 71.21
CA TYR A 131 29.95 -3.78 72.34
C TYR A 131 30.05 -5.30 72.49
N TYR A 132 31.14 -5.74 73.10
CA TYR A 132 31.43 -7.16 73.31
C TYR A 132 31.10 -7.55 74.75
N HIS A 133 30.26 -8.56 74.91
CA HIS A 133 29.86 -9.05 76.22
C HIS A 133 30.68 -10.28 76.58
N LYS A 134 31.33 -10.24 77.74
CA LYS A 134 32.14 -11.37 78.19
C LYS A 134 31.26 -12.53 78.65
N ASN A 135 30.19 -12.23 79.40
CA ASN A 135 29.28 -13.27 79.85
C ASN A 135 28.62 -13.96 78.65
N ASN A 136 28.14 -13.17 77.69
CA ASN A 136 27.69 -13.72 76.43
C ASN A 136 28.86 -14.08 75.51
N LYS A 137 30.04 -13.51 75.76
CA LYS A 137 31.25 -13.81 74.99
C LYS A 137 31.05 -13.57 73.50
N SER A 138 30.34 -12.49 73.17
CA SER A 138 30.03 -12.22 71.76
C SER A 138 29.78 -10.73 71.57
N TRP A 139 29.87 -10.29 70.33
CA TRP A 139 29.60 -8.91 69.96
C TRP A 139 28.10 -8.73 69.72
N MET A 140 27.54 -7.65 70.28
CA MET A 140 26.13 -7.37 70.11
C MET A 140 25.92 -5.86 70.19
N GLU A 141 24.77 -5.43 69.67
CA GLU A 141 24.41 -4.02 69.58
C GLU A 141 23.18 -3.75 70.44
N SER A 142 23.29 -2.79 71.34
CA SER A 142 22.16 -2.38 72.17
C SER A 142 22.07 -0.88 72.36
N GLU A 143 22.93 -0.09 71.72
CA GLU A 143 22.91 1.37 71.83
C GLU A 143 22.67 1.93 70.43
N PHE A 144 21.40 2.07 70.07
CA PHE A 144 21.02 2.60 68.75
C PHE A 144 20.92 4.11 68.84
N ARG A 145 22.08 4.77 68.80
CA ARG A 145 22.14 6.22 68.84
C ARG A 145 21.67 6.87 67.54
N VAL A 146 21.47 6.08 66.49
CA VAL A 146 21.02 6.65 65.21
C VAL A 146 19.65 7.28 65.36
N TYR A 147 18.72 6.60 66.02
CA TYR A 147 17.38 7.11 66.26
C TYR A 147 17.04 6.97 67.73
N SER A 148 16.42 8.02 68.28
CA SER A 148 16.01 8.00 69.69
C SER A 148 14.65 7.34 69.89
N SER A 149 13.88 7.10 68.83
CA SER A 149 12.57 6.47 68.94
C SER A 149 12.17 5.94 67.57
N ALA A 150 11.65 4.72 67.56
CA ALA A 150 11.18 4.08 66.34
C ALA A 150 9.67 3.87 66.42
N ASN A 151 8.96 4.36 65.41
CA ASN A 151 7.50 4.25 65.38
C ASN A 151 7.04 4.09 63.94
N ASN A 152 5.81 3.59 63.80
CA ASN A 152 5.15 3.43 62.51
C ASN A 152 5.96 2.55 61.57
N CYS A 153 6.14 1.29 61.98
CA CYS A 153 6.80 0.31 61.12
C CYS A 153 5.93 0.00 59.91
N THR A 154 6.56 -0.17 58.76
CA THR A 154 5.85 -0.42 57.51
C THR A 154 6.11 -1.80 56.95
N PHE A 155 7.38 -2.17 56.73
CA PHE A 155 7.72 -3.44 56.12
C PHE A 155 8.93 -4.04 56.80
N GLU A 156 8.97 -5.37 56.85
CA GLU A 156 10.10 -6.10 57.42
C GLU A 156 10.43 -7.29 56.53
N TYR A 157 11.72 -7.64 56.49
CA TYR A 157 12.19 -8.76 55.68
C TYR A 157 13.23 -9.53 56.47
N VAL A 158 13.30 -10.84 56.21
CA VAL A 158 14.21 -11.74 56.90
C VAL A 158 14.91 -12.62 55.87
N SER A 159 16.24 -12.72 55.98
CA SER A 159 17.03 -13.59 55.12
C SER A 159 18.25 -14.04 55.91
N GLN A 160 19.23 -14.62 55.20
CA GLN A 160 20.47 -15.06 55.83
C GLN A 160 21.57 -14.04 55.51
N PRO A 161 22.01 -13.25 56.48
CA PRO A 161 22.96 -12.16 56.16
C PRO A 161 24.32 -12.64 55.67
N PHE A 162 25.01 -13.43 56.49
CA PHE A 162 26.38 -13.83 56.22
C PHE A 162 26.69 -15.06 57.07
N LEU A 163 27.97 -15.43 57.12
CA LEU A 163 28.44 -16.49 58.00
C LEU A 163 29.40 -16.02 59.07
N MET A 164 29.88 -14.78 58.99
CA MET A 164 30.79 -14.22 59.99
C MET A 164 30.01 -13.35 60.97
N ASP A 165 30.74 -12.71 61.87
CA ASP A 165 30.15 -11.85 62.89
C ASP A 165 30.75 -10.45 62.79
N LEU A 166 30.18 -9.53 63.56
CA LEU A 166 30.60 -8.12 63.55
C LEU A 166 31.70 -7.85 64.56
N GLU A 167 32.78 -8.61 64.48
CA GLU A 167 33.90 -8.45 65.40
C GLU A 167 34.68 -7.17 65.08
N GLY A 168 35.32 -6.63 66.11
CA GLY A 168 36.13 -5.43 65.95
C GLY A 168 37.60 -5.74 65.71
N LYS A 169 37.88 -6.64 64.78
CA LYS A 169 39.23 -7.03 64.43
C LYS A 169 39.48 -6.77 62.95
N GLN A 170 40.65 -7.21 62.47
CA GLN A 170 41.05 -7.07 61.08
C GLN A 170 41.01 -8.43 60.40
N GLY A 171 41.31 -8.43 59.10
CA GLY A 171 41.28 -9.66 58.33
C GLY A 171 41.45 -9.37 56.85
N ASN A 172 41.10 -10.36 56.04
CA ASN A 172 41.22 -10.28 54.60
C ASN A 172 39.85 -10.05 53.95
N PHE A 173 39.88 -9.48 52.75
CA PHE A 173 38.67 -9.18 52.00
C PHE A 173 38.65 -10.04 50.74
N LYS A 174 37.57 -10.79 50.54
CA LYS A 174 37.42 -11.65 49.38
C LYS A 174 36.01 -11.57 48.79
N ASN A 175 35.35 -10.42 48.95
CA ASN A 175 34.00 -10.25 48.47
C ASN A 175 33.79 -8.81 48.02
N LEU A 176 32.77 -8.61 47.18
CA LEU A 176 32.43 -7.29 46.66
C LEU A 176 30.91 -7.22 46.57
N ARG A 177 30.28 -6.63 47.58
CA ARG A 177 28.83 -6.53 47.63
C ARG A 177 28.40 -5.26 46.90
N GLU A 178 27.65 -5.41 45.82
CA GLU A 178 27.26 -4.31 44.95
C GLU A 178 25.74 -4.26 44.83
N PHE A 179 25.21 -3.04 44.78
CA PHE A 179 23.78 -2.80 44.73
C PHE A 179 23.41 -1.99 43.51
N VAL A 180 22.30 -2.37 42.86
CA VAL A 180 21.73 -1.55 41.79
C VAL A 180 20.40 -1.01 42.26
N PHE A 181 20.40 0.18 42.83
CA PHE A 181 19.19 0.78 43.36
C PHE A 181 18.41 1.46 42.25
N LYS A 182 17.11 1.17 42.17
CA LYS A 182 16.21 1.79 41.21
C LYS A 182 15.08 2.47 41.95
N ASN A 183 14.81 3.73 41.60
CA ASN A 183 13.75 4.53 42.23
C ASN A 183 12.88 5.10 41.11
N ILE A 184 11.83 4.36 40.74
CA ILE A 184 10.99 4.73 39.61
C ILE A 184 9.52 4.67 40.03
N ASP A 185 8.82 5.79 39.86
CA ASP A 185 7.38 5.88 40.11
C ASP A 185 7.01 5.42 41.52
N GLY A 186 7.80 5.86 42.50
CA GLY A 186 7.54 5.48 43.88
C GLY A 186 7.84 4.03 44.19
N TYR A 187 8.62 3.36 43.35
CA TYR A 187 9.01 1.97 43.55
C TYR A 187 10.51 1.92 43.71
N PHE A 188 10.98 1.28 44.78
CA PHE A 188 12.40 1.18 45.10
C PHE A 188 12.82 -0.28 44.99
N LYS A 189 13.51 -0.61 43.92
CA LYS A 189 14.02 -1.96 43.67
C LYS A 189 15.48 -2.05 44.06
N ILE A 190 15.79 -3.01 44.93
CA ILE A 190 17.13 -3.20 45.47
C ILE A 190 17.65 -4.54 44.97
N TYR A 191 18.74 -4.52 44.22
CA TYR A 191 19.38 -5.73 43.70
C TYR A 191 20.75 -5.85 44.34
N SER A 192 21.02 -7.00 44.95
CA SER A 192 22.27 -7.24 45.66
C SER A 192 23.05 -8.36 44.96
N LYS A 193 24.37 -8.18 44.85
CA LYS A 193 25.20 -9.22 44.25
C LYS A 193 26.60 -9.18 44.86
N HIS A 194 27.12 -10.36 45.22
CA HIS A 194 28.45 -10.49 45.81
C HIS A 194 29.40 -11.02 44.74
N THR A 195 30.05 -10.10 44.02
CA THR A 195 31.10 -10.45 43.07
C THR A 195 32.43 -10.54 43.81
N PRO A 196 33.15 -11.67 43.73
CA PRO A 196 34.39 -11.81 44.53
C PRO A 196 35.44 -10.75 44.19
N ILE A 197 35.89 -10.74 42.93
CA ILE A 197 36.85 -9.76 42.43
C ILE A 197 38.03 -9.61 43.39
N ASN A 198 38.87 -10.63 43.47
CA ASN A 198 40.05 -10.61 44.35
C ASN A 198 41.27 -10.91 43.47
N LEU A 199 41.84 -9.87 42.88
CA LEU A 199 42.99 -10.00 41.99
C LEU A 199 43.86 -8.76 42.17
N VAL A 200 44.78 -8.53 41.23
CA VAL A 200 45.68 -7.38 41.31
C VAL A 200 44.88 -6.08 41.25
N ARG A 201 43.94 -6.00 40.32
CA ARG A 201 43.10 -4.82 40.20
C ARG A 201 41.99 -4.84 41.24
N ASP A 202 41.71 -3.67 41.81
CA ASP A 202 40.74 -3.59 42.89
C ASP A 202 39.29 -3.72 42.40
N LEU A 203 39.00 -3.26 41.19
CA LEU A 203 37.62 -3.26 40.71
C LEU A 203 37.42 -3.15 39.19
N PRO A 204 38.36 -2.57 38.39
CA PRO A 204 38.06 -2.41 36.96
C PRO A 204 37.80 -3.71 36.21
N GLN A 205 38.42 -4.82 36.61
CA GLN A 205 38.27 -6.08 35.90
C GLN A 205 37.31 -6.99 36.65
N GLY A 206 36.30 -7.47 35.94
CA GLY A 206 35.33 -8.38 36.53
C GLY A 206 34.39 -8.92 35.46
N PHE A 207 33.78 -10.07 35.77
CA PHE A 207 32.90 -10.73 34.80
C PHE A 207 31.82 -11.48 35.58
N SER A 208 30.68 -10.81 35.76
CA SER A 208 29.52 -11.39 36.46
C SER A 208 28.33 -10.45 36.22
N ALA A 209 27.23 -10.71 36.92
CA ALA A 209 26.02 -9.93 36.80
C ALA A 209 25.38 -9.73 38.17
N LEU A 210 24.63 -8.64 38.31
CA LEU A 210 23.95 -8.33 39.56
C LEU A 210 22.57 -8.98 39.57
N GLU A 211 22.26 -9.69 40.65
CA GLU A 211 21.07 -10.53 40.72
C GLU A 211 19.95 -9.83 41.47
N PRO A 212 18.82 -9.56 40.83
CA PRO A 212 17.68 -9.00 41.56
C PRO A 212 17.09 -9.99 42.55
N LEU A 213 16.54 -9.45 43.64
CA LEU A 213 15.87 -10.27 44.64
C LEU A 213 14.38 -9.95 44.74
N VAL A 214 14.01 -8.71 45.04
CA VAL A 214 12.62 -8.35 45.32
C VAL A 214 12.39 -6.92 44.89
N ASP A 215 11.24 -6.67 44.27
CA ASP A 215 10.81 -5.32 43.90
C ASP A 215 9.87 -4.78 44.98
N LEU A 216 10.15 -3.58 45.48
CA LEU A 216 9.37 -2.99 46.54
C LEU A 216 9.01 -1.55 46.22
N PRO A 217 7.85 -1.08 46.69
CA PRO A 217 7.48 0.32 46.52
C PRO A 217 7.86 1.18 47.72
N ILE A 218 8.06 2.47 47.44
CA ILE A 218 8.30 3.48 48.47
C ILE A 218 7.52 4.72 48.08
N GLY A 219 6.45 5.01 48.81
CA GLY A 219 5.57 6.11 48.47
C GLY A 219 5.88 7.43 49.15
N ILE A 220 7.09 7.95 48.90
CA ILE A 220 7.48 9.25 49.44
C ILE A 220 8.59 9.81 48.56
N ASN A 221 8.62 11.12 48.41
CA ASN A 221 9.64 11.77 47.60
C ASN A 221 11.00 11.67 48.27
N ILE A 222 12.02 11.37 47.46
CA ILE A 222 13.39 11.22 47.95
C ILE A 222 14.29 12.14 47.13
N THR A 223 15.10 12.95 47.83
CA THR A 223 16.04 13.85 47.16
C THR A 223 17.45 13.80 47.73
N ARG A 224 17.65 13.29 48.94
CA ARG A 224 18.97 13.22 49.55
C ARG A 224 19.20 11.85 50.15
N PHE A 225 20.47 11.42 50.16
CA PHE A 225 20.85 10.13 50.70
C PHE A 225 22.06 10.31 51.62
N GLN A 226 22.14 9.46 52.64
CA GLN A 226 23.22 9.50 53.60
C GLN A 226 23.52 8.08 54.07
N THR A 227 24.79 7.81 54.34
CA THR A 227 25.24 6.50 54.78
C THR A 227 25.48 6.50 56.29
N LEU A 228 25.54 5.30 56.86
CA LEU A 228 25.77 5.08 58.28
C LEU A 228 27.10 4.38 58.50
N LEU A 229 27.45 4.24 59.77
CA LEU A 229 28.68 3.56 60.17
C LEU A 229 28.52 3.00 61.56
N ALA A 230 29.37 2.02 61.89
CA ALA A 230 29.33 1.34 63.18
C ALA A 230 30.60 1.63 63.96
N LEU A 231 30.43 1.87 65.26
CA LEU A 231 31.54 2.18 66.16
C LEU A 231 31.67 1.09 67.20
N HIS A 232 32.87 0.53 67.33
CA HIS A 232 33.15 -0.49 68.33
C HIS A 232 33.55 0.18 69.64
N ARG A 233 32.86 -0.20 70.72
CA ARG A 233 33.15 0.38 72.03
C ARG A 233 34.52 -0.08 72.52
N SER A 234 35.32 0.85 73.01
CA SER A 234 36.65 0.57 73.51
C SER A 234 36.64 0.59 75.03
N TYR A 235 37.09 -0.50 75.64
CA TYR A 235 37.15 -0.60 77.10
C TYR A 235 38.48 -0.03 77.57
N LEU A 236 38.42 1.12 78.22
CA LEU A 236 39.60 1.81 78.72
C LEU A 236 39.68 1.70 80.24
N THR A 237 40.87 1.99 80.77
CA THR A 237 41.08 1.95 82.21
C THR A 237 40.28 3.06 82.88
N PRO A 238 39.86 2.85 84.14
CA PRO A 238 39.10 3.90 84.84
C PRO A 238 39.87 5.21 84.99
N GLY A 239 41.19 5.15 85.05
CA GLY A 239 41.98 6.37 85.20
C GLY A 239 41.99 7.25 83.97
N ASP A 240 41.70 6.69 82.79
CA ASP A 240 41.65 7.49 81.57
C ASP A 240 40.53 8.52 81.63
N SER A 241 39.35 8.11 82.13
CA SER A 241 38.19 8.99 82.25
C SER A 241 37.83 9.64 80.91
N SER A 242 37.89 8.86 79.85
CA SER A 242 37.58 9.34 78.50
C SER A 242 36.87 8.25 77.73
N SER A 243 36.14 8.66 76.70
CA SER A 243 35.40 7.76 75.82
C SER A 243 36.09 7.69 74.47
N GLY A 244 36.35 6.47 74.01
CA GLY A 244 37.00 6.27 72.73
C GLY A 244 36.36 5.14 71.95
N TRP A 245 36.57 5.17 70.64
CA TRP A 245 36.01 4.18 69.74
C TRP A 245 37.08 3.73 68.75
N THR A 246 36.91 2.52 68.24
CA THR A 246 37.79 1.94 67.25
C THR A 246 37.02 1.72 65.95
N ALA A 247 37.60 2.15 64.84
CA ALA A 247 36.98 2.06 63.53
C ALA A 247 37.71 1.04 62.66
N GLY A 248 36.94 0.23 61.94
CA GLY A 248 37.51 -0.76 61.06
C GLY A 248 38.13 -0.15 59.82
N ALA A 249 38.90 -0.98 59.12
CA ALA A 249 39.60 -0.57 57.91
C ALA A 249 38.92 -1.20 56.70
N ALA A 250 38.44 -0.36 55.79
CA ALA A 250 37.71 -0.80 54.60
C ALA A 250 37.64 0.36 53.62
N ALA A 251 36.86 0.17 52.55
CA ALA A 251 36.68 1.19 51.54
C ALA A 251 35.38 0.94 50.80
N TYR A 252 34.62 2.01 50.55
CA TYR A 252 33.36 1.91 49.83
C TYR A 252 33.43 2.77 48.58
N TYR A 253 32.54 2.46 47.62
CA TYR A 253 32.58 3.05 46.30
C TYR A 253 31.19 3.47 45.88
N VAL A 254 31.10 4.66 45.28
CA VAL A 254 29.84 5.28 44.89
C VAL A 254 29.91 5.61 43.40
N GLY A 255 28.88 5.22 42.66
CA GLY A 255 28.74 5.60 41.27
C GLY A 255 27.42 6.28 40.99
N TYR A 256 27.06 6.43 39.72
CA TYR A 256 25.78 7.02 39.36
C TYR A 256 25.26 6.37 38.09
N LEU A 257 23.97 6.00 38.11
CA LEU A 257 23.32 5.33 37.00
C LEU A 257 22.41 6.30 36.28
N GLN A 258 22.55 6.37 34.95
CA GLN A 258 21.76 7.26 34.12
C GLN A 258 21.29 6.52 32.88
N PRO A 259 20.16 6.94 32.30
CA PRO A 259 19.62 6.20 31.14
C PRO A 259 20.50 6.31 29.91
N ARG A 260 20.46 5.24 29.11
CA ARG A 260 21.25 5.14 27.89
C ARG A 260 20.69 3.98 27.06
N THR A 261 20.97 4.02 25.76
CA THR A 261 20.52 3.02 24.81
C THR A 261 21.71 2.44 24.08
N PHE A 262 21.94 1.15 24.23
CA PHE A 262 23.12 0.49 23.68
C PHE A 262 22.72 -0.88 23.12
N LEU A 263 23.72 -1.67 22.75
CA LEU A 263 23.55 -3.04 22.29
C LEU A 263 24.21 -3.98 23.30
N LEU A 264 23.62 -5.17 23.49
CA LEU A 264 24.15 -6.17 24.40
C LEU A 264 24.34 -7.49 23.68
N LYS A 265 24.88 -8.46 24.42
CA LYS A 265 25.06 -9.82 23.92
C LYS A 265 25.36 -10.73 25.10
N TYR A 266 24.55 -11.79 25.23
CA TYR A 266 24.72 -12.81 26.25
C TYR A 266 25.21 -14.11 25.61
N ASN A 267 25.87 -14.94 26.40
CA ASN A 267 26.39 -16.21 25.92
C ASN A 267 25.33 -17.30 26.03
N GLU A 268 25.67 -18.51 25.57
CA GLU A 268 24.70 -19.60 25.56
C GLU A 268 24.30 -20.04 26.96
N ASN A 269 25.13 -19.76 27.97
CA ASN A 269 24.80 -20.08 29.36
C ASN A 269 24.18 -18.91 30.10
N GLY A 270 24.00 -17.76 29.45
CA GLY A 270 23.33 -16.62 30.04
C GLY A 270 24.23 -15.55 30.61
N THR A 271 25.51 -15.86 30.83
CA THR A 271 26.44 -14.86 31.36
C THR A 271 26.60 -13.71 30.38
N ILE A 272 26.59 -12.49 30.92
CA ILE A 272 26.85 -11.32 30.09
C ILE A 272 28.23 -11.45 29.47
N THR A 273 28.29 -11.51 28.13
CA THR A 273 29.55 -11.65 27.44
C THR A 273 29.97 -10.41 26.66
N ASP A 274 29.05 -9.51 26.32
CA ASP A 274 29.38 -8.25 25.67
C ASP A 274 28.30 -7.22 25.94
N ALA A 275 28.71 -5.97 26.19
CA ALA A 275 27.79 -4.83 26.26
C ALA A 275 28.46 -3.69 25.48
N VAL A 276 28.25 -3.68 24.16
CA VAL A 276 28.99 -2.78 23.28
C VAL A 276 28.39 -1.39 23.34
N ASP A 277 29.23 -0.39 23.58
CA ASP A 277 28.80 1.00 23.61
C ASP A 277 28.73 1.54 22.20
N CYS A 278 27.53 1.89 21.74
CA CYS A 278 27.36 2.39 20.38
C CYS A 278 28.02 3.75 20.18
N ALA A 279 28.07 4.57 21.24
CA ALA A 279 28.58 5.93 21.14
C ALA A 279 30.07 6.02 21.48
N LEU A 280 30.74 4.90 21.70
CA LEU A 280 32.15 4.93 22.09
C LEU A 280 33.01 5.52 20.98
N ASP A 281 32.83 5.03 19.76
CA ASP A 281 33.62 5.48 18.62
C ASP A 281 32.89 5.06 17.34
N PRO A 282 33.18 5.70 16.21
CA PRO A 282 32.44 5.37 14.97
C PRO A 282 32.56 3.92 14.57
N LEU A 283 33.69 3.27 14.83
CA LEU A 283 33.82 1.86 14.47
C LEU A 283 32.79 1.00 15.19
N SER A 284 32.54 1.31 16.47
CA SER A 284 31.49 0.61 17.19
C SER A 284 30.12 0.89 16.57
N GLU A 285 29.91 2.10 16.05
CA GLU A 285 28.66 2.40 15.39
C GLU A 285 28.47 1.54 14.14
N THR A 286 29.53 1.38 13.34
CA THR A 286 29.44 0.50 12.18
C THR A 286 29.20 -0.94 12.59
N LYS A 287 29.88 -1.39 13.65
CA LYS A 287 29.66 -2.75 14.14
C LYS A 287 28.21 -2.96 14.56
N CYS A 288 27.62 -1.97 15.23
CA CYS A 288 26.25 -2.10 15.67
C CYS A 288 25.28 -2.09 14.49
N THR A 289 25.50 -1.19 13.51
CA THR A 289 24.56 -1.08 12.41
C THR A 289 24.72 -2.21 11.39
N LEU A 290 25.86 -2.89 11.38
CA LEU A 290 26.04 -4.05 10.51
C LEU A 290 25.67 -5.36 11.19
N LYS A 291 25.33 -5.34 12.47
CA LYS A 291 24.94 -6.53 13.21
C LYS A 291 26.00 -7.62 13.11
N SER A 292 27.27 -7.20 13.17
CA SER A 292 28.37 -8.14 13.07
C SER A 292 29.56 -7.60 13.84
N PHE A 293 30.45 -8.51 14.24
CA PHE A 293 31.67 -8.14 14.93
C PHE A 293 32.86 -7.97 14.00
N THR A 294 32.71 -8.30 12.72
CA THR A 294 33.78 -8.18 11.73
C THR A 294 33.31 -7.27 10.61
N VAL A 295 34.12 -6.25 10.31
CA VAL A 295 33.83 -5.30 9.25
C VAL A 295 34.84 -5.50 8.14
N GLU A 296 34.35 -5.74 6.92
CA GLU A 296 35.21 -5.89 5.76
C GLU A 296 35.57 -4.51 5.21
N LYS A 297 36.59 -4.50 4.34
CA LYS A 297 37.05 -3.26 3.74
C LYS A 297 35.94 -2.63 2.91
N GLY A 298 35.41 -1.51 3.37
CA GLY A 298 34.33 -0.84 2.67
C GLY A 298 33.94 0.41 3.41
N ILE A 299 33.07 1.19 2.77
CA ILE A 299 32.52 2.41 3.34
C ILE A 299 31.07 2.15 3.70
N TYR A 300 30.71 2.40 4.95
CA TYR A 300 29.38 2.12 5.45
C TYR A 300 28.75 3.39 6.02
N GLN A 301 27.43 3.51 5.86
CA GLN A 301 26.68 4.61 6.44
C GLN A 301 26.10 4.17 7.78
N THR A 302 26.27 5.02 8.80
CA THR A 302 25.88 4.68 10.15
C THR A 302 24.67 5.47 10.63
N SER A 303 24.73 6.80 10.58
CA SER A 303 23.67 7.63 11.14
C SER A 303 23.72 9.00 10.48
N ASN A 304 23.03 9.97 11.07
CA ASN A 304 23.02 11.34 10.60
C ASN A 304 23.35 12.27 11.75
N PHE A 305 23.84 13.46 11.41
CA PHE A 305 24.11 14.51 12.38
C PHE A 305 23.38 15.78 11.95
N ARG A 306 22.90 16.53 12.96
CA ARG A 306 21.98 17.63 12.70
C ARG A 306 22.30 18.88 13.51
N VAL A 307 23.54 19.03 14.01
CA VAL A 307 24.01 20.25 14.66
C VAL A 307 23.27 20.52 15.98
N GLN A 308 21.93 20.38 15.97
CA GLN A 308 21.05 20.57 17.11
C GLN A 308 20.90 22.05 17.44
N PRO A 309 19.76 22.48 18.01
CA PRO A 309 19.54 23.92 18.24
C PRO A 309 20.34 24.48 19.39
N THR A 310 20.07 25.73 19.74
CA THR A 310 20.86 26.47 20.72
C THR A 310 19.92 26.98 21.82
N GLU A 311 20.41 27.93 22.61
CA GLU A 311 19.77 28.33 23.86
C GLU A 311 18.31 28.74 23.68
N SER A 312 17.95 29.26 22.51
CA SER A 312 16.60 29.72 22.19
C SER A 312 16.20 30.96 22.99
N ILE A 313 15.21 31.70 22.50
CA ILE A 313 14.85 33.01 23.04
C ILE A 313 13.35 33.21 22.93
N VAL A 314 12.81 34.03 23.83
CA VAL A 314 11.37 34.28 23.95
C VAL A 314 11.12 35.78 23.98
N ARG A 315 10.21 36.26 23.13
CA ARG A 315 9.85 37.67 23.14
C ARG A 315 8.44 37.87 22.57
N PHE A 316 7.64 38.65 23.27
CA PHE A 316 6.32 39.08 22.83
C PHE A 316 6.16 40.56 23.16
N PRO A 317 5.25 41.26 22.49
CA PRO A 317 5.19 42.72 22.64
C PRO A 317 4.91 43.14 24.07
N ASN A 318 5.52 44.27 24.45
CA ASN A 318 5.47 44.81 25.80
C ASN A 318 4.26 45.71 26.04
N ILE A 319 3.51 46.05 25.00
CA ILE A 319 2.44 47.04 25.11
C ILE A 319 1.05 46.42 24.96
N THR A 320 0.92 45.31 24.24
CA THR A 320 -0.39 44.73 23.97
C THR A 320 -1.14 44.44 25.25
N ASN A 321 -2.42 44.81 25.27
CA ASN A 321 -3.25 44.77 26.46
C ASN A 321 -3.84 43.38 26.68
N LEU A 322 -4.49 43.22 27.82
CA LEU A 322 -5.16 41.97 28.15
C LEU A 322 -6.46 41.84 27.36
N CYS A 323 -6.95 40.60 27.25
CA CYS A 323 -8.18 40.41 26.49
C CYS A 323 -9.39 40.53 27.41
N PRO A 324 -10.50 41.07 26.92
CA PRO A 324 -11.70 41.27 27.74
C PRO A 324 -12.51 39.99 27.98
N PHE A 325 -11.83 38.94 28.43
CA PHE A 325 -12.53 37.71 28.75
C PHE A 325 -13.43 37.88 29.97
N GLY A 326 -13.06 38.74 30.90
CA GLY A 326 -13.89 39.01 32.06
C GLY A 326 -15.16 39.75 31.75
N GLU A 327 -15.27 40.35 30.56
CA GLU A 327 -16.46 41.08 30.18
C GLU A 327 -17.45 40.24 29.39
N VAL A 328 -17.16 38.96 29.16
CA VAL A 328 -18.07 38.10 28.42
C VAL A 328 -18.40 36.87 29.27
N PHE A 329 -17.48 36.49 30.14
CA PHE A 329 -17.72 35.34 31.00
C PHE A 329 -18.66 35.70 32.14
N ASN A 330 -18.31 36.71 32.92
CA ASN A 330 -19.11 37.14 34.07
C ASN A 330 -19.64 38.53 33.77
N ALA A 331 -20.81 38.58 33.14
CA ALA A 331 -21.51 39.82 32.83
C ALA A 331 -22.82 39.89 33.60
N THR A 332 -23.48 41.04 33.49
CA THR A 332 -24.72 41.25 34.24
C THR A 332 -25.81 40.31 33.77
N ARG A 333 -25.96 40.12 32.47
CA ARG A 333 -27.03 39.31 31.92
C ARG A 333 -26.52 38.50 30.75
N PHE A 334 -27.21 37.40 30.46
CA PHE A 334 -26.86 36.50 29.38
C PHE A 334 -28.04 36.36 28.43
N ALA A 335 -27.75 36.37 27.13
CA ALA A 335 -28.79 36.27 26.14
C ALA A 335 -29.35 34.84 26.08
N SER A 336 -30.57 34.73 25.56
CA SER A 336 -31.21 33.43 25.42
C SER A 336 -30.57 32.65 24.27
N VAL A 337 -30.75 31.34 24.31
CA VAL A 337 -30.10 30.47 23.32
C VAL A 337 -30.65 30.71 21.91
N TYR A 338 -31.85 31.26 21.79
CA TYR A 338 -32.37 31.61 20.48
C TYR A 338 -31.79 32.91 19.95
N ALA A 339 -31.11 33.68 20.79
CA ALA A 339 -30.47 34.93 20.41
C ALA A 339 -29.06 35.00 21.00
N TRP A 340 -28.29 33.94 20.79
CA TRP A 340 -26.96 33.81 21.37
C TRP A 340 -26.04 34.97 20.96
N ASN A 341 -25.65 35.78 21.93
CA ASN A 341 -24.74 36.88 21.67
C ASN A 341 -23.36 36.34 21.30
N ARG A 342 -22.78 36.91 20.25
CA ARG A 342 -21.45 36.52 19.79
C ARG A 342 -20.51 37.71 19.96
N LYS A 343 -19.40 37.48 20.66
CA LYS A 343 -18.42 38.53 20.94
C LYS A 343 -17.11 38.20 20.25
N ARG A 344 -16.48 39.21 19.68
CA ARG A 344 -15.19 39.06 19.01
C ARG A 344 -14.09 39.60 19.89
N ILE A 345 -13.07 38.78 20.14
CA ILE A 345 -11.92 39.14 20.96
C ILE A 345 -10.69 39.17 20.06
N SER A 346 -10.00 40.30 20.04
CA SER A 346 -8.83 40.47 19.19
C SER A 346 -8.02 41.65 19.71
N ASN A 347 -6.82 41.82 19.13
CA ASN A 347 -5.93 42.91 19.50
C ASN A 347 -5.61 42.93 20.99
N CYS A 348 -5.41 41.73 21.55
CA CYS A 348 -5.04 41.60 22.94
C CYS A 348 -4.44 40.23 23.17
N VAL A 349 -3.71 40.11 24.25
CA VAL A 349 -3.20 38.81 24.70
C VAL A 349 -4.27 38.17 25.58
N ALA A 350 -4.40 36.85 25.48
CA ALA A 350 -5.46 36.12 26.17
C ALA A 350 -4.80 35.12 27.12
N ASP A 351 -5.02 35.31 28.42
CA ASP A 351 -4.46 34.44 29.45
C ASP A 351 -5.52 33.41 29.80
N TYR A 352 -5.56 32.32 29.03
CA TYR A 352 -6.55 31.28 29.29
C TYR A 352 -6.25 30.49 30.55
N SER A 353 -5.09 30.68 31.17
CA SER A 353 -4.78 29.98 32.41
C SER A 353 -5.78 30.32 33.50
N VAL A 354 -6.36 31.52 33.46
CA VAL A 354 -7.33 31.92 34.47
C VAL A 354 -8.59 31.06 34.42
N LEU A 355 -8.85 30.41 33.28
CA LEU A 355 -9.99 29.50 33.20
C LEU A 355 -9.80 28.30 34.11
N TYR A 356 -8.57 27.77 34.19
CA TYR A 356 -8.30 26.71 35.14
C TYR A 356 -8.20 27.24 36.57
N ASN A 357 -7.76 28.48 36.73
CA ASN A 357 -7.60 29.04 38.07
C ASN A 357 -8.91 29.12 38.81
N SER A 358 -9.99 29.49 38.12
CA SER A 358 -11.30 29.53 38.74
C SER A 358 -11.73 28.15 39.22
N ALA A 359 -11.52 27.13 38.39
CA ALA A 359 -11.81 25.73 38.72
C ALA A 359 -13.26 25.52 39.15
N SER A 360 -14.13 26.48 38.86
CA SER A 360 -15.54 26.39 39.21
C SER A 360 -16.41 25.99 38.03
N PHE A 361 -15.81 25.53 36.94
CA PHE A 361 -16.55 25.22 35.72
C PHE A 361 -16.92 23.75 35.71
N SER A 362 -18.20 23.47 35.46
CA SER A 362 -18.67 22.09 35.44
C SER A 362 -18.08 21.33 34.25
N THR A 363 -18.17 21.91 33.06
CA THR A 363 -17.70 21.26 31.84
C THR A 363 -16.71 22.18 31.15
N PHE A 364 -15.56 21.62 30.77
CA PHE A 364 -14.53 22.39 30.06
C PHE A 364 -13.98 21.66 28.85
N LYS A 365 -14.46 20.45 28.56
CA LYS A 365 -13.80 19.61 27.56
C LYS A 365 -13.72 20.32 26.21
N CYS A 366 -12.52 20.33 25.64
CA CYS A 366 -12.19 21.11 24.47
C CYS A 366 -12.03 20.20 23.25
N TYR A 367 -11.99 20.81 22.08
CA TYR A 367 -11.91 20.07 20.82
C TYR A 367 -10.82 20.65 19.94
N GLY A 368 -10.04 19.76 19.32
CA GLY A 368 -9.09 20.16 18.30
C GLY A 368 -7.93 20.98 18.78
N VAL A 369 -7.69 21.04 20.09
CA VAL A 369 -6.59 21.82 20.64
C VAL A 369 -6.36 21.38 22.07
N SER A 370 -5.12 21.41 22.52
CA SER A 370 -4.78 20.97 23.86
C SER A 370 -5.47 21.85 24.89
N PRO A 371 -6.17 21.28 25.86
CA PRO A 371 -6.84 22.11 26.87
C PRO A 371 -5.87 22.81 27.81
N THR A 372 -4.90 22.07 28.36
CA THR A 372 -4.06 22.60 29.43
C THR A 372 -3.07 23.65 28.91
N LYS A 373 -2.41 23.38 27.79
CA LYS A 373 -1.41 24.28 27.24
C LYS A 373 -1.99 25.18 26.15
N LEU A 374 -3.26 25.55 26.30
CA LEU A 374 -3.93 26.38 25.30
C LEU A 374 -3.25 27.74 25.17
N ASN A 375 -2.71 28.27 26.28
CA ASN A 375 -2.16 29.60 26.29
C ASN A 375 -0.86 29.74 25.51
N ASP A 376 -0.29 28.63 25.05
CA ASP A 376 1.04 28.67 24.44
C ASP A 376 1.02 29.02 22.97
N LEU A 377 -0.14 29.26 22.36
CA LEU A 377 -0.18 29.52 20.93
C LEU A 377 -0.90 30.82 20.60
N CYS A 378 -1.16 31.05 19.32
CA CYS A 378 -1.83 32.25 18.84
C CYS A 378 -2.82 31.87 17.77
N PHE A 379 -3.83 32.72 17.59
CA PHE A 379 -4.93 32.41 16.69
C PHE A 379 -5.25 33.62 15.82
N THR A 380 -5.81 33.33 14.63
CA THR A 380 -6.24 34.41 13.75
C THR A 380 -7.35 35.23 14.38
N ASN A 381 -8.32 34.58 15.00
CA ASN A 381 -9.40 35.26 15.70
C ASN A 381 -9.95 34.35 16.78
N VAL A 382 -10.57 34.96 17.78
CA VAL A 382 -11.19 34.23 18.87
C VAL A 382 -12.65 34.64 18.95
N TYR A 383 -13.54 33.69 18.71
CA TYR A 383 -14.97 33.93 18.73
C TYR A 383 -15.55 33.42 20.04
N ALA A 384 -16.23 34.30 20.77
CA ALA A 384 -16.81 33.95 22.06
C ALA A 384 -18.33 34.03 21.92
N ASP A 385 -18.97 32.87 21.91
CA ASP A 385 -20.43 32.79 21.90
C ASP A 385 -20.93 32.47 23.29
N SER A 386 -22.02 33.12 23.70
CA SER A 386 -22.55 32.95 25.03
C SER A 386 -24.06 32.78 24.97
N PHE A 387 -24.58 31.88 25.80
CA PHE A 387 -26.01 31.69 25.96
C PHE A 387 -26.25 30.91 27.23
N VAL A 388 -27.52 30.63 27.52
CA VAL A 388 -27.90 29.90 28.73
C VAL A 388 -28.92 28.83 28.37
N ILE A 389 -28.71 27.63 28.89
CA ILE A 389 -29.53 26.46 28.59
C ILE A 389 -29.68 25.57 29.83
N ARG A 390 -30.46 24.50 29.69
CA ARG A 390 -30.71 23.57 30.79
C ARG A 390 -29.54 22.61 30.96
N GLY A 391 -29.33 22.20 32.22
CA GLY A 391 -28.20 21.34 32.53
C GLY A 391 -28.25 20.00 31.84
N ASP A 392 -29.44 19.41 31.73
CA ASP A 392 -29.56 18.12 31.06
C ASP A 392 -29.29 18.22 29.57
N GLU A 393 -29.19 19.42 29.01
CA GLU A 393 -28.98 19.62 27.59
C GLU A 393 -27.62 20.23 27.27
N VAL A 394 -26.76 20.41 28.28
CA VAL A 394 -25.44 21.00 28.01
C VAL A 394 -24.60 20.02 27.19
N ARG A 395 -24.87 18.73 27.29
CA ARG A 395 -24.20 17.75 26.45
C ARG A 395 -24.54 17.92 24.98
N GLN A 396 -25.57 18.71 24.67
CA GLN A 396 -25.98 18.93 23.30
C GLN A 396 -25.13 19.97 22.59
N ILE A 397 -24.40 20.81 23.32
CA ILE A 397 -23.53 21.82 22.70
C ILE A 397 -22.19 21.15 22.47
N ALA A 398 -22.10 20.43 21.36
CA ALA A 398 -20.90 19.69 20.99
C ALA A 398 -21.03 19.23 19.55
N PRO A 399 -19.91 19.07 18.84
CA PRO A 399 -20.00 18.59 17.45
C PRO A 399 -20.61 17.21 17.38
N GLY A 400 -21.40 16.99 16.34
CA GLY A 400 -22.02 15.69 16.14
C GLY A 400 -23.10 15.33 17.14
N GLN A 401 -23.73 16.33 17.76
CA GLN A 401 -24.81 16.10 18.72
C GLN A 401 -26.12 16.58 18.13
N THR A 402 -27.19 15.83 18.38
CA THR A 402 -28.51 16.14 17.87
C THR A 402 -29.53 16.12 19.00
N GLY A 403 -30.62 16.84 18.79
CA GLY A 403 -31.65 16.96 19.80
C GLY A 403 -32.52 18.18 19.59
N LYS A 404 -32.68 18.99 20.63
CA LYS A 404 -33.45 20.23 20.52
C LYS A 404 -32.53 21.43 20.27
N ILE A 405 -31.60 21.68 21.20
CA ILE A 405 -30.77 22.88 21.11
C ILE A 405 -29.81 22.80 19.93
N ALA A 406 -29.13 21.66 19.77
CA ALA A 406 -28.16 21.53 18.70
C ALA A 406 -28.82 21.46 17.33
N ASP A 407 -30.11 21.13 17.28
CA ASP A 407 -30.83 21.07 16.01
C ASP A 407 -31.57 22.35 15.68
N TYR A 408 -32.01 23.09 16.69
CA TYR A 408 -32.94 24.19 16.47
C TYR A 408 -32.45 25.55 16.94
N ASN A 409 -31.36 25.64 17.68
CA ASN A 409 -30.91 26.99 18.02
C ASN A 409 -29.44 27.25 17.74
N TYR A 410 -28.57 26.28 17.99
CA TYR A 410 -27.12 26.55 17.95
C TYR A 410 -26.42 25.24 17.58
N LYS A 411 -26.06 25.09 16.31
CA LYS A 411 -25.48 23.85 15.81
C LYS A 411 -23.99 24.05 15.59
N LEU A 412 -23.19 23.23 16.26
CA LEU A 412 -21.74 23.35 16.21
C LEU A 412 -21.19 22.57 15.01
N PRO A 413 -20.26 23.14 14.25
CA PRO A 413 -19.76 22.46 13.06
C PRO A 413 -18.83 21.31 13.41
N ASP A 414 -18.64 20.42 12.42
CA ASP A 414 -17.78 19.26 12.62
C ASP A 414 -16.32 19.66 12.74
N ASP A 415 -15.89 20.64 11.95
CA ASP A 415 -14.50 21.12 11.96
C ASP A 415 -14.23 22.13 13.06
N PHE A 416 -15.06 22.15 14.10
CA PHE A 416 -14.94 23.14 15.16
C PHE A 416 -13.65 22.89 15.93
N THR A 417 -12.84 23.94 16.09
CA THR A 417 -11.59 23.89 16.83
C THR A 417 -11.65 24.91 17.96
N GLY A 418 -12.14 24.49 19.12
CA GLY A 418 -12.21 25.39 20.25
C GLY A 418 -12.76 24.69 21.46
N CYS A 419 -13.00 25.47 22.51
CA CYS A 419 -13.44 24.97 23.80
C CYS A 419 -14.93 25.20 24.01
N VAL A 420 -15.50 24.42 24.92
CA VAL A 420 -16.88 24.58 25.37
C VAL A 420 -16.87 24.66 26.88
N ILE A 421 -17.66 25.57 27.44
CA ILE A 421 -17.56 25.91 28.85
C ILE A 421 -18.96 26.02 29.43
N ALA A 422 -19.14 25.54 30.66
CA ALA A 422 -20.44 25.64 31.32
C ALA A 422 -20.26 25.58 32.84
N TRP A 423 -21.21 26.16 33.55
CA TRP A 423 -21.23 26.11 35.01
C TRP A 423 -22.60 26.53 35.52
N ASN A 424 -22.81 26.35 36.82
CA ASN A 424 -24.08 26.67 37.44
C ASN A 424 -24.34 28.17 37.47
N SER A 425 -25.62 28.54 37.51
CA SER A 425 -26.00 29.94 37.54
C SER A 425 -27.17 30.20 38.49
N ASN A 426 -27.40 29.31 39.46
CA ASN A 426 -28.53 29.47 40.35
C ASN A 426 -28.40 30.72 41.21
N ASN A 427 -27.20 30.99 41.72
CA ASN A 427 -27.01 32.15 42.58
C ASN A 427 -27.19 33.47 41.87
N LEU A 428 -27.24 33.47 40.53
CA LEU A 428 -27.39 34.70 39.76
C LEU A 428 -28.58 34.70 38.83
N ASP A 429 -29.19 33.56 38.55
CA ASP A 429 -30.27 33.50 37.57
C ASP A 429 -31.44 32.64 38.04
N SER A 430 -31.77 32.73 39.33
CA SER A 430 -32.92 32.02 39.89
C SER A 430 -33.93 33.05 40.39
N LYS A 431 -35.18 32.92 39.94
CA LYS A 431 -36.24 33.83 40.33
C LYS A 431 -37.36 33.04 40.99
N VAL A 432 -37.84 33.54 42.13
CA VAL A 432 -38.92 32.88 42.86
C VAL A 432 -40.18 32.92 42.03
N GLY A 433 -40.84 31.77 41.91
CA GLY A 433 -41.99 31.64 41.05
C GLY A 433 -41.67 31.32 39.61
N GLY A 434 -40.38 31.22 39.26
CA GLY A 434 -39.98 30.90 37.91
C GLY A 434 -39.55 32.09 37.09
N ASN A 435 -38.40 31.99 36.43
CA ASN A 435 -37.91 33.04 35.56
C ASN A 435 -38.43 32.78 34.15
N TYR A 436 -39.07 33.79 33.56
CA TYR A 436 -39.64 33.69 32.22
C TYR A 436 -38.98 34.64 31.24
N ASN A 437 -37.82 35.18 31.58
CA ASN A 437 -37.12 36.07 30.66
C ASN A 437 -36.45 35.30 29.53
N TYR A 438 -36.12 34.03 29.75
CA TYR A 438 -35.32 33.24 28.83
C TYR A 438 -36.23 32.37 27.98
N LEU A 439 -35.86 32.20 26.71
CA LEU A 439 -36.66 31.42 25.76
C LEU A 439 -35.74 30.59 24.88
N TYR A 440 -36.27 29.48 24.39
CA TYR A 440 -35.55 28.61 23.47
C TYR A 440 -36.49 28.17 22.36
N ARG A 441 -36.02 28.21 21.12
CA ARG A 441 -36.87 27.90 19.99
C ARG A 441 -37.22 26.42 19.98
N LEU A 442 -38.49 26.13 19.64
CA LEU A 442 -39.01 24.77 19.71
C LEU A 442 -39.25 24.12 18.37
N PHE A 443 -39.55 24.89 17.32
CA PHE A 443 -39.88 24.34 16.02
C PHE A 443 -39.07 25.04 14.93
N ARG A 444 -38.78 24.30 13.88
CA ARG A 444 -38.05 24.84 12.74
C ARG A 444 -38.50 24.14 11.46
N LYS A 445 -38.44 24.86 10.35
CA LYS A 445 -38.69 24.23 9.05
C LYS A 445 -37.63 23.18 8.75
N SER A 446 -36.37 23.48 9.06
N SER A 446 -36.37 23.48 9.06
CA SER A 446 -35.28 22.54 8.82
CA SER A 446 -35.27 22.56 8.80
C SER A 446 -34.15 22.84 9.79
C SER A 446 -34.15 22.84 9.79
N ASN A 447 -33.25 21.86 9.92
CA ASN A 447 -32.12 22.00 10.83
C ASN A 447 -31.20 23.13 10.36
N LEU A 448 -30.66 23.87 11.32
CA LEU A 448 -29.83 25.02 10.99
C LEU A 448 -28.49 24.58 10.41
N LYS A 449 -27.92 25.45 9.57
CA LYS A 449 -26.55 25.30 9.15
C LYS A 449 -25.63 25.59 10.34
N PRO A 450 -24.38 25.13 10.30
CA PRO A 450 -23.49 25.32 11.45
C PRO A 450 -23.33 26.80 11.79
N PHE A 451 -23.31 27.08 13.09
CA PHE A 451 -23.10 28.42 13.64
C PHE A 451 -24.15 29.42 13.20
N GLU A 452 -25.28 28.96 12.66
CA GLU A 452 -26.29 29.90 12.20
C GLU A 452 -27.01 30.53 13.40
N ARG A 453 -27.71 31.62 13.12
CA ARG A 453 -28.37 32.42 14.15
C ARG A 453 -29.78 32.72 13.67
N ASP A 454 -30.76 32.00 14.21
CA ASP A 454 -32.16 32.17 13.81
C ASP A 454 -32.87 33.03 14.84
N ILE A 455 -33.39 34.17 14.40
CA ILE A 455 -34.03 35.11 15.29
C ILE A 455 -35.50 35.31 14.95
N SER A 456 -35.93 35.00 13.73
CA SER A 456 -37.29 35.28 13.30
C SER A 456 -38.30 34.56 14.19
N THR A 457 -39.41 35.24 14.46
CA THR A 457 -40.48 34.72 15.31
C THR A 457 -41.75 34.46 14.50
N GLU A 458 -41.59 33.99 13.27
CA GLU A 458 -42.75 33.64 12.45
C GLU A 458 -43.50 32.48 13.09
N ILE A 459 -44.83 32.56 13.04
CA ILE A 459 -45.66 31.55 13.68
C ILE A 459 -45.50 30.22 12.96
N TYR A 460 -45.21 29.16 13.72
CA TYR A 460 -44.97 27.86 13.12
C TYR A 460 -46.27 27.17 12.76
N GLN A 461 -46.27 26.47 11.63
CA GLN A 461 -47.42 25.72 11.16
C GLN A 461 -47.19 24.25 11.50
N ALA A 462 -47.60 23.85 12.70
CA ALA A 462 -47.43 22.47 13.12
C ALA A 462 -48.43 21.53 12.45
N GLY A 463 -49.62 22.03 12.12
CA GLY A 463 -50.66 21.21 11.53
C GLY A 463 -50.76 21.34 10.03
N SER A 464 -51.76 20.66 9.48
CA SER A 464 -52.02 20.70 8.05
CA SER A 464 -52.02 20.70 8.05
C SER A 464 -52.93 21.85 7.63
N THR A 465 -53.44 22.63 8.59
CA THR A 465 -54.32 23.75 8.29
C THR A 465 -53.52 25.03 8.34
N PRO A 466 -53.29 25.70 7.21
CA PRO A 466 -52.56 26.98 7.25
C PRO A 466 -53.32 28.01 8.07
N CYS A 467 -52.56 28.83 8.81
CA CYS A 467 -53.14 29.86 9.66
C CYS A 467 -52.56 31.23 9.37
N ASN A 468 -51.93 31.39 8.21
CA ASN A 468 -51.49 32.70 7.67
C ASN A 468 -50.81 33.56 8.74
N GLY A 469 -49.92 32.93 9.50
CA GLY A 469 -49.15 33.67 10.49
C GLY A 469 -49.97 34.23 11.63
N VAL A 470 -50.92 33.45 12.15
CA VAL A 470 -51.70 33.83 13.30
C VAL A 470 -51.78 32.63 14.23
N GLU A 471 -51.43 32.83 15.50
CA GLU A 471 -51.45 31.73 16.45
C GLU A 471 -52.88 31.24 16.67
N GLY A 472 -53.00 29.93 16.90
CA GLY A 472 -54.31 29.32 17.07
C GLY A 472 -54.20 27.87 17.45
N PHE A 473 -55.04 27.02 16.87
CA PHE A 473 -54.98 25.59 17.14
C PHE A 473 -53.82 24.98 16.36
N ASN A 474 -52.86 24.42 17.08
CA ASN A 474 -51.67 23.79 16.50
C ASN A 474 -50.89 24.77 15.62
N CYS A 475 -51.00 26.06 15.93
CA CYS A 475 -50.20 27.13 15.32
C CYS A 475 -49.53 27.87 16.48
N TYR A 476 -48.29 27.51 16.78
CA TYR A 476 -47.67 27.91 18.04
C TYR A 476 -46.61 28.98 17.84
N PHE A 477 -46.41 29.76 18.89
CA PHE A 477 -45.29 30.69 18.98
C PHE A 477 -44.01 29.87 19.17
N PRO A 478 -43.04 29.94 18.27
CA PRO A 478 -41.87 29.04 18.37
C PRO A 478 -41.08 29.21 19.66
N LEU A 479 -41.00 30.41 20.20
CA LEU A 479 -40.28 30.61 21.44
C LEU A 479 -41.05 30.03 22.61
N GLN A 480 -40.33 29.70 23.69
CA GLN A 480 -40.96 29.12 24.86
C GLN A 480 -40.02 29.25 26.05
N SER A 481 -40.58 29.56 27.20
CA SER A 481 -39.80 29.92 28.38
C SER A 481 -39.31 28.68 29.12
N TYR A 482 -38.11 28.79 29.71
CA TYR A 482 -37.56 27.68 30.49
C TYR A 482 -38.31 27.51 31.81
N GLY A 483 -38.53 28.62 32.53
CA GLY A 483 -39.19 28.54 33.82
C GLY A 483 -38.32 27.90 34.89
N PHE A 484 -37.26 28.58 35.31
CA PHE A 484 -36.32 28.05 36.29
C PHE A 484 -36.92 28.12 37.68
N GLN A 485 -37.48 27.02 38.15
CA GLN A 485 -37.87 26.92 39.54
C GLN A 485 -36.61 26.78 40.40
N PRO A 486 -36.40 27.64 41.39
CA PRO A 486 -35.24 27.47 42.28
C PRO A 486 -35.23 26.13 42.99
N THR A 487 -36.41 25.55 43.22
CA THR A 487 -36.47 24.24 43.86
C THR A 487 -35.98 23.13 42.93
N ASN A 488 -36.13 23.32 41.62
CA ASN A 488 -35.79 22.27 40.66
C ASN A 488 -34.34 21.82 40.81
N GLY A 489 -34.12 20.53 40.65
CA GLY A 489 -32.81 19.94 40.82
C GLY A 489 -31.90 20.17 39.64
N VAL A 490 -30.77 19.45 39.64
CA VAL A 490 -29.75 19.62 38.62
C VAL A 490 -30.27 19.31 37.23
N GLY A 491 -31.41 18.62 37.13
CA GLY A 491 -31.96 18.31 35.82
C GLY A 491 -32.42 19.54 35.06
N TYR A 492 -32.94 20.54 35.78
CA TYR A 492 -33.57 21.69 35.16
C TYR A 492 -32.96 23.00 35.63
N GLN A 493 -31.69 22.97 36.02
CA GLN A 493 -31.02 24.17 36.47
C GLN A 493 -30.67 25.07 35.27
N PRO A 494 -30.50 26.37 35.51
CA PRO A 494 -30.00 27.27 34.45
C PRO A 494 -28.49 27.20 34.35
N TYR A 495 -27.99 26.72 33.22
CA TYR A 495 -26.56 26.55 32.99
C TYR A 495 -26.09 27.55 31.95
N ARG A 496 -25.15 28.41 32.33
CA ARG A 496 -24.55 29.34 31.40
C ARG A 496 -23.48 28.64 30.59
N VAL A 497 -23.44 28.88 29.28
CA VAL A 497 -22.53 28.22 28.37
C VAL A 497 -21.78 29.28 27.57
N VAL A 498 -20.46 29.15 27.52
CA VAL A 498 -19.61 29.99 26.70
C VAL A 498 -18.83 29.09 25.75
N VAL A 499 -18.94 29.33 24.45
CA VAL A 499 -18.26 28.53 23.44
C VAL A 499 -17.20 29.41 22.79
N LEU A 500 -15.95 28.99 22.92
CA LEU A 500 -14.83 29.67 22.28
C LEU A 500 -14.55 28.97 20.95
N SER A 501 -14.57 29.74 19.87
CA SER A 501 -14.31 29.22 18.53
C SER A 501 -13.03 29.86 18.01
N PHE A 502 -11.95 29.09 17.99
CA PHE A 502 -10.69 29.59 17.49
C PHE A 502 -10.69 29.58 15.96
N GLU A 503 -9.56 30.01 15.39
CA GLU A 503 -9.42 30.07 13.94
C GLU A 503 -7.92 30.02 13.64
N LEU A 504 -7.45 28.89 13.14
CA LEU A 504 -6.03 28.68 12.92
C LEU A 504 -5.73 28.77 11.43
N LEU A 505 -4.90 29.74 11.05
CA LEU A 505 -4.51 29.94 9.66
C LEU A 505 -3.14 30.60 9.66
N HIS A 506 -2.68 31.00 8.48
CA HIS A 506 -1.42 31.71 8.32
C HIS A 506 -1.60 33.23 8.36
N ALA A 507 -2.83 33.70 8.56
CA ALA A 507 -3.09 35.13 8.62
C ALA A 507 -2.48 35.74 9.88
N PRO A 508 -2.30 37.07 9.89
CA PRO A 508 -1.79 37.73 11.11
C PRO A 508 -2.60 37.41 12.35
N ALA A 509 -1.97 36.74 13.31
CA ALA A 509 -2.63 36.32 14.55
C ALA A 509 -2.72 37.51 15.49
N THR A 510 -3.94 37.97 15.74
CA THR A 510 -4.13 39.13 16.62
C THR A 510 -4.09 38.73 18.09
N VAL A 511 -4.59 37.54 18.42
CA VAL A 511 -4.62 37.08 19.80
C VAL A 511 -3.42 36.16 20.03
N CYS A 512 -2.82 36.27 21.21
CA CYS A 512 -1.58 35.55 21.48
C CYS A 512 -1.49 35.27 22.97
N GLY A 513 -0.59 34.35 23.32
CA GLY A 513 -0.35 34.03 24.71
C GLY A 513 0.67 34.95 25.34
N PRO A 514 0.79 34.90 26.67
CA PRO A 514 1.73 35.79 27.36
C PRO A 514 3.18 35.59 26.94
N LYS A 515 3.69 34.37 27.13
CA LYS A 515 5.09 34.01 26.85
C LYS A 515 6.00 34.97 27.63
N LYS A 516 7.02 35.55 27.01
CA LYS A 516 7.99 36.37 27.72
C LYS A 516 8.61 37.36 26.73
N SER A 517 9.74 37.96 27.12
CA SER A 517 10.37 38.99 26.32
C SER A 517 11.89 38.92 26.48
N THR A 518 12.61 38.76 25.38
CA THR A 518 14.07 38.82 25.36
C THR A 518 14.54 39.12 23.94
N ASN A 519 15.84 39.26 23.77
CA ASN A 519 16.43 39.79 22.54
C ASN A 519 16.31 38.75 21.41
N LEU A 520 16.92 39.07 20.27
CA LEU A 520 16.88 38.23 19.07
C LEU A 520 18.30 37.86 18.65
N VAL A 521 18.45 36.66 18.08
CA VAL A 521 19.73 36.16 17.64
C VAL A 521 19.55 35.56 16.24
N LYS A 522 20.64 35.55 15.46
CA LYS A 522 20.62 35.01 14.11
C LYS A 522 21.96 34.33 13.82
N ASN A 523 22.06 33.75 12.62
CA ASN A 523 23.26 33.07 12.12
C ASN A 523 23.65 31.86 12.96
N LYS A 524 22.69 31.27 13.67
CA LYS A 524 22.91 30.00 14.37
C LYS A 524 21.57 29.32 14.49
N CYS A 525 21.46 28.09 14.00
CA CYS A 525 20.14 27.46 13.88
C CYS A 525 19.59 27.15 15.27
N VAL A 526 18.43 27.71 15.57
CA VAL A 526 17.78 27.51 16.85
C VAL A 526 16.31 27.85 16.74
N ASN A 527 15.44 26.98 17.25
CA ASN A 527 14.02 27.28 17.31
C ASN A 527 13.73 28.19 18.50
N PHE A 528 12.92 29.22 18.28
CA PHE A 528 12.59 30.15 19.33
C PHE A 528 11.26 30.83 18.97
N ASN A 529 10.92 31.88 19.72
CA ASN A 529 9.71 32.64 19.47
C ASN A 529 10.00 34.13 19.58
N PHE A 530 9.31 34.90 18.74
CA PHE A 530 9.40 36.37 18.76
C PHE A 530 8.01 36.87 18.36
N ASN A 531 7.15 37.06 19.37
CA ASN A 531 5.76 37.44 19.18
C ASN A 531 5.07 36.53 18.15
N GLY A 532 5.16 35.23 18.41
CA GLY A 532 4.48 34.26 17.58
C GLY A 532 5.30 33.69 16.44
N LEU A 533 6.53 33.29 16.69
CA LEU A 533 7.42 32.74 15.68
C LEU A 533 7.92 31.37 16.13
N THR A 534 8.29 30.55 15.15
CA THR A 534 8.83 29.22 15.40
C THR A 534 10.31 29.14 15.04
N GLY A 535 10.66 29.43 13.78
CA GLY A 535 12.05 29.58 13.37
C GLY A 535 12.94 28.39 13.65
N THR A 536 12.50 27.19 13.31
CA THR A 536 13.31 25.98 13.54
C THR A 536 14.37 25.90 12.43
N GLY A 537 15.43 26.67 12.63
CA GLY A 537 16.49 26.72 11.65
C GLY A 537 17.37 27.95 11.88
N VAL A 538 18.24 28.19 10.92
CA VAL A 538 19.16 29.32 11.00
C VAL A 538 18.56 30.50 10.24
N LEU A 539 18.63 31.68 10.84
CA LEU A 539 18.05 32.89 10.28
C LEU A 539 19.16 33.79 9.74
N THR A 540 19.01 34.21 8.49
CA THR A 540 20.00 35.04 7.82
C THR A 540 19.40 36.40 7.47
N GLU A 541 20.26 37.41 7.38
CA GLU A 541 19.85 38.76 7.01
C GLU A 541 19.72 38.86 5.49
N SER A 542 18.75 38.11 4.97
CA SER A 542 18.52 38.10 3.53
C SER A 542 17.84 39.40 3.10
N ASN A 543 17.55 39.49 1.80
CA ASN A 543 16.84 40.64 1.26
C ASN A 543 15.42 40.26 0.84
N LYS A 544 15.29 39.32 -0.09
CA LYS A 544 14.01 38.75 -0.50
C LYS A 544 12.93 39.83 -0.65
N LYS A 545 13.17 40.74 -1.60
CA LYS A 545 12.30 41.88 -1.81
C LYS A 545 10.85 41.45 -1.94
N PHE A 546 10.02 41.92 -1.01
CA PHE A 546 8.64 41.48 -0.89
C PHE A 546 7.73 42.69 -0.72
N LEU A 547 6.56 42.61 -1.33
CA LEU A 547 5.63 43.74 -1.32
C LEU A 547 5.12 44.00 0.10
N PRO A 548 5.13 45.24 0.58
CA PRO A 548 4.92 45.48 2.00
C PRO A 548 3.50 45.20 2.49
N PHE A 549 2.98 44.01 2.17
CA PHE A 549 1.74 43.54 2.76
C PHE A 549 1.80 42.10 3.24
N GLN A 550 2.72 41.27 2.74
CA GLN A 550 2.78 39.87 3.11
C GLN A 550 3.46 39.69 4.47
N GLN A 551 3.30 38.49 5.03
CA GLN A 551 3.90 38.14 6.31
C GLN A 551 4.71 36.85 6.25
N PHE A 552 4.28 35.86 5.49
CA PHE A 552 4.96 34.58 5.41
C PHE A 552 5.76 34.50 4.11
N GLY A 553 6.29 33.31 3.83
CA GLY A 553 7.01 33.08 2.59
C GLY A 553 7.48 31.64 2.45
N ARG A 554 7.25 31.04 1.29
CA ARG A 554 7.67 29.67 1.06
C ARG A 554 7.67 29.39 -0.43
N ASP A 555 8.60 28.54 -0.86
CA ASP A 555 8.63 28.03 -2.23
C ASP A 555 8.03 26.65 -2.35
N ILE A 556 8.31 25.75 -1.41
CA ILE A 556 7.67 24.44 -1.37
C ILE A 556 7.05 24.20 0.00
N ALA A 557 7.87 24.28 1.05
CA ALA A 557 7.39 23.98 2.40
C ALA A 557 7.41 25.20 3.32
N ASP A 558 8.57 25.80 3.58
CA ASP A 558 8.64 26.94 4.48
C ASP A 558 9.99 27.65 4.42
N THR A 559 9.99 28.95 4.12
CA THR A 559 11.15 29.80 4.31
C THR A 559 10.72 31.16 4.84
N THR A 560 9.81 31.16 5.83
CA THR A 560 9.10 32.36 6.23
C THR A 560 10.04 33.43 6.80
N ASP A 561 9.55 34.65 6.82
CA ASP A 561 10.32 35.82 7.23
C ASP A 561 9.37 36.77 7.95
N ALA A 562 9.76 38.05 8.02
CA ALA A 562 8.89 39.12 8.50
C ALA A 562 8.47 38.88 9.95
N VAL A 563 9.47 38.98 10.83
CA VAL A 563 9.30 38.82 12.27
C VAL A 563 8.03 39.53 12.73
N ARG A 564 7.23 38.84 13.53
CA ARG A 564 5.85 39.24 13.79
C ARG A 564 5.73 40.41 14.75
N ASP A 565 6.83 41.07 15.07
CA ASP A 565 6.80 42.16 16.04
C ASP A 565 6.15 43.38 15.41
N PRO A 566 5.07 43.92 15.98
CA PRO A 566 4.46 45.13 15.41
C PRO A 566 5.38 46.33 15.45
N GLN A 567 6.27 46.42 16.44
CA GLN A 567 7.18 47.56 16.54
C GLN A 567 8.26 47.50 15.47
N THR A 568 8.83 46.31 15.25
CA THR A 568 9.94 46.15 14.31
C THR A 568 9.66 45.01 13.34
N LEU A 569 9.89 45.28 12.06
CA LEU A 569 9.73 44.29 11.00
C LEU A 569 11.05 44.12 10.27
N GLU A 570 11.42 42.87 10.00
CA GLU A 570 12.65 42.56 9.30
C GLU A 570 12.50 41.21 8.61
N ILE A 571 13.06 41.10 7.42
CA ILE A 571 12.96 39.87 6.64
C ILE A 571 14.08 38.93 7.09
N LEU A 572 13.71 37.77 7.62
CA LEU A 572 14.66 36.77 8.09
C LEU A 572 14.44 35.48 7.33
N ASP A 573 15.41 35.09 6.53
CA ASP A 573 15.32 33.82 5.82
C ASP A 573 15.38 32.65 6.79
N ILE A 574 14.71 31.56 6.43
CA ILE A 574 14.69 30.34 7.24
C ILE A 574 15.33 29.23 6.41
N THR A 575 16.39 28.65 6.94
CA THR A 575 17.08 27.54 6.29
C THR A 575 17.52 26.55 7.36
N PRO A 576 17.67 25.26 7.01
CA PRO A 576 18.21 24.29 7.97
C PRO A 576 19.66 24.58 8.29
N CYS A 577 20.26 23.80 9.18
CA CYS A 577 21.63 24.06 9.58
C CYS A 577 22.55 22.89 9.22
N SER A 578 22.46 22.44 7.96
CA SER A 578 23.41 21.49 7.39
C SER A 578 23.39 20.16 8.12
N PHE A 579 22.22 19.52 8.09
CA PHE A 579 22.13 18.11 8.44
C PHE A 579 22.89 17.28 7.40
N GLY A 580 23.32 16.10 7.82
CA GLY A 580 23.99 15.21 6.89
C GLY A 580 24.30 13.83 7.41
N GLY A 581 24.33 12.85 6.53
CA GLY A 581 24.71 11.51 6.92
C GLY A 581 26.19 11.44 7.27
N VAL A 582 26.57 10.34 7.92
CA VAL A 582 27.95 10.11 8.29
C VAL A 582 28.34 8.71 7.85
N SER A 583 29.49 8.61 7.18
CA SER A 583 30.03 7.33 6.72
C SER A 583 31.34 7.04 7.44
N VAL A 584 31.75 5.79 7.38
CA VAL A 584 32.97 5.34 8.05
C VAL A 584 33.78 4.50 7.08
N ILE A 585 35.09 4.75 7.04
CA ILE A 585 36.03 4.03 6.20
C ILE A 585 36.88 3.16 7.12
N THR A 586 36.86 1.86 6.87
CA THR A 586 37.59 0.89 7.68
C THR A 586 38.41 0.01 6.73
N PRO A 587 39.72 -0.08 6.90
CA PRO A 587 40.50 -1.04 6.10
C PRO A 587 40.09 -2.48 6.35
N GLY A 588 39.47 -2.76 7.49
CA GLY A 588 39.10 -4.12 7.86
C GLY A 588 39.50 -4.41 9.30
N THR A 589 38.58 -4.98 10.07
CA THR A 589 38.87 -5.21 11.49
C THR A 589 40.00 -6.21 11.67
N ASN A 590 40.17 -7.15 10.74
CA ASN A 590 41.24 -8.13 10.83
C ASN A 590 42.54 -7.66 10.18
N THR A 591 42.53 -6.48 9.57
CA THR A 591 43.73 -5.86 9.02
C THR A 591 44.30 -4.78 9.91
N SER A 592 43.47 -3.86 10.39
CA SER A 592 43.91 -2.81 11.30
C SER A 592 42.71 -2.37 12.13
N ASN A 593 42.90 -1.28 12.88
CA ASN A 593 41.84 -0.76 13.73
C ASN A 593 41.59 0.73 13.55
N GLN A 594 42.38 1.43 12.74
CA GLN A 594 42.15 2.85 12.51
C GLN A 594 40.89 3.04 11.68
N VAL A 595 40.26 4.21 11.85
CA VAL A 595 38.96 4.49 11.25
C VAL A 595 38.98 5.92 10.71
N ALA A 596 38.43 6.10 9.51
CA ALA A 596 38.33 7.42 8.91
C ALA A 596 36.86 7.78 8.77
N VAL A 597 36.38 8.70 9.58
CA VAL A 597 34.98 9.09 9.55
C VAL A 597 34.80 10.24 8.57
N LEU A 598 33.74 10.18 7.79
CA LEU A 598 33.45 11.15 6.73
C LEU A 598 32.06 11.73 6.92
N TYR A 599 31.94 13.03 6.73
CA TYR A 599 30.67 13.73 6.82
C TYR A 599 30.17 14.07 5.43
N GLN A 600 28.86 14.27 5.32
CA GLN A 600 28.25 14.65 4.05
C GLN A 600 28.46 16.14 3.81
N ASP A 601 27.70 16.72 2.88
CA ASP A 601 28.09 18.00 2.29
C ASP A 601 28.02 19.14 3.31
N VAL A 602 28.96 19.12 4.26
CA VAL A 602 29.21 20.22 5.18
C VAL A 602 30.70 20.49 5.16
N ASN A 603 31.08 21.68 5.61
CA ASN A 603 32.50 22.02 5.67
C ASN A 603 33.03 21.78 7.07
N CYS A 604 34.29 22.14 7.30
CA CYS A 604 34.91 21.98 8.61
C CYS A 604 35.79 23.18 8.94
N ASN A 628 44.78 15.24 9.09
CA ASN A 628 43.84 15.78 10.06
C ASN A 628 42.44 15.92 9.44
N VAL A 629 42.22 17.04 8.76
CA VAL A 629 40.94 17.35 8.14
C VAL A 629 41.16 17.64 6.67
N PHE A 630 40.27 17.12 5.83
CA PHE A 630 40.35 17.29 4.38
C PHE A 630 38.99 17.71 3.86
N GLN A 631 38.99 18.55 2.83
CA GLN A 631 37.77 19.07 2.24
C GLN A 631 37.59 18.44 0.86
N THR A 632 36.48 17.73 0.66
CA THR A 632 36.15 17.11 -0.61
C THR A 632 34.80 17.62 -1.08
N ARG A 633 34.48 17.31 -2.34
CA ARG A 633 33.17 17.66 -2.88
C ARG A 633 32.07 16.90 -2.15
N ALA A 634 32.33 15.64 -1.80
CA ALA A 634 31.35 14.85 -1.06
C ALA A 634 31.10 15.44 0.32
N GLY A 635 32.15 15.84 1.01
CA GLY A 635 32.00 16.42 2.33
C GLY A 635 33.32 16.42 3.07
N CYS A 636 33.28 17.01 4.26
CA CYS A 636 34.48 17.09 5.10
C CYS A 636 34.83 15.71 5.62
N LEU A 637 36.10 15.33 5.46
CA LEU A 637 36.59 14.01 5.85
C LEU A 637 37.72 14.18 6.85
N ILE A 638 37.52 13.68 8.05
CA ILE A 638 38.51 13.82 9.11
C ILE A 638 39.03 12.44 9.49
N GLY A 639 40.29 12.39 9.91
CA GLY A 639 40.95 11.14 10.22
C GLY A 639 41.69 10.50 9.08
N ALA A 640 41.74 11.14 7.91
CA ALA A 640 42.45 10.61 6.75
C ALA A 640 43.45 11.64 6.25
N GLU A 641 44.67 11.19 5.99
CA GLU A 641 45.70 12.09 5.47
C GLU A 641 45.58 12.21 3.96
N HIS A 642 45.81 13.43 3.46
CA HIS A 642 45.71 13.73 2.04
C HIS A 642 47.09 13.95 1.45
N VAL A 643 47.35 13.31 0.31
CA VAL A 643 48.63 13.38 -0.36
C VAL A 643 48.41 13.91 -1.78
N ASN A 644 49.51 14.00 -2.53
CA ASN A 644 49.47 14.50 -3.90
C ASN A 644 49.52 13.40 -4.95
N ASN A 645 50.41 12.43 -4.80
CA ASN A 645 50.51 11.35 -5.78
C ASN A 645 49.27 10.46 -5.70
N SER A 646 49.04 9.71 -6.77
CA SER A 646 47.80 8.97 -6.95
C SER A 646 48.07 7.46 -7.08
N TYR A 647 47.11 6.67 -6.62
CA TYR A 647 47.15 5.22 -6.79
C TYR A 647 45.79 4.75 -7.28
N GLU A 648 45.59 3.43 -7.33
CA GLU A 648 44.29 2.88 -7.68
C GLU A 648 43.31 3.11 -6.53
N CYS A 649 42.02 3.04 -6.86
CA CYS A 649 40.96 3.31 -5.89
C CYS A 649 40.71 2.06 -5.06
N ASP A 650 41.41 1.98 -3.93
CA ASP A 650 41.19 0.85 -3.01
C ASP A 650 39.80 0.92 -2.40
N ILE A 651 39.42 2.07 -1.87
CA ILE A 651 38.09 2.26 -1.29
C ILE A 651 37.55 3.58 -1.85
N PRO A 652 36.28 3.65 -2.21
CA PRO A 652 35.76 4.86 -2.86
C PRO A 652 35.11 5.85 -1.90
N ILE A 653 35.41 7.12 -2.14
CA ILE A 653 34.78 8.22 -1.41
C ILE A 653 33.86 9.03 -2.32
N GLY A 654 34.37 9.49 -3.45
CA GLY A 654 33.57 10.18 -4.44
C GLY A 654 34.28 11.39 -5.00
N ALA A 655 33.77 11.87 -6.14
CA ALA A 655 34.31 13.04 -6.84
C ALA A 655 35.79 12.86 -7.12
N GLY A 656 36.18 11.64 -7.47
CA GLY A 656 37.58 11.34 -7.78
C GLY A 656 38.46 11.12 -6.57
N ILE A 657 37.91 11.18 -5.36
CA ILE A 657 38.68 10.96 -4.14
C ILE A 657 38.45 9.54 -3.67
N CYS A 658 39.54 8.82 -3.41
CA CYS A 658 39.51 7.46 -2.91
C CYS A 658 40.51 7.32 -1.78
N ALA A 659 40.21 6.45 -0.83
CA ALA A 659 41.07 6.24 0.32
C ALA A 659 41.66 4.83 0.30
N SER A 660 42.62 4.61 1.18
CA SER A 660 43.30 3.32 1.32
C SER A 660 44.03 3.33 2.66
N TYR A 661 44.62 2.18 2.99
CA TYR A 661 45.35 2.05 4.25
C TYR A 661 46.81 1.66 4.03
N GLN A 662 47.07 0.64 3.21
CA GLN A 662 48.41 0.08 3.08
C GLN A 662 49.41 1.09 2.54
N THR A 663 49.21 1.52 1.29
CA THR A 663 50.15 2.41 0.59
C THR A 663 51.56 1.85 0.59
N SER A 676 51.15 3.90 4.34
CA SER A 676 52.11 3.48 5.35
C SER A 676 51.44 3.38 6.73
N GLN A 677 50.78 2.25 6.97
CA GLN A 677 50.12 1.90 8.23
C GLN A 677 49.23 3.03 8.77
N SER A 678 48.74 3.90 7.88
CA SER A 678 47.81 4.96 8.27
C SER A 678 46.81 5.17 7.14
N ILE A 679 45.61 5.63 7.51
CA ILE A 679 44.58 5.87 6.52
C ILE A 679 44.96 7.07 5.67
N ILE A 680 44.82 6.93 4.36
CA ILE A 680 45.29 7.93 3.40
C ILE A 680 44.19 8.16 2.37
N ALA A 681 44.02 9.42 1.97
CA ALA A 681 43.06 9.80 0.95
C ALA A 681 43.79 10.48 -0.20
N TYR A 682 43.36 10.23 -1.43
CA TYR A 682 44.08 10.71 -2.59
C TYR A 682 43.14 10.78 -3.78
N THR A 683 43.53 11.58 -4.76
CA THR A 683 42.79 11.63 -6.01
C THR A 683 42.95 10.32 -6.77
N MET A 684 41.88 9.86 -7.39
CA MET A 684 41.89 8.59 -8.09
C MET A 684 42.77 8.66 -9.33
N SER A 685 43.40 7.53 -9.65
CA SER A 685 44.23 7.41 -10.85
C SER A 685 43.58 6.42 -11.81
N LEU A 686 43.79 6.65 -13.11
CA LEU A 686 43.14 5.88 -14.16
C LEU A 686 44.11 4.96 -14.88
N GLY A 687 45.04 4.36 -14.14
CA GLY A 687 45.97 3.42 -14.71
C GLY A 687 47.26 4.07 -15.17
N ALA A 688 48.21 3.21 -15.53
CA ALA A 688 49.54 3.68 -15.93
C ALA A 688 49.46 4.44 -17.25
N GLU A 689 50.25 5.51 -17.34
CA GLU A 689 50.30 6.30 -18.57
C GLU A 689 51.01 5.52 -19.67
N ASN A 690 50.50 5.66 -20.89
CA ASN A 690 51.07 5.00 -22.05
C ASN A 690 51.09 5.96 -23.23
N SER A 691 52.03 5.73 -24.14
CA SER A 691 52.13 6.55 -25.35
C SER A 691 52.74 5.67 -26.43
N VAL A 692 51.88 5.08 -27.27
CA VAL A 692 52.35 4.19 -28.32
C VAL A 692 52.94 5.02 -29.46
N ALA A 693 54.17 4.68 -29.86
CA ALA A 693 54.82 5.40 -30.94
C ALA A 693 54.07 5.16 -32.25
N TYR A 694 53.77 6.24 -32.96
CA TYR A 694 52.96 6.19 -34.17
C TYR A 694 53.68 6.94 -35.27
N SER A 695 53.83 6.29 -36.43
CA SER A 695 54.33 6.94 -37.62
C SER A 695 53.57 6.39 -38.81
N ASN A 696 53.51 7.18 -39.89
CA ASN A 696 52.73 6.79 -41.05
C ASN A 696 53.33 5.61 -41.81
N ASN A 697 54.54 5.19 -41.48
CA ASN A 697 55.19 4.05 -42.10
C ASN A 697 55.78 3.14 -41.05
N SER A 698 55.01 2.84 -40.01
CA SER A 698 55.47 1.98 -38.92
C SER A 698 54.32 1.12 -38.43
N ILE A 699 54.56 -0.19 -38.34
CA ILE A 699 53.58 -1.14 -37.82
C ILE A 699 54.26 -1.96 -36.74
N ALA A 700 53.45 -2.56 -35.87
CA ALA A 700 53.94 -3.41 -34.79
C ALA A 700 53.25 -4.76 -34.91
N ILE A 701 54.03 -5.83 -34.97
CA ILE A 701 53.52 -7.18 -35.16
C ILE A 701 54.00 -8.03 -33.98
N PRO A 702 53.12 -8.76 -33.31
CA PRO A 702 53.56 -9.62 -32.20
C PRO A 702 54.18 -10.90 -32.73
N THR A 703 55.33 -11.27 -32.17
CA THR A 703 56.04 -12.47 -32.56
C THR A 703 55.79 -13.65 -31.62
N ASN A 704 54.93 -13.48 -30.62
CA ASN A 704 54.65 -14.58 -29.70
C ASN A 704 53.22 -14.45 -29.20
N PHE A 705 52.72 -15.53 -28.61
CA PHE A 705 51.37 -15.53 -28.07
C PHE A 705 51.36 -16.20 -26.71
N THR A 706 50.38 -15.82 -25.90
CA THR A 706 50.11 -16.53 -24.65
C THR A 706 48.63 -16.88 -24.61
N ILE A 707 48.34 -18.12 -24.25
CA ILE A 707 46.96 -18.58 -24.11
C ILE A 707 46.58 -18.45 -22.65
N SER A 708 45.57 -17.66 -22.37
CA SER A 708 45.11 -17.42 -21.01
C SER A 708 43.71 -17.98 -20.84
N VAL A 709 43.29 -18.11 -19.59
CA VAL A 709 41.95 -18.55 -19.24
C VAL A 709 41.39 -17.59 -18.20
N THR A 710 40.13 -17.18 -18.40
CA THR A 710 39.48 -16.23 -17.52
C THR A 710 38.19 -16.84 -16.97
N THR A 711 37.91 -16.58 -15.71
CA THR A 711 36.72 -17.10 -15.06
C THR A 711 35.63 -16.02 -15.03
N GLU A 712 34.44 -16.36 -15.50
CA GLU A 712 33.29 -15.47 -15.45
C GLU A 712 32.16 -16.18 -14.73
N ILE A 713 31.64 -15.57 -13.68
CA ILE A 713 30.66 -16.20 -12.80
C ILE A 713 29.35 -15.45 -12.92
N LEU A 714 28.27 -16.18 -13.23
CA LEU A 714 26.96 -15.57 -13.40
C LEU A 714 25.92 -16.37 -12.64
N PRO A 715 25.09 -15.73 -11.81
CA PRO A 715 23.99 -16.45 -11.16
C PRO A 715 22.84 -16.66 -12.13
N VAL A 716 22.38 -17.90 -12.24
CA VAL A 716 21.28 -18.23 -13.13
C VAL A 716 19.95 -18.38 -12.41
N SER A 717 19.97 -18.66 -11.11
CA SER A 717 18.74 -18.79 -10.36
C SER A 717 19.04 -18.54 -8.89
N MET A 718 18.00 -18.20 -8.15
CA MET A 718 18.10 -18.04 -6.71
C MET A 718 17.06 -18.92 -6.05
N THR A 719 17.24 -19.17 -4.75
CA THR A 719 16.36 -20.07 -4.02
C THR A 719 14.91 -19.58 -4.10
N LYS A 720 13.99 -20.54 -4.26
CA LYS A 720 12.58 -20.23 -4.41
C LYS A 720 11.87 -20.45 -3.08
N THR A 721 11.04 -19.49 -2.70
CA THR A 721 10.26 -19.57 -1.47
C THR A 721 8.79 -19.36 -1.80
N SER A 722 7.94 -19.80 -0.88
CA SER A 722 6.49 -19.65 -1.05
C SER A 722 5.88 -19.54 0.34
N VAL A 723 5.59 -18.32 0.77
CA VAL A 723 5.00 -18.08 2.08
C VAL A 723 3.48 -18.15 1.95
N ASP A 724 2.84 -18.66 3.01
CA ASP A 724 1.38 -18.74 3.06
C ASP A 724 0.84 -17.43 3.61
N CYS A 725 0.24 -16.63 2.75
CA CYS A 725 -0.23 -15.30 3.16
C CYS A 725 -1.26 -15.39 4.28
N THR A 726 -2.20 -16.33 4.17
CA THR A 726 -3.20 -16.49 5.22
C THR A 726 -2.56 -16.88 6.54
N MET A 727 -1.60 -17.80 6.50
CA MET A 727 -0.96 -18.27 7.73
C MET A 727 0.04 -17.26 8.27
N TYR A 728 0.74 -16.55 7.38
CA TYR A 728 1.81 -15.65 7.82
C TYR A 728 1.26 -14.52 8.68
N ILE A 729 0.14 -13.92 8.27
CA ILE A 729 -0.43 -12.79 9.01
C ILE A 729 -1.51 -13.23 9.99
N CYS A 730 -1.76 -14.53 10.11
CA CYS A 730 -2.73 -15.04 11.08
C CYS A 730 -2.18 -16.37 11.60
N GLY A 731 -1.61 -16.34 12.80
CA GLY A 731 -0.98 -17.52 13.36
C GLY A 731 -1.97 -18.51 13.93
N ASP A 732 -2.69 -19.22 13.05
CA ASP A 732 -3.66 -20.24 13.44
C ASP A 732 -4.73 -19.65 14.36
N SER A 733 -5.40 -18.61 13.87
CA SER A 733 -6.47 -17.94 14.58
C SER A 733 -7.70 -17.88 13.70
N THR A 734 -8.85 -18.30 14.23
CA THR A 734 -10.08 -18.30 13.46
C THR A 734 -10.58 -16.88 13.23
N GLU A 735 -10.58 -16.07 14.29
CA GLU A 735 -11.04 -14.69 14.17
C GLU A 735 -10.13 -13.87 13.27
N CYS A 736 -8.82 -14.13 13.32
CA CYS A 736 -7.90 -13.43 12.42
C CYS A 736 -8.21 -13.74 10.97
N SER A 737 -8.45 -15.02 10.65
CA SER A 737 -8.80 -15.40 9.29
C SER A 737 -10.14 -14.80 8.88
N ASN A 738 -11.10 -14.76 9.80
CA ASN A 738 -12.40 -14.18 9.50
C ASN A 738 -12.26 -12.69 9.18
N LEU A 739 -11.44 -11.98 9.95
CA LEU A 739 -11.21 -10.56 9.68
C LEU A 739 -10.48 -10.37 8.35
N LEU A 740 -9.50 -11.23 8.05
CA LEU A 740 -8.76 -11.10 6.81
C LEU A 740 -9.62 -11.40 5.59
N LEU A 741 -10.62 -12.28 5.74
CA LEU A 741 -11.41 -12.70 4.59
C LEU A 741 -12.09 -11.51 3.91
N GLN A 742 -12.38 -10.45 4.66
CA GLN A 742 -13.01 -9.26 4.10
C GLN A 742 -12.00 -8.28 3.53
N TYR A 743 -10.71 -8.59 3.58
CA TYR A 743 -9.67 -7.70 3.09
C TYR A 743 -9.27 -7.98 1.64
N GLY A 744 -10.19 -8.51 0.83
CA GLY A 744 -9.92 -8.73 -0.58
C GLY A 744 -9.08 -9.97 -0.83
N SER A 745 -8.81 -10.18 -2.11
CA SER A 745 -8.01 -11.32 -2.56
C SER A 745 -6.53 -10.97 -2.68
N PHE A 746 -5.95 -10.43 -1.60
CA PHE A 746 -4.54 -10.10 -1.61
C PHE A 746 -3.68 -11.35 -1.50
N CYS A 747 -4.08 -12.30 -0.65
CA CYS A 747 -3.26 -13.49 -0.42
C CYS A 747 -3.13 -14.32 -1.68
N THR A 748 -4.22 -14.45 -2.45
CA THR A 748 -4.15 -15.19 -3.71
C THR A 748 -3.19 -14.53 -4.69
N GLN A 749 -3.23 -13.20 -4.77
CA GLN A 749 -2.32 -12.48 -5.64
C GLN A 749 -0.86 -12.70 -5.24
N LEU A 750 -0.58 -12.62 -3.94
CA LEU A 750 0.78 -12.81 -3.47
C LEU A 750 1.26 -14.23 -3.75
N ASN A 751 0.40 -15.22 -3.51
CA ASN A 751 0.77 -16.61 -3.79
C ASN A 751 1.03 -16.82 -5.27
N ARG A 752 0.20 -16.22 -6.12
CA ARG A 752 0.41 -16.34 -7.56
C ARG A 752 1.74 -15.72 -7.97
N ALA A 753 2.08 -14.55 -7.40
CA ALA A 753 3.34 -13.91 -7.73
C ALA A 753 4.52 -14.79 -7.33
N LEU A 754 4.49 -15.34 -6.13
CA LEU A 754 5.61 -16.18 -5.68
C LEU A 754 5.70 -17.47 -6.51
N THR A 755 4.56 -18.07 -6.85
CA THR A 755 4.58 -19.26 -7.69
C THR A 755 5.15 -18.96 -9.06
N GLY A 756 4.79 -17.82 -9.64
CA GLY A 756 5.37 -17.43 -10.92
C GLY A 756 6.87 -17.23 -10.83
N ILE A 757 7.34 -16.63 -9.73
CA ILE A 757 8.77 -16.45 -9.54
C ILE A 757 9.47 -17.81 -9.52
N ALA A 758 8.93 -18.76 -8.75
CA ALA A 758 9.56 -20.07 -8.67
C ALA A 758 9.58 -20.78 -10.01
N VAL A 759 8.47 -20.68 -10.75
CA VAL A 759 8.40 -21.32 -12.06
C VAL A 759 9.44 -20.72 -13.01
N GLU A 760 9.59 -19.39 -12.99
CA GLU A 760 10.57 -18.79 -13.87
C GLU A 760 11.99 -19.13 -13.45
N GLN A 761 12.24 -19.36 -12.16
CA GLN A 761 13.57 -19.83 -11.76
C GLN A 761 13.85 -21.22 -12.30
N ASP A 762 12.87 -22.12 -12.22
CA ASP A 762 13.06 -23.44 -12.80
C ASP A 762 13.31 -23.34 -14.29
N LYS A 763 12.58 -22.45 -14.97
CA LYS A 763 12.78 -22.24 -16.40
C LYS A 763 14.19 -21.73 -16.70
N ASN A 764 14.70 -20.81 -15.88
CA ASN A 764 16.05 -20.28 -16.09
C ASN A 764 17.08 -21.37 -15.93
N THR A 765 16.96 -22.18 -14.88
CA THR A 765 17.91 -23.28 -14.68
C THR A 765 17.86 -24.26 -15.83
N GLN A 766 16.65 -24.57 -16.32
CA GLN A 766 16.54 -25.47 -17.46
C GLN A 766 17.16 -24.88 -18.71
N GLU A 767 16.93 -23.59 -18.97
CA GLU A 767 17.34 -22.98 -20.22
C GLU A 767 18.85 -22.75 -20.28
N VAL A 768 19.47 -22.40 -19.15
CA VAL A 768 20.90 -22.09 -19.17
C VAL A 768 21.71 -23.33 -19.51
N PHE A 769 21.37 -24.48 -18.92
CA PHE A 769 22.19 -25.68 -19.03
C PHE A 769 21.72 -26.65 -20.09
N ALA A 770 20.42 -26.90 -20.21
CA ALA A 770 19.90 -27.93 -21.11
C ALA A 770 19.87 -27.42 -22.56
N GLN A 771 21.06 -27.11 -23.07
CA GLN A 771 21.23 -26.72 -24.45
C GLN A 771 21.49 -27.90 -25.38
N VAL A 772 21.66 -29.11 -24.83
CA VAL A 772 22.01 -30.28 -25.60
C VAL A 772 20.91 -31.32 -25.43
N LYS A 773 20.45 -31.87 -26.55
CA LYS A 773 19.40 -32.89 -26.52
C LYS A 773 19.94 -34.27 -26.21
N GLN A 774 21.26 -34.47 -26.23
CA GLN A 774 21.86 -35.77 -25.99
C GLN A 774 23.00 -35.64 -24.99
N ILE A 775 23.30 -36.74 -24.32
CA ILE A 775 24.34 -36.79 -23.29
C ILE A 775 25.56 -37.48 -23.87
N TYR A 776 26.69 -36.77 -23.88
CA TYR A 776 27.93 -37.29 -24.43
C TYR A 776 28.86 -37.72 -23.30
N LYS A 777 29.73 -38.67 -23.61
CA LYS A 777 30.73 -39.15 -22.67
C LYS A 777 32.12 -39.02 -23.29
N THR A 778 33.06 -38.51 -22.52
CA THR A 778 34.45 -38.50 -22.95
C THR A 778 34.94 -39.94 -23.08
N PRO A 779 35.78 -40.24 -24.09
CA PRO A 779 36.26 -41.61 -24.25
C PRO A 779 37.19 -41.98 -23.10
N PRO A 780 37.29 -43.28 -22.77
CA PRO A 780 38.10 -43.67 -21.61
C PRO A 780 39.56 -43.25 -21.70
N ILE A 781 40.14 -43.24 -22.91
CA ILE A 781 41.52 -42.84 -23.09
C ILE A 781 41.58 -41.33 -23.25
N LYS A 782 42.34 -40.67 -22.39
CA LYS A 782 42.48 -39.22 -22.41
C LYS A 782 43.75 -38.87 -23.19
N ASP A 783 43.64 -38.99 -24.52
CA ASP A 783 44.74 -38.66 -25.43
C ASP A 783 44.25 -37.55 -26.35
N PHE A 784 44.40 -36.31 -25.90
CA PHE A 784 43.99 -35.14 -26.67
C PHE A 784 45.18 -34.40 -27.29
N GLY A 785 46.37 -34.99 -27.24
CA GLY A 785 47.53 -34.37 -27.86
C GLY A 785 48.31 -33.47 -26.93
N GLY A 786 48.37 -33.82 -25.65
CA GLY A 786 49.10 -33.07 -24.67
C GLY A 786 48.27 -32.13 -23.82
N PHE A 787 46.99 -31.94 -24.15
CA PHE A 787 46.11 -31.09 -23.36
C PHE A 787 45.62 -31.88 -22.16
N ASN A 788 46.05 -31.48 -20.96
CA ASN A 788 45.66 -32.16 -19.73
C ASN A 788 44.31 -31.60 -19.28
N PHE A 789 43.25 -32.32 -19.61
CA PHE A 789 41.90 -31.89 -19.29
C PHE A 789 41.41 -32.42 -17.95
N SER A 790 42.28 -33.05 -17.16
CA SER A 790 41.86 -33.73 -15.94
C SER A 790 41.32 -32.79 -14.87
N GLN A 791 41.19 -31.50 -15.14
CA GLN A 791 40.71 -30.55 -14.16
C GLN A 791 39.33 -29.99 -14.46
N ILE A 792 38.71 -30.35 -15.59
CA ILE A 792 37.40 -29.85 -15.95
C ILE A 792 36.36 -30.95 -16.04
N LEU A 793 36.73 -32.13 -16.54
CA LEU A 793 35.74 -33.21 -16.54
C LEU A 793 35.71 -33.90 -15.18
N PRO A 794 34.56 -34.45 -14.78
CA PRO A 794 34.46 -35.08 -13.46
C PRO A 794 35.35 -36.31 -13.34
N ASP A 795 35.78 -36.57 -12.11
CA ASP A 795 36.57 -37.75 -11.80
C ASP A 795 35.68 -38.83 -11.19
N PRO A 796 35.91 -40.10 -11.51
CA PRO A 796 35.04 -41.16 -10.98
C PRO A 796 35.32 -41.54 -9.54
N SER A 797 36.48 -41.16 -9.00
CA SER A 797 36.83 -41.57 -7.64
C SER A 797 35.88 -40.95 -6.62
N LYS A 798 35.60 -39.66 -6.73
CA LYS A 798 34.75 -38.99 -5.77
C LYS A 798 33.29 -39.38 -5.98
N PRO A 799 32.55 -39.66 -4.92
CA PRO A 799 31.13 -40.03 -5.08
C PRO A 799 30.28 -38.92 -5.65
N SER A 800 30.71 -37.65 -5.53
CA SER A 800 29.89 -36.55 -5.99
C SER A 800 29.83 -36.45 -7.51
N LYS A 801 30.75 -37.10 -8.22
CA LYS A 801 30.81 -37.07 -9.68
C LYS A 801 30.90 -35.64 -10.21
N ARG A 802 31.78 -34.85 -9.60
CA ARG A 802 32.01 -33.47 -9.98
C ARG A 802 33.49 -33.22 -10.17
N SER A 803 33.81 -32.30 -11.08
CA SER A 803 35.20 -32.00 -11.38
C SER A 803 35.85 -31.25 -10.23
N PRO A 804 37.18 -31.26 -10.15
CA PRO A 804 37.85 -30.56 -9.05
C PRO A 804 37.50 -29.08 -8.96
N ILE A 805 37.38 -28.39 -10.09
CA ILE A 805 36.96 -26.99 -10.05
C ILE A 805 35.51 -26.87 -9.62
N GLU A 806 34.65 -27.78 -10.12
CA GLU A 806 33.28 -27.80 -9.66
C GLU A 806 33.19 -28.06 -8.17
N ASP A 807 33.99 -29.00 -7.67
CA ASP A 807 33.99 -29.29 -6.24
C ASP A 807 34.46 -28.09 -5.44
N LEU A 808 35.50 -27.40 -5.90
CA LEU A 808 36.00 -26.24 -5.19
C LEU A 808 34.94 -25.13 -5.17
N LEU A 809 34.26 -24.91 -6.29
CA LEU A 809 33.21 -23.90 -6.33
C LEU A 809 32.06 -24.26 -5.41
N PHE A 810 31.70 -25.55 -5.36
CA PHE A 810 30.63 -25.99 -4.48
C PHE A 810 31.02 -25.78 -3.02
N ASN A 811 32.27 -26.06 -2.66
CA ASN A 811 32.71 -25.91 -1.28
C ASN A 811 32.89 -24.44 -0.91
N LYS A 812 33.14 -23.57 -1.89
CA LYS A 812 33.42 -22.17 -1.58
C LYS A 812 32.17 -21.44 -1.09
N VAL A 813 31.03 -21.68 -1.72
CA VAL A 813 29.80 -20.97 -1.41
C VAL A 813 29.06 -21.72 -0.30
N THR A 814 28.70 -21.00 0.75
CA THR A 814 27.97 -21.59 1.87
C THR A 814 26.52 -21.89 1.50
N LEU A 836 17.84 -18.97 10.90
CA LEU A 836 18.32 -17.69 10.41
C LEU A 836 18.43 -17.69 8.89
N ILE A 837 19.59 -18.11 8.39
CA ILE A 837 19.82 -18.15 6.95
C ILE A 837 18.92 -19.21 6.30
N CYS A 838 18.90 -20.41 6.87
CA CYS A 838 18.08 -21.49 6.33
C CYS A 838 17.25 -22.18 7.42
N ALA A 839 17.17 -21.60 8.61
CA ALA A 839 16.41 -22.18 9.72
C ALA A 839 15.45 -21.11 10.25
N GLN A 840 14.27 -21.03 9.65
CA GLN A 840 13.22 -20.12 10.10
C GLN A 840 12.13 -20.82 10.89
N LYS A 841 12.22 -22.14 11.03
CA LYS A 841 11.30 -22.93 11.86
C LYS A 841 9.85 -22.75 11.43
N PHE A 842 9.59 -23.16 10.19
CA PHE A 842 8.24 -23.30 9.62
C PHE A 842 7.28 -22.18 9.99
N ASN A 843 7.75 -20.94 10.03
CA ASN A 843 6.90 -19.81 10.40
C ASN A 843 6.14 -19.36 9.15
N GLY A 844 5.20 -20.21 8.73
CA GLY A 844 4.37 -19.92 7.59
C GLY A 844 5.09 -19.86 6.26
N LEU A 845 6.33 -20.33 6.20
CA LEU A 845 7.16 -20.23 5.01
C LEU A 845 7.82 -21.57 4.73
N THR A 846 8.16 -21.78 3.45
CA THR A 846 8.80 -23.02 3.05
C THR A 846 9.62 -22.77 1.79
N VAL A 847 10.54 -23.68 1.52
CA VAL A 847 11.39 -23.62 0.33
C VAL A 847 11.08 -24.82 -0.54
N LEU A 848 11.03 -24.59 -1.84
CA LEU A 848 10.79 -25.77 -2.67
C LEU A 848 12.08 -26.22 -3.33
N PRO A 849 12.29 -27.53 -3.47
CA PRO A 849 13.53 -28.00 -4.08
C PRO A 849 13.60 -27.62 -5.54
N PRO A 850 14.79 -27.37 -6.06
CA PRO A 850 14.92 -27.08 -7.50
C PRO A 850 14.52 -28.28 -8.33
N LEU A 851 13.98 -28.01 -9.52
CA LEU A 851 13.50 -29.10 -10.37
C LEU A 851 14.64 -29.99 -10.81
N LEU A 852 15.78 -29.39 -11.17
CA LEU A 852 16.98 -30.14 -11.51
C LEU A 852 17.87 -30.22 -10.28
N THR A 853 18.29 -31.43 -9.93
CA THR A 853 19.21 -31.59 -8.82
C THR A 853 20.62 -31.18 -9.22
N ASP A 854 21.51 -31.11 -8.24
CA ASP A 854 22.90 -30.78 -8.52
C ASP A 854 23.56 -31.86 -9.37
N GLU A 855 23.20 -33.13 -9.14
CA GLU A 855 23.77 -34.21 -9.92
C GLU A 855 23.37 -34.10 -11.39
N MET A 856 22.11 -33.75 -11.66
CA MET A 856 21.68 -33.63 -13.05
C MET A 856 22.30 -32.43 -13.73
N ILE A 857 22.48 -31.32 -12.99
CA ILE A 857 23.17 -30.17 -13.55
C ILE A 857 24.62 -30.51 -13.87
N ALA A 858 25.27 -31.26 -12.99
CA ALA A 858 26.63 -31.71 -13.26
C ALA A 858 26.68 -32.62 -14.48
N GLN A 859 25.67 -33.49 -14.63
CA GLN A 859 25.62 -34.34 -15.82
C GLN A 859 25.46 -33.52 -17.09
N TYR A 860 24.61 -32.50 -17.05
CA TYR A 860 24.46 -31.62 -18.21
C TYR A 860 25.78 -30.93 -18.55
N THR A 861 26.46 -30.42 -17.52
CA THR A 861 27.74 -29.73 -17.75
C THR A 861 28.78 -30.69 -18.31
N SER A 862 28.84 -31.90 -17.79
CA SER A 862 29.80 -32.89 -18.30
C SER A 862 29.48 -33.28 -19.73
N ALA A 863 28.19 -33.38 -20.07
CA ALA A 863 27.81 -33.68 -21.45
C ALA A 863 28.24 -32.55 -22.38
N LEU A 864 28.01 -31.30 -21.98
CA LEU A 864 28.46 -30.18 -22.79
C LEU A 864 29.97 -30.19 -22.95
N LEU A 865 30.69 -30.52 -21.88
CA LEU A 865 32.15 -30.56 -21.92
C LEU A 865 32.64 -31.64 -22.87
N ALA A 866 32.07 -32.84 -22.79
CA ALA A 866 32.47 -33.92 -23.68
C ALA A 866 32.16 -33.56 -25.13
N GLY A 867 31.01 -32.95 -25.37
CA GLY A 867 30.68 -32.53 -26.71
C GLY A 867 31.66 -31.51 -27.27
N THR A 868 32.03 -30.51 -26.45
CA THR A 868 32.93 -29.48 -26.93
C THR A 868 34.38 -29.93 -26.98
N ILE A 869 34.74 -31.03 -26.33
CA ILE A 869 36.10 -31.56 -26.43
C ILE A 869 36.23 -32.52 -27.60
N THR A 870 35.35 -33.50 -27.71
CA THR A 870 35.49 -34.55 -28.71
C THR A 870 34.77 -34.26 -30.02
N SER A 871 34.09 -33.12 -30.12
CA SER A 871 33.29 -32.85 -31.34
C SER A 871 33.35 -31.37 -31.74
N GLY A 872 34.24 -30.58 -31.12
CA GLY A 872 34.39 -29.19 -31.56
C GLY A 872 33.11 -28.41 -31.33
N TRP A 873 32.67 -27.70 -32.37
CA TRP A 873 31.47 -26.87 -32.29
C TRP A 873 30.28 -27.47 -33.02
N THR A 874 30.46 -28.53 -33.80
CA THR A 874 29.39 -29.02 -34.64
C THR A 874 28.29 -29.72 -33.86
N PHE A 875 28.59 -30.21 -32.64
CA PHE A 875 27.58 -30.90 -31.87
C PHE A 875 26.45 -29.98 -31.44
N GLY A 876 26.65 -28.67 -31.48
CA GLY A 876 25.60 -27.72 -31.23
C GLY A 876 24.83 -27.28 -32.46
N ALA A 877 25.12 -27.88 -33.62
CA ALA A 877 24.46 -27.51 -34.87
C ALA A 877 24.10 -28.76 -35.66
N GLY A 878 23.51 -29.74 -34.99
CA GLY A 878 23.13 -30.98 -35.65
C GLY A 878 23.78 -32.18 -34.99
N PRO A 879 24.05 -33.22 -35.77
CA PRO A 879 24.72 -34.40 -35.21
C PRO A 879 26.15 -34.08 -34.80
N ALA A 880 26.61 -34.77 -33.78
CA ALA A 880 27.97 -34.58 -33.28
C ALA A 880 28.95 -35.30 -34.20
N LEU A 881 29.88 -34.55 -34.76
CA LEU A 881 30.91 -35.10 -35.65
C LEU A 881 32.23 -35.08 -34.90
N GLN A 882 32.82 -36.26 -34.72
CA GLN A 882 34.09 -36.36 -34.01
C GLN A 882 35.20 -35.71 -34.82
N ILE A 883 36.20 -35.20 -34.10
CA ILE A 883 37.36 -34.56 -34.73
C ILE A 883 38.50 -34.53 -33.71
N PRO A 884 39.71 -34.86 -34.09
CA PRO A 884 40.83 -34.82 -33.14
C PRO A 884 41.02 -33.42 -32.59
N PHE A 885 41.35 -33.35 -31.30
CA PHE A 885 41.44 -32.05 -30.63
C PHE A 885 42.47 -31.11 -31.24
N PRO A 886 43.69 -31.55 -31.59
CA PRO A 886 44.62 -30.60 -32.23
C PRO A 886 44.06 -29.97 -33.49
N MET A 887 43.34 -30.73 -34.31
CA MET A 887 42.74 -30.13 -35.50
C MET A 887 41.61 -29.17 -35.13
N GLN A 888 40.87 -29.46 -34.06
CA GLN A 888 39.86 -28.50 -33.61
C GLN A 888 40.51 -27.20 -33.17
N MET A 889 41.62 -27.29 -32.44
CA MET A 889 42.32 -26.06 -32.04
C MET A 889 42.89 -25.34 -33.24
N ALA A 890 43.32 -26.07 -34.27
CA ALA A 890 43.75 -25.43 -35.50
C ALA A 890 42.59 -24.69 -36.17
N TYR A 891 41.39 -25.29 -36.13
CA TYR A 891 40.21 -24.61 -36.65
C TYR A 891 39.95 -23.31 -35.90
N ARG A 892 40.05 -23.36 -34.57
CA ARG A 892 39.84 -22.14 -33.78
C ARG A 892 40.90 -21.09 -34.11
N PHE A 893 42.16 -21.51 -34.25
CA PHE A 893 43.21 -20.58 -34.62
C PHE A 893 42.93 -19.93 -35.96
N ASN A 894 42.50 -20.72 -36.95
CA ASN A 894 42.09 -20.15 -38.22
C ASN A 894 40.93 -19.19 -38.04
N GLY A 895 40.05 -19.46 -37.07
CA GLY A 895 38.95 -18.55 -36.80
C GLY A 895 39.41 -17.20 -36.30
N ILE A 896 40.38 -17.18 -35.38
CA ILE A 896 40.82 -15.90 -34.82
C ILE A 896 41.65 -15.10 -35.82
N GLY A 897 42.16 -15.73 -36.88
CA GLY A 897 42.89 -14.99 -37.88
C GLY A 897 44.24 -15.58 -38.24
N VAL A 898 44.95 -16.15 -37.27
CA VAL A 898 46.24 -16.74 -37.54
C VAL A 898 46.06 -18.03 -38.34
N THR A 899 47.00 -18.32 -39.22
CA THR A 899 46.96 -19.55 -40.00
C THR A 899 47.12 -20.75 -39.07
N GLN A 900 46.52 -21.88 -39.48
CA GLN A 900 46.51 -23.04 -38.60
C GLN A 900 47.90 -23.63 -38.39
N ASN A 901 48.81 -23.41 -39.35
CA ASN A 901 50.14 -24.03 -39.24
C ASN A 901 50.86 -23.58 -37.98
N VAL A 902 50.68 -22.31 -37.59
CA VAL A 902 51.35 -21.78 -36.40
C VAL A 902 50.99 -22.56 -35.15
N LEU A 903 49.93 -23.36 -35.19
CA LEU A 903 49.66 -24.28 -34.10
C LEU A 903 50.58 -25.49 -34.18
N TYR A 904 50.50 -26.23 -35.30
CA TYR A 904 51.24 -27.49 -35.41
C TYR A 904 52.75 -27.29 -35.31
N GLU A 905 53.25 -26.11 -35.65
CA GLU A 905 54.68 -25.87 -35.57
C GLU A 905 55.17 -25.87 -34.12
N ASN A 906 54.29 -25.53 -33.16
CA ASN A 906 54.68 -25.53 -31.76
C ASN A 906 53.56 -26.06 -30.87
N GLN A 907 52.79 -27.03 -31.39
CA GLN A 907 51.61 -27.52 -30.67
C GLN A 907 51.94 -27.90 -29.24
N LYS A 908 53.02 -28.69 -29.06
CA LYS A 908 53.40 -29.12 -27.73
C LYS A 908 53.49 -27.95 -26.77
N LEU A 909 54.22 -26.90 -27.16
CA LEU A 909 54.34 -25.73 -26.31
C LEU A 909 52.97 -25.21 -25.91
N ILE A 910 52.08 -25.02 -26.89
CA ILE A 910 50.75 -24.51 -26.61
C ILE A 910 50.07 -25.38 -25.57
N ALA A 911 50.16 -26.71 -25.75
CA ALA A 911 49.54 -27.63 -24.81
C ALA A 911 49.99 -27.30 -23.40
N ASN A 912 51.31 -27.22 -23.19
CA ASN A 912 51.82 -26.91 -21.85
C ASN A 912 51.22 -25.62 -21.35
N GLN A 913 51.25 -24.58 -22.18
CA GLN A 913 50.67 -23.30 -21.79
C GLN A 913 49.23 -23.49 -21.35
N PHE A 914 48.44 -24.18 -22.17
CA PHE A 914 47.04 -24.42 -21.82
C PHE A 914 46.96 -25.06 -20.45
N ASN A 915 47.71 -26.14 -20.24
CA ASN A 915 47.68 -26.81 -18.95
C ASN A 915 48.00 -25.85 -17.82
N SER A 916 49.05 -25.06 -18.00
CA SER A 916 49.45 -24.12 -16.96
C SER A 916 48.31 -23.19 -16.61
N ALA A 917 47.60 -22.68 -17.63
CA ALA A 917 46.49 -21.79 -17.37
C ALA A 917 45.43 -22.50 -16.53
N ILE A 918 45.07 -23.73 -16.92
CA ILE A 918 44.06 -24.47 -16.16
C ILE A 918 44.57 -24.74 -14.76
N GLY A 919 45.88 -24.81 -14.58
CA GLY A 919 46.40 -25.04 -13.25
C GLY A 919 46.42 -23.83 -12.35
N LYS A 920 46.05 -22.65 -12.85
CA LYS A 920 46.14 -21.44 -12.04
C LYS A 920 44.80 -21.03 -11.45
N ILE A 921 43.71 -21.15 -12.20
CA ILE A 921 42.42 -20.64 -11.74
C ILE A 921 41.99 -21.30 -10.44
N GLN A 922 42.34 -22.57 -10.25
CA GLN A 922 42.05 -23.23 -8.97
C GLN A 922 42.63 -22.41 -7.82
N ASP A 923 43.93 -22.09 -7.91
CA ASP A 923 44.52 -21.19 -6.93
C ASP A 923 43.84 -19.83 -6.96
N SER A 924 43.54 -19.33 -8.16
CA SER A 924 42.82 -18.07 -8.28
C SER A 924 41.42 -18.17 -7.71
N LEU A 925 40.88 -19.39 -7.59
CA LEU A 925 39.60 -19.59 -6.92
C LEU A 925 39.77 -20.05 -5.48
N SER A 926 40.99 -20.34 -5.04
CA SER A 926 41.24 -20.75 -3.66
C SER A 926 41.64 -19.58 -2.77
N SER A 927 41.66 -18.37 -3.30
CA SER A 927 42.03 -17.20 -2.51
C SER A 927 40.80 -16.45 -2.02
N ALA A 931 36.20 -13.08 -6.17
CA ALA A 931 35.95 -14.49 -5.92
C ALA A 931 34.56 -14.90 -6.40
N LEU A 932 33.73 -15.35 -5.46
CA LEU A 932 32.35 -15.76 -5.73
C LEU A 932 31.37 -14.67 -5.36
N GLY A 933 31.75 -13.41 -5.59
CA GLY A 933 31.00 -12.30 -5.04
C GLY A 933 29.56 -12.26 -5.51
N LYS A 934 29.30 -12.57 -6.77
CA LYS A 934 27.94 -12.49 -7.29
C LYS A 934 27.03 -13.53 -6.65
N LEU A 935 27.48 -14.78 -6.64
CA LEU A 935 26.66 -15.86 -6.07
C LEU A 935 26.42 -15.64 -4.58
N GLN A 936 27.50 -15.32 -3.85
CA GLN A 936 27.37 -15.08 -2.41
C GLN A 936 26.48 -13.88 -2.14
N ASP A 937 26.59 -12.83 -2.96
CA ASP A 937 25.75 -11.66 -2.77
C ASP A 937 24.29 -11.97 -3.00
N VAL A 938 23.99 -12.77 -4.04
CA VAL A 938 22.61 -13.15 -4.29
C VAL A 938 22.04 -13.95 -3.12
N VAL A 939 22.81 -14.93 -2.65
CA VAL A 939 22.34 -15.77 -1.54
C VAL A 939 22.14 -14.92 -0.29
N ASN A 940 23.09 -14.04 0.01
CA ASN A 940 22.99 -13.20 1.20
C ASN A 940 21.80 -12.26 1.11
N GLN A 941 21.56 -11.67 -0.07
CA GLN A 941 20.43 -10.76 -0.23
C GLN A 941 19.13 -11.50 0.00
N ASN A 942 18.99 -12.70 -0.58
CA ASN A 942 17.74 -13.45 -0.40
C ASN A 942 17.55 -13.84 1.06
N ALA A 943 18.60 -14.35 1.70
CA ALA A 943 18.48 -14.76 3.10
C ALA A 943 18.16 -13.58 4.00
N GLN A 944 18.79 -12.43 3.75
CA GLN A 944 18.56 -11.26 4.59
C GLN A 944 17.16 -10.70 4.39
N ALA A 945 16.66 -10.70 3.15
CA ALA A 945 15.29 -10.26 2.92
C ALA A 945 14.30 -11.19 3.61
N LEU A 946 14.52 -12.50 3.54
CA LEU A 946 13.63 -13.43 4.23
C LEU A 946 13.69 -13.23 5.75
N ASN A 947 14.89 -13.02 6.28
CA ASN A 947 15.03 -12.81 7.71
C ASN A 947 14.35 -11.52 8.16
N THR A 948 14.49 -10.44 7.38
CA THR A 948 13.84 -9.19 7.75
C THR A 948 12.33 -9.24 7.54
N LEU A 949 11.84 -10.15 6.70
CA LEU A 949 10.40 -10.38 6.64
C LEU A 949 9.92 -11.13 7.88
N VAL A 950 10.65 -12.16 8.30
CA VAL A 950 10.24 -12.94 9.46
C VAL A 950 10.32 -12.10 10.73
N LYS A 951 11.36 -11.29 10.88
CA LYS A 951 11.56 -10.51 12.08
C LYS A 951 10.45 -9.49 12.30
N GLN A 952 9.77 -9.07 11.23
CA GLN A 952 8.73 -8.05 11.34
C GLN A 952 7.53 -8.51 12.15
N LEU A 953 7.42 -9.81 12.44
CA LEU A 953 6.31 -10.31 13.24
C LEU A 953 6.31 -9.77 14.66
N SER A 954 7.45 -9.30 15.16
CA SER A 954 7.56 -8.86 16.54
C SER A 954 7.20 -7.40 16.75
N SER A 955 6.89 -6.66 15.68
CA SER A 955 6.59 -5.24 15.82
C SER A 955 5.12 -5.05 16.19
N ASN A 956 4.86 -3.98 16.94
CA ASN A 956 3.51 -3.71 17.43
C ASN A 956 2.60 -3.15 16.34
N PHE A 957 3.15 -2.37 15.41
CA PHE A 957 2.38 -1.66 14.39
C PHE A 957 1.33 -0.74 14.98
N GLY A 958 1.56 -0.27 16.21
CA GLY A 958 0.60 0.60 16.87
C GLY A 958 -0.47 -0.12 17.66
N ALA A 959 -0.36 -1.43 17.84
CA ALA A 959 -1.34 -2.20 18.59
C ALA A 959 -0.87 -2.39 20.04
N ILE A 960 -1.71 -3.06 20.83
CA ILE A 960 -1.35 -3.33 22.22
C ILE A 960 -0.15 -4.27 22.28
N SER A 961 -0.16 -5.32 21.48
CA SER A 961 0.91 -6.31 21.50
C SER A 961 1.11 -6.87 20.11
N SER A 962 2.23 -7.55 19.93
CA SER A 962 2.60 -8.14 18.64
C SER A 962 2.14 -9.58 18.50
N VAL A 963 1.39 -10.11 19.48
CA VAL A 963 0.93 -11.49 19.46
C VAL A 963 -0.59 -11.50 19.42
N LEU A 964 -1.15 -12.25 18.48
CA LEU A 964 -2.60 -12.32 18.34
C LEU A 964 -3.24 -12.95 19.57
N ASN A 965 -2.62 -13.99 20.13
CA ASN A 965 -3.18 -14.66 21.29
C ASN A 965 -3.27 -13.73 22.48
N ASP A 966 -2.22 -12.94 22.73
CA ASP A 966 -2.21 -12.03 23.88
C ASP A 966 -3.29 -10.97 23.74
N ILE A 967 -3.39 -10.34 22.56
CA ILE A 967 -4.37 -9.28 22.39
C ILE A 967 -5.78 -9.84 22.41
N LEU A 968 -5.97 -11.08 21.95
CA LEU A 968 -7.29 -11.69 22.00
C LEU A 968 -7.70 -12.03 23.43
N SER A 969 -6.75 -12.56 24.22
CA SER A 969 -7.08 -12.94 25.59
C SER A 969 -7.27 -11.72 26.48
N ARG A 970 -6.38 -10.73 26.38
CA ARG A 970 -6.45 -9.59 27.29
C ARG A 970 -7.66 -8.71 26.99
N LEU A 971 -7.98 -8.51 25.72
CA LEU A 971 -9.05 -7.60 25.33
C LEU A 971 -10.29 -8.37 24.92
N ASP A 972 -11.45 -7.74 25.11
CA ASP A 972 -12.72 -8.35 24.75
C ASP A 972 -12.85 -8.44 23.22
N PRO A 973 -13.64 -9.37 22.73
CA PRO A 973 -13.81 -9.54 21.27
C PRO A 973 -14.19 -8.25 20.57
N PRO A 974 -15.28 -7.56 20.95
CA PRO A 974 -15.74 -6.43 20.13
C PRO A 974 -14.81 -5.23 20.15
N GLU A 975 -13.91 -5.14 21.13
CA GLU A 975 -12.96 -4.04 21.20
C GLU A 975 -11.55 -4.47 20.83
N ALA A 976 -11.37 -5.70 20.33
CA ALA A 976 -10.07 -6.16 19.88
C ALA A 976 -9.91 -6.15 18.37
N GLU A 977 -11.01 -6.15 17.62
CA GLU A 977 -10.92 -6.07 16.16
C GLU A 977 -10.31 -4.75 15.72
N VAL A 978 -10.65 -3.66 16.41
CA VAL A 978 -10.12 -2.34 16.08
C VAL A 978 -8.60 -2.32 16.24
N GLN A 979 -8.06 -3.18 17.12
CA GLN A 979 -6.62 -3.27 17.30
C GLN A 979 -5.99 -4.41 16.53
N ILE A 980 -6.74 -5.49 16.26
CA ILE A 980 -6.21 -6.57 15.44
C ILE A 980 -6.05 -6.12 13.99
N ASP A 981 -6.94 -5.26 13.50
CA ASP A 981 -6.87 -4.87 12.10
C ASP A 981 -5.61 -4.04 11.80
N ARG A 982 -5.13 -3.25 12.76
CA ARG A 982 -3.88 -2.53 12.55
C ARG A 982 -2.71 -3.50 12.37
N LEU A 983 -2.66 -4.53 13.21
CA LEU A 983 -1.62 -5.54 13.07
C LEU A 983 -1.74 -6.28 11.74
N ILE A 984 -2.99 -6.55 11.32
CA ILE A 984 -3.21 -7.20 10.04
C ILE A 984 -2.68 -6.34 8.90
N THR A 985 -2.98 -5.03 8.94
CA THR A 985 -2.50 -4.13 7.91
C THR A 985 -0.99 -4.05 7.89
N GLY A 986 -0.37 -4.00 9.07
CA GLY A 986 1.09 -3.96 9.12
C GLY A 986 1.73 -5.21 8.55
N ARG A 987 1.23 -6.38 8.95
CA ARG A 987 1.78 -7.63 8.41
C ARG A 987 1.56 -7.72 6.91
N LEU A 988 0.39 -7.32 6.43
CA LEU A 988 0.12 -7.37 5.00
C LEU A 988 1.04 -6.43 4.23
N GLN A 989 1.30 -5.24 4.78
CA GLN A 989 2.21 -4.31 4.14
C GLN A 989 3.62 -4.87 4.07
N SER A 990 4.08 -5.50 5.16
CA SER A 990 5.41 -6.09 5.14
C SER A 990 5.51 -7.21 4.11
N LEU A 991 4.49 -8.06 4.04
CA LEU A 991 4.49 -9.15 3.07
C LEU A 991 4.45 -8.61 1.64
N GLN A 992 3.66 -7.56 1.39
CA GLN A 992 3.60 -6.97 0.07
C GLN A 992 4.95 -6.39 -0.33
N THR A 993 5.62 -5.71 0.60
CA THR A 993 6.95 -5.18 0.31
C THR A 993 7.93 -6.30 -0.02
N TYR A 994 7.87 -7.39 0.75
CA TYR A 994 8.76 -8.52 0.46
C TYR A 994 8.49 -9.10 -0.93
N VAL A 995 7.21 -9.24 -1.29
CA VAL A 995 6.87 -9.82 -2.58
C VAL A 995 7.34 -8.92 -3.72
N THR A 996 7.13 -7.59 -3.58
CA THR A 996 7.58 -6.68 -4.63
C THR A 996 9.09 -6.70 -4.78
N GLN A 997 9.82 -6.69 -3.66
CA GLN A 997 11.28 -6.75 -3.74
C GLN A 997 11.73 -8.05 -4.39
N GLN A 998 11.08 -9.16 -4.05
CA GLN A 998 11.44 -10.43 -4.66
C GLN A 998 11.15 -10.42 -6.16
N LEU A 999 10.06 -9.77 -6.57
CA LEU A 999 9.75 -9.68 -8.00
C LEU A 999 10.84 -8.91 -8.74
N ILE A 1000 11.28 -7.79 -8.19
CA ILE A 1000 12.33 -7.01 -8.85
C ILE A 1000 13.63 -7.81 -8.90
N ARG A 1001 13.98 -8.48 -7.79
CA ARG A 1001 15.19 -9.28 -7.76
C ARG A 1001 15.12 -10.43 -8.75
N ALA A 1002 13.93 -11.04 -8.89
CA ALA A 1002 13.76 -12.13 -9.85
C ALA A 1002 13.89 -11.63 -11.28
N ALA A 1003 13.40 -10.42 -11.56
CA ALA A 1003 13.60 -9.85 -12.89
C ALA A 1003 15.08 -9.65 -13.18
N GLU A 1004 15.82 -9.12 -12.22
CA GLU A 1004 17.27 -8.95 -12.41
C GLU A 1004 17.96 -10.30 -12.62
N ILE A 1005 17.58 -11.30 -11.82
CA ILE A 1005 18.19 -12.62 -11.94
C ILE A 1005 17.84 -13.25 -13.28
N ARG A 1006 16.62 -13.02 -13.78
CA ARG A 1006 16.25 -13.55 -15.09
C ARG A 1006 17.04 -12.89 -16.20
N ALA A 1007 17.30 -11.57 -16.08
CA ALA A 1007 18.18 -10.93 -17.06
C ALA A 1007 19.58 -11.54 -17.02
N SER A 1008 20.11 -11.76 -15.82
CA SER A 1008 21.42 -12.38 -15.70
C SER A 1008 21.42 -13.80 -16.28
N ALA A 1009 20.35 -14.55 -16.05
CA ALA A 1009 20.27 -15.91 -16.57
C ALA A 1009 20.16 -15.93 -18.08
N ASN A 1010 19.44 -14.97 -18.66
CA ASN A 1010 19.40 -14.86 -20.11
C ASN A 1010 20.78 -14.54 -20.67
N LEU A 1011 21.51 -13.64 -20.02
CA LEU A 1011 22.88 -13.36 -20.45
C LEU A 1011 23.76 -14.60 -20.35
N ALA A 1012 23.62 -15.35 -19.26
CA ALA A 1012 24.42 -16.58 -19.10
C ALA A 1012 24.06 -17.61 -20.15
N ALA A 1013 22.77 -17.75 -20.47
CA ALA A 1013 22.35 -18.69 -21.51
C ALA A 1013 22.92 -18.28 -22.86
N THR A 1014 22.91 -16.98 -23.17
CA THR A 1014 23.50 -16.52 -24.42
C THR A 1014 24.99 -16.81 -24.46
N LYS A 1015 25.70 -16.57 -23.36
CA LYS A 1015 27.13 -16.85 -23.32
C LYS A 1015 27.40 -18.34 -23.48
N MET A 1016 26.60 -19.19 -22.84
CA MET A 1016 26.78 -20.63 -23.00
C MET A 1016 26.47 -21.08 -24.41
N SER A 1017 25.52 -20.43 -25.07
CA SER A 1017 25.16 -20.84 -26.41
C SER A 1017 26.18 -20.39 -27.44
N GLU A 1018 26.82 -19.24 -27.22
CA GLU A 1018 27.76 -18.72 -28.22
C GLU A 1018 29.20 -19.11 -27.93
N CYS A 1019 29.69 -18.82 -26.73
CA CYS A 1019 31.09 -19.09 -26.42
C CYS A 1019 31.38 -20.58 -26.38
N VAL A 1020 30.46 -21.38 -25.83
CA VAL A 1020 30.72 -22.81 -25.68
C VAL A 1020 30.45 -23.55 -26.98
N LEU A 1021 29.20 -23.50 -27.45
CA LEU A 1021 28.80 -24.28 -28.62
C LEU A 1021 29.46 -23.81 -29.90
N GLY A 1022 30.12 -22.66 -29.90
CA GLY A 1022 30.78 -22.17 -31.09
C GLY A 1022 31.84 -21.16 -30.73
N GLN A 1023 32.32 -20.45 -31.76
CA GLN A 1023 33.32 -19.42 -31.60
C GLN A 1023 32.69 -18.05 -31.87
N SER A 1024 32.89 -17.13 -30.95
CA SER A 1024 32.25 -15.82 -31.01
C SER A 1024 33.25 -14.78 -31.50
N LYS A 1025 32.89 -14.06 -32.55
CA LYS A 1025 33.71 -12.97 -33.06
C LYS A 1025 33.49 -11.67 -32.31
N ARG A 1026 32.54 -11.61 -31.39
CA ARG A 1026 32.32 -10.42 -30.59
C ARG A 1026 33.54 -10.16 -29.71
N VAL A 1027 33.90 -8.88 -29.58
CA VAL A 1027 35.22 -8.55 -29.04
C VAL A 1027 35.34 -8.94 -27.57
N ASP A 1028 34.53 -8.34 -26.72
CA ASP A 1028 34.57 -8.62 -25.28
C ASP A 1028 33.23 -9.23 -24.89
N PHE A 1029 33.06 -10.51 -25.20
CA PHE A 1029 31.88 -11.25 -24.77
C PHE A 1029 32.21 -12.60 -24.16
N CYS A 1030 33.36 -13.19 -24.44
CA CYS A 1030 33.80 -14.45 -23.86
C CYS A 1030 35.26 -14.33 -23.42
N GLY A 1031 35.57 -13.27 -22.69
CA GLY A 1031 36.90 -13.07 -22.14
C GLY A 1031 37.71 -12.08 -22.95
N LYS A 1032 38.70 -11.48 -22.28
CA LYS A 1032 39.55 -10.48 -22.89
C LYS A 1032 40.50 -11.14 -23.89
N GLY A 1033 40.64 -10.53 -25.05
CA GLY A 1033 41.47 -11.06 -26.11
C GLY A 1033 40.66 -11.87 -27.11
N TYR A 1034 41.37 -12.38 -28.11
CA TYR A 1034 40.73 -13.21 -29.13
C TYR A 1034 40.28 -14.52 -28.51
N HIS A 1035 39.05 -14.94 -28.85
CA HIS A 1035 38.42 -16.07 -28.19
C HIS A 1035 38.74 -17.36 -28.92
N LEU A 1036 39.21 -18.36 -28.18
CA LEU A 1036 39.47 -19.69 -28.72
C LEU A 1036 38.33 -20.65 -28.41
N MET A 1037 37.99 -20.80 -27.13
CA MET A 1037 36.89 -21.67 -26.74
C MET A 1037 36.48 -21.34 -25.31
N SER A 1038 35.59 -22.15 -24.75
CA SER A 1038 35.19 -21.96 -23.36
C SER A 1038 34.63 -23.27 -22.82
N PHE A 1039 34.74 -23.42 -21.51
CA PHE A 1039 34.26 -24.62 -20.82
C PHE A 1039 33.32 -24.19 -19.70
N PRO A 1040 32.09 -24.69 -19.67
CA PRO A 1040 31.19 -24.34 -18.56
C PRO A 1040 31.41 -25.25 -17.36
N GLN A 1041 31.08 -24.72 -16.18
CA GLN A 1041 31.10 -25.48 -14.94
C GLN A 1041 29.93 -25.05 -14.08
N SER A 1042 29.38 -26.00 -13.35
CA SER A 1042 28.27 -25.68 -12.46
C SER A 1042 28.79 -24.96 -11.21
N ALA A 1043 27.85 -24.36 -10.49
CA ALA A 1043 28.14 -23.71 -9.22
C ALA A 1043 26.82 -23.56 -8.48
N PRO A 1044 26.85 -23.47 -7.15
CA PRO A 1044 25.57 -23.40 -6.42
C PRO A 1044 24.79 -22.17 -6.81
N HIS A 1045 23.67 -22.39 -7.51
CA HIS A 1045 22.84 -21.32 -8.04
C HIS A 1045 23.63 -20.42 -8.99
N GLY A 1046 24.43 -21.01 -9.87
CA GLY A 1046 25.18 -20.21 -10.82
C GLY A 1046 26.00 -21.08 -11.75
N VAL A 1047 26.63 -20.39 -12.72
CA VAL A 1047 27.46 -21.04 -13.72
C VAL A 1047 28.77 -20.26 -13.84
N VAL A 1048 29.87 -20.99 -13.99
CA VAL A 1048 31.20 -20.41 -14.12
C VAL A 1048 31.77 -20.83 -15.46
N PHE A 1049 32.05 -19.86 -16.32
CA PHE A 1049 32.67 -20.12 -17.61
C PHE A 1049 34.17 -19.91 -17.49
N LEU A 1050 34.94 -20.89 -17.97
CA LEU A 1050 36.38 -20.75 -18.13
C LEU A 1050 36.61 -20.47 -19.62
N HIS A 1051 36.87 -19.21 -19.94
CA HIS A 1051 37.11 -18.81 -21.33
C HIS A 1051 38.58 -18.99 -21.64
N VAL A 1052 38.87 -19.79 -22.67
CA VAL A 1052 40.23 -20.00 -23.15
C VAL A 1052 40.42 -19.06 -24.32
N THR A 1053 41.34 -18.10 -24.16
CA THR A 1053 41.53 -17.03 -25.13
C THR A 1053 43.01 -16.89 -25.45
N TYR A 1054 43.28 -16.21 -26.56
CA TYR A 1054 44.60 -16.09 -27.15
C TYR A 1054 44.98 -14.61 -27.17
N VAL A 1055 46.10 -14.26 -26.56
CA VAL A 1055 46.51 -12.86 -26.56
C VAL A 1055 47.94 -12.72 -27.07
N PRO A 1056 48.20 -11.74 -27.93
CA PRO A 1056 49.55 -11.56 -28.48
C PRO A 1056 50.51 -10.99 -27.44
N ALA A 1057 51.80 -11.18 -27.72
CA ALA A 1057 52.86 -10.69 -26.83
C ALA A 1057 54.18 -10.72 -27.57
N GLN A 1058 55.15 -9.98 -27.03
CA GLN A 1058 56.50 -9.87 -27.58
C GLN A 1058 56.47 -9.34 -29.01
N GLU A 1059 55.99 -8.10 -29.14
CA GLU A 1059 55.83 -7.47 -30.44
C GLU A 1059 57.11 -6.76 -30.87
N LYS A 1060 57.30 -6.68 -32.18
CA LYS A 1060 58.40 -5.97 -32.79
C LYS A 1060 57.85 -4.99 -33.82
N ASN A 1061 58.52 -3.84 -33.95
CA ASN A 1061 58.06 -2.78 -34.82
C ASN A 1061 58.88 -2.75 -36.10
N PHE A 1062 58.20 -2.81 -37.23
CA PHE A 1062 58.79 -2.72 -38.56
C PHE A 1062 58.25 -1.49 -39.28
N THR A 1063 58.79 -1.23 -40.47
CA THR A 1063 58.30 -0.16 -41.33
C THR A 1063 57.50 -0.78 -42.46
N THR A 1064 56.26 -0.33 -42.63
CA THR A 1064 55.31 -0.93 -43.56
C THR A 1064 55.13 -0.05 -44.78
N ALA A 1065 54.26 -0.51 -45.68
CA ALA A 1065 53.90 0.20 -46.90
C ALA A 1065 52.59 -0.37 -47.43
N PRO A 1066 51.63 0.48 -47.80
CA PRO A 1066 50.32 -0.06 -48.21
C PRO A 1066 50.38 -1.02 -49.37
N ALA A 1067 51.28 -0.80 -50.32
CA ALA A 1067 51.43 -1.68 -51.47
C ALA A 1067 52.81 -1.47 -52.07
N ILE A 1068 53.24 -2.42 -52.89
CA ILE A 1068 54.53 -2.31 -53.57
C ILE A 1068 54.31 -2.48 -55.06
N CYS A 1069 54.96 -1.63 -55.85
CA CYS A 1069 54.73 -1.63 -57.29
C CYS A 1069 56.04 -1.79 -58.03
N HIS A 1070 55.96 -2.50 -59.16
CA HIS A 1070 57.09 -2.64 -60.07
C HIS A 1070 56.58 -2.86 -61.48
N ASP A 1071 57.45 -2.59 -62.45
CA ASP A 1071 57.11 -2.57 -63.88
C ASP A 1071 55.73 -1.99 -64.14
N GLY A 1072 55.48 -0.84 -63.51
CA GLY A 1072 54.22 -0.13 -63.70
C GLY A 1072 52.99 -0.91 -63.28
N LYS A 1073 53.09 -1.66 -62.18
CA LYS A 1073 51.96 -2.43 -61.69
C LYS A 1073 52.06 -2.51 -60.17
N ALA A 1074 50.97 -2.18 -59.48
CA ALA A 1074 50.93 -2.25 -58.04
C ALA A 1074 50.67 -3.68 -57.57
N HIS A 1075 50.88 -3.90 -56.28
CA HIS A 1075 50.66 -5.21 -55.68
C HIS A 1075 50.28 -4.99 -54.22
N PHE A 1076 49.12 -5.54 -53.84
CA PHE A 1076 48.56 -5.47 -52.50
C PHE A 1076 48.50 -6.88 -51.92
N PRO A 1077 48.72 -7.04 -50.61
CA PRO A 1077 48.68 -8.39 -50.02
C PRO A 1077 47.30 -9.01 -50.14
N ARG A 1078 47.28 -10.32 -50.38
CA ARG A 1078 46.00 -11.02 -50.44
C ARG A 1078 45.38 -11.13 -49.05
N GLU A 1079 46.18 -11.53 -48.06
CA GLU A 1079 45.72 -11.56 -46.67
C GLU A 1079 46.97 -11.43 -45.79
N GLY A 1080 47.20 -10.25 -45.29
CA GLY A 1080 48.38 -10.01 -44.48
C GLY A 1080 48.80 -8.55 -44.55
N VAL A 1081 50.10 -8.34 -44.41
CA VAL A 1081 50.68 -7.01 -44.30
C VAL A 1081 52.13 -7.06 -44.76
N PHE A 1082 52.63 -5.93 -45.23
CA PHE A 1082 54.01 -5.80 -45.69
C PHE A 1082 54.87 -5.23 -44.56
N VAL A 1083 55.99 -5.89 -44.29
CA VAL A 1083 56.92 -5.47 -43.25
C VAL A 1083 58.32 -5.39 -43.85
N SER A 1084 59.22 -4.77 -43.11
CA SER A 1084 60.60 -4.55 -43.56
C SER A 1084 61.56 -5.23 -42.61
N ASN A 1085 62.36 -6.15 -43.14
CA ASN A 1085 63.44 -6.76 -42.38
C ASN A 1085 64.55 -5.76 -42.08
N GLY A 1086 64.58 -4.64 -42.79
CA GLY A 1086 65.61 -3.64 -42.63
C GLY A 1086 66.22 -3.25 -43.97
N THR A 1087 66.35 -4.23 -44.85
CA THR A 1087 66.85 -3.99 -46.20
C THR A 1087 65.94 -4.68 -47.22
N HIS A 1088 65.26 -5.73 -46.79
CA HIS A 1088 64.35 -6.49 -47.63
C HIS A 1088 62.92 -6.32 -47.14
N TRP A 1089 61.97 -6.58 -48.03
CA TRP A 1089 60.55 -6.48 -47.72
C TRP A 1089 59.95 -7.87 -47.69
N PHE A 1090 59.04 -8.10 -46.77
CA PHE A 1090 58.37 -9.38 -46.59
C PHE A 1090 56.88 -9.16 -46.46
N VAL A 1091 56.11 -10.22 -46.72
CA VAL A 1091 54.67 -10.23 -46.51
C VAL A 1091 54.37 -11.29 -45.45
N THR A 1092 53.60 -10.91 -44.44
CA THR A 1092 53.35 -11.79 -43.31
C THR A 1092 51.88 -11.69 -42.91
N GLN A 1093 51.43 -12.69 -42.15
CA GLN A 1093 50.06 -12.68 -41.67
C GLN A 1093 49.88 -11.56 -40.64
N ARG A 1094 48.62 -11.30 -40.30
CA ARG A 1094 48.29 -10.10 -39.53
C ARG A 1094 48.78 -10.21 -38.09
N ASN A 1095 48.34 -11.24 -37.37
CA ASN A 1095 48.65 -11.32 -35.94
C ASN A 1095 50.04 -11.90 -35.70
N PHE A 1096 50.25 -13.16 -36.07
CA PHE A 1096 51.55 -13.77 -35.85
C PHE A 1096 52.56 -13.24 -36.86
N TYR A 1097 53.84 -13.31 -36.49
CA TYR A 1097 54.92 -12.86 -37.34
C TYR A 1097 55.54 -14.07 -38.04
N GLU A 1098 55.43 -14.10 -39.37
CA GLU A 1098 55.96 -15.20 -40.17
C GLU A 1098 56.33 -14.65 -41.54
N PRO A 1099 57.57 -14.20 -41.72
CA PRO A 1099 57.94 -13.57 -42.98
C PRO A 1099 57.89 -14.55 -44.14
N GLN A 1100 57.53 -14.03 -45.31
CA GLN A 1100 57.48 -14.82 -46.53
C GLN A 1100 57.92 -13.95 -47.69
N ILE A 1101 58.50 -14.59 -48.72
CA ILE A 1101 58.93 -13.86 -49.90
C ILE A 1101 57.71 -13.37 -50.66
N ILE A 1102 57.74 -12.11 -51.09
CA ILE A 1102 56.58 -11.52 -51.77
C ILE A 1102 56.50 -12.08 -53.18
N THR A 1103 55.64 -13.06 -53.38
CA THR A 1103 55.41 -13.66 -54.69
C THR A 1103 54.05 -13.24 -55.22
N THR A 1104 53.79 -13.60 -56.47
CA THR A 1104 52.50 -13.28 -57.08
C THR A 1104 51.36 -14.09 -56.46
N ASP A 1105 51.67 -15.12 -55.67
CA ASP A 1105 50.61 -15.88 -55.00
C ASP A 1105 50.06 -15.09 -53.82
N ASN A 1106 50.92 -14.44 -53.05
CA ASN A 1106 50.49 -13.73 -51.85
C ASN A 1106 49.90 -12.36 -52.14
N THR A 1107 50.06 -11.83 -53.35
CA THR A 1107 49.63 -10.48 -53.68
C THR A 1107 48.76 -10.50 -54.93
N PHE A 1108 47.94 -9.45 -55.05
CA PHE A 1108 47.14 -9.23 -56.25
C PHE A 1108 47.40 -7.83 -56.78
N VAL A 1109 47.23 -7.67 -58.08
CA VAL A 1109 47.60 -6.45 -58.79
C VAL A 1109 46.36 -5.63 -59.09
N SER A 1110 46.45 -4.32 -58.85
CA SER A 1110 45.36 -3.41 -59.19
C SER A 1110 45.93 -2.00 -59.26
N GLY A 1111 45.90 -1.41 -60.45
CA GLY A 1111 46.39 -0.06 -60.65
C GLY A 1111 47.78 -0.02 -61.24
N ASN A 1112 48.36 1.18 -61.19
CA ASN A 1112 49.71 1.41 -61.73
C ASN A 1112 50.57 2.19 -60.75
N CYS A 1113 50.24 2.17 -59.47
CA CYS A 1113 50.99 2.84 -58.40
C CYS A 1113 51.26 4.31 -58.73
N ASP A 1114 50.27 4.95 -59.33
CA ASP A 1114 50.28 6.40 -59.51
C ASP A 1114 49.25 7.11 -58.64
N VAL A 1115 48.35 6.37 -58.01
CA VAL A 1115 47.34 6.95 -57.14
C VAL A 1115 47.54 6.57 -55.68
N VAL A 1116 48.11 5.39 -55.41
CA VAL A 1116 48.36 4.99 -54.03
C VAL A 1116 49.50 5.82 -53.46
N ILE A 1117 49.29 6.37 -52.27
CA ILE A 1117 50.32 7.13 -51.58
C ILE A 1117 51.02 6.23 -50.57
N GLY A 1118 52.34 6.21 -50.61
CA GLY A 1118 53.12 5.30 -49.79
C GLY A 1118 53.69 4.10 -50.53
N ILE A 1119 53.59 4.08 -51.86
CA ILE A 1119 54.11 2.96 -52.63
C ILE A 1119 55.61 2.85 -52.42
N VAL A 1120 56.10 1.63 -52.19
CA VAL A 1120 57.52 1.36 -52.02
C VAL A 1120 57.97 0.43 -53.12
N ASN A 1121 59.04 0.80 -53.82
CA ASN A 1121 59.57 -0.02 -54.90
C ASN A 1121 60.17 -1.31 -54.36
N ASN A 1122 59.90 -2.41 -55.06
CA ASN A 1122 60.47 -3.71 -54.75
C ASN A 1122 60.14 -4.65 -55.90
N THR A 1123 60.65 -5.88 -55.80
CA THR A 1123 60.44 -6.90 -56.82
C THR A 1123 59.58 -8.01 -56.25
N VAL A 1124 58.70 -8.56 -57.11
CA VAL A 1124 57.80 -9.63 -56.73
C VAL A 1124 58.22 -10.88 -57.50
N TYR A 1125 58.54 -11.94 -56.76
CA TYR A 1125 59.01 -13.16 -57.39
C TYR A 1125 57.90 -13.85 -58.17
N ASP A 1126 58.25 -14.43 -59.31
CA ASP A 1126 57.34 -15.21 -60.13
C ASP A 1126 57.74 -16.67 -60.07
N PRO A 1127 56.89 -17.56 -59.54
CA PRO A 1127 57.27 -18.98 -59.47
C PRO A 1127 57.48 -19.62 -60.84
N LEU A 1128 56.93 -19.05 -61.90
CA LEU A 1128 57.08 -19.61 -63.24
C LEU A 1128 58.46 -19.33 -63.83
N GLN A 1129 59.15 -18.30 -63.36
CA GLN A 1129 60.44 -17.92 -63.96
C GLN A 1129 61.50 -19.01 -63.86
N PRO A 1130 61.73 -19.68 -62.72
CA PRO A 1130 62.80 -20.68 -62.67
C PRO A 1130 62.58 -21.86 -63.61
N GLU A 1131 61.34 -22.16 -63.99
CA GLU A 1131 61.09 -23.26 -64.91
C GLU A 1131 61.67 -22.97 -66.30
N LEU A 1132 61.59 -21.71 -66.74
CA LEU A 1132 62.12 -21.35 -68.06
C LEU A 1132 63.63 -21.54 -68.12
N ASP A 1133 64.34 -21.17 -67.06
CA ASP A 1133 65.79 -21.29 -67.03
C ASP A 1133 66.22 -22.76 -66.98
N GLN B 1 -36.67 70.07 6.24
CA GLN B 1 -35.39 69.40 6.44
C GLN B 1 -34.87 68.78 5.14
N CYS B 2 -35.75 68.07 4.44
CA CYS B 2 -35.42 67.42 3.19
C CYS B 2 -36.46 67.75 2.13
N VAL B 3 -36.02 67.84 0.89
CA VAL B 3 -36.87 68.17 -0.24
C VAL B 3 -36.81 67.02 -1.25
N ASN B 4 -37.97 66.55 -1.69
CA ASN B 4 -38.07 65.46 -2.64
C ASN B 4 -38.05 66.02 -4.06
N LEU B 5 -37.10 65.54 -4.86
CA LEU B 5 -36.97 65.97 -6.26
C LEU B 5 -36.68 64.73 -7.10
N THR B 6 -37.71 64.24 -7.79
CA THR B 6 -37.59 63.06 -8.63
C THR B 6 -37.42 63.45 -10.10
N THR B 7 -37.06 62.46 -10.91
CA THR B 7 -36.84 62.67 -12.34
C THR B 7 -37.53 61.57 -13.13
N ARG B 8 -37.77 61.86 -14.41
CA ARG B 8 -38.48 60.94 -15.29
C ARG B 8 -37.59 60.34 -16.38
N THR B 9 -36.35 60.81 -16.52
CA THR B 9 -35.47 60.34 -17.58
C THR B 9 -34.71 59.11 -17.12
N GLN B 10 -34.71 58.07 -17.95
CA GLN B 10 -34.01 56.83 -17.68
C GLN B 10 -33.10 56.49 -18.84
N LEU B 11 -31.81 56.16 -18.53
CA LEU B 11 -30.82 55.85 -19.55
C LEU B 11 -30.88 54.37 -19.94
N PRO B 12 -30.55 54.05 -21.18
CA PRO B 12 -30.56 52.64 -21.61
C PRO B 12 -29.34 51.91 -21.10
N PRO B 13 -29.43 50.58 -20.95
CA PRO B 13 -28.29 49.80 -20.49
C PRO B 13 -27.32 49.48 -21.62
N ALA B 14 -26.14 49.00 -21.23
CA ALA B 14 -25.11 48.61 -22.18
C ALA B 14 -24.21 47.56 -21.55
N TYR B 15 -23.51 46.81 -22.39
CA TYR B 15 -22.62 45.75 -21.94
C TYR B 15 -21.37 45.74 -22.80
N THR B 16 -20.29 45.19 -22.24
CA THR B 16 -19.04 45.02 -22.96
C THR B 16 -18.38 43.75 -22.45
N ASN B 17 -17.15 43.50 -22.90
CA ASN B 17 -16.44 42.27 -22.56
C ASN B 17 -15.12 42.59 -21.88
N SER B 18 -14.91 42.01 -20.70
CA SER B 18 -13.63 42.09 -20.03
C SER B 18 -12.63 41.19 -20.74
N PHE B 19 -11.35 41.59 -20.69
CA PHE B 19 -10.31 40.89 -21.45
C PHE B 19 -9.38 40.10 -20.54
N THR B 20 -8.71 40.78 -19.60
CA THR B 20 -7.73 40.10 -18.76
C THR B 20 -7.77 40.51 -17.29
N ARG B 21 -8.27 41.70 -16.95
CA ARG B 21 -8.14 42.23 -15.60
C ARG B 21 -8.99 41.43 -14.62
N GLY B 22 -8.61 41.51 -13.35
CA GLY B 22 -9.35 40.85 -12.29
C GLY B 22 -8.58 39.78 -11.55
N VAL B 23 -7.27 39.94 -11.44
CA VAL B 23 -6.40 38.96 -10.78
C VAL B 23 -5.86 39.57 -9.50
N TYR B 24 -6.10 38.91 -8.38
CA TYR B 24 -5.67 39.37 -7.07
C TYR B 24 -4.93 38.26 -6.36
N TYR B 25 -4.07 38.64 -5.41
CA TYR B 25 -3.35 37.66 -4.62
C TYR B 25 -4.32 36.93 -3.72
N PRO B 26 -4.43 35.60 -3.81
CA PRO B 26 -5.40 34.86 -2.99
C PRO B 26 -4.92 34.50 -1.60
N ASP B 27 -3.70 34.90 -1.22
CA ASP B 27 -3.18 34.59 0.09
C ASP B 27 -2.19 35.68 0.51
N LYS B 28 -1.88 35.70 1.79
CA LYS B 28 -0.96 36.68 2.36
C LYS B 28 0.49 36.18 2.39
N VAL B 29 0.79 35.11 1.67
CA VAL B 29 2.13 34.54 1.66
C VAL B 29 2.88 35.07 0.44
N PHE B 30 4.20 34.89 0.46
CA PHE B 30 5.08 35.36 -0.59
C PHE B 30 5.72 34.17 -1.30
N ARG B 31 5.55 34.10 -2.61
CA ARG B 31 6.13 33.04 -3.43
C ARG B 31 6.79 33.65 -4.65
N SER B 32 7.98 33.17 -4.99
CA SER B 32 8.76 33.68 -6.11
C SER B 32 9.09 32.56 -7.08
N SER B 33 8.90 32.82 -8.37
CA SER B 33 9.12 31.86 -9.45
C SER B 33 8.43 30.53 -9.14
N VAL B 34 7.14 30.62 -8.82
CA VAL B 34 6.33 29.46 -8.46
C VAL B 34 5.07 29.48 -9.32
N LEU B 35 4.60 28.28 -9.67
CA LEU B 35 3.40 28.14 -10.50
C LEU B 35 2.27 27.54 -9.67
N HIS B 36 2.07 28.06 -8.46
CA HIS B 36 1.02 27.57 -7.59
C HIS B 36 -0.34 27.74 -8.26
N SER B 37 -1.14 26.67 -8.24
CA SER B 37 -2.50 26.67 -8.74
C SER B 37 -3.46 26.76 -7.56
N THR B 38 -4.30 27.80 -7.56
CA THR B 38 -5.16 28.10 -6.43
C THR B 38 -6.63 28.04 -6.85
N GLN B 39 -7.45 27.43 -6.02
CA GLN B 39 -8.90 27.40 -6.22
C GLN B 39 -9.52 28.51 -5.37
N ASP B 40 -10.30 29.37 -6.00
CA ASP B 40 -10.84 30.54 -5.31
C ASP B 40 -12.01 31.10 -6.11
N LEU B 41 -12.65 32.12 -5.53
CA LEU B 41 -13.79 32.80 -6.16
C LEU B 41 -13.25 33.90 -7.07
N PHE B 42 -12.72 33.46 -8.22
CA PHE B 42 -12.18 34.38 -9.22
C PHE B 42 -13.28 34.78 -10.19
N LEU B 43 -12.91 35.42 -11.30
CA LEU B 43 -13.83 35.67 -12.39
C LEU B 43 -13.22 35.19 -13.69
N PRO B 44 -14.03 34.71 -14.62
CA PRO B 44 -13.48 34.19 -15.88
C PRO B 44 -12.79 35.29 -16.67
N PHE B 45 -11.76 34.90 -17.40
CA PHE B 45 -10.97 35.88 -18.16
C PHE B 45 -11.81 36.56 -19.23
N PHE B 46 -12.63 35.80 -19.94
CA PHE B 46 -13.50 36.34 -20.97
C PHE B 46 -14.92 36.33 -20.43
N SER B 47 -15.38 37.49 -19.95
CA SER B 47 -16.68 37.61 -19.32
C SER B 47 -17.38 38.87 -19.81
N ASN B 48 -18.70 38.87 -19.67
CA ASN B 48 -19.51 40.04 -20.02
C ASN B 48 -19.69 40.91 -18.79
N VAL B 49 -19.40 42.19 -18.94
CA VAL B 49 -19.43 43.15 -17.84
C VAL B 49 -20.38 44.29 -18.21
N THR B 50 -21.22 44.68 -17.27
CA THR B 50 -22.18 45.75 -17.51
C THR B 50 -21.51 47.11 -17.43
N TRP B 51 -21.86 47.99 -18.37
CA TRP B 51 -21.33 49.34 -18.44
C TRP B 51 -22.45 50.33 -18.19
N PHE B 52 -22.26 51.24 -17.24
CA PHE B 52 -23.24 52.27 -16.95
C PHE B 52 -22.60 53.66 -17.04
N HIS B 53 -23.41 54.65 -17.42
CA HIS B 53 -22.97 56.03 -17.54
C HIS B 53 -23.79 56.90 -16.59
N ALA B 54 -23.12 57.79 -15.88
CA ALA B 54 -23.77 58.67 -14.91
C ALA B 54 -24.45 59.86 -15.59
N ILE B 55 -24.78 60.87 -14.78
CA ILE B 55 -25.45 62.07 -15.28
C ILE B 55 -24.75 62.59 -16.53
N HIS B 56 -25.53 62.84 -17.58
CA HIS B 56 -25.03 63.33 -18.85
C HIS B 56 -25.17 64.84 -18.92
N VAL B 57 -24.09 65.52 -19.30
CA VAL B 57 -24.11 66.98 -19.41
C VAL B 57 -24.83 67.40 -20.68
N THR B 63 -31.32 68.84 -21.71
CA THR B 63 -30.04 69.48 -21.38
C THR B 63 -29.27 68.67 -20.34
N LYS B 64 -29.98 68.20 -19.32
CA LYS B 64 -29.38 67.41 -18.26
C LYS B 64 -30.21 66.15 -18.02
N ARG B 65 -29.53 65.08 -17.62
CA ARG B 65 -30.17 63.79 -17.36
C ARG B 65 -29.77 63.30 -15.99
N PHE B 66 -30.75 62.93 -15.18
CA PHE B 66 -30.54 62.48 -13.81
C PHE B 66 -31.07 61.07 -13.66
N ASP B 67 -30.25 60.18 -13.09
CA ASP B 67 -30.64 58.79 -12.91
C ASP B 67 -29.84 58.20 -11.77
N ASN B 68 -30.36 57.09 -11.22
CA ASN B 68 -29.71 56.39 -10.12
C ASN B 68 -30.10 54.91 -10.15
N PRO B 69 -29.24 54.03 -10.66
CA PRO B 69 -29.58 52.62 -10.79
C PRO B 69 -29.15 51.81 -9.56
N VAL B 70 -29.65 50.58 -9.50
CA VAL B 70 -29.31 49.63 -8.45
C VAL B 70 -28.86 48.34 -9.12
N LEU B 71 -27.73 47.80 -8.66
CA LEU B 71 -27.17 46.59 -9.25
C LEU B 71 -27.06 45.49 -8.21
N PRO B 72 -27.34 44.24 -8.59
CA PRO B 72 -27.24 43.14 -7.63
C PRO B 72 -25.80 42.90 -7.20
N PHE B 73 -25.64 42.40 -5.98
CA PHE B 73 -24.31 42.11 -5.43
C PHE B 73 -23.83 40.72 -5.87
N ASN B 74 -24.57 39.68 -5.53
CA ASN B 74 -24.36 38.33 -6.03
C ASN B 74 -22.92 37.86 -5.85
N ASP B 75 -22.52 37.72 -4.58
CA ASP B 75 -21.24 37.13 -4.20
C ASP B 75 -20.11 37.97 -4.82
N GLY B 76 -19.97 39.19 -4.32
CA GLY B 76 -18.86 40.03 -4.70
C GLY B 76 -19.09 40.75 -6.02
N VAL B 77 -18.31 41.81 -6.23
CA VAL B 77 -18.42 42.63 -7.44
C VAL B 77 -17.03 43.07 -7.85
N TYR B 78 -16.71 42.89 -9.13
CA TYR B 78 -15.52 43.47 -9.73
C TYR B 78 -15.89 44.83 -10.30
N PHE B 79 -15.38 45.90 -9.69
CA PHE B 79 -15.77 47.26 -10.00
C PHE B 79 -14.62 47.99 -10.70
N ALA B 80 -14.95 48.77 -11.72
CA ALA B 80 -13.95 49.60 -12.38
C ALA B 80 -14.57 50.96 -12.68
N SER B 81 -13.83 52.03 -12.42
CA SER B 81 -14.37 53.37 -12.62
C SER B 81 -13.24 54.36 -12.83
N THR B 82 -13.58 55.49 -13.44
CA THR B 82 -12.66 56.60 -13.67
C THR B 82 -13.41 57.91 -13.48
N GLU B 83 -13.00 58.68 -12.49
CA GLU B 83 -13.56 60.01 -12.26
C GLU B 83 -12.46 60.97 -11.84
N LYS B 84 -12.67 62.24 -12.14
CA LYS B 84 -11.69 63.28 -11.82
C LYS B 84 -12.26 64.51 -11.15
N SER B 85 -13.57 64.70 -11.17
CA SER B 85 -14.20 65.88 -10.57
C SER B 85 -14.62 65.65 -9.12
N ASN B 86 -14.34 64.47 -8.56
CA ASN B 86 -14.70 64.14 -7.18
C ASN B 86 -16.19 64.24 -6.93
N ILE B 87 -17.01 63.93 -7.94
CA ILE B 87 -18.45 63.97 -7.78
C ILE B 87 -18.90 62.81 -6.89
N ILE B 88 -18.28 61.65 -7.03
CA ILE B 88 -18.65 60.49 -6.21
C ILE B 88 -18.10 60.69 -4.81
N ARG B 89 -18.99 60.83 -3.83
CA ARG B 89 -18.61 61.00 -2.44
C ARG B 89 -18.62 59.70 -1.65
N GLY B 90 -19.57 58.83 -1.91
CA GLY B 90 -19.63 57.58 -1.18
C GLY B 90 -20.83 56.76 -1.61
N TRP B 91 -21.12 55.73 -0.81
CA TRP B 91 -22.22 54.82 -1.07
C TRP B 91 -23.00 54.55 0.21
N ILE B 92 -24.26 54.15 0.01
CA ILE B 92 -25.15 53.73 1.09
C ILE B 92 -25.65 52.34 0.77
N PHE B 93 -25.60 51.45 1.75
CA PHE B 93 -25.98 50.05 1.61
C PHE B 93 -27.08 49.72 2.61
N GLY B 94 -28.09 48.99 2.17
CA GLY B 94 -29.19 48.59 3.03
C GLY B 94 -30.31 47.91 2.28
N THR B 95 -30.87 46.85 2.87
CA THR B 95 -32.00 46.16 2.24
C THR B 95 -33.21 47.08 2.14
N THR B 96 -33.48 47.85 3.19
CA THR B 96 -34.59 48.80 3.19
C THR B 96 -34.16 50.25 3.34
N LEU B 97 -32.95 50.52 3.82
CA LEU B 97 -32.43 51.88 3.95
C LEU B 97 -33.35 52.76 4.81
N ASP B 98 -33.72 52.23 5.98
CA ASP B 98 -34.61 52.95 6.88
C ASP B 98 -34.25 52.55 8.31
N SER B 99 -35.13 52.84 9.26
CA SER B 99 -34.92 52.49 10.65
C SER B 99 -35.26 51.03 10.96
N LYS B 100 -35.82 50.30 10.00
CA LYS B 100 -36.14 48.90 10.24
C LYS B 100 -34.87 48.08 10.49
N THR B 101 -33.83 48.32 9.71
CA THR B 101 -32.55 47.61 9.87
C THR B 101 -31.42 48.62 9.77
N GLN B 102 -30.29 48.26 10.38
CA GLN B 102 -29.12 49.12 10.35
C GLN B 102 -28.60 49.27 8.92
N SER B 103 -28.08 50.45 8.61
CA SER B 103 -27.65 50.79 7.26
C SER B 103 -26.17 51.15 7.26
N LEU B 104 -25.48 50.79 6.18
CA LEU B 104 -24.07 51.07 6.00
C LEU B 104 -23.90 52.34 5.17
N LEU B 105 -22.97 53.19 5.59
CA LEU B 105 -22.66 54.43 4.88
C LEU B 105 -21.15 54.57 4.80
N ILE B 106 -20.61 54.50 3.58
CA ILE B 106 -19.19 54.66 3.34
C ILE B 106 -18.99 55.98 2.62
N VAL B 107 -18.35 56.94 3.28
CA VAL B 107 -18.16 58.28 2.72
C VAL B 107 -16.67 58.60 2.74
N ASN B 108 -16.17 59.14 1.64
CA ASN B 108 -14.79 59.59 1.51
C ASN B 108 -14.81 61.09 1.27
N ASN B 109 -14.11 61.83 2.12
CA ASN B 109 -13.98 63.28 1.99
C ASN B 109 -12.52 63.67 2.13
N ALA B 110 -12.24 64.95 1.92
CA ALA B 110 -10.86 65.42 1.98
C ALA B 110 -10.27 65.25 3.38
N THR B 111 -11.06 65.53 4.42
CA THR B 111 -10.55 65.45 5.78
C THR B 111 -10.25 64.02 6.18
N ASN B 112 -11.18 63.10 5.95
CA ASN B 112 -11.01 61.71 6.37
C ASN B 112 -12.02 60.84 5.61
N VAL B 113 -12.12 59.59 6.03
CA VAL B 113 -13.06 58.62 5.46
C VAL B 113 -13.83 57.99 6.61
N VAL B 114 -15.15 57.97 6.51
CA VAL B 114 -16.03 57.51 7.57
C VAL B 114 -16.86 56.34 7.08
N ILE B 115 -16.85 55.25 7.84
CA ILE B 115 -17.69 54.08 7.58
C ILE B 115 -18.59 53.91 8.79
N LYS B 116 -19.87 54.24 8.63
CA LYS B 116 -20.83 54.21 9.73
C LYS B 116 -21.88 53.14 9.46
N VAL B 117 -21.97 52.17 10.37
CA VAL B 117 -23.01 51.14 10.30
C VAL B 117 -24.02 51.45 11.39
N CYS B 118 -25.07 52.19 11.02
CA CYS B 118 -26.08 52.67 11.95
C CYS B 118 -27.40 52.82 11.23
N GLU B 119 -28.49 52.85 12.01
CA GLU B 119 -29.83 53.02 11.42
C GLU B 119 -30.01 54.47 11.01
N PHE B 120 -30.05 54.73 9.70
CA PHE B 120 -30.24 56.05 9.15
C PHE B 120 -31.54 56.07 8.35
N GLN B 121 -32.34 57.11 8.55
CA GLN B 121 -33.61 57.28 7.83
C GLN B 121 -33.33 58.03 6.54
N PHE B 122 -33.32 57.32 5.43
CA PHE B 122 -33.03 57.90 4.13
C PHE B 122 -34.30 58.37 3.44
N CYS B 123 -34.13 59.24 2.45
CA CYS B 123 -35.22 59.76 1.66
C CYS B 123 -35.32 59.01 0.33
N ASN B 124 -36.30 59.39 -0.48
CA ASN B 124 -36.47 58.76 -1.79
C ASN B 124 -35.27 59.03 -2.70
N ASP B 125 -34.77 60.27 -2.69
CA ASP B 125 -33.64 60.67 -3.52
C ASP B 125 -32.60 61.35 -2.64
N PRO B 126 -31.79 60.58 -1.93
CA PRO B 126 -30.75 61.19 -1.09
C PRO B 126 -29.64 61.81 -1.93
N PHE B 127 -29.08 62.90 -1.42
CA PHE B 127 -27.97 63.58 -2.08
C PHE B 127 -27.25 64.45 -1.07
N LEU B 128 -26.02 64.82 -1.41
CA LEU B 128 -25.17 65.65 -0.56
C LEU B 128 -24.80 66.93 -1.31
N GLY B 129 -24.81 68.04 -0.60
CA GLY B 129 -24.53 69.33 -1.21
C GLY B 129 -23.51 70.12 -0.41
N VAL B 130 -22.73 70.91 -1.15
CA VAL B 130 -21.75 71.82 -0.56
C VAL B 130 -22.03 73.21 -1.07
N TYR B 131 -21.58 74.21 -0.33
CA TYR B 131 -21.79 75.59 -0.72
C TYR B 131 -20.63 76.45 -0.21
N TYR B 132 -20.67 77.74 -0.56
CA TYR B 132 -19.64 78.70 -0.21
C TYR B 132 -20.27 79.85 0.56
N HIS B 133 -19.55 80.37 1.55
CA HIS B 133 -20.05 81.46 2.39
C HIS B 133 -19.23 82.71 2.14
N LYS B 134 -19.92 83.83 1.90
CA LYS B 134 -19.24 85.10 1.70
C LYS B 134 -18.54 85.57 2.98
N ASN B 135 -19.20 85.42 4.12
CA ASN B 135 -18.59 85.85 5.38
C ASN B 135 -17.46 84.92 5.80
N ASN B 136 -17.67 83.60 5.68
CA ASN B 136 -16.63 82.64 6.04
C ASN B 136 -15.51 82.60 5.02
N LYS B 137 -15.77 83.07 3.79
CA LYS B 137 -14.78 83.04 2.71
C LYS B 137 -14.22 81.64 2.48
N SER B 138 -15.11 80.65 2.56
CA SER B 138 -14.71 79.25 2.41
C SER B 138 -15.93 78.43 2.04
N TRP B 139 -15.67 77.16 1.70
CA TRP B 139 -16.71 76.20 1.37
C TRP B 139 -16.97 75.28 2.56
N MET B 140 -18.21 74.82 2.67
CA MET B 140 -18.57 73.82 3.67
C MET B 140 -19.68 72.94 3.13
N GLU B 141 -19.82 71.77 3.74
CA GLU B 141 -20.87 70.80 3.43
C GLU B 141 -21.75 70.64 4.66
N SER B 142 -22.91 71.29 4.65
CA SER B 142 -23.84 71.23 5.77
C SER B 142 -25.22 70.72 5.34
N GLU B 143 -25.35 70.19 4.13
CA GLU B 143 -26.63 69.68 3.64
C GLU B 143 -26.65 68.16 3.83
N PHE B 144 -27.01 67.75 5.04
CA PHE B 144 -27.09 66.32 5.37
C PHE B 144 -28.49 65.79 5.10
N ARG B 145 -28.90 65.91 3.85
CA ARG B 145 -30.23 65.46 3.42
C ARG B 145 -30.28 63.97 3.12
N VAL B 146 -29.14 63.28 3.16
CA VAL B 146 -29.12 61.84 2.91
C VAL B 146 -29.89 61.10 3.99
N TYR B 147 -29.66 61.47 5.25
CA TYR B 147 -30.32 60.83 6.38
C TYR B 147 -30.99 61.89 7.24
N SER B 148 -32.09 61.50 7.87
CA SER B 148 -32.87 62.41 8.72
C SER B 148 -32.62 62.19 10.20
N SER B 149 -32.53 60.94 10.64
CA SER B 149 -32.32 60.63 12.05
C SER B 149 -31.25 59.54 12.18
N ALA B 150 -30.59 59.52 13.34
CA ALA B 150 -29.54 58.55 13.62
C ALA B 150 -29.87 57.87 14.94
N ASN B 151 -30.23 56.59 14.88
CA ASN B 151 -30.58 55.81 16.07
C ASN B 151 -29.95 54.44 15.98
N ASN B 152 -29.83 53.79 17.13
CA ASN B 152 -29.31 52.42 17.24
C ASN B 152 -27.94 52.30 16.56
N CYS B 153 -27.01 53.14 17.01
CA CYS B 153 -25.66 53.13 16.47
C CYS B 153 -24.98 51.81 16.78
N THR B 154 -24.36 51.21 15.76
CA THR B 154 -23.72 49.88 15.93
C THR B 154 -22.21 49.97 15.68
N PHE B 155 -21.78 50.61 14.59
CA PHE B 155 -20.37 50.63 14.26
C PHE B 155 -19.98 51.98 13.68
N GLU B 156 -18.78 52.44 14.01
CA GLU B 156 -18.24 53.69 13.50
C GLU B 156 -16.74 53.53 13.31
N TYR B 157 -16.27 53.72 12.07
CA TYR B 157 -14.86 53.57 11.74
C TYR B 157 -14.38 54.83 11.03
N VAL B 158 -13.24 55.36 11.47
CA VAL B 158 -12.64 56.55 10.89
C VAL B 158 -11.24 56.17 10.40
N SER B 159 -10.96 56.47 9.13
CA SER B 159 -9.67 56.18 8.54
C SER B 159 -9.17 57.37 7.75
N GLN B 160 -7.86 57.43 7.55
CA GLN B 160 -7.28 58.49 6.74
C GLN B 160 -7.68 58.29 5.27
N PRO B 161 -7.88 59.39 4.53
CA PRO B 161 -8.25 59.26 3.13
C PRO B 161 -7.18 58.54 2.32
N PHE B 162 -7.63 57.75 1.34
CA PHE B 162 -6.75 56.94 0.52
C PHE B 162 -7.10 57.11 -0.95
N LEU B 163 -6.09 56.92 -1.80
CA LEU B 163 -6.22 56.98 -3.26
C LEU B 163 -6.78 58.32 -3.71
N MET B 164 -6.19 59.40 -3.19
CA MET B 164 -6.57 60.75 -3.62
C MET B 164 -5.32 61.61 -3.61
N ASP B 165 -4.98 62.17 -4.77
CA ASP B 165 -3.79 63.01 -4.92
C ASP B 165 -4.22 64.40 -5.37
N LEU B 166 -3.68 65.42 -4.72
CA LEU B 166 -3.96 66.82 -5.08
C LEU B 166 -3.04 67.20 -6.23
N GLU B 167 -3.37 66.70 -7.42
CA GLU B 167 -2.59 66.92 -8.63
C GLU B 167 -3.39 67.76 -9.60
N GLY B 168 -2.80 68.86 -10.06
CA GLY B 168 -3.46 69.73 -11.01
C GLY B 168 -2.79 69.73 -12.38
N LYS B 169 -3.45 69.12 -13.36
CA LYS B 169 -2.92 69.04 -14.71
C LYS B 169 -4.07 69.14 -15.70
N GLN B 170 -3.75 69.59 -16.91
CA GLN B 170 -4.72 69.72 -17.99
C GLN B 170 -4.30 68.82 -19.14
N GLY B 171 -5.22 67.98 -19.60
CA GLY B 171 -4.97 67.05 -20.69
C GLY B 171 -5.64 65.73 -20.41
N ASN B 172 -5.25 64.73 -21.20
CA ASN B 172 -5.80 63.38 -21.06
C ASN B 172 -4.99 62.64 -19.99
N PHE B 173 -5.30 62.96 -18.74
CA PHE B 173 -4.64 62.37 -17.57
C PHE B 173 -5.64 61.57 -16.75
N LYS B 174 -6.47 60.78 -17.42
CA LYS B 174 -7.46 59.98 -16.72
C LYS B 174 -6.79 58.91 -15.88
N ASN B 175 -7.33 58.69 -14.67
CA ASN B 175 -6.79 57.74 -13.72
C ASN B 175 -7.81 56.62 -13.52
N LEU B 176 -7.35 55.37 -13.61
CA LEU B 176 -8.22 54.20 -13.53
C LEU B 176 -8.21 53.63 -12.12
N ARG B 177 -9.39 53.41 -11.56
CA ARG B 177 -9.55 52.78 -10.26
C ARG B 177 -10.28 51.46 -10.45
N GLU B 178 -9.71 50.39 -9.92
CA GLU B 178 -10.23 49.03 -10.15
C GLU B 178 -10.20 48.27 -8.83
N PHE B 179 -11.40 47.96 -8.30
CA PHE B 179 -11.57 47.32 -7.01
C PHE B 179 -12.27 45.97 -7.19
N VAL B 180 -12.16 45.14 -6.16
CA VAL B 180 -12.85 43.85 -6.08
C VAL B 180 -13.44 43.74 -4.68
N PHE B 181 -14.74 43.50 -4.60
CA PHE B 181 -15.47 43.42 -3.33
C PHE B 181 -15.87 41.98 -3.07
N LYS B 182 -15.51 41.47 -1.90
CA LYS B 182 -15.91 40.13 -1.47
C LYS B 182 -16.44 40.22 -0.03
N ASN B 183 -17.37 39.31 0.29
CA ASN B 183 -17.97 39.27 1.62
C ASN B 183 -18.17 37.80 1.99
N ILE B 184 -17.29 37.28 2.83
CA ILE B 184 -17.33 35.87 3.23
C ILE B 184 -16.97 35.75 4.71
N ASP B 185 -17.72 34.90 5.42
CA ASP B 185 -17.43 34.54 6.81
C ASP B 185 -17.36 35.77 7.71
N GLY B 186 -18.31 36.69 7.54
CA GLY B 186 -18.31 37.90 8.33
C GLY B 186 -17.18 38.85 8.05
N TYR B 187 -16.43 38.64 6.97
CA TYR B 187 -15.30 39.48 6.60
C TYR B 187 -15.56 40.10 5.24
N PHE B 188 -15.44 41.42 5.16
CA PHE B 188 -15.54 42.15 3.90
C PHE B 188 -14.14 42.50 3.43
N LYS B 189 -13.77 42.00 2.26
CA LYS B 189 -12.44 42.21 1.69
C LYS B 189 -12.56 43.13 0.48
N ILE B 190 -11.78 44.20 0.48
CA ILE B 190 -11.78 45.19 -0.59
C ILE B 190 -10.39 45.17 -1.21
N TYR B 191 -10.22 44.40 -2.28
CA TYR B 191 -8.98 44.43 -3.04
C TYR B 191 -9.01 45.62 -3.99
N SER B 192 -7.84 46.18 -4.28
CA SER B 192 -7.82 47.36 -5.14
C SER B 192 -6.49 47.43 -5.88
N LYS B 193 -6.50 48.16 -6.98
CA LYS B 193 -5.28 48.46 -7.72
C LYS B 193 -5.39 49.82 -8.35
N HIS B 194 -4.50 50.73 -7.95
CA HIS B 194 -4.44 52.09 -8.50
C HIS B 194 -3.38 52.12 -9.58
N THR B 195 -3.81 52.21 -10.84
CA THR B 195 -2.91 52.20 -11.98
C THR B 195 -3.32 53.29 -12.96
N PRO B 196 -2.61 54.42 -12.99
CA PRO B 196 -2.95 55.48 -13.95
C PRO B 196 -2.57 55.11 -15.37
N ILE B 197 -3.57 54.80 -16.19
CA ILE B 197 -3.37 54.43 -17.59
C ILE B 197 -4.28 55.30 -18.44
N ASN B 198 -3.72 55.93 -19.46
CA ASN B 198 -4.48 56.80 -20.37
C ASN B 198 -4.65 56.10 -21.71
N LEU B 199 -5.90 55.92 -22.13
CA LEU B 199 -6.22 55.29 -23.40
C LEU B 199 -7.70 55.55 -23.66
N VAL B 200 -8.06 55.56 -24.95
CA VAL B 200 -9.39 56.02 -25.35
C VAL B 200 -10.47 55.17 -24.71
N ARG B 201 -10.35 53.84 -24.83
CA ARG B 201 -11.28 52.95 -24.17
C ARG B 201 -10.97 52.90 -22.68
N ASP B 202 -12.03 52.89 -21.85
CA ASP B 202 -11.84 52.93 -20.41
C ASP B 202 -11.23 51.65 -19.86
N LEU B 203 -11.45 50.50 -20.52
CA LEU B 203 -10.91 49.23 -20.04
C LEU B 203 -9.63 48.92 -20.80
N PRO B 204 -8.48 48.90 -20.15
CA PRO B 204 -7.21 48.68 -20.86
C PRO B 204 -6.95 47.20 -21.10
N GLN B 205 -5.77 46.92 -21.64
CA GLN B 205 -5.33 45.57 -21.94
C GLN B 205 -4.21 45.07 -21.05
N GLY B 206 -3.33 45.96 -20.58
CA GLY B 206 -2.19 45.57 -19.79
C GLY B 206 -2.54 44.81 -18.52
N PHE B 207 -1.84 43.70 -18.28
CA PHE B 207 -2.10 42.89 -17.10
C PHE B 207 -1.68 43.62 -15.83
N SER B 208 -2.41 43.37 -14.75
CA SER B 208 -2.07 43.92 -13.45
C SER B 208 -2.53 42.95 -12.38
N ALA B 209 -1.88 43.01 -11.22
CA ALA B 209 -2.17 42.15 -10.09
C ALA B 209 -2.61 42.99 -8.91
N LEU B 210 -3.73 42.61 -8.29
CA LEU B 210 -4.30 43.37 -7.19
C LEU B 210 -3.66 42.97 -5.87
N GLU B 211 -3.79 43.87 -4.89
CA GLU B 211 -3.30 43.63 -3.53
C GLU B 211 -4.40 43.91 -2.53
N PRO B 212 -4.40 43.20 -1.40
CA PRO B 212 -5.36 43.51 -0.34
C PRO B 212 -5.14 44.91 0.20
N LEU B 213 -6.24 45.57 0.57
CA LEU B 213 -6.20 46.92 1.11
C LEU B 213 -6.65 46.97 2.57
N VAL B 214 -7.84 46.46 2.86
CA VAL B 214 -8.39 46.44 4.20
C VAL B 214 -9.19 45.14 4.38
N ASP B 215 -9.70 44.94 5.58
CA ASP B 215 -10.54 43.78 5.89
C ASP B 215 -11.45 44.19 7.03
N LEU B 216 -12.75 44.33 6.75
CA LEU B 216 -13.71 44.74 7.77
C LEU B 216 -14.35 43.51 8.39
N PRO B 217 -14.17 43.27 9.69
CA PRO B 217 -14.77 42.08 10.34
C PRO B 217 -16.23 42.32 10.71
N ILE B 218 -17.06 42.51 9.69
CA ILE B 218 -18.49 42.76 9.86
C ILE B 218 -19.27 41.80 8.99
N GLY B 219 -20.27 41.15 9.56
CA GLY B 219 -21.11 40.24 8.80
C GLY B 219 -22.51 40.78 8.57
N ILE B 220 -22.81 41.17 7.33
CA ILE B 220 -24.12 41.71 6.98
C ILE B 220 -24.37 41.43 5.51
N ASN B 221 -25.62 41.10 5.19
CA ASN B 221 -26.04 40.80 3.82
C ASN B 221 -26.78 42.01 3.26
N ILE B 222 -26.27 42.57 2.17
CA ILE B 222 -26.86 43.74 1.52
C ILE B 222 -27.24 43.35 0.10
N THR B 223 -28.46 43.69 -0.29
CA THR B 223 -28.98 43.37 -1.63
C THR B 223 -29.01 44.56 -2.57
N ARG B 224 -29.36 45.75 -2.07
CA ARG B 224 -29.51 46.93 -2.90
C ARG B 224 -28.78 48.11 -2.26
N PHE B 225 -28.03 48.85 -3.09
CA PHE B 225 -27.23 49.97 -2.63
C PHE B 225 -27.45 51.17 -3.54
N GLN B 226 -26.84 52.29 -3.16
CA GLN B 226 -26.91 53.52 -3.92
C GLN B 226 -25.57 54.25 -3.83
N THR B 227 -25.20 54.93 -4.91
CA THR B 227 -24.00 55.76 -4.96
C THR B 227 -24.43 57.21 -5.01
N LEU B 228 -23.96 58.00 -4.04
CA LEU B 228 -24.39 59.38 -3.90
C LEU B 228 -23.58 60.30 -4.80
N LEU B 229 -23.84 61.60 -4.69
CA LEU B 229 -23.18 62.60 -5.52
C LEU B 229 -23.10 63.91 -4.74
N ALA B 230 -22.18 64.77 -5.17
CA ALA B 230 -21.97 66.07 -4.55
C ALA B 230 -22.50 67.16 -5.46
N LEU B 231 -23.34 68.04 -4.92
CA LEU B 231 -23.91 69.15 -5.65
C LEU B 231 -23.31 70.46 -5.15
N HIS B 232 -22.69 71.22 -6.06
CA HIS B 232 -22.08 72.49 -5.73
C HIS B 232 -23.05 73.62 -6.06
N ARG B 233 -23.37 74.44 -5.06
CA ARG B 233 -24.26 75.56 -5.28
C ARG B 233 -23.58 76.62 -6.14
N SER B 234 -24.29 77.09 -7.16
CA SER B 234 -23.77 78.09 -8.09
C SER B 234 -24.71 79.29 -8.11
N TYR B 235 -24.15 80.49 -8.02
CA TYR B 235 -24.91 81.72 -8.04
C TYR B 235 -25.08 82.17 -9.50
N LEU B 236 -26.33 82.26 -9.94
CA LEU B 236 -26.64 82.64 -11.31
C LEU B 236 -27.48 83.91 -11.33
N THR B 237 -27.35 84.67 -12.42
CA THR B 237 -28.10 85.89 -12.57
C THR B 237 -29.60 85.58 -12.75
N PRO B 238 -30.48 86.53 -12.40
CA PRO B 238 -31.91 86.28 -12.59
C PRO B 238 -32.29 86.01 -14.03
N GLY B 239 -31.54 86.53 -15.00
CA GLY B 239 -31.84 86.28 -16.39
C GLY B 239 -31.57 84.86 -16.83
N ASP B 240 -30.71 84.13 -16.11
CA ASP B 240 -30.43 82.74 -16.46
C ASP B 240 -31.67 81.87 -16.27
N SER B 241 -32.34 82.01 -15.12
CA SER B 241 -33.55 81.26 -14.79
C SER B 241 -33.32 79.75 -14.90
N SER B 242 -32.17 79.30 -14.44
CA SER B 242 -31.82 77.88 -14.46
C SER B 242 -31.34 77.47 -13.07
N SER B 243 -31.91 76.38 -12.55
CA SER B 243 -31.55 75.86 -11.24
C SER B 243 -32.16 74.48 -11.09
N GLY B 244 -31.81 73.82 -9.98
CA GLY B 244 -32.40 72.53 -9.66
C GLY B 244 -31.42 71.38 -9.56
N TRP B 245 -30.47 71.31 -10.48
CA TRP B 245 -29.51 70.21 -10.49
C TRP B 245 -28.17 70.71 -11.00
N THR B 246 -27.09 70.35 -10.28
CA THR B 246 -25.73 70.68 -10.66
C THR B 246 -24.83 69.51 -10.30
N ALA B 247 -24.26 68.86 -11.30
CA ALA B 247 -23.41 67.70 -11.09
C ALA B 247 -22.53 67.51 -12.32
N GLY B 248 -21.79 66.40 -12.35
CA GLY B 248 -20.89 66.10 -13.45
C GLY B 248 -21.26 64.83 -14.20
N ALA B 249 -20.26 64.15 -14.77
CA ALA B 249 -20.47 62.94 -15.54
C ALA B 249 -19.50 61.87 -15.09
N ALA B 250 -19.92 60.61 -15.23
CA ALA B 250 -19.10 59.47 -14.84
C ALA B 250 -19.61 58.23 -15.56
N ALA B 251 -18.80 57.17 -15.50
CA ALA B 251 -19.15 55.89 -16.07
C ALA B 251 -18.33 54.81 -15.38
N TYR B 252 -18.87 53.59 -15.38
CA TYR B 252 -18.18 52.50 -14.70
C TYR B 252 -18.60 51.15 -15.26
N TYR B 253 -17.78 50.14 -14.95
CA TYR B 253 -18.00 48.75 -15.33
C TYR B 253 -18.17 47.89 -14.09
N VAL B 254 -19.10 46.95 -14.15
CA VAL B 254 -19.39 46.02 -13.07
C VAL B 254 -19.39 44.61 -13.62
N GLY B 255 -18.66 43.71 -12.95
CA GLY B 255 -18.62 42.31 -13.33
C GLY B 255 -18.78 41.42 -12.11
N TYR B 256 -19.01 40.13 -12.38
CA TYR B 256 -19.28 39.15 -11.35
C TYR B 256 -18.14 38.15 -11.26
N LEU B 257 -18.09 37.43 -10.14
CA LEU B 257 -17.05 36.45 -9.87
C LEU B 257 -17.66 35.05 -9.82
N GLN B 258 -16.97 34.09 -10.43
CA GLN B 258 -17.40 32.71 -10.48
C GLN B 258 -16.27 31.84 -9.95
N PRO B 259 -16.53 30.96 -8.97
CA PRO B 259 -15.42 30.22 -8.34
C PRO B 259 -14.85 29.18 -9.30
N ARG B 260 -13.52 29.13 -9.37
CA ARG B 260 -12.81 28.20 -10.25
C ARG B 260 -11.35 28.20 -9.83
N THR B 261 -10.51 27.53 -10.63
CA THR B 261 -9.10 27.36 -10.35
C THR B 261 -8.27 28.21 -11.31
N PHE B 262 -7.22 28.82 -10.78
CA PHE B 262 -6.31 29.65 -11.56
C PHE B 262 -4.89 29.18 -11.33
N LEU B 263 -4.15 28.93 -12.41
CA LEU B 263 -2.73 28.64 -12.33
C LEU B 263 -1.97 29.96 -12.48
N LEU B 264 -1.29 30.37 -11.43
CA LEU B 264 -0.76 31.73 -11.32
C LEU B 264 0.75 31.71 -11.35
N LYS B 265 1.35 32.59 -12.16
CA LYS B 265 2.79 32.71 -12.27
C LYS B 265 3.27 33.89 -11.45
N TYR B 266 4.14 33.62 -10.48
CA TYR B 266 4.71 34.66 -9.62
C TYR B 266 6.08 35.06 -10.14
N ASN B 267 6.29 36.36 -10.27
CA ASN B 267 7.59 36.87 -10.70
C ASN B 267 8.62 36.69 -9.58
N GLU B 268 9.89 36.83 -9.95
CA GLU B 268 10.96 36.70 -8.96
C GLU B 268 10.87 37.78 -7.88
N ASN B 269 10.27 38.92 -8.20
CA ASN B 269 10.07 39.97 -7.20
C ASN B 269 8.86 39.72 -6.32
N GLY B 270 8.08 38.68 -6.61
CA GLY B 270 6.88 38.37 -5.86
C GLY B 270 5.59 38.83 -6.52
N THR B 271 5.68 39.68 -7.54
CA THR B 271 4.50 40.12 -8.28
C THR B 271 4.05 39.01 -9.23
N ILE B 272 2.96 39.27 -9.95
CA ILE B 272 2.38 38.32 -10.88
C ILE B 272 2.55 38.86 -12.29
N THR B 273 3.29 38.13 -13.12
CA THR B 273 3.47 38.55 -14.50
C THR B 273 2.18 38.37 -15.29
N ASP B 274 1.54 37.21 -15.16
CA ASP B 274 0.26 36.92 -15.78
C ASP B 274 -0.30 35.65 -15.17
N ALA B 275 -1.47 35.23 -15.65
CA ALA B 275 -2.11 34.03 -15.17
C ALA B 275 -2.98 33.46 -16.29
N VAL B 276 -3.31 32.18 -16.16
CA VAL B 276 -4.09 31.46 -17.18
C VAL B 276 -5.27 30.78 -16.50
N ASP B 277 -6.44 30.91 -17.11
CA ASP B 277 -7.65 30.28 -16.59
C ASP B 277 -7.54 28.76 -16.71
N CYS B 278 -8.52 28.07 -16.13
CA CYS B 278 -8.57 26.61 -16.17
C CYS B 278 -9.62 26.07 -17.13
N ALA B 279 -10.83 26.64 -17.13
CA ALA B 279 -11.93 26.13 -17.93
C ALA B 279 -12.26 27.03 -19.12
N LEU B 280 -11.38 27.97 -19.45
CA LEU B 280 -11.64 28.87 -20.58
C LEU B 280 -11.62 28.09 -21.89
N ASP B 281 -10.58 27.30 -22.12
CA ASP B 281 -10.41 26.56 -23.36
C ASP B 281 -9.57 25.32 -23.06
N PRO B 282 -9.66 24.29 -23.91
CA PRO B 282 -8.88 23.07 -23.64
C PRO B 282 -7.38 23.30 -23.55
N LEU B 283 -6.84 24.23 -24.35
CA LEU B 283 -5.42 24.55 -24.23
C LEU B 283 -5.08 25.04 -22.83
N SER B 284 -5.98 25.84 -22.24
CA SER B 284 -5.77 26.27 -20.86
C SER B 284 -5.80 25.09 -19.90
N GLU B 285 -6.67 24.11 -20.17
CA GLU B 285 -6.71 22.91 -19.33
C GLU B 285 -5.40 22.15 -19.40
N THR B 286 -4.83 22.01 -20.60
CA THR B 286 -3.52 21.36 -20.72
C THR B 286 -2.45 22.17 -20.00
N LYS B 287 -2.50 23.50 -20.12
CA LYS B 287 -1.50 24.34 -19.46
C LYS B 287 -1.60 24.20 -17.96
N CYS B 288 -2.80 24.04 -17.41
CA CYS B 288 -2.97 23.89 -15.98
C CYS B 288 -2.57 22.49 -15.52
N THR B 289 -2.88 21.46 -16.30
CA THR B 289 -2.61 20.10 -15.88
C THR B 289 -1.12 19.76 -15.90
N LEU B 290 -0.31 20.52 -16.62
CA LEU B 290 1.14 20.33 -16.62
C LEU B 290 1.87 21.40 -15.81
N LYS B 291 1.15 22.36 -15.24
CA LYS B 291 1.74 23.42 -14.42
C LYS B 291 2.85 24.15 -15.17
N SER B 292 2.60 24.43 -16.45
CA SER B 292 3.59 25.12 -17.28
C SER B 292 2.86 25.99 -18.29
N PHE B 293 3.61 26.93 -18.86
CA PHE B 293 3.06 27.84 -19.86
C PHE B 293 3.46 27.47 -21.28
N THR B 294 4.60 26.82 -21.45
CA THR B 294 5.08 26.38 -22.75
C THR B 294 4.88 24.87 -22.85
N VAL B 295 3.92 24.45 -23.67
CA VAL B 295 3.60 23.05 -23.86
C VAL B 295 4.11 22.62 -25.23
N GLU B 296 4.96 21.60 -25.25
CA GLU B 296 5.46 21.08 -26.51
C GLU B 296 4.38 20.27 -27.22
N LYS B 297 4.60 20.04 -28.51
CA LYS B 297 3.60 19.34 -29.32
C LYS B 297 3.43 17.91 -28.84
N GLY B 298 2.21 17.42 -28.96
CA GLY B 298 1.88 16.08 -28.54
C GLY B 298 0.43 16.02 -28.11
N ILE B 299 0.06 14.85 -27.58
CA ILE B 299 -1.30 14.61 -27.09
C ILE B 299 -1.22 14.48 -25.56
N TYR B 300 -2.02 15.28 -24.87
CA TYR B 300 -2.03 15.32 -23.42
C TYR B 300 -3.42 14.94 -22.90
N GLN B 301 -3.47 14.04 -21.93
CA GLN B 301 -4.72 13.70 -21.27
C GLN B 301 -4.99 14.71 -20.16
N THR B 302 -6.06 15.48 -20.31
CA THR B 302 -6.33 16.58 -19.39
C THR B 302 -7.25 16.16 -18.25
N SER B 303 -8.46 15.72 -18.56
CA SER B 303 -9.44 15.37 -17.55
C SER B 303 -10.38 14.32 -18.11
N ASN B 304 -11.43 14.01 -17.36
CA ASN B 304 -12.45 13.06 -17.79
C ASN B 304 -13.77 13.79 -17.98
N PHE B 305 -14.61 13.23 -18.86
CA PHE B 305 -15.94 13.76 -19.11
C PHE B 305 -16.95 12.65 -18.90
N ARG B 306 -18.10 13.02 -18.33
CA ARG B 306 -19.17 12.10 -18.02
C ARG B 306 -20.51 12.78 -18.31
N VAL B 307 -21.52 11.97 -18.56
CA VAL B 307 -22.87 12.47 -18.78
C VAL B 307 -23.61 12.49 -17.44
N GLN B 308 -24.20 13.64 -17.11
CA GLN B 308 -24.86 13.73 -15.83
C GLN B 308 -26.34 13.35 -15.94
N PRO B 309 -26.89 12.74 -14.89
CA PRO B 309 -28.32 12.41 -14.91
C PRO B 309 -29.19 13.66 -14.86
N THR B 310 -30.39 13.54 -15.41
CA THR B 310 -31.32 14.65 -15.49
C THR B 310 -32.54 14.52 -14.58
N GLU B 311 -32.94 13.30 -14.23
CA GLU B 311 -34.06 13.11 -13.33
C GLU B 311 -33.88 11.79 -12.57
N SER B 312 -34.63 11.65 -11.49
CA SER B 312 -34.61 10.45 -10.66
C SER B 312 -35.91 9.68 -10.83
N ILE B 313 -35.80 8.35 -10.81
CA ILE B 313 -36.93 7.47 -11.02
C ILE B 313 -37.06 6.52 -9.83
N VAL B 314 -38.25 6.47 -9.23
CA VAL B 314 -38.55 5.60 -8.10
C VAL B 314 -40.00 5.15 -8.22
N ARG B 315 -40.25 3.89 -7.92
CA ARG B 315 -41.62 3.38 -7.93
C ARG B 315 -41.80 2.28 -6.90
N PHE B 316 -43.00 2.20 -6.35
CA PHE B 316 -43.39 1.26 -5.31
C PHE B 316 -44.88 0.98 -5.47
N PRO B 317 -45.38 -0.12 -4.91
CA PRO B 317 -46.81 -0.44 -5.08
C PRO B 317 -47.70 0.63 -4.48
N ASN B 318 -48.86 0.86 -5.11
CA ASN B 318 -49.78 1.90 -4.70
C ASN B 318 -50.67 1.51 -3.53
N ILE B 319 -50.64 0.25 -3.10
CA ILE B 319 -51.46 -0.17 -1.96
C ILE B 319 -51.00 0.54 -0.69
N THR B 320 -49.70 0.55 -0.43
CA THR B 320 -49.08 1.25 0.69
C THR B 320 -49.82 1.02 1.99
N ASN B 321 -50.11 -0.25 2.28
CA ASN B 321 -50.79 -0.59 3.52
C ASN B 321 -49.85 -0.38 4.70
N LEU B 322 -50.33 0.34 5.71
CA LEU B 322 -49.50 0.67 6.86
C LEU B 322 -49.28 -0.57 7.73
N CYS B 323 -48.05 -0.69 8.29
CA CYS B 323 -47.84 -1.82 9.18
C CYS B 323 -47.95 -1.39 10.63
N PRO B 324 -48.36 -2.28 11.52
CA PRO B 324 -48.69 -1.87 12.89
C PRO B 324 -47.46 -1.51 13.71
N PHE B 325 -46.76 -0.44 13.34
CA PHE B 325 -45.74 0.10 14.23
C PHE B 325 -46.34 0.55 15.54
N GLY B 326 -47.63 0.92 15.53
CA GLY B 326 -48.31 1.26 16.77
C GLY B 326 -48.62 0.06 17.65
N GLU B 327 -48.68 -1.14 17.06
CA GLU B 327 -48.98 -2.33 17.85
C GLU B 327 -47.93 -2.54 18.93
N VAL B 328 -46.65 -2.40 18.57
CA VAL B 328 -45.57 -2.52 19.55
C VAL B 328 -45.33 -1.24 20.31
N PHE B 329 -46.10 -0.18 20.03
CA PHE B 329 -45.97 1.07 20.75
C PHE B 329 -47.22 1.43 21.56
N ASN B 330 -48.41 1.09 21.07
CA ASN B 330 -49.63 1.31 21.81
C ASN B 330 -49.97 0.17 22.74
N ALA B 331 -49.11 -0.85 22.83
CA ALA B 331 -49.41 -2.02 23.63
C ALA B 331 -49.59 -1.65 25.10
N THR B 332 -50.66 -2.18 25.70
CA THR B 332 -50.94 -1.88 27.10
C THR B 332 -49.96 -2.57 28.03
N ARG B 333 -49.69 -3.85 27.79
CA ARG B 333 -48.81 -4.64 28.64
C ARG B 333 -47.61 -5.13 27.84
N PHE B 334 -46.42 -4.98 28.41
CA PHE B 334 -45.19 -5.47 27.82
C PHE B 334 -44.68 -6.67 28.59
N ALA B 335 -44.12 -7.64 27.88
CA ALA B 335 -43.56 -8.80 28.53
C ALA B 335 -42.32 -8.42 29.33
N SER B 336 -42.02 -9.24 30.33
CA SER B 336 -40.82 -9.02 31.13
C SER B 336 -39.58 -9.31 30.30
N VAL B 337 -38.45 -8.73 30.73
CA VAL B 337 -37.23 -8.81 29.94
C VAL B 337 -36.75 -10.25 29.81
N TYR B 338 -36.99 -11.07 30.83
CA TYR B 338 -36.57 -12.47 30.74
C TYR B 338 -37.33 -13.23 29.68
N ALA B 339 -38.45 -12.71 29.20
CA ALA B 339 -39.28 -13.33 28.19
C ALA B 339 -39.68 -12.31 27.13
N TRP B 340 -38.68 -11.57 26.63
CA TRP B 340 -38.96 -10.43 25.77
C TRP B 340 -39.78 -10.83 24.56
N ASN B 341 -40.82 -10.06 24.28
CA ASN B 341 -41.71 -10.34 23.17
C ASN B 341 -41.15 -9.77 21.87
N ARG B 342 -41.38 -10.48 20.78
CA ARG B 342 -40.88 -10.12 19.47
C ARG B 342 -42.04 -10.01 18.49
N LYS B 343 -42.03 -8.95 17.68
CA LYS B 343 -43.07 -8.74 16.68
C LYS B 343 -42.42 -8.53 15.33
N ARG B 344 -42.82 -9.33 14.34
CA ARG B 344 -42.30 -9.23 13.00
C ARG B 344 -43.05 -8.16 12.22
N ILE B 345 -42.30 -7.37 11.45
CA ILE B 345 -42.88 -6.31 10.61
C ILE B 345 -42.36 -6.51 9.20
N SER B 346 -43.28 -6.67 8.25
CA SER B 346 -42.91 -6.88 6.85
C SER B 346 -44.10 -6.55 5.96
N ASN B 347 -43.82 -6.39 4.67
CA ASN B 347 -44.84 -6.14 3.65
C ASN B 347 -45.72 -4.96 4.04
N CYS B 348 -45.09 -3.80 4.11
CA CYS B 348 -45.76 -2.59 4.57
C CYS B 348 -44.99 -1.37 4.10
N VAL B 349 -45.47 -0.20 4.49
CA VAL B 349 -44.72 1.04 4.44
C VAL B 349 -44.93 1.74 5.77
N ALA B 350 -43.86 2.27 6.34
CA ALA B 350 -43.96 2.90 7.66
C ALA B 350 -42.90 3.98 7.79
N ASP B 351 -43.34 5.22 7.98
CA ASP B 351 -42.41 6.28 8.29
C ASP B 351 -41.86 6.13 9.71
N TYR B 352 -40.70 6.73 9.95
CA TYR B 352 -40.10 6.72 11.27
C TYR B 352 -39.94 8.11 11.85
N SER B 353 -40.43 9.15 11.18
CA SER B 353 -40.44 10.48 11.75
C SER B 353 -41.54 10.68 12.79
N VAL B 354 -42.52 9.77 12.85
CA VAL B 354 -43.56 9.85 13.88
C VAL B 354 -42.95 9.65 15.27
N LEU B 355 -41.91 8.82 15.36
CA LEU B 355 -41.20 8.67 16.63
C LEU B 355 -40.63 10.01 17.08
N TYR B 356 -40.11 10.80 16.14
CA TYR B 356 -39.70 12.16 16.46
C TYR B 356 -40.87 13.01 16.93
N ASN B 357 -42.03 12.88 16.28
CA ASN B 357 -43.18 13.67 16.67
C ASN B 357 -43.61 13.38 18.10
N SER B 358 -43.33 12.17 18.60
CA SER B 358 -43.60 11.88 20.01
C SER B 358 -42.74 12.74 20.91
N ALA B 359 -41.42 12.73 20.68
CA ALA B 359 -40.45 13.47 21.49
C ALA B 359 -40.57 13.15 22.98
N SER B 360 -41.27 12.06 23.32
CA SER B 360 -41.46 11.64 24.70
C SER B 360 -40.47 10.57 25.11
N PHE B 361 -39.56 10.18 24.23
CA PHE B 361 -38.58 9.15 24.55
C PHE B 361 -37.39 9.74 25.28
N SER B 362 -36.95 9.05 26.32
CA SER B 362 -35.74 9.46 27.02
C SER B 362 -34.49 9.19 26.20
N THR B 363 -34.40 8.01 25.58
CA THR B 363 -33.23 7.64 24.79
C THR B 363 -33.69 7.12 23.44
N PHE B 364 -33.23 7.78 22.37
CA PHE B 364 -33.50 7.36 21.00
C PHE B 364 -32.22 6.93 20.30
N LYS B 365 -31.19 6.56 21.06
CA LYS B 365 -29.89 6.26 20.49
C LYS B 365 -29.99 5.12 19.49
N CYS B 366 -29.38 5.30 18.33
CA CYS B 366 -29.42 4.32 17.26
C CYS B 366 -28.00 3.89 16.89
N TYR B 367 -27.91 2.71 16.28
CA TYR B 367 -26.63 2.14 15.88
C TYR B 367 -26.72 1.62 14.46
N GLY B 368 -25.64 1.77 13.71
CA GLY B 368 -25.57 1.26 12.35
C GLY B 368 -26.18 2.17 11.31
N VAL B 369 -27.35 2.74 11.59
CA VAL B 369 -28.04 3.62 10.66
C VAL B 369 -28.47 4.87 11.42
N SER B 370 -27.99 6.03 10.99
CA SER B 370 -28.40 7.28 11.63
C SER B 370 -29.83 7.63 11.23
N PRO B 371 -30.72 7.89 12.19
CA PRO B 371 -32.13 8.06 11.89
C PRO B 371 -32.52 9.43 11.35
N THR B 372 -31.56 10.24 10.91
CA THR B 372 -31.91 11.50 10.25
C THR B 372 -32.66 11.25 8.95
N LYS B 373 -32.29 10.19 8.22
CA LYS B 373 -32.98 9.78 7.00
C LYS B 373 -33.26 8.29 7.04
N LEU B 374 -33.83 7.82 8.15
CA LEU B 374 -34.17 6.41 8.27
C LEU B 374 -35.15 5.98 7.19
N ASN B 375 -36.15 6.81 6.90
CA ASN B 375 -37.15 6.45 5.91
C ASN B 375 -36.64 6.52 4.48
N ASP B 376 -35.43 7.05 4.26
CA ASP B 376 -34.92 7.17 2.90
C ASP B 376 -34.74 5.80 2.26
N LEU B 377 -34.02 4.90 2.92
CA LEU B 377 -33.82 3.56 2.39
C LEU B 377 -35.03 2.69 2.70
N CYS B 378 -34.85 1.39 2.49
CA CYS B 378 -35.75 0.39 3.03
C CYS B 378 -35.05 -0.95 3.09
N PHE B 379 -35.63 -1.85 3.87
CA PHE B 379 -34.90 -2.96 4.46
C PHE B 379 -35.55 -4.29 4.11
N THR B 380 -34.73 -5.34 4.18
CA THR B 380 -35.24 -6.69 3.94
C THR B 380 -36.27 -7.10 4.98
N ASN B 381 -36.03 -6.78 6.24
CA ASN B 381 -36.94 -7.14 7.32
C ASN B 381 -36.77 -6.18 8.48
N VAL B 382 -37.88 -5.86 9.13
CA VAL B 382 -37.90 -4.97 10.29
C VAL B 382 -38.40 -5.78 11.47
N TYR B 383 -37.61 -5.84 12.54
CA TYR B 383 -37.93 -6.64 13.71
C TYR B 383 -38.16 -5.72 14.89
N ALA B 384 -39.26 -5.95 15.60
CA ALA B 384 -39.63 -5.15 16.77
C ALA B 384 -39.61 -6.04 17.99
N ASP B 385 -38.70 -5.76 18.92
CA ASP B 385 -38.62 -6.46 20.19
C ASP B 385 -38.86 -5.46 21.32
N SER B 386 -39.50 -5.94 22.38
CA SER B 386 -39.85 -5.06 23.50
C SER B 386 -39.68 -5.80 24.81
N PHE B 387 -39.38 -5.03 25.86
CA PHE B 387 -39.28 -5.55 27.22
C PHE B 387 -39.34 -4.36 28.18
N VAL B 388 -39.31 -4.66 29.47
CA VAL B 388 -39.33 -3.62 30.50
C VAL B 388 -38.18 -3.86 31.47
N ILE B 389 -37.34 -2.85 31.66
CA ILE B 389 -36.27 -2.89 32.65
C ILE B 389 -36.25 -1.55 33.37
N ARG B 390 -35.62 -1.53 34.55
CA ARG B 390 -35.45 -0.28 35.26
C ARG B 390 -34.41 0.58 34.54
N GLY B 391 -34.61 1.90 34.64
CA GLY B 391 -33.77 2.85 33.94
C GLY B 391 -32.31 2.83 34.32
N ASP B 392 -31.95 2.00 35.30
CA ASP B 392 -30.55 1.88 35.68
C ASP B 392 -29.73 1.32 34.53
N GLU B 393 -30.24 0.29 33.86
CA GLU B 393 -29.48 -0.43 32.85
C GLU B 393 -30.05 -0.28 31.44
N VAL B 394 -30.82 0.78 31.19
CA VAL B 394 -31.23 1.05 29.81
C VAL B 394 -30.00 1.33 28.96
N ARG B 395 -28.95 1.89 29.56
CA ARG B 395 -27.73 2.20 28.83
C ARG B 395 -27.06 0.94 28.29
N GLN B 396 -27.24 -0.19 28.95
CA GLN B 396 -26.51 -1.39 28.57
C GLN B 396 -27.26 -2.27 27.56
N ILE B 397 -28.43 -1.82 27.08
CA ILE B 397 -29.09 -2.47 25.95
C ILE B 397 -28.53 -1.78 24.72
N ALA B 398 -27.39 -2.27 24.25
CA ALA B 398 -26.64 -1.62 23.18
C ALA B 398 -25.59 -2.60 22.68
N PRO B 399 -25.06 -2.40 21.48
CA PRO B 399 -24.02 -3.30 20.98
C PRO B 399 -22.79 -3.28 21.87
N GLY B 400 -22.20 -4.46 22.05
CA GLY B 400 -20.98 -4.58 22.82
C GLY B 400 -21.08 -4.11 24.26
N GLN B 401 -22.19 -4.42 24.92
CA GLN B 401 -22.42 -4.01 26.29
C GLN B 401 -22.55 -5.24 27.19
N THR B 402 -22.15 -5.08 28.44
CA THR B 402 -22.16 -6.15 29.42
C THR B 402 -23.11 -5.78 30.56
N GLY B 403 -23.08 -6.59 31.62
CA GLY B 403 -23.96 -6.42 32.76
C GLY B 403 -24.99 -7.52 32.85
N LYS B 404 -25.59 -7.62 34.04
CA LYS B 404 -26.55 -8.69 34.31
C LYS B 404 -27.73 -8.62 33.34
N ILE B 405 -28.20 -7.40 33.06
CA ILE B 405 -29.29 -7.24 32.11
C ILE B 405 -28.85 -7.64 30.71
N ALA B 406 -27.62 -7.28 30.34
CA ALA B 406 -27.11 -7.54 29.00
C ALA B 406 -26.44 -8.91 28.86
N ASP B 407 -26.25 -9.65 29.94
CA ASP B 407 -25.59 -10.94 29.86
C ASP B 407 -26.47 -12.13 30.20
N TYR B 408 -27.60 -11.91 30.86
CA TYR B 408 -28.48 -13.01 31.25
C TYR B 408 -29.87 -12.96 30.62
N ASN B 409 -30.30 -11.82 30.08
CA ASN B 409 -31.66 -11.70 29.58
C ASN B 409 -31.74 -11.36 28.10
N TYR B 410 -31.01 -10.34 27.64
CA TYR B 410 -31.19 -9.86 26.27
C TYR B 410 -29.93 -9.14 25.84
N LYS B 411 -29.22 -9.70 24.87
CA LYS B 411 -27.92 -9.20 24.46
C LYS B 411 -27.92 -8.94 22.96
N LEU B 412 -27.61 -7.70 22.57
CA LEU B 412 -27.50 -7.35 21.17
C LEU B 412 -26.22 -7.93 20.56
N PRO B 413 -26.24 -8.25 19.28
CA PRO B 413 -25.00 -8.70 18.62
C PRO B 413 -24.04 -7.55 18.40
N ASP B 414 -22.77 -7.90 18.22
CA ASP B 414 -21.75 -6.89 17.96
C ASP B 414 -21.94 -6.23 16.61
N ASP B 415 -22.50 -6.96 15.64
CA ASP B 415 -22.81 -6.42 14.32
C ASP B 415 -24.26 -5.97 14.21
N PHE B 416 -24.86 -5.55 15.32
CA PHE B 416 -26.26 -5.14 15.33
C PHE B 416 -26.46 -3.90 14.47
N THR B 417 -27.63 -3.82 13.83
CA THR B 417 -27.96 -2.70 12.94
C THR B 417 -29.42 -2.31 13.16
N GLY B 418 -29.63 -1.26 13.93
CA GLY B 418 -30.98 -0.80 14.19
C GLY B 418 -31.00 0.24 15.29
N CYS B 419 -32.21 0.61 15.68
CA CYS B 419 -32.42 1.64 16.70
C CYS B 419 -32.80 1.00 18.02
N VAL B 420 -32.50 1.71 19.11
CA VAL B 420 -32.93 1.34 20.45
C VAL B 420 -33.76 2.48 21.00
N ILE B 421 -34.97 2.17 21.47
CA ILE B 421 -35.93 3.17 21.87
C ILE B 421 -36.38 2.87 23.29
N ALA B 422 -36.35 3.88 24.16
CA ALA B 422 -36.71 3.69 25.56
C ALA B 422 -37.39 4.94 26.08
N TRP B 423 -38.23 4.74 27.11
CA TRP B 423 -38.90 5.84 27.77
C TRP B 423 -39.26 5.41 29.18
N ASN B 424 -39.81 6.33 29.95
CA ASN B 424 -40.22 6.08 31.32
C ASN B 424 -41.75 6.00 31.39
N SER B 425 -42.25 4.94 32.00
CA SER B 425 -43.69 4.71 32.09
C SER B 425 -44.08 4.19 33.47
N ASN B 426 -43.54 4.80 34.53
CA ASN B 426 -43.92 4.40 35.87
C ASN B 426 -45.40 4.65 36.14
N ASN B 427 -46.04 5.51 35.36
CA ASN B 427 -47.46 5.77 35.54
C ASN B 427 -48.29 4.53 35.28
N LEU B 428 -48.00 3.82 34.18
CA LEU B 428 -48.86 2.74 33.72
C LEU B 428 -48.53 1.39 34.33
N ASP B 429 -47.40 1.23 35.00
CA ASP B 429 -46.97 -0.07 35.50
C ASP B 429 -46.41 0.05 36.91
N SER B 430 -47.11 0.78 37.78
CA SER B 430 -46.71 0.86 39.18
C SER B 430 -47.96 1.06 40.03
N LYS B 431 -47.82 0.74 41.31
CA LYS B 431 -48.92 0.87 42.25
C LYS B 431 -48.35 1.02 43.65
N VAL B 432 -49.19 1.48 44.57
CA VAL B 432 -48.78 1.63 45.96
C VAL B 432 -48.41 0.26 46.52
N GLY B 433 -47.24 0.19 47.16
CA GLY B 433 -46.72 -1.07 47.64
C GLY B 433 -45.87 -1.83 46.66
N GLY B 434 -45.68 -1.32 45.46
CA GLY B 434 -44.83 -1.96 44.48
C GLY B 434 -45.61 -2.78 43.46
N ASN B 435 -45.06 -2.87 42.25
CA ASN B 435 -45.63 -3.69 41.19
C ASN B 435 -44.70 -4.88 40.99
N TYR B 436 -45.21 -6.08 41.25
CA TYR B 436 -44.42 -7.30 41.21
C TYR B 436 -44.68 -8.14 39.97
N ASN B 437 -45.26 -7.54 38.93
CA ASN B 437 -45.55 -8.29 37.71
C ASN B 437 -44.28 -8.55 36.90
N TYR B 438 -43.29 -7.68 37.00
CA TYR B 438 -42.11 -7.74 36.16
C TYR B 438 -40.98 -8.46 36.89
N LEU B 439 -40.50 -9.55 36.31
CA LEU B 439 -39.42 -10.35 36.86
C LEU B 439 -38.32 -10.49 35.83
N TYR B 440 -37.06 -10.38 36.28
CA TYR B 440 -35.90 -10.48 35.41
C TYR B 440 -34.99 -11.59 35.90
N ARG B 441 -34.40 -12.32 34.96
CA ARG B 441 -33.48 -13.39 35.32
C ARG B 441 -32.21 -12.80 35.93
N LEU B 442 -31.77 -13.36 37.05
CA LEU B 442 -30.61 -12.88 37.76
C LEU B 442 -29.43 -13.83 37.75
N PHE B 443 -29.67 -15.11 37.47
CA PHE B 443 -28.62 -16.12 37.53
C PHE B 443 -28.80 -17.10 36.38
N ARG B 444 -27.67 -17.52 35.81
CA ARG B 444 -27.67 -18.48 34.72
C ARG B 444 -26.24 -18.96 34.51
N LYS B 445 -26.11 -20.18 33.96
CA LYS B 445 -24.81 -20.84 33.87
C LYS B 445 -23.81 -20.01 33.06
N SER B 446 -24.24 -19.46 31.94
N SER B 446 -24.24 -19.46 31.94
CA SER B 446 -23.33 -18.73 31.06
CA SER B 446 -23.34 -18.74 31.05
C SER B 446 -24.09 -17.65 30.32
C SER B 446 -24.09 -17.65 30.32
N ASN B 447 -23.34 -16.73 29.72
CA ASN B 447 -23.94 -15.64 28.98
C ASN B 447 -24.64 -16.16 27.73
N LEU B 448 -25.49 -15.31 27.15
CA LEU B 448 -26.37 -15.72 26.08
C LEU B 448 -25.80 -15.37 24.71
N LYS B 449 -26.13 -16.20 23.73
CA LYS B 449 -25.90 -15.83 22.35
C LYS B 449 -26.77 -14.64 21.99
N PRO B 450 -26.30 -13.76 21.10
CA PRO B 450 -27.11 -12.59 20.74
C PRO B 450 -28.48 -12.97 20.22
N PHE B 451 -29.47 -12.16 20.58
CA PHE B 451 -30.87 -12.40 20.22
C PHE B 451 -31.36 -13.76 20.73
N GLU B 452 -31.33 -13.91 22.05
CA GLU B 452 -31.75 -15.12 22.73
C GLU B 452 -32.96 -14.84 23.61
N ARG B 453 -33.66 -15.91 23.97
CA ARG B 453 -34.86 -15.83 24.80
C ARG B 453 -34.91 -17.07 25.67
N ASP B 454 -34.40 -16.95 26.90
CA ASP B 454 -34.33 -18.08 27.82
C ASP B 454 -35.48 -17.93 28.81
N ILE B 455 -36.46 -18.85 28.70
CA ILE B 455 -37.60 -18.87 29.61
C ILE B 455 -37.50 -20.03 30.60
N SER B 456 -36.33 -20.66 30.71
CA SER B 456 -36.18 -21.80 31.60
C SER B 456 -36.36 -21.37 33.05
N THR B 457 -37.05 -22.21 33.82
CA THR B 457 -37.31 -21.94 35.23
C THR B 457 -36.62 -22.96 36.14
N GLU B 458 -35.58 -23.63 35.64
CA GLU B 458 -34.89 -24.63 36.44
C GLU B 458 -34.10 -23.97 37.56
N ILE B 459 -34.03 -24.66 38.70
CA ILE B 459 -33.33 -24.13 39.87
C ILE B 459 -31.84 -24.06 39.58
N TYR B 460 -31.14 -23.24 40.35
CA TYR B 460 -29.69 -23.09 40.23
C TYR B 460 -28.98 -23.98 41.23
N GLN B 461 -27.94 -24.68 40.76
CA GLN B 461 -27.00 -25.39 41.62
C GLN B 461 -25.68 -24.62 41.54
N ALA B 462 -25.52 -23.65 42.45
CA ALA B 462 -24.34 -22.79 42.44
C ALA B 462 -23.14 -23.42 43.13
N GLY B 463 -23.31 -24.55 43.80
CA GLY B 463 -22.20 -25.21 44.45
C GLY B 463 -22.14 -26.70 44.17
N SER B 464 -21.26 -27.42 44.86
CA SER B 464 -21.13 -28.85 44.66
CA SER B 464 -21.13 -28.85 44.66
C SER B 464 -22.28 -29.64 45.26
N THR B 465 -23.08 -29.03 46.13
CA THR B 465 -24.21 -29.72 46.74
C THR B 465 -25.35 -29.84 45.75
N PRO B 466 -25.81 -31.04 45.42
CA PRO B 466 -26.95 -31.18 44.50
C PRO B 466 -28.19 -30.51 45.07
N CYS B 467 -28.97 -29.89 44.18
CA CYS B 467 -30.20 -29.23 44.58
C CYS B 467 -31.43 -30.12 44.46
N ASN B 468 -31.33 -31.21 43.70
CA ASN B 468 -32.43 -32.18 43.52
C ASN B 468 -33.72 -31.50 43.05
N GLY B 469 -33.61 -30.34 42.42
CA GLY B 469 -34.79 -29.63 41.95
C GLY B 469 -35.62 -28.97 43.01
N VAL B 470 -35.06 -28.72 44.20
CA VAL B 470 -35.78 -28.08 45.29
C VAL B 470 -34.89 -26.98 45.87
N GLU B 471 -35.52 -25.93 46.38
CA GLU B 471 -34.80 -24.80 46.94
C GLU B 471 -33.97 -25.22 48.14
N GLY B 472 -32.88 -24.49 48.38
CA GLY B 472 -32.01 -24.80 49.50
C GLY B 472 -30.69 -24.07 49.37
N PHE B 473 -29.70 -24.53 50.14
CA PHE B 473 -28.38 -23.95 50.08
C PHE B 473 -27.76 -24.16 48.69
N ASN B 474 -27.20 -23.09 48.13
CA ASN B 474 -26.71 -23.07 46.75
C ASN B 474 -27.82 -23.43 45.76
N CYS B 475 -29.06 -23.09 46.12
CA CYS B 475 -30.22 -23.35 45.26
C CYS B 475 -31.08 -22.08 45.28
N TYR B 476 -30.87 -21.21 44.30
CA TYR B 476 -31.55 -19.91 44.23
C TYR B 476 -32.33 -19.81 42.93
N PHE B 477 -33.55 -19.25 43.03
CA PHE B 477 -34.41 -19.13 41.86
C PHE B 477 -33.81 -18.14 40.87
N PRO B 478 -33.98 -18.39 39.57
CA PRO B 478 -33.34 -17.52 38.57
C PRO B 478 -34.05 -16.18 38.38
N LEU B 479 -35.34 -16.14 38.68
CA LEU B 479 -36.16 -14.96 38.41
C LEU B 479 -36.43 -14.18 39.68
N GLN B 480 -36.20 -12.87 39.63
CA GLN B 480 -36.48 -11.97 40.74
C GLN B 480 -37.27 -10.79 40.22
N SER B 481 -38.18 -10.27 41.03
CA SER B 481 -39.09 -9.21 40.64
C SER B 481 -38.56 -7.85 41.07
N TYR B 482 -38.60 -6.88 40.15
CA TYR B 482 -38.10 -5.55 40.44
C TYR B 482 -38.88 -4.90 41.57
N GLY B 483 -40.21 -5.03 41.56
CA GLY B 483 -41.04 -4.35 42.53
C GLY B 483 -41.10 -2.87 42.28
N PHE B 484 -41.65 -2.47 41.14
CA PHE B 484 -41.73 -1.06 40.78
C PHE B 484 -42.84 -0.37 41.56
N GLN B 485 -42.51 0.74 42.21
CA GLN B 485 -43.47 1.53 42.96
C GLN B 485 -43.24 3.00 42.63
N PRO B 486 -44.28 3.83 42.74
CA PRO B 486 -44.17 5.22 42.25
C PRO B 486 -43.07 6.03 42.91
N THR B 487 -42.74 5.76 44.17
CA THR B 487 -41.75 6.54 44.91
C THR B 487 -40.34 5.96 44.78
N ASN B 488 -40.03 5.30 43.67
CA ASN B 488 -38.71 4.73 43.47
C ASN B 488 -37.70 5.83 43.15
N GLY B 489 -36.44 5.43 43.01
CA GLY B 489 -35.35 6.37 42.83
C GLY B 489 -35.28 6.95 41.44
N VAL B 490 -34.18 7.66 41.19
CA VAL B 490 -33.99 8.33 39.91
C VAL B 490 -33.80 7.32 38.79
N GLY B 491 -33.10 6.22 39.07
CA GLY B 491 -32.86 5.20 38.08
C GLY B 491 -33.46 3.86 38.47
N TYR B 492 -34.64 3.90 39.09
CA TYR B 492 -35.30 2.68 39.53
C TYR B 492 -36.74 2.58 39.04
N GLN B 493 -37.26 3.56 38.32
CA GLN B 493 -38.59 3.48 37.76
C GLN B 493 -38.62 2.47 36.61
N PRO B 494 -39.78 1.90 36.30
CA PRO B 494 -39.86 0.99 35.16
C PRO B 494 -39.75 1.76 33.85
N TYR B 495 -38.82 1.34 33.00
CA TYR B 495 -38.62 1.91 31.69
C TYR B 495 -39.06 0.92 30.63
N ARG B 496 -39.88 1.37 29.68
CA ARG B 496 -40.33 0.53 28.58
C ARG B 496 -39.34 0.68 27.43
N VAL B 497 -38.74 -0.44 27.02
CA VAL B 497 -37.70 -0.43 26.00
C VAL B 497 -38.19 -1.25 24.81
N VAL B 498 -38.07 -0.67 23.62
CA VAL B 498 -38.35 -1.36 22.38
C VAL B 498 -37.18 -1.14 21.45
N VAL B 499 -36.69 -2.21 20.84
CA VAL B 499 -35.51 -2.15 19.98
C VAL B 499 -35.89 -2.63 18.59
N LEU B 500 -35.57 -1.82 17.58
CA LEU B 500 -35.81 -2.17 16.19
C LEU B 500 -34.53 -2.76 15.63
N SER B 501 -34.65 -3.92 14.98
CA SER B 501 -33.50 -4.61 14.41
C SER B 501 -33.71 -4.73 12.91
N PHE B 502 -33.09 -3.84 12.14
CA PHE B 502 -33.22 -3.89 10.70
C PHE B 502 -32.36 -5.01 10.12
N GLU B 503 -32.33 -5.07 8.79
CA GLU B 503 -31.47 -5.99 8.06
C GLU B 503 -31.40 -5.57 6.60
N LEU B 504 -30.20 -5.45 6.04
CA LEU B 504 -30.05 -5.01 4.67
C LEU B 504 -29.39 -6.07 3.82
N LEU B 505 -29.85 -7.32 3.96
CA LEU B 505 -29.29 -8.42 3.18
C LEU B 505 -29.51 -8.20 1.69
N HIS B 506 -28.82 -9.01 0.89
CA HIS B 506 -28.91 -8.93 -0.57
C HIS B 506 -30.17 -9.62 -1.07
N ALA B 507 -31.31 -9.17 -0.56
CA ALA B 507 -32.62 -9.70 -0.88
C ALA B 507 -33.56 -8.56 -1.22
N PRO B 508 -34.59 -8.82 -2.01
CA PRO B 508 -35.57 -7.76 -2.32
C PRO B 508 -36.30 -7.30 -1.07
N ALA B 509 -36.28 -5.99 -0.85
CA ALA B 509 -36.94 -5.43 0.32
C ALA B 509 -38.45 -5.59 0.21
N THR B 510 -39.11 -5.62 1.36
CA THR B 510 -40.56 -5.80 1.38
C THR B 510 -41.24 -4.67 2.14
N VAL B 511 -40.56 -4.13 3.14
CA VAL B 511 -41.00 -2.93 3.85
C VAL B 511 -40.20 -1.75 3.30
N CYS B 512 -40.89 -0.68 2.92
CA CYS B 512 -40.18 0.43 2.28
C CYS B 512 -40.73 1.75 2.78
N GLY B 513 -39.98 2.82 2.52
CA GLY B 513 -40.38 4.15 2.90
C GLY B 513 -41.68 4.55 2.26
N PRO B 514 -42.47 5.37 2.96
CA PRO B 514 -43.85 5.63 2.52
C PRO B 514 -43.96 6.18 1.11
N LYS B 515 -44.49 5.37 0.21
CA LYS B 515 -44.70 5.73 -1.20
C LYS B 515 -43.43 6.31 -1.82
N LYS B 516 -43.40 7.63 -2.02
CA LYS B 516 -42.31 8.32 -2.69
C LYS B 516 -42.03 7.70 -4.06
N SER B 517 -43.08 7.64 -4.87
CA SER B 517 -42.98 7.12 -6.23
C SER B 517 -43.37 8.21 -7.21
N THR B 518 -42.55 8.40 -8.25
CA THR B 518 -42.80 9.45 -9.23
C THR B 518 -43.14 8.91 -10.61
N ASN B 519 -42.22 8.13 -11.23
CA ASN B 519 -42.42 7.69 -12.60
C ASN B 519 -41.30 6.76 -13.06
N LEU B 520 -41.41 6.26 -14.29
CA LEU B 520 -40.38 5.51 -14.97
C LEU B 520 -39.81 6.33 -16.13
N VAL B 521 -38.92 5.72 -16.88
CA VAL B 521 -38.31 6.36 -18.05
C VAL B 521 -37.88 5.27 -19.02
N LYS B 522 -38.00 5.56 -20.31
CA LYS B 522 -37.72 4.55 -21.33
C LYS B 522 -36.23 4.43 -21.61
N ASN B 523 -35.62 5.50 -22.14
CA ASN B 523 -34.20 5.44 -22.51
C ASN B 523 -33.60 6.84 -22.36
N LYS B 524 -33.02 7.09 -21.18
CA LYS B 524 -32.32 8.33 -20.89
C LYS B 524 -31.25 8.04 -19.85
N CYS B 525 -30.20 8.85 -19.85
CA CYS B 525 -29.12 8.72 -18.86
C CYS B 525 -29.59 9.37 -17.57
N VAL B 526 -30.25 8.58 -16.72
CA VAL B 526 -30.86 9.09 -15.50
C VAL B 526 -30.58 8.12 -14.36
N ASN B 527 -30.30 8.67 -13.17
CA ASN B 527 -30.10 7.84 -12.00
C ASN B 527 -31.41 7.26 -11.51
N PHE B 528 -31.30 6.16 -10.77
CA PHE B 528 -32.45 5.45 -10.24
C PHE B 528 -32.23 5.13 -8.76
N ASN B 529 -33.33 4.96 -8.04
CA ASN B 529 -33.31 4.56 -6.64
C ASN B 529 -34.37 3.48 -6.43
N PHE B 530 -34.32 2.44 -7.27
CA PHE B 530 -35.38 1.44 -7.33
C PHE B 530 -35.24 0.44 -6.19
N ASN B 531 -36.27 0.37 -5.34
CA ASN B 531 -36.40 -0.66 -4.32
C ASN B 531 -35.19 -0.66 -3.38
N GLY B 532 -34.84 0.53 -2.90
CA GLY B 532 -33.68 0.66 -2.03
C GLY B 532 -32.35 0.42 -2.69
N LEU B 533 -32.34 0.25 -4.01
CA LEU B 533 -31.14 0.01 -4.80
C LEU B 533 -30.93 1.24 -5.69
N THR B 534 -29.96 2.06 -5.34
CA THR B 534 -29.72 3.29 -6.07
C THR B 534 -28.46 3.17 -6.92
N GLY B 535 -28.42 3.97 -7.99
CA GLY B 535 -27.34 3.92 -8.94
C GLY B 535 -27.59 4.90 -10.07
N THR B 536 -26.70 4.84 -11.07
CA THR B 536 -26.76 5.76 -12.19
C THR B 536 -26.45 5.02 -13.48
N GLY B 537 -27.21 5.32 -14.53
CA GLY B 537 -26.94 4.73 -15.83
C GLY B 537 -28.08 5.03 -16.78
N VAL B 538 -27.98 4.43 -17.96
CA VAL B 538 -29.02 4.53 -18.98
C VAL B 538 -29.86 3.25 -18.92
N LEU B 539 -31.12 3.37 -19.31
CA LEU B 539 -32.12 2.33 -19.11
C LEU B 539 -32.57 1.83 -20.47
N THR B 540 -32.59 0.50 -20.64
CA THR B 540 -32.96 -0.10 -21.92
C THR B 540 -33.81 -1.33 -21.66
N GLU B 541 -34.54 -1.75 -22.70
CA GLU B 541 -35.43 -2.89 -22.64
C GLU B 541 -34.73 -4.12 -23.19
N SER B 542 -34.70 -5.19 -22.40
CA SER B 542 -34.10 -6.44 -22.83
C SER B 542 -34.88 -7.60 -22.22
N ASN B 543 -34.68 -8.78 -22.79
CA ASN B 543 -35.39 -9.97 -22.38
C ASN B 543 -34.50 -10.88 -21.52
N LYS B 544 -35.10 -11.50 -20.51
CA LYS B 544 -34.41 -12.42 -19.64
C LYS B 544 -35.42 -13.42 -19.09
N LYS B 545 -35.08 -14.71 -19.13
CA LYS B 545 -35.97 -15.76 -18.64
C LYS B 545 -35.81 -15.87 -17.12
N PHE B 546 -36.52 -14.98 -16.43
CA PHE B 546 -36.48 -14.93 -14.98
C PHE B 546 -37.68 -15.67 -14.39
N LEU B 547 -37.48 -16.25 -13.21
CA LEU B 547 -38.58 -16.89 -12.51
C LEU B 547 -39.63 -15.86 -12.12
N PRO B 548 -40.92 -16.15 -12.35
CA PRO B 548 -41.94 -15.11 -12.14
C PRO B 548 -42.01 -14.58 -10.71
N PHE B 549 -41.81 -15.45 -9.71
CA PHE B 549 -41.88 -15.00 -8.32
C PHE B 549 -40.64 -14.22 -7.90
N GLN B 550 -39.52 -14.40 -8.61
CA GLN B 550 -38.29 -13.70 -8.27
C GLN B 550 -38.38 -12.23 -8.65
N GLN B 551 -37.44 -11.44 -8.15
CA GLN B 551 -37.54 -9.99 -8.22
C GLN B 551 -36.53 -9.35 -9.16
N PHE B 552 -35.24 -9.57 -8.97
CA PHE B 552 -34.25 -8.85 -9.77
C PHE B 552 -32.98 -9.69 -9.91
N GLY B 553 -32.08 -9.22 -10.76
CA GLY B 553 -30.80 -9.86 -10.94
C GLY B 553 -29.67 -8.85 -10.95
N ARG B 554 -28.46 -9.36 -10.72
CA ARG B 554 -27.25 -8.55 -10.67
C ARG B 554 -26.15 -9.21 -11.50
N ASP B 555 -24.96 -8.62 -11.45
CA ASP B 555 -23.79 -9.14 -12.15
C ASP B 555 -22.55 -8.83 -11.32
N ILE B 556 -21.38 -8.92 -11.95
CA ILE B 556 -20.12 -8.77 -11.23
C ILE B 556 -20.02 -7.39 -10.58
N ALA B 557 -19.39 -7.34 -9.41
CA ALA B 557 -19.15 -6.11 -8.67
C ALA B 557 -20.45 -5.37 -8.33
N ASP B 558 -21.50 -6.13 -8.04
CA ASP B 558 -22.82 -5.59 -7.71
C ASP B 558 -23.32 -4.64 -8.80
N THR B 559 -23.06 -5.00 -10.05
CA THR B 559 -23.57 -4.24 -11.20
C THR B 559 -24.94 -4.81 -11.55
N THR B 560 -25.92 -4.46 -10.72
CA THR B 560 -27.28 -4.95 -10.91
C THR B 560 -27.84 -4.47 -12.22
N ASP B 561 -28.44 -5.38 -13.00
CA ASP B 561 -28.92 -5.11 -14.34
C ASP B 561 -30.38 -5.55 -14.51
N ALA B 562 -31.21 -5.27 -13.53
CA ALA B 562 -32.61 -5.67 -13.61
C ALA B 562 -33.43 -4.93 -12.56
N VAL B 563 -34.64 -4.52 -12.96
CA VAL B 563 -35.64 -3.98 -12.05
C VAL B 563 -37.00 -4.54 -12.46
N ARG B 564 -38.01 -4.25 -11.65
CA ARG B 564 -39.39 -4.59 -12.00
C ARG B 564 -40.34 -3.65 -11.28
N ASP B 565 -41.29 -3.09 -12.03
CA ASP B 565 -42.26 -2.15 -11.46
C ASP B 565 -43.33 -2.94 -10.71
N PRO B 566 -43.59 -2.61 -9.44
CA PRO B 566 -44.59 -3.36 -8.67
C PRO B 566 -45.98 -3.32 -9.27
N GLN B 567 -46.36 -2.23 -9.94
CA GLN B 567 -47.72 -2.13 -10.47
C GLN B 567 -47.83 -2.79 -11.84
N THR B 568 -46.83 -2.63 -12.70
CA THR B 568 -46.82 -3.20 -14.04
C THR B 568 -45.63 -4.13 -14.17
N LEU B 569 -45.89 -5.36 -14.59
CA LEU B 569 -44.87 -6.40 -14.66
C LEU B 569 -44.12 -6.26 -15.99
N GLU B 570 -42.81 -6.00 -15.91
CA GLU B 570 -41.97 -5.94 -17.09
C GLU B 570 -40.53 -6.14 -16.66
N ILE B 571 -39.67 -6.47 -17.64
CA ILE B 571 -38.27 -6.74 -17.40
C ILE B 571 -37.44 -5.68 -18.13
N LEU B 572 -36.42 -5.18 -17.45
CA LEU B 572 -35.60 -4.09 -17.96
C LEU B 572 -34.15 -4.30 -17.57
N ASP B 573 -33.25 -3.61 -18.28
CA ASP B 573 -31.82 -3.71 -18.09
C ASP B 573 -31.23 -2.31 -18.08
N ILE B 574 -30.04 -2.16 -17.48
CA ILE B 574 -29.34 -0.89 -17.48
C ILE B 574 -27.97 -1.06 -18.11
N THR B 575 -27.37 0.07 -18.44
CA THR B 575 -26.01 0.16 -18.96
C THR B 575 -25.41 1.48 -18.48
N PRO B 576 -24.27 1.45 -17.79
CA PRO B 576 -23.79 2.68 -17.14
C PRO B 576 -23.44 3.76 -18.15
N CYS B 577 -23.48 5.01 -17.67
CA CYS B 577 -23.42 6.16 -18.54
C CYS B 577 -22.09 6.23 -19.28
N SER B 578 -22.15 6.73 -20.51
CA SER B 578 -20.95 6.89 -21.32
C SER B 578 -20.02 7.90 -20.68
N PHE B 579 -18.72 7.59 -20.71
CA PHE B 579 -17.72 8.38 -19.99
C PHE B 579 -16.37 8.14 -20.63
N GLY B 580 -15.43 9.05 -20.34
CA GLY B 580 -14.07 8.82 -20.81
C GLY B 580 -13.15 10.01 -20.71
N GLY B 581 -11.84 9.76 -20.81
CA GLY B 581 -10.90 10.86 -20.79
C GLY B 581 -10.95 11.68 -22.06
N VAL B 582 -10.70 12.97 -21.92
CA VAL B 582 -10.64 13.90 -23.04
C VAL B 582 -9.21 14.40 -23.17
N SER B 583 -8.56 14.05 -24.27
CA SER B 583 -7.20 14.47 -24.56
C SER B 583 -7.22 15.68 -25.48
N VAL B 584 -6.07 16.35 -25.58
CA VAL B 584 -5.94 17.53 -26.41
C VAL B 584 -4.72 17.36 -27.30
N ILE B 585 -4.90 17.53 -28.61
CA ILE B 585 -3.82 17.51 -29.57
C ILE B 585 -3.48 18.95 -29.89
N THR B 586 -2.21 19.32 -29.67
CA THR B 586 -1.75 20.67 -29.93
C THR B 586 -0.34 20.62 -30.52
N PRO B 587 -0.04 21.51 -31.45
CA PRO B 587 1.36 21.71 -31.85
C PRO B 587 2.10 22.51 -30.79
N GLY B 588 3.34 22.89 -31.05
CA GLY B 588 4.06 23.75 -30.14
C GLY B 588 3.30 25.02 -29.84
N THR B 589 3.17 25.37 -28.56
CA THR B 589 2.35 26.53 -28.19
C THR B 589 2.89 27.82 -28.80
N ASN B 590 4.19 27.87 -29.07
CA ASN B 590 4.74 29.04 -29.74
C ASN B 590 4.39 29.07 -31.22
N THR B 591 4.24 27.89 -31.84
CA THR B 591 3.87 27.84 -33.25
C THR B 591 2.43 28.30 -33.45
N SER B 592 1.51 27.80 -32.64
CA SER B 592 0.09 28.16 -32.76
C SER B 592 -0.58 27.93 -31.41
N ASN B 593 -1.79 28.48 -31.30
CA ASN B 593 -2.57 28.36 -30.07
C ASN B 593 -3.79 27.46 -30.21
N GLN B 594 -4.33 27.29 -31.42
CA GLN B 594 -5.50 26.46 -31.59
C GLN B 594 -5.17 24.99 -31.31
N VAL B 595 -6.16 24.26 -30.83
CA VAL B 595 -6.00 22.89 -30.41
C VAL B 595 -7.07 22.04 -31.08
N ALA B 596 -7.07 20.75 -30.78
CA ALA B 596 -8.12 19.85 -31.24
C ALA B 596 -8.33 18.78 -30.18
N VAL B 597 -9.53 18.73 -29.60
CA VAL B 597 -9.77 17.79 -28.52
C VAL B 597 -10.16 16.43 -29.09
N LEU B 598 -9.94 15.39 -28.30
CA LEU B 598 -10.22 14.02 -28.67
C LEU B 598 -10.89 13.33 -27.51
N TYR B 599 -12.07 12.76 -27.73
CA TYR B 599 -12.74 12.03 -26.68
C TYR B 599 -12.41 10.54 -26.79
N GLN B 600 -12.77 9.79 -25.75
CA GLN B 600 -12.48 8.36 -25.72
C GLN B 600 -13.49 7.62 -26.58
N ASP B 601 -13.56 6.29 -26.44
CA ASP B 601 -14.37 5.50 -27.35
C ASP B 601 -15.85 5.79 -27.13
N VAL B 602 -16.29 6.96 -27.60
CA VAL B 602 -17.68 7.38 -27.50
C VAL B 602 -18.14 7.82 -28.88
N ASN B 603 -19.44 7.80 -29.07
CA ASN B 603 -20.02 8.21 -30.35
C ASN B 603 -20.07 9.74 -30.44
N CYS B 604 -20.11 10.24 -31.68
CA CYS B 604 -20.14 11.68 -31.91
C CYS B 604 -21.47 12.31 -31.57
N THR B 605 -22.50 11.51 -31.29
CA THR B 605 -23.83 12.07 -31.06
C THR B 605 -23.93 12.79 -29.72
N GLU B 606 -23.40 12.18 -28.66
CA GLU B 606 -23.61 12.67 -27.30
C GLU B 606 -22.52 13.62 -26.82
N VAL B 607 -21.63 14.06 -27.70
CA VAL B 607 -20.59 15.01 -27.29
C VAL B 607 -21.15 16.32 -26.78
N PRO B 608 -22.10 16.99 -27.47
CA PRO B 608 -22.60 18.27 -26.94
C PRO B 608 -23.25 18.15 -25.58
N VAL B 609 -23.90 17.03 -25.27
CA VAL B 609 -24.56 16.87 -23.98
C VAL B 609 -23.55 16.89 -22.85
N ALA B 610 -22.43 16.19 -23.02
CA ALA B 610 -21.41 16.12 -22.00
C ALA B 610 -20.07 16.62 -22.52
N THR B 617 -15.60 29.68 -21.59
CA THR B 617 -16.83 28.91 -21.68
C THR B 617 -17.43 28.87 -23.11
N PRO B 618 -17.53 30.02 -23.81
CA PRO B 618 -18.03 29.96 -25.19
C PRO B 618 -17.16 29.12 -26.10
N THR B 619 -15.84 29.13 -25.91
CA THR B 619 -14.97 28.27 -26.71
C THR B 619 -15.26 26.80 -26.45
N TRP B 620 -15.50 26.44 -25.18
CA TRP B 620 -15.86 25.07 -24.86
C TRP B 620 -17.21 24.70 -25.48
N ARG B 621 -18.14 25.65 -25.50
CA ARG B 621 -19.43 25.41 -26.16
C ARG B 621 -19.25 25.15 -27.65
N VAL B 622 -18.40 25.95 -28.31
CA VAL B 622 -18.14 25.76 -29.73
C VAL B 622 -17.50 24.40 -29.98
N TYR B 623 -16.54 24.01 -29.13
CA TYR B 623 -15.93 22.69 -29.27
C TYR B 623 -16.96 21.59 -29.07
N SER B 624 -17.85 21.76 -28.10
CA SER B 624 -18.89 20.76 -27.86
C SER B 624 -19.81 20.61 -29.06
N THR B 625 -20.19 21.73 -29.67
CA THR B 625 -21.05 21.65 -30.86
C THR B 625 -20.31 21.03 -32.04
N GLY B 626 -19.25 21.69 -32.50
CA GLY B 626 -18.42 21.13 -33.55
C GLY B 626 -18.97 21.32 -34.95
N SER B 627 -18.10 21.69 -35.90
CA SER B 627 -18.48 21.83 -37.30
C SER B 627 -17.65 20.97 -38.23
N ASN B 628 -16.55 20.38 -37.76
CA ASN B 628 -15.70 19.49 -38.54
C ASN B 628 -15.50 18.18 -37.79
N VAL B 629 -16.62 17.59 -37.36
CA VAL B 629 -16.57 16.38 -36.55
C VAL B 629 -15.93 15.25 -37.34
N PHE B 630 -14.93 14.61 -36.75
CA PHE B 630 -14.28 13.44 -37.33
C PHE B 630 -14.46 12.26 -36.39
N GLN B 631 -14.90 11.13 -36.93
CA GLN B 631 -15.18 9.93 -36.15
C GLN B 631 -14.16 8.87 -36.51
N THR B 632 -13.48 8.33 -35.51
CA THR B 632 -12.54 7.24 -35.69
C THR B 632 -12.69 6.26 -34.54
N ARG B 633 -12.21 5.04 -34.74
CA ARG B 633 -12.35 4.02 -33.71
C ARG B 633 -11.54 4.34 -32.46
N ALA B 634 -10.60 5.28 -32.54
CA ALA B 634 -9.91 5.76 -31.35
C ALA B 634 -10.77 6.68 -30.50
N GLY B 635 -11.74 7.36 -31.11
CA GLY B 635 -12.58 8.29 -30.38
C GLY B 635 -13.20 9.29 -31.33
N CYS B 636 -13.77 10.34 -30.74
CA CYS B 636 -14.42 11.41 -31.49
C CYS B 636 -13.56 12.66 -31.37
N LEU B 637 -12.59 12.80 -32.27
CA LEU B 637 -11.73 13.98 -32.28
C LEU B 637 -12.36 15.06 -33.15
N ILE B 638 -12.29 16.30 -32.67
CA ILE B 638 -12.94 17.43 -33.32
C ILE B 638 -11.98 18.60 -33.38
N GLY B 639 -12.26 19.52 -34.30
CA GLY B 639 -11.40 20.65 -34.56
C GLY B 639 -10.28 20.39 -35.53
N ALA B 640 -10.22 19.21 -36.13
CA ALA B 640 -9.17 18.85 -37.08
C ALA B 640 -9.81 18.37 -38.38
N GLU B 641 -9.36 18.93 -39.50
CA GLU B 641 -9.87 18.52 -40.80
C GLU B 641 -9.29 17.17 -41.19
N HIS B 642 -10.14 16.34 -41.81
CA HIS B 642 -9.73 15.02 -42.29
C HIS B 642 -9.35 15.13 -43.76
N VAL B 643 -8.13 14.73 -44.08
CA VAL B 643 -7.59 14.82 -45.43
C VAL B 643 -7.31 13.41 -45.93
N ASN B 644 -7.74 13.12 -47.16
CA ASN B 644 -7.69 11.75 -47.68
C ASN B 644 -6.25 11.27 -47.84
N ASN B 645 -5.36 12.13 -48.31
CA ASN B 645 -3.98 11.73 -48.54
C ASN B 645 -3.28 11.42 -47.22
N SER B 646 -2.10 10.81 -47.34
CA SER B 646 -1.36 10.31 -46.18
C SER B 646 0.00 11.00 -46.08
N TYR B 647 0.35 11.40 -44.86
CA TYR B 647 1.62 12.03 -44.53
C TYR B 647 2.39 11.13 -43.55
N GLU B 648 3.51 11.65 -43.05
CA GLU B 648 4.27 10.98 -42.02
C GLU B 648 3.62 11.19 -40.65
N CYS B 649 4.00 10.34 -39.70
CA CYS B 649 3.44 10.38 -38.35
C CYS B 649 4.03 11.58 -37.61
N ASP B 650 3.17 12.46 -37.12
CA ASP B 650 3.61 13.64 -36.37
C ASP B 650 3.13 13.60 -34.92
N ILE B 651 1.81 13.50 -34.71
CA ILE B 651 1.24 13.35 -33.38
C ILE B 651 0.36 12.10 -33.41
N PRO B 652 0.62 11.09 -32.59
CA PRO B 652 -0.07 9.80 -32.76
C PRO B 652 -1.40 9.72 -32.02
N ILE B 653 -2.37 9.12 -32.70
CA ILE B 653 -3.65 8.73 -32.12
C ILE B 653 -3.87 7.27 -32.46
N GLY B 654 -4.88 6.67 -31.84
CA GLY B 654 -5.07 5.24 -31.99
C GLY B 654 -5.47 4.85 -33.39
N ALA B 655 -5.13 3.61 -33.76
CA ALA B 655 -5.61 2.95 -34.97
C ALA B 655 -5.16 3.68 -36.23
N GLY B 656 -3.85 3.86 -36.35
CA GLY B 656 -3.28 4.40 -37.57
C GLY B 656 -3.77 5.79 -37.94
N ILE B 657 -3.89 6.67 -36.94
CA ILE B 657 -4.31 8.05 -37.16
C ILE B 657 -3.22 8.96 -36.62
N CYS B 658 -2.92 10.02 -37.37
CA CYS B 658 -1.90 10.97 -36.94
C CYS B 658 -2.39 12.38 -37.23
N ALA B 659 -2.17 13.27 -36.26
CA ALA B 659 -2.54 14.66 -36.37
C ALA B 659 -1.28 15.51 -36.49
N SER B 660 -1.39 16.58 -37.28
CA SER B 660 -0.27 17.48 -37.51
C SER B 660 -0.81 18.88 -37.79
N TYR B 661 0.11 19.83 -37.91
CA TYR B 661 -0.23 21.21 -38.21
C TYR B 661 0.33 21.58 -39.58
N GLN B 662 -0.54 22.10 -40.45
CA GLN B 662 -0.11 22.46 -41.79
C GLN B 662 -0.54 23.88 -42.15
N GLN B 677 -2.38 26.41 -42.10
CA GLN B 677 -2.60 27.13 -40.85
C GLN B 677 -3.70 26.48 -40.02
N SER B 678 -3.78 25.15 -40.09
CA SER B 678 -4.80 24.42 -39.36
C SER B 678 -4.28 23.03 -39.02
N ILE B 679 -4.98 22.37 -38.10
CA ILE B 679 -4.61 21.04 -37.65
C ILE B 679 -5.38 20.01 -38.48
N ILE B 680 -4.67 19.03 -39.01
CA ILE B 680 -5.27 18.00 -39.84
C ILE B 680 -4.97 16.63 -39.25
N ALA B 681 -5.96 15.74 -39.33
CA ALA B 681 -5.82 14.36 -38.89
C ALA B 681 -6.00 13.45 -40.10
N TYR B 682 -5.08 12.51 -40.26
CA TYR B 682 -5.04 11.64 -41.42
C TYR B 682 -4.66 10.22 -40.98
N THR B 683 -4.55 9.32 -41.94
CA THR B 683 -4.01 8.00 -41.70
C THR B 683 -2.53 8.00 -42.07
N MET B 684 -1.68 7.60 -41.13
CA MET B 684 -0.24 7.71 -41.31
C MET B 684 0.23 6.84 -42.46
N SER B 685 1.16 7.37 -43.25
CA SER B 685 1.74 6.62 -44.34
C SER B 685 2.78 5.64 -43.83
N LEU B 686 3.17 4.71 -44.69
CA LEU B 686 4.10 3.66 -44.33
C LEU B 686 5.50 3.89 -44.90
N GLY B 687 5.73 5.07 -45.47
CA GLY B 687 6.98 5.36 -46.15
C GLY B 687 6.82 5.33 -47.66
N ALA B 688 7.85 5.84 -48.34
CA ALA B 688 7.84 5.88 -49.79
C ALA B 688 7.76 4.46 -50.35
N GLU B 689 6.88 4.26 -51.32
CA GLU B 689 6.65 2.95 -51.90
C GLU B 689 7.44 2.82 -53.19
N ASN B 690 8.17 1.71 -53.32
CA ASN B 690 8.93 1.42 -54.53
C ASN B 690 9.04 -0.08 -54.68
N SER B 691 9.03 -0.54 -55.93
CA SER B 691 9.14 -1.96 -56.26
C SER B 691 10.49 -2.18 -56.93
N VAL B 692 11.29 -3.06 -56.35
CA VAL B 692 12.60 -3.36 -56.90
C VAL B 692 12.45 -4.25 -58.13
N ALA B 693 13.10 -3.88 -59.22
CA ALA B 693 13.04 -4.65 -60.45
C ALA B 693 13.77 -5.97 -60.24
N TYR B 694 13.01 -7.05 -60.07
CA TYR B 694 13.57 -8.36 -59.79
C TYR B 694 13.45 -9.26 -61.01
N SER B 695 14.54 -9.94 -61.34
CA SER B 695 14.56 -10.91 -62.42
C SER B 695 15.57 -11.99 -62.06
N ASN B 696 15.48 -13.13 -62.73
CA ASN B 696 16.33 -14.25 -62.34
C ASN B 696 17.70 -14.21 -63.00
N ASN B 697 18.02 -13.17 -63.77
CA ASN B 697 19.35 -13.08 -64.37
C ASN B 697 19.92 -11.67 -64.29
N SER B 698 19.38 -10.80 -63.44
CA SER B 698 19.83 -9.42 -63.33
C SER B 698 20.23 -9.15 -61.89
N ILE B 699 21.39 -8.53 -61.70
CA ILE B 699 21.90 -8.14 -60.39
C ILE B 699 22.31 -6.68 -60.43
N ALA B 700 22.01 -5.96 -59.36
CA ALA B 700 22.37 -4.55 -59.25
C ALA B 700 23.59 -4.42 -58.35
N ILE B 701 24.62 -3.75 -58.86
CA ILE B 701 25.91 -3.65 -58.18
C ILE B 701 26.23 -2.18 -57.98
N PRO B 702 26.69 -1.77 -56.79
CA PRO B 702 27.07 -0.37 -56.60
C PRO B 702 28.37 -0.04 -57.29
N THR B 703 28.53 1.24 -57.61
CA THR B 703 29.78 1.76 -58.15
C THR B 703 30.37 2.88 -57.31
N ASN B 704 29.72 3.28 -56.22
CA ASN B 704 30.26 4.34 -55.39
C ASN B 704 29.84 4.09 -53.95
N PHE B 705 30.43 4.84 -53.03
CA PHE B 705 30.11 4.68 -51.62
C PHE B 705 30.01 6.04 -50.96
N THR B 706 29.28 6.08 -49.85
CA THR B 706 29.25 7.23 -48.96
C THR B 706 29.58 6.75 -47.56
N ILE B 707 30.52 7.43 -46.92
CA ILE B 707 30.85 7.15 -45.53
C ILE B 707 30.03 8.09 -44.66
N SER B 708 29.20 7.51 -43.80
CA SER B 708 28.27 8.28 -42.99
C SER B 708 28.48 7.97 -41.51
N VAL B 709 28.43 9.01 -40.69
CA VAL B 709 28.50 8.86 -39.25
C VAL B 709 27.11 9.05 -38.69
N THR B 710 26.77 8.24 -37.69
CA THR B 710 25.46 8.27 -37.07
C THR B 710 25.60 8.43 -35.56
N THR B 711 24.77 9.27 -34.99
CA THR B 711 24.77 9.51 -33.55
C THR B 711 23.85 8.51 -32.86
N GLU B 712 24.32 7.93 -31.77
CA GLU B 712 23.49 7.04 -30.95
C GLU B 712 23.63 7.46 -29.49
N ILE B 713 22.52 7.87 -28.89
CA ILE B 713 22.47 8.32 -27.50
C ILE B 713 22.19 7.12 -26.61
N LEU B 714 22.87 7.04 -25.47
CA LEU B 714 22.57 5.96 -24.54
C LEU B 714 22.77 6.40 -23.10
N PRO B 715 21.72 6.45 -22.30
CA PRO B 715 21.90 6.74 -20.87
C PRO B 715 22.65 5.62 -20.18
N VAL B 716 23.49 5.99 -19.22
CA VAL B 716 24.26 5.00 -18.46
C VAL B 716 24.11 5.14 -16.96
N SER B 717 23.65 6.27 -16.43
CA SER B 717 23.54 6.45 -15.00
C SER B 717 22.50 7.52 -14.69
N MET B 718 22.04 7.52 -13.45
CA MET B 718 21.08 8.47 -12.94
C MET B 718 21.64 9.16 -11.70
N THR B 719 20.92 10.15 -11.22
CA THR B 719 21.37 10.89 -10.05
C THR B 719 21.40 9.99 -8.82
N LYS B 720 22.49 10.07 -8.05
CA LYS B 720 22.67 9.22 -6.88
C LYS B 720 22.02 9.88 -5.66
N THR B 721 20.69 9.93 -5.71
CA THR B 721 19.92 10.46 -4.59
C THR B 721 19.80 9.41 -3.51
N SER B 722 19.82 9.85 -2.25
CA SER B 722 19.73 8.93 -1.11
C SER B 722 18.99 9.66 0.01
N VAL B 723 17.69 9.45 0.08
CA VAL B 723 16.87 10.07 1.12
C VAL B 723 16.78 9.11 2.29
N ASP B 724 16.83 9.63 3.50
CA ASP B 724 16.66 8.83 4.69
C ASP B 724 15.19 8.85 5.11
N CYS B 725 14.81 7.85 5.90
CA CYS B 725 13.41 7.61 6.21
C CYS B 725 12.96 8.34 7.47
N THR B 726 13.65 8.13 8.58
CA THR B 726 13.18 8.64 9.86
C THR B 726 13.14 10.18 9.86
N MET B 727 14.07 10.82 9.16
CA MET B 727 14.08 12.28 9.17
C MET B 727 13.12 12.86 8.15
N TYR B 728 12.94 12.20 7.01
CA TYR B 728 11.95 12.64 6.04
C TYR B 728 10.54 12.56 6.62
N ILE B 729 10.17 11.39 7.15
CA ILE B 729 8.81 11.21 7.62
C ILE B 729 8.56 11.97 8.91
N CYS B 730 9.45 11.81 9.89
CA CYS B 730 9.15 12.28 11.24
C CYS B 730 9.51 13.76 11.37
N GLY B 731 10.80 14.08 11.32
CA GLY B 731 11.28 15.44 11.28
C GLY B 731 11.68 15.95 12.65
N ASP B 732 12.97 15.86 12.99
CA ASP B 732 13.56 16.43 14.19
C ASP B 732 12.68 16.27 15.43
N SER B 733 11.93 15.17 15.52
CA SER B 733 10.94 14.99 16.57
C SER B 733 11.21 13.68 17.30
N THR B 734 11.20 13.74 18.63
CA THR B 734 11.45 12.54 19.43
C THR B 734 10.19 11.69 19.56
N GLU B 735 9.03 12.31 19.79
CA GLU B 735 7.80 11.54 19.98
C GLU B 735 7.37 10.84 18.70
N CYS B 736 7.47 11.53 17.56
CA CYS B 736 7.12 10.90 16.30
C CYS B 736 8.08 9.77 15.96
N SER B 737 9.38 9.97 16.25
CA SER B 737 10.34 8.90 16.03
C SER B 737 10.07 7.70 16.93
N ASN B 738 9.64 7.95 18.17
CA ASN B 738 9.26 6.85 19.05
C ASN B 738 8.05 6.11 18.49
N LEU B 739 7.08 6.84 17.94
CA LEU B 739 5.93 6.19 17.32
C LEU B 739 6.34 5.38 16.09
N LEU B 740 7.32 5.87 15.33
CA LEU B 740 7.76 5.14 14.14
C LEU B 740 8.60 3.92 14.49
N LEU B 741 9.30 3.95 15.63
CA LEU B 741 10.18 2.86 15.99
C LEU B 741 9.45 1.53 16.10
N GLN B 742 8.16 1.57 16.45
CA GLN B 742 7.36 0.36 16.57
C GLN B 742 6.65 0.01 15.28
N TYR B 743 6.92 0.71 14.18
CA TYR B 743 6.30 0.42 12.90
C TYR B 743 7.08 -0.61 12.09
N GLY B 744 8.17 -1.16 12.63
CA GLY B 744 8.93 -2.19 11.97
C GLY B 744 10.31 -1.71 11.58
N SER B 745 10.83 -2.29 10.50
CA SER B 745 12.14 -1.97 9.96
C SER B 745 12.03 -1.45 8.54
N PHE B 746 11.00 -0.62 8.28
CA PHE B 746 10.82 -0.07 6.94
C PHE B 746 11.95 0.90 6.59
N CYS B 747 12.39 1.68 7.57
CA CYS B 747 13.45 2.66 7.31
C CYS B 747 14.72 1.98 6.81
N THR B 748 15.12 0.88 7.46
CA THR B 748 16.31 0.18 7.04
C THR B 748 16.17 -0.38 5.63
N GLN B 749 15.00 -0.93 5.31
CA GLN B 749 14.78 -1.47 3.98
C GLN B 749 14.89 -0.39 2.92
N LEU B 750 14.24 0.76 3.15
CA LEU B 750 14.29 1.83 2.16
C LEU B 750 15.70 2.38 2.00
N ASN B 751 16.41 2.57 3.11
CA ASN B 751 17.78 3.08 3.03
C ASN B 751 18.68 2.10 2.30
N ARG B 752 18.52 0.80 2.58
CA ARG B 752 19.33 -0.19 1.89
C ARG B 752 19.05 -0.21 0.39
N ALA B 753 17.77 -0.11 0.01
CA ALA B 753 17.44 -0.10 -1.41
C ALA B 753 18.04 1.12 -2.11
N LEU B 754 17.93 2.29 -1.50
CA LEU B 754 18.45 3.50 -2.14
C LEU B 754 19.97 3.47 -2.21
N THR B 755 20.63 2.98 -1.16
CA THR B 755 22.08 2.87 -1.20
C THR B 755 22.53 1.87 -2.26
N GLY B 756 21.79 0.77 -2.41
CA GLY B 756 22.10 -0.17 -3.47
C GLY B 756 21.98 0.44 -4.85
N ILE B 757 20.93 1.24 -5.07
CA ILE B 757 20.78 1.93 -6.34
C ILE B 757 21.96 2.88 -6.57
N ALA B 758 22.33 3.63 -5.54
CA ALA B 758 23.42 4.60 -5.67
C ALA B 758 24.73 3.91 -6.03
N VAL B 759 25.03 2.78 -5.39
CA VAL B 759 26.26 2.06 -5.72
C VAL B 759 26.18 1.45 -7.11
N GLU B 760 24.98 0.98 -7.49
CA GLU B 760 24.80 0.39 -8.82
C GLU B 760 25.06 1.42 -9.91
N GLN B 761 24.74 2.69 -9.67
CA GLN B 761 25.03 3.71 -10.68
C GLN B 761 26.54 3.84 -10.92
N ASP B 762 27.33 3.85 -9.85
CA ASP B 762 28.78 3.90 -10.01
C ASP B 762 29.29 2.67 -10.72
N LYS B 763 28.74 1.50 -10.40
CA LYS B 763 29.13 0.29 -11.11
C LYS B 763 28.82 0.39 -12.59
N ASN B 764 27.65 0.95 -12.93
CA ASN B 764 27.28 1.14 -14.33
C ASN B 764 28.29 2.01 -15.05
N THR B 765 28.60 3.17 -14.48
CA THR B 765 29.53 4.07 -15.14
C THR B 765 30.91 3.42 -15.29
N GLN B 766 31.38 2.75 -14.25
CA GLN B 766 32.70 2.14 -14.29
C GLN B 766 32.78 1.05 -15.36
N GLU B 767 31.75 0.20 -15.44
CA GLU B 767 31.79 -0.87 -16.44
C GLU B 767 31.45 -0.38 -17.83
N VAL B 768 30.88 0.81 -17.98
CA VAL B 768 30.62 1.35 -19.30
C VAL B 768 31.88 2.00 -19.87
N PHE B 769 32.57 2.81 -19.06
CA PHE B 769 33.67 3.61 -19.59
C PHE B 769 35.05 2.98 -19.38
N ALA B 770 35.30 2.38 -18.22
CA ALA B 770 36.63 1.87 -17.91
C ALA B 770 36.88 0.51 -18.56
N GLN B 771 36.81 0.50 -19.89
CA GLN B 771 37.11 -0.70 -20.65
C GLN B 771 38.60 -0.92 -20.85
N VAL B 772 39.43 0.08 -20.58
CA VAL B 772 40.87 -0.02 -20.72
C VAL B 772 41.52 0.36 -19.40
N LYS B 773 42.47 -0.46 -18.95
CA LYS B 773 43.19 -0.21 -17.72
C LYS B 773 44.46 0.61 -17.92
N GLN B 774 44.71 1.08 -19.13
CA GLN B 774 45.94 1.81 -19.43
C GLN B 774 45.61 2.90 -20.44
N ILE B 775 45.59 4.15 -20.00
CA ILE B 775 45.18 5.24 -20.87
C ILE B 775 46.28 5.56 -21.88
N TYR B 776 45.85 5.95 -23.07
CA TYR B 776 46.75 6.28 -24.18
C TYR B 776 46.67 7.76 -24.49
N LYS B 777 47.66 8.24 -25.24
CA LYS B 777 47.72 9.62 -25.69
C LYS B 777 47.98 9.67 -27.17
N THR B 778 47.32 10.60 -27.85
CA THR B 778 47.56 10.78 -29.28
C THR B 778 48.91 11.43 -29.51
N PRO B 779 49.58 11.12 -30.63
CA PRO B 779 50.87 11.74 -30.91
C PRO B 779 50.71 13.23 -31.16
N PRO B 780 51.75 14.02 -30.88
CA PRO B 780 51.66 15.47 -31.14
C PRO B 780 51.41 15.80 -32.61
N ILE B 781 51.94 15.00 -33.53
CA ILE B 781 51.75 15.23 -34.96
C ILE B 781 50.51 14.49 -35.41
N LYS B 782 49.62 15.20 -36.10
CA LYS B 782 48.32 14.66 -36.50
C LYS B 782 48.30 14.20 -37.96
N ASP B 783 49.41 13.65 -38.45
CA ASP B 783 49.49 13.17 -39.83
C ASP B 783 48.81 11.81 -39.90
N PHE B 784 47.48 11.84 -40.03
CA PHE B 784 46.67 10.64 -40.10
C PHE B 784 46.38 10.20 -41.54
N GLY B 785 47.00 10.86 -42.52
CA GLY B 785 46.77 10.53 -43.91
C GLY B 785 45.61 11.24 -44.57
N GLY B 786 45.09 12.31 -43.95
CA GLY B 786 44.00 13.08 -44.51
C GLY B 786 42.80 13.18 -43.59
N PHE B 787 42.53 12.13 -42.81
CA PHE B 787 41.41 12.15 -41.89
C PHE B 787 41.64 13.19 -40.80
N ASN B 788 40.59 13.97 -40.52
CA ASN B 788 40.67 15.07 -39.57
C ASN B 788 39.88 14.71 -38.32
N PHE B 789 40.60 14.49 -37.21
CA PHE B 789 40.00 14.10 -35.95
C PHE B 789 39.92 15.26 -34.96
N SER B 790 40.11 16.50 -35.43
CA SER B 790 40.16 17.63 -34.52
C SER B 790 38.82 17.89 -33.82
N GLN B 791 37.74 17.31 -34.32
CA GLN B 791 36.41 17.56 -33.76
C GLN B 791 35.98 16.50 -32.76
N ILE B 792 36.80 15.48 -32.51
CA ILE B 792 36.49 14.50 -31.47
C ILE B 792 37.62 14.30 -30.47
N LEU B 793 38.86 14.62 -30.81
CA LEU B 793 39.94 14.53 -29.86
C LEU B 793 39.87 15.69 -28.85
N PRO B 794 40.41 15.50 -27.65
CA PRO B 794 40.35 16.57 -26.66
C PRO B 794 41.07 17.82 -27.14
N ASP B 795 40.53 18.98 -26.76
CA ASP B 795 41.07 20.26 -27.18
C ASP B 795 41.89 20.86 -26.05
N PRO B 796 43.22 20.96 -26.20
CA PRO B 796 44.04 21.52 -25.11
C PRO B 796 43.69 22.96 -24.76
N SER B 797 43.27 23.77 -25.73
CA SER B 797 43.04 25.20 -25.51
C SER B 797 41.65 25.41 -24.90
N LYS B 798 41.52 24.94 -23.66
CA LYS B 798 40.28 25.08 -22.90
C LYS B 798 40.54 24.70 -21.45
N PRO B 799 39.96 25.41 -20.48
CA PRO B 799 40.10 24.98 -19.08
C PRO B 799 39.59 23.57 -18.84
N SER B 800 38.53 23.17 -19.53
CA SER B 800 38.08 21.78 -19.51
C SER B 800 38.86 20.97 -20.53
N LYS B 801 38.84 19.65 -20.35
CA LYS B 801 39.58 18.73 -21.20
C LYS B 801 38.64 17.94 -22.11
N ARG B 802 37.62 18.59 -22.63
CA ARG B 802 36.59 17.95 -23.44
C ARG B 802 36.73 18.38 -24.90
N SER B 803 36.39 17.47 -25.80
CA SER B 803 36.43 17.75 -27.22
C SER B 803 35.31 18.71 -27.60
N PRO B 804 35.41 19.38 -28.76
CA PRO B 804 34.35 20.30 -29.17
C PRO B 804 32.97 19.65 -29.25
N ILE B 805 32.90 18.40 -29.73
CA ILE B 805 31.62 17.70 -29.72
C ILE B 805 31.14 17.47 -28.29
N GLU B 806 32.05 17.05 -27.41
CA GLU B 806 31.69 16.89 -26.00
C GLU B 806 31.26 18.22 -25.38
N ASP B 807 31.98 19.30 -25.72
CA ASP B 807 31.63 20.61 -25.16
C ASP B 807 30.25 21.05 -25.62
N LEU B 808 29.93 20.86 -26.90
CA LEU B 808 28.60 21.19 -27.38
C LEU B 808 27.54 20.28 -26.78
N LEU B 809 27.92 19.04 -26.46
CA LEU B 809 26.98 18.09 -25.89
C LEU B 809 26.66 18.40 -24.43
N PHE B 810 27.63 18.96 -23.70
CA PHE B 810 27.40 19.27 -22.29
C PHE B 810 26.42 20.42 -22.13
N ASN B 811 26.58 21.50 -22.90
CA ASN B 811 25.68 22.63 -22.81
C ASN B 811 24.29 22.32 -23.36
N LYS B 812 24.16 21.24 -24.15
CA LYS B 812 22.87 20.92 -24.74
C LYS B 812 21.89 20.36 -23.71
N VAL B 813 22.41 19.71 -22.66
CA VAL B 813 21.59 19.12 -21.62
C VAL B 813 21.58 20.05 -20.42
N THR B 814 20.39 20.44 -19.98
CA THR B 814 20.20 21.33 -18.85
C THR B 814 19.54 20.58 -17.71
N LEU B 815 20.10 20.71 -16.51
CA LEU B 815 19.55 20.06 -15.32
C LEU B 815 18.17 20.62 -14.98
N ALA B 839 21.53 23.40 -6.40
CA ALA B 839 21.94 23.88 -5.08
C ALA B 839 20.78 23.85 -4.11
N GLN B 840 19.61 23.43 -4.60
CA GLN B 840 18.42 23.35 -3.75
C GLN B 840 18.60 22.29 -2.67
N LYS B 841 18.16 22.61 -1.46
CA LYS B 841 18.31 21.73 -0.30
C LYS B 841 16.98 21.64 0.41
N PHE B 842 16.37 20.46 0.38
CA PHE B 842 15.10 20.20 1.05
C PHE B 842 15.36 19.41 2.34
N ASN B 843 14.29 18.94 2.96
CA ASN B 843 14.38 18.28 4.26
C ASN B 843 14.52 16.77 4.06
N GLY B 844 15.69 16.24 4.42
CA GLY B 844 15.92 14.81 4.41
C GLY B 844 16.32 14.22 3.07
N LEU B 845 16.40 15.03 2.01
CA LEU B 845 16.76 14.56 0.68
C LEU B 845 18.13 15.10 0.31
N THR B 846 19.01 14.21 -0.16
CA THR B 846 20.36 14.62 -0.52
C THR B 846 20.82 13.80 -1.72
N VAL B 847 21.83 14.35 -2.41
CA VAL B 847 22.39 13.73 -3.61
C VAL B 847 23.87 13.49 -3.38
N LEU B 848 24.33 12.29 -3.68
CA LEU B 848 25.73 11.93 -3.54
C LEU B 848 26.48 12.20 -4.84
N PRO B 849 27.70 12.73 -4.77
CA PRO B 849 28.44 13.00 -5.99
C PRO B 849 28.86 11.70 -6.67
N PRO B 850 28.98 11.70 -8.00
CA PRO B 850 29.40 10.49 -8.70
C PRO B 850 30.81 10.09 -8.34
N LEU B 851 31.08 8.79 -8.43
CA LEU B 851 32.42 8.28 -8.16
C LEU B 851 33.43 8.82 -9.17
N LEU B 852 33.05 8.84 -10.44
CA LEU B 852 33.92 9.30 -11.51
C LEU B 852 33.49 10.71 -11.92
N THR B 853 34.33 11.69 -11.64
CA THR B 853 34.02 13.05 -12.06
C THR B 853 34.09 13.16 -13.58
N ASP B 854 33.44 14.20 -14.11
CA ASP B 854 33.32 14.34 -15.56
C ASP B 854 34.68 14.46 -16.22
N GLU B 855 35.66 15.04 -15.53
CA GLU B 855 37.01 15.11 -16.08
C GLU B 855 37.60 13.72 -16.26
N MET B 856 37.38 12.82 -15.29
CA MET B 856 37.89 11.46 -15.41
C MET B 856 37.20 10.70 -16.53
N ILE B 857 35.89 10.90 -16.68
CA ILE B 857 35.17 10.26 -17.78
C ILE B 857 35.69 10.77 -19.12
N ALA B 858 35.95 12.07 -19.22
CA ALA B 858 36.53 12.62 -20.43
C ALA B 858 37.91 12.03 -20.70
N GLN B 859 38.70 11.83 -19.64
CA GLN B 859 40.02 11.21 -19.81
C GLN B 859 39.89 9.79 -20.34
N TYR B 860 38.93 9.02 -19.80
CA TYR B 860 38.70 7.66 -20.28
C TYR B 860 38.29 7.67 -21.76
N THR B 861 37.39 8.57 -22.12
CA THR B 861 36.94 8.65 -23.51
C THR B 861 38.09 9.03 -24.43
N SER B 862 38.93 9.99 -24.01
CA SER B 862 40.08 10.38 -24.82
C SER B 862 41.06 9.22 -24.96
N ALA B 863 41.25 8.44 -23.89
CA ALA B 863 42.13 7.28 -23.99
C ALA B 863 41.59 6.27 -24.99
N LEU B 864 40.28 6.00 -24.95
CA LEU B 864 39.70 5.08 -25.90
C LEU B 864 39.83 5.59 -27.33
N LEU B 865 39.63 6.89 -27.53
CA LEU B 865 39.77 7.47 -28.86
C LEU B 865 41.19 7.35 -29.38
N ALA B 866 42.17 7.68 -28.53
CA ALA B 866 43.57 7.59 -28.96
C ALA B 866 43.95 6.14 -29.25
N GLY B 867 43.47 5.20 -28.44
CA GLY B 867 43.75 3.80 -28.71
C GLY B 867 43.16 3.33 -30.02
N THR B 868 41.89 3.67 -30.27
CA THR B 868 41.25 3.24 -31.50
C THR B 868 41.76 3.98 -32.72
N ILE B 869 42.45 5.10 -32.53
CA ILE B 869 43.00 5.86 -33.65
C ILE B 869 44.39 5.39 -34.00
N THR B 870 45.25 5.16 -33.00
CA THR B 870 46.64 4.80 -33.26
C THR B 870 46.91 3.31 -33.26
N SER B 871 45.94 2.48 -32.86
CA SER B 871 46.20 1.05 -32.74
C SER B 871 45.08 0.16 -33.25
N GLY B 872 44.03 0.71 -33.86
CA GLY B 872 42.96 -0.14 -34.36
C GLY B 872 42.21 -0.81 -33.23
N TRP B 873 42.05 -2.12 -33.33
CA TRP B 873 41.34 -2.91 -32.34
C TRP B 873 42.25 -3.73 -31.44
N THR B 874 43.56 -3.70 -31.69
CA THR B 874 44.47 -4.58 -30.95
C THR B 874 44.54 -4.18 -29.48
N PHE B 875 44.45 -2.88 -29.17
CA PHE B 875 44.58 -2.45 -27.79
C PHE B 875 43.45 -2.95 -26.91
N GLY B 876 42.33 -3.35 -27.49
CA GLY B 876 41.25 -3.96 -26.75
C GLY B 876 41.39 -5.44 -26.53
N ALA B 877 42.39 -6.08 -27.14
CA ALA B 877 42.60 -7.52 -27.05
C ALA B 877 44.06 -7.83 -26.79
N GLY B 878 44.64 -7.16 -25.80
CA GLY B 878 46.02 -7.38 -25.44
C GLY B 878 46.85 -6.10 -25.52
N PRO B 879 48.15 -6.26 -25.75
CA PRO B 879 49.01 -5.08 -25.87
C PRO B 879 48.66 -4.26 -27.11
N ALA B 880 48.83 -2.95 -26.99
CA ALA B 880 48.54 -2.05 -28.09
C ALA B 880 49.61 -2.14 -29.16
N LEU B 881 49.20 -2.34 -30.40
CA LEU B 881 50.11 -2.43 -31.54
C LEU B 881 49.83 -1.28 -32.48
N GLN B 882 50.86 -0.48 -32.75
CA GLN B 882 50.69 0.67 -33.63
C GLN B 882 50.49 0.21 -35.07
N ILE B 883 49.75 1.02 -35.83
CA ILE B 883 49.48 0.75 -37.23
C ILE B 883 49.00 2.04 -37.88
N PRO B 884 49.50 2.41 -39.05
CA PRO B 884 49.05 3.66 -39.68
C PRO B 884 47.56 3.64 -39.93
N PHE B 885 46.93 4.80 -39.73
CA PHE B 885 45.47 4.87 -39.85
C PHE B 885 44.96 4.49 -41.24
N PRO B 886 45.55 4.92 -42.35
CA PRO B 886 45.07 4.41 -43.64
C PRO B 886 45.13 2.89 -43.73
N MET B 887 46.14 2.28 -43.14
CA MET B 887 46.23 0.82 -43.18
C MET B 887 45.13 0.19 -42.32
N GLN B 888 44.82 0.81 -41.19
CA GLN B 888 43.73 0.31 -40.36
C GLN B 888 42.40 0.44 -41.10
N MET B 889 42.19 1.55 -41.80
CA MET B 889 40.96 1.69 -42.59
C MET B 889 40.92 0.66 -43.71
N ALA B 890 42.07 0.33 -44.29
CA ALA B 890 42.10 -0.73 -45.29
C ALA B 890 41.71 -2.07 -44.69
N TYR B 891 42.20 -2.35 -43.48
CA TYR B 891 41.79 -3.58 -42.79
C TYR B 891 40.29 -3.60 -42.57
N ARG B 892 39.72 -2.48 -42.12
CA ARG B 892 38.30 -2.43 -41.84
C ARG B 892 37.48 -2.57 -43.12
N PHE B 893 37.96 -1.98 -44.22
CA PHE B 893 37.32 -2.20 -45.52
C PHE B 893 37.36 -3.68 -45.90
N ASN B 894 38.52 -4.32 -45.71
CA ASN B 894 38.64 -5.74 -46.00
C ASN B 894 37.77 -6.60 -45.09
N GLY B 895 37.35 -6.05 -43.94
CA GLY B 895 36.49 -6.78 -43.03
C GLY B 895 35.03 -6.78 -43.37
N ILE B 896 34.61 -6.04 -44.40
CA ILE B 896 33.23 -6.00 -44.83
C ILE B 896 33.06 -6.45 -46.29
N GLY B 897 34.09 -7.07 -46.86
CA GLY B 897 34.01 -7.61 -48.20
C GLY B 897 34.62 -6.73 -49.28
N VAL B 898 34.78 -5.43 -49.02
CA VAL B 898 35.38 -4.53 -49.99
C VAL B 898 36.88 -4.79 -50.04
N THR B 899 37.42 -4.88 -51.26
CA THR B 899 38.83 -5.20 -51.43
C THR B 899 39.69 -4.08 -50.88
N GLN B 900 40.92 -4.42 -50.51
CA GLN B 900 41.83 -3.45 -49.89
C GLN B 900 42.13 -2.29 -50.83
N ASN B 901 42.31 -2.57 -52.11
CA ASN B 901 42.76 -1.55 -53.05
C ASN B 901 41.77 -0.40 -53.18
N VAL B 902 40.50 -0.61 -52.83
CA VAL B 902 39.50 0.45 -52.97
C VAL B 902 39.90 1.67 -52.14
N LEU B 903 40.28 1.45 -50.88
CA LEU B 903 40.68 2.56 -50.04
C LEU B 903 41.99 3.17 -50.51
N TYR B 904 42.96 2.35 -50.87
CA TYR B 904 44.24 2.91 -51.29
C TYR B 904 44.15 3.65 -52.61
N GLU B 905 43.07 3.46 -53.37
CA GLU B 905 42.87 4.23 -54.59
C GLU B 905 41.89 5.38 -54.42
N ASN B 906 41.07 5.39 -53.36
CA ASN B 906 40.15 6.50 -53.12
C ASN B 906 40.35 7.11 -51.74
N GLN B 907 41.60 7.11 -51.25
CA GLN B 907 41.88 7.63 -49.91
C GLN B 907 41.49 9.10 -49.77
N LYS B 908 41.79 9.92 -50.77
CA LYS B 908 41.46 11.34 -50.67
C LYS B 908 39.95 11.54 -50.55
N LEU B 909 39.18 10.83 -51.37
CA LEU B 909 37.73 10.94 -51.31
C LEU B 909 37.20 10.43 -49.97
N ILE B 910 37.78 9.33 -49.46
CA ILE B 910 37.33 8.79 -48.19
C ILE B 910 37.58 9.78 -47.06
N ALA B 911 38.76 10.39 -47.05
CA ALA B 911 39.09 11.36 -46.00
C ALA B 911 38.19 12.59 -46.09
N ASN B 912 37.94 13.07 -47.32
CA ASN B 912 37.07 14.23 -47.47
C ASN B 912 35.66 13.91 -47.00
N GLN B 913 35.15 12.72 -47.33
CA GLN B 913 33.81 12.34 -46.88
C GLN B 913 33.75 12.22 -45.36
N PHE B 914 34.79 11.66 -44.75
CA PHE B 914 34.81 11.53 -43.30
C PHE B 914 34.80 12.92 -42.63
N ASN B 915 35.63 13.83 -43.14
CA ASN B 915 35.67 15.17 -42.57
C ASN B 915 34.34 15.88 -42.74
N SER B 916 33.73 15.77 -43.92
CA SER B 916 32.44 16.41 -44.15
C SER B 916 31.37 15.84 -43.24
N ALA B 917 31.37 14.51 -43.05
CA ALA B 917 30.38 13.89 -42.17
C ALA B 917 30.57 14.35 -40.72
N ILE B 918 31.82 14.45 -40.27
CA ILE B 918 32.07 14.91 -38.90
C ILE B 918 31.60 16.34 -38.71
N GLY B 919 31.89 17.21 -39.68
CA GLY B 919 31.39 18.58 -39.60
C GLY B 919 29.88 18.62 -39.59
N LYS B 920 29.24 17.79 -40.43
CA LYS B 920 27.79 17.78 -40.51
C LYS B 920 27.15 17.33 -39.20
N ILE B 921 27.71 16.30 -38.56
CA ILE B 921 27.14 15.84 -37.30
C ILE B 921 27.33 16.89 -36.21
N GLN B 922 28.51 17.54 -36.19
CA GLN B 922 28.71 18.58 -35.19
C GLN B 922 27.71 19.72 -35.37
N ASP B 923 27.45 20.10 -36.62
CA ASP B 923 26.49 21.17 -36.88
C ASP B 923 25.07 20.73 -36.55
N SER B 924 24.73 19.47 -36.84
CA SER B 924 23.37 18.99 -36.64
C SER B 924 23.04 18.73 -35.18
N LEU B 925 24.04 18.42 -34.36
CA LEU B 925 23.76 18.16 -32.95
C LEU B 925 23.22 19.38 -32.22
N SER B 926 23.42 20.58 -32.77
CA SER B 926 22.94 21.81 -32.16
C SER B 926 21.66 22.33 -32.80
N SER B 927 21.06 21.55 -33.71
CA SER B 927 19.87 22.03 -34.42
C SER B 927 18.60 21.81 -33.58
N THR B 928 18.29 20.55 -33.26
CA THR B 928 17.04 20.35 -32.57
C THR B 928 17.24 20.12 -31.09
N PRO B 929 16.36 20.65 -30.24
CA PRO B 929 16.48 20.41 -28.80
C PRO B 929 16.27 18.96 -28.39
N SER B 930 15.64 18.15 -29.23
CA SER B 930 15.29 16.77 -28.88
C SER B 930 16.41 15.79 -29.16
N ALA B 931 17.54 16.24 -29.70
CA ALA B 931 18.62 15.33 -30.06
C ALA B 931 19.12 14.56 -28.84
N LEU B 932 19.27 15.23 -27.71
CA LEU B 932 19.69 14.61 -26.47
C LEU B 932 18.51 14.16 -25.61
N GLY B 933 17.33 14.03 -26.21
CA GLY B 933 16.14 13.73 -25.43
C GLY B 933 16.27 12.45 -24.63
N LYS B 934 16.87 11.42 -25.24
CA LYS B 934 17.01 10.14 -24.55
C LYS B 934 17.76 10.28 -23.23
N LEU B 935 18.60 11.30 -23.11
CA LEU B 935 19.18 11.61 -21.81
C LEU B 935 18.24 12.51 -21.01
N GLN B 936 17.80 13.61 -21.62
CA GLN B 936 17.11 14.66 -20.86
C GLN B 936 15.88 14.12 -20.16
N ASP B 937 15.06 13.35 -20.89
CA ASP B 937 13.86 12.77 -20.30
C ASP B 937 14.19 12.04 -19.01
N VAL B 938 15.25 11.22 -19.04
CA VAL B 938 15.66 10.50 -17.83
C VAL B 938 15.76 11.47 -16.66
N VAL B 939 16.58 12.52 -16.83
CA VAL B 939 16.73 13.49 -15.76
C VAL B 939 15.39 14.07 -15.36
N ASN B 940 14.61 14.50 -16.36
CA ASN B 940 13.30 15.05 -16.08
C ASN B 940 12.48 14.09 -15.23
N GLN B 941 12.46 12.81 -15.64
CA GLN B 941 11.69 11.83 -14.90
C GLN B 941 12.05 11.86 -13.43
N ASN B 942 13.34 11.78 -13.13
CA ASN B 942 13.76 11.74 -11.73
C ASN B 942 13.32 13.00 -11.01
N ALA B 943 13.52 14.16 -11.65
CA ALA B 943 13.06 15.41 -11.05
C ALA B 943 11.59 15.32 -10.71
N GLN B 944 10.79 14.85 -11.69
CA GLN B 944 9.36 14.72 -11.46
C GLN B 944 9.10 13.90 -10.20
N ALA B 945 9.73 12.72 -10.11
CA ALA B 945 9.53 11.88 -8.93
C ALA B 945 9.90 12.64 -7.67
N LEU B 946 11.08 13.28 -7.67
CA LEU B 946 11.48 14.05 -6.51
C LEU B 946 10.48 15.17 -6.25
N ASN B 947 10.06 15.86 -7.31
CA ASN B 947 9.11 16.96 -7.15
C ASN B 947 7.79 16.47 -6.59
N THR B 948 7.45 15.20 -6.78
CA THR B 948 6.25 14.68 -6.14
C THR B 948 6.50 14.41 -4.67
N LEU B 949 7.66 13.84 -4.34
CA LEU B 949 7.90 13.34 -2.99
C LEU B 949 7.77 14.46 -1.96
N VAL B 950 8.49 15.56 -2.17
CA VAL B 950 8.38 16.70 -1.26
C VAL B 950 6.95 17.22 -1.23
N LYS B 951 6.28 17.23 -2.38
CA LYS B 951 4.93 17.73 -2.43
C LYS B 951 3.96 16.87 -1.64
N GLN B 952 4.35 15.66 -1.25
CA GLN B 952 3.52 14.82 -0.41
C GLN B 952 3.51 15.27 1.05
N LEU B 953 4.42 16.16 1.45
CA LEU B 953 4.43 16.63 2.83
C LEU B 953 3.30 17.62 3.10
N SER B 954 2.73 18.24 2.07
CA SER B 954 1.66 19.19 2.26
C SER B 954 0.28 18.55 2.36
N SER B 955 0.19 17.23 2.21
CA SER B 955 -1.08 16.53 2.30
C SER B 955 -1.27 15.99 3.72
N ASN B 956 -2.44 16.25 4.29
CA ASN B 956 -2.69 15.93 5.69
C ASN B 956 -3.04 14.46 5.92
N PHE B 957 -3.36 13.71 4.87
CA PHE B 957 -3.63 12.27 4.98
C PHE B 957 -4.73 11.97 6.00
N GLY B 958 -5.58 12.94 6.28
CA GLY B 958 -6.64 12.78 7.25
C GLY B 958 -6.40 13.43 8.59
N ALA B 959 -5.19 13.91 8.84
CA ALA B 959 -4.91 14.62 10.09
C ALA B 959 -5.43 16.05 10.01
N ILE B 960 -5.35 16.78 11.12
CA ILE B 960 -5.82 18.16 11.13
C ILE B 960 -4.82 19.14 10.54
N SER B 961 -3.56 18.73 10.36
CA SER B 961 -2.56 19.60 9.76
C SER B 961 -1.52 18.74 9.05
N SER B 962 -0.85 19.36 8.09
CA SER B 962 0.17 18.68 7.30
C SER B 962 1.58 18.85 7.88
N VAL B 963 1.73 19.63 8.96
CA VAL B 963 3.02 19.84 9.60
C VAL B 963 2.94 19.32 11.02
N LEU B 964 4.03 18.71 11.48
CA LEU B 964 4.01 18.02 12.77
C LEU B 964 4.25 18.94 13.95
N ASN B 965 4.91 20.08 13.74
CA ASN B 965 5.10 21.03 14.84
C ASN B 965 3.77 21.58 15.32
N ASP B 966 2.85 21.85 14.39
CA ASP B 966 1.52 22.31 14.77
C ASP B 966 0.76 21.21 15.52
N ILE B 967 0.94 19.95 15.12
CA ILE B 967 0.29 18.85 15.84
C ILE B 967 0.84 18.76 17.26
N LEU B 968 2.16 18.87 17.41
CA LEU B 968 2.76 18.81 18.74
C LEU B 968 2.27 19.96 19.62
N SER B 969 2.24 21.18 19.06
CA SER B 969 1.78 22.32 19.83
C SER B 969 0.27 22.37 19.97
N ARG B 970 -0.45 21.50 19.27
CA ARG B 970 -1.91 21.54 19.19
C ARG B 970 -2.59 20.53 20.09
N LEU B 971 -2.21 19.26 19.99
CA LEU B 971 -2.89 18.17 20.68
C LEU B 971 -1.99 17.59 21.75
N ASP B 972 -2.60 17.22 22.88
CA ASP B 972 -1.87 16.50 23.92
C ASP B 972 -1.53 15.10 23.44
N PRO B 973 -0.51 14.48 24.01
CA PRO B 973 0.01 13.21 23.47
C PRO B 973 -1.06 12.13 23.33
N PRO B 974 -2.03 12.02 24.26
CA PRO B 974 -3.07 10.99 24.07
C PRO B 974 -3.77 11.04 22.72
N GLU B 975 -4.09 12.23 22.20
CA GLU B 975 -4.63 12.34 20.85
C GLU B 975 -3.59 12.77 19.83
N ALA B 976 -2.47 13.36 20.27
CA ALA B 976 -1.41 13.67 19.34
C ALA B 976 -0.86 12.41 18.69
N GLU B 977 -0.79 11.30 19.44
CA GLU B 977 -0.32 10.04 18.86
C GLU B 977 -1.25 9.58 17.74
N VAL B 978 -2.57 9.64 17.97
CA VAL B 978 -3.50 9.16 16.96
C VAL B 978 -3.54 10.10 15.76
N GLN B 979 -3.29 11.40 15.97
CA GLN B 979 -3.26 12.33 14.86
C GLN B 979 -1.95 12.22 14.08
N ILE B 980 -0.86 11.81 14.75
CA ILE B 980 0.43 11.69 14.10
C ILE B 980 0.54 10.38 13.34
N ASP B 981 -0.17 9.35 13.79
CA ASP B 981 -0.10 8.05 13.12
C ASP B 981 -0.58 8.14 11.67
N ARG B 982 -1.60 8.96 11.41
CA ARG B 982 -2.08 9.12 10.04
C ARG B 982 -1.02 9.72 9.14
N LEU B 983 -0.34 10.76 9.62
CA LEU B 983 0.74 11.36 8.86
C LEU B 983 1.87 10.36 8.64
N ILE B 984 2.19 9.58 9.68
CA ILE B 984 3.27 8.61 9.56
C ILE B 984 2.96 7.58 8.48
N THR B 985 1.75 7.04 8.50
CA THR B 985 1.41 6.00 7.53
C THR B 985 1.30 6.58 6.11
N GLY B 986 0.77 7.80 5.98
CA GLY B 986 0.71 8.40 4.66
C GLY B 986 2.08 8.66 4.07
N ARG B 987 2.97 9.23 4.86
CA ARG B 987 4.32 9.49 4.38
C ARG B 987 5.08 8.20 4.12
N LEU B 988 4.85 7.17 4.92
CA LEU B 988 5.47 5.87 4.66
C LEU B 988 5.01 5.31 3.32
N GLN B 989 3.70 5.42 3.03
CA GLN B 989 3.20 4.95 1.75
C GLN B 989 3.81 5.73 0.60
N SER B 990 3.91 7.06 0.74
CA SER B 990 4.51 7.87 -0.32
C SER B 990 5.97 7.49 -0.55
N LEU B 991 6.73 7.32 0.53
CA LEU B 991 8.14 6.97 0.39
C LEU B 991 8.31 5.58 -0.21
N GLN B 992 7.46 4.63 0.17
CA GLN B 992 7.52 3.29 -0.42
C GLN B 992 7.24 3.34 -1.91
N THR B 993 6.23 4.12 -2.31
CA THR B 993 5.95 4.26 -3.74
C THR B 993 7.13 4.86 -4.48
N TYR B 994 7.74 5.91 -3.91
CA TYR B 994 8.89 6.52 -4.56
C TYR B 994 10.05 5.54 -4.69
N VAL B 995 10.30 4.75 -3.64
CA VAL B 995 11.40 3.78 -3.66
C VAL B 995 11.15 2.71 -4.72
N THR B 996 9.91 2.22 -4.81
CA THR B 996 9.60 1.21 -5.83
C THR B 996 9.78 1.77 -7.24
N GLN B 997 9.30 2.99 -7.48
CA GLN B 997 9.49 3.60 -8.80
C GLN B 997 10.97 3.77 -9.10
N GLN B 998 11.76 4.18 -8.10
CA GLN B 998 13.20 4.33 -8.31
C GLN B 998 13.84 2.99 -8.63
N LEU B 999 13.40 1.92 -7.98
CA LEU B 999 13.95 0.60 -8.28
C LEU B 999 13.66 0.19 -9.72
N ILE B 1000 12.43 0.43 -10.18
CA ILE B 1000 12.08 0.09 -11.57
C ILE B 1000 12.94 0.90 -12.55
N ARG B 1001 13.05 2.21 -12.30
CA ARG B 1001 13.84 3.05 -13.19
C ARG B 1001 15.31 2.66 -13.16
N ALA B 1002 15.83 2.28 -11.99
CA ALA B 1002 17.21 1.84 -11.90
C ALA B 1002 17.43 0.55 -12.68
N ALA B 1003 16.45 -0.36 -12.65
CA ALA B 1003 16.58 -1.58 -13.45
C ALA B 1003 16.61 -1.24 -14.94
N GLU B 1004 15.73 -0.35 -15.39
CA GLU B 1004 15.73 0.02 -16.80
C GLU B 1004 17.05 0.69 -17.20
N ILE B 1005 17.55 1.59 -16.35
CA ILE B 1005 18.81 2.27 -16.65
C ILE B 1005 19.98 1.30 -16.62
N ARG B 1006 19.93 0.29 -15.73
CA ARG B 1006 20.97 -0.73 -15.73
C ARG B 1006 20.96 -1.53 -17.03
N ALA B 1007 19.77 -1.86 -17.54
CA ALA B 1007 19.70 -2.52 -18.83
C ALA B 1007 20.29 -1.65 -19.93
N SER B 1008 19.96 -0.37 -19.92
CA SER B 1008 20.53 0.54 -20.92
C SER B 1008 22.03 0.65 -20.80
N ALA B 1009 22.56 0.67 -19.57
CA ALA B 1009 23.99 0.76 -19.36
C ALA B 1009 24.70 -0.51 -19.81
N ASN B 1010 24.07 -1.67 -19.60
CA ASN B 1010 24.64 -2.91 -20.10
C ASN B 1010 24.68 -2.92 -21.62
N LEU B 1011 23.63 -2.41 -22.26
CA LEU B 1011 23.65 -2.28 -23.71
C LEU B 1011 24.76 -1.34 -24.17
N ALA B 1012 24.94 -0.22 -23.45
CA ALA B 1012 26.00 0.72 -23.80
C ALA B 1012 27.37 0.10 -23.64
N ALA B 1013 27.58 -0.67 -22.58
CA ALA B 1013 28.86 -1.34 -22.38
C ALA B 1013 29.11 -2.37 -23.47
N THR B 1014 28.08 -3.12 -23.87
CA THR B 1014 28.23 -4.08 -24.94
C THR B 1014 28.60 -3.37 -26.24
N LYS B 1015 27.94 -2.26 -26.54
CA LYS B 1015 28.27 -1.51 -27.75
C LYS B 1015 29.68 -0.95 -27.70
N MET B 1016 30.10 -0.47 -26.53
CA MET B 1016 31.47 0.05 -26.42
C MET B 1016 32.49 -1.06 -26.62
N SER B 1017 32.18 -2.26 -26.13
CA SER B 1017 33.12 -3.37 -26.28
C SER B 1017 33.18 -3.86 -27.72
N GLU B 1018 32.04 -3.98 -28.39
CA GLU B 1018 31.99 -4.64 -29.69
C GLU B 1018 32.04 -3.69 -30.87
N CYS B 1019 31.91 -2.39 -30.66
CA CYS B 1019 31.93 -1.42 -31.75
C CYS B 1019 33.15 -0.53 -31.74
N VAL B 1020 33.64 -0.14 -30.56
CA VAL B 1020 34.84 0.68 -30.47
C VAL B 1020 36.09 -0.17 -30.45
N LEU B 1021 36.15 -1.16 -29.56
CA LEU B 1021 37.31 -2.02 -29.42
C LEU B 1021 37.44 -3.03 -30.54
N GLY B 1022 36.61 -2.95 -31.57
CA GLY B 1022 36.70 -3.89 -32.67
C GLY B 1022 35.60 -3.61 -33.68
N GLN B 1023 35.55 -4.47 -34.69
CA GLN B 1023 34.55 -4.37 -35.75
C GLN B 1023 33.49 -5.44 -35.54
N SER B 1024 32.24 -5.04 -35.61
CA SER B 1024 31.11 -5.92 -35.32
C SER B 1024 30.40 -6.28 -36.62
N LYS B 1025 30.14 -7.57 -36.83
CA LYS B 1025 29.42 -8.04 -37.99
C LYS B 1025 27.90 -8.02 -37.80
N ARG B 1026 27.43 -7.71 -36.60
CA ARG B 1026 25.99 -7.57 -36.38
C ARG B 1026 25.48 -6.37 -37.18
N VAL B 1027 24.45 -6.60 -37.99
CA VAL B 1027 24.14 -5.72 -39.10
C VAL B 1027 23.69 -4.34 -38.63
N ASP B 1028 22.63 -4.26 -37.83
CA ASP B 1028 22.20 -2.98 -37.26
C ASP B 1028 22.49 -2.92 -35.76
N PHE B 1029 23.78 -3.04 -35.42
CA PHE B 1029 24.26 -2.80 -34.08
C PHE B 1029 25.22 -1.63 -34.02
N CYS B 1030 25.52 -1.01 -35.16
CA CYS B 1030 26.43 0.12 -35.25
C CYS B 1030 25.88 1.15 -36.22
N GLY B 1031 24.58 1.41 -36.15
CA GLY B 1031 23.95 2.31 -37.09
C GLY B 1031 23.67 1.65 -38.43
N LYS B 1032 22.93 2.37 -39.26
CA LYS B 1032 22.54 1.82 -40.56
C LYS B 1032 23.75 1.70 -41.48
N GLY B 1033 23.77 0.61 -42.25
CA GLY B 1033 24.85 0.35 -43.18
C GLY B 1033 25.88 -0.61 -42.62
N TYR B 1034 26.88 -0.90 -43.45
CA TYR B 1034 27.97 -1.76 -43.03
C TYR B 1034 28.89 -1.01 -42.07
N HIS B 1035 29.18 -1.62 -40.93
CA HIS B 1035 29.96 -0.94 -39.90
C HIS B 1035 31.42 -0.86 -40.30
N LEU B 1036 32.03 0.30 -40.04
CA LEU B 1036 33.46 0.49 -40.22
C LEU B 1036 34.18 0.66 -38.89
N MET B 1037 33.78 1.65 -38.08
CA MET B 1037 34.39 1.84 -36.77
C MET B 1037 33.52 2.81 -35.98
N SER B 1038 33.95 3.14 -34.77
CA SER B 1038 33.11 3.95 -33.90
C SER B 1038 33.97 4.81 -32.99
N PHE B 1039 33.37 5.90 -32.51
CA PHE B 1039 34.02 6.81 -31.58
C PHE B 1039 33.09 7.09 -30.42
N PRO B 1040 33.52 6.87 -29.18
CA PRO B 1040 32.69 7.24 -28.03
C PRO B 1040 32.92 8.68 -27.61
N GLN B 1041 31.87 9.27 -27.06
CA GLN B 1041 31.94 10.62 -26.49
C GLN B 1041 31.14 10.63 -25.20
N SER B 1042 31.62 11.36 -24.21
CA SER B 1042 30.89 11.46 -22.97
C SER B 1042 29.70 12.40 -23.12
N ALA B 1043 28.79 12.32 -22.15
CA ALA B 1043 27.65 13.22 -22.08
C ALA B 1043 27.12 13.15 -20.66
N PRO B 1044 26.44 14.20 -20.18
CA PRO B 1044 26.01 14.18 -18.77
C PRO B 1044 25.06 13.02 -18.51
N HIS B 1045 25.54 12.04 -17.74
CA HIS B 1045 24.82 10.81 -17.45
C HIS B 1045 24.45 10.07 -18.74
N GLY B 1046 25.43 9.95 -19.64
CA GLY B 1046 25.20 9.20 -20.86
C GLY B 1046 26.43 9.13 -21.72
N VAL B 1047 26.35 8.29 -22.75
CA VAL B 1047 27.42 8.11 -23.72
C VAL B 1047 26.82 8.25 -25.11
N VAL B 1048 27.58 8.87 -26.02
CA VAL B 1048 27.14 9.13 -27.38
C VAL B 1048 28.12 8.48 -28.33
N PHE B 1049 27.62 7.57 -29.15
CA PHE B 1049 28.46 6.85 -30.11
C PHE B 1049 28.33 7.47 -31.48
N LEU B 1050 29.46 7.83 -32.08
CA LEU B 1050 29.50 8.24 -33.48
C LEU B 1050 29.95 7.02 -34.27
N HIS B 1051 29.02 6.38 -34.96
CA HIS B 1051 29.30 5.19 -35.74
C HIS B 1051 29.64 5.60 -37.17
N VAL B 1052 30.87 5.33 -37.59
CA VAL B 1052 31.30 5.56 -38.96
C VAL B 1052 31.05 4.28 -39.75
N THR B 1053 30.21 4.38 -40.78
CA THR B 1053 29.73 3.25 -41.54
C THR B 1053 29.85 3.53 -43.03
N TYR B 1054 29.87 2.46 -43.81
CA TYR B 1054 30.05 2.48 -45.26
C TYR B 1054 28.72 2.10 -45.90
N VAL B 1055 28.20 2.98 -46.76
CA VAL B 1055 26.89 2.77 -47.38
C VAL B 1055 27.07 2.78 -48.89
N PRO B 1056 26.68 1.74 -49.61
CA PRO B 1056 26.80 1.75 -51.07
C PRO B 1056 25.86 2.77 -51.70
N ALA B 1057 26.22 3.20 -52.90
CA ALA B 1057 25.41 4.17 -53.63
C ALA B 1057 25.82 4.16 -55.10
N GLN B 1058 24.93 4.71 -55.92
CA GLN B 1058 25.11 4.78 -57.37
C GLN B 1058 25.28 3.39 -57.97
N GLU B 1059 24.26 2.57 -57.80
CA GLU B 1059 24.25 1.21 -58.31
C GLU B 1059 23.73 1.18 -59.74
N LYS B 1060 24.07 0.11 -60.45
CA LYS B 1060 23.55 -0.08 -61.80
C LYS B 1060 23.28 -1.55 -62.04
N ASN B 1061 22.41 -1.80 -63.03
CA ASN B 1061 22.02 -3.15 -63.40
C ASN B 1061 23.10 -3.86 -64.19
N PHE B 1062 23.11 -5.18 -64.09
CA PHE B 1062 23.98 -6.03 -64.90
C PHE B 1062 23.28 -7.36 -65.11
N THR B 1063 23.63 -8.02 -66.21
CA THR B 1063 23.09 -9.34 -66.52
C THR B 1063 24.05 -10.38 -65.96
N THR B 1064 23.61 -11.12 -64.94
CA THR B 1064 24.47 -12.06 -64.23
C THR B 1064 24.21 -13.49 -64.69
N ALA B 1065 24.87 -14.43 -64.01
CA ALA B 1065 24.77 -15.85 -64.30
C ALA B 1065 25.40 -16.59 -63.13
N PRO B 1066 24.97 -17.81 -62.82
CA PRO B 1066 25.55 -18.49 -61.65
C PRO B 1066 26.95 -19.02 -61.91
N ALA B 1067 27.25 -19.48 -63.12
CA ALA B 1067 28.55 -20.05 -63.42
C ALA B 1067 28.79 -19.98 -64.92
N ILE B 1068 30.05 -20.15 -65.30
CA ILE B 1068 30.48 -20.15 -66.70
C ILE B 1068 30.98 -21.54 -67.05
N CYS B 1069 30.80 -21.92 -68.32
CA CYS B 1069 31.24 -23.22 -68.82
C CYS B 1069 32.39 -23.05 -69.79
N HIS B 1070 33.31 -24.01 -69.76
CA HIS B 1070 34.47 -23.99 -70.66
C HIS B 1070 34.93 -25.43 -70.86
N ASP B 1071 34.69 -25.96 -72.06
CA ASP B 1071 35.08 -27.31 -72.44
C ASP B 1071 34.50 -28.33 -71.46
N GLY B 1072 33.20 -28.21 -71.23
CA GLY B 1072 32.52 -29.13 -70.32
C GLY B 1072 32.98 -29.03 -68.89
N LYS B 1073 33.16 -27.82 -68.39
CA LYS B 1073 33.66 -27.61 -67.02
C LYS B 1073 33.06 -26.32 -66.49
N ALA B 1074 32.20 -26.44 -65.49
CA ALA B 1074 31.58 -25.26 -64.90
C ALA B 1074 32.60 -24.47 -64.10
N HIS B 1075 32.58 -23.14 -64.27
CA HIS B 1075 33.51 -22.25 -63.61
C HIS B 1075 32.72 -21.36 -62.64
N PHE B 1076 32.96 -21.53 -61.37
CA PHE B 1076 32.31 -20.72 -60.35
C PHE B 1076 33.27 -19.67 -59.81
N PRO B 1077 32.77 -18.52 -59.35
CA PRO B 1077 33.69 -17.45 -58.94
C PRO B 1077 34.29 -17.75 -57.58
N ARG B 1078 35.61 -17.55 -57.46
CA ARG B 1078 36.28 -17.79 -56.18
C ARG B 1078 35.75 -16.85 -55.11
N GLU B 1079 35.60 -15.57 -55.44
CA GLU B 1079 35.00 -14.60 -54.54
C GLU B 1079 34.48 -13.45 -55.38
N GLY B 1080 33.17 -13.33 -55.47
CA GLY B 1080 32.58 -12.29 -56.30
C GLY B 1080 31.34 -12.73 -57.04
N VAL B 1081 31.11 -12.12 -58.20
CA VAL B 1081 29.90 -12.38 -58.97
C VAL B 1081 30.19 -12.02 -60.42
N PHE B 1082 29.50 -12.72 -61.34
CA PHE B 1082 29.66 -12.48 -62.76
C PHE B 1082 28.70 -11.39 -63.22
N VAL B 1083 29.20 -10.49 -64.06
CA VAL B 1083 28.40 -9.42 -64.63
C VAL B 1083 28.68 -9.32 -66.12
N SER B 1084 27.83 -8.58 -66.82
CA SER B 1084 27.92 -8.44 -68.27
C SER B 1084 27.74 -6.98 -68.66
N ASN B 1085 28.55 -6.53 -69.61
CA ASN B 1085 28.37 -5.24 -70.25
C ASN B 1085 27.47 -5.33 -71.48
N GLY B 1086 27.05 -6.53 -71.86
CA GLY B 1086 26.21 -6.71 -73.02
C GLY B 1086 26.77 -7.73 -74.00
N THR B 1087 28.08 -7.81 -74.09
CA THR B 1087 28.72 -8.72 -75.05
C THR B 1087 29.75 -9.63 -74.41
N HIS B 1088 30.50 -9.16 -73.42
CA HIS B 1088 31.52 -9.96 -72.76
C HIS B 1088 31.35 -9.86 -71.25
N TRP B 1089 31.81 -10.89 -70.56
CA TRP B 1089 31.55 -11.06 -69.13
C TRP B 1089 32.74 -10.65 -68.29
N PHE B 1090 32.48 -10.39 -67.01
CA PHE B 1090 33.50 -9.98 -66.06
C PHE B 1090 33.18 -10.55 -64.70
N VAL B 1091 34.19 -10.60 -63.84
CA VAL B 1091 34.04 -10.99 -62.45
C VAL B 1091 34.32 -9.76 -61.59
N THR B 1092 33.41 -9.46 -60.67
CA THR B 1092 33.54 -8.28 -59.83
C THR B 1092 33.25 -8.66 -58.38
N GLN B 1093 33.77 -7.84 -57.47
CA GLN B 1093 33.52 -8.10 -56.06
C GLN B 1093 32.05 -7.85 -55.73
N ARG B 1094 31.65 -8.31 -54.54
CA ARG B 1094 30.24 -8.32 -54.18
C ARG B 1094 29.70 -6.92 -53.98
N ASN B 1095 30.44 -6.05 -53.30
CA ASN B 1095 29.93 -4.76 -52.85
C ASN B 1095 30.51 -3.57 -53.61
N PHE B 1096 31.24 -3.81 -54.69
CA PHE B 1096 31.81 -2.72 -55.48
C PHE B 1096 31.94 -3.18 -56.91
N TYR B 1097 31.99 -2.22 -57.83
CA TYR B 1097 32.10 -2.53 -59.25
C TYR B 1097 33.55 -2.33 -59.68
N GLU B 1098 34.32 -3.41 -59.66
CA GLU B 1098 35.68 -3.44 -60.19
C GLU B 1098 35.74 -4.64 -61.13
N PRO B 1099 35.37 -4.44 -62.39
CA PRO B 1099 35.35 -5.57 -63.33
C PRO B 1099 36.77 -6.05 -63.63
N GLN B 1100 36.90 -7.37 -63.82
CA GLN B 1100 38.16 -7.98 -64.17
C GLN B 1100 37.91 -9.07 -65.22
N ILE B 1101 38.95 -9.35 -66.00
CA ILE B 1101 38.85 -10.42 -66.99
C ILE B 1101 38.73 -11.75 -66.28
N ILE B 1102 38.00 -12.68 -66.87
CA ILE B 1102 37.72 -13.96 -66.23
C ILE B 1102 38.92 -14.88 -66.45
N THR B 1103 39.59 -15.23 -65.36
CA THR B 1103 40.76 -16.09 -65.42
C THR B 1103 40.56 -17.31 -64.53
N THR B 1104 41.43 -18.31 -64.73
CA THR B 1104 41.40 -19.48 -63.87
C THR B 1104 41.91 -19.19 -62.46
N ASP B 1105 42.51 -18.02 -62.24
CA ASP B 1105 43.01 -17.69 -60.91
C ASP B 1105 41.87 -17.33 -59.96
N ASN B 1106 40.87 -16.60 -60.44
CA ASN B 1106 39.76 -16.16 -59.61
C ASN B 1106 38.50 -16.98 -59.82
N THR B 1107 38.60 -18.15 -60.47
CA THR B 1107 37.48 -19.07 -60.63
C THR B 1107 37.95 -20.49 -60.33
N PHE B 1108 37.03 -21.32 -59.86
CA PHE B 1108 37.32 -22.72 -59.59
C PHE B 1108 36.32 -23.61 -60.31
N VAL B 1109 36.77 -24.83 -60.62
CA VAL B 1109 36.01 -25.76 -61.43
C VAL B 1109 35.38 -26.81 -60.53
N SER B 1110 34.11 -27.11 -60.76
CA SER B 1110 33.40 -28.12 -59.99
C SER B 1110 32.26 -28.68 -60.82
N GLY B 1111 32.34 -29.96 -61.16
CA GLY B 1111 31.27 -30.63 -61.86
C GLY B 1111 31.24 -30.33 -63.34
N ASN B 1112 30.13 -30.74 -63.97
CA ASN B 1112 29.92 -30.56 -65.39
C ASN B 1112 29.05 -29.33 -65.63
N CYS B 1113 28.79 -29.04 -66.91
CA CYS B 1113 28.09 -27.83 -67.30
C CYS B 1113 26.60 -28.03 -67.52
N ASP B 1114 26.08 -29.24 -67.25
CA ASP B 1114 24.67 -29.53 -67.50
C ASP B 1114 23.81 -29.48 -66.26
N VAL B 1115 24.36 -29.81 -65.09
CA VAL B 1115 23.56 -29.87 -63.88
C VAL B 1115 23.13 -28.46 -63.44
N VAL B 1116 24.03 -27.49 -63.55
CA VAL B 1116 23.71 -26.13 -63.14
C VAL B 1116 22.69 -25.53 -64.08
N ILE B 1117 21.74 -24.78 -63.52
CA ILE B 1117 20.71 -24.12 -64.30
C ILE B 1117 21.09 -22.65 -64.44
N GLY B 1118 21.26 -22.20 -65.68
CA GLY B 1118 21.70 -20.85 -65.96
C GLY B 1118 23.12 -20.74 -66.49
N ILE B 1119 23.76 -21.84 -66.84
CA ILE B 1119 25.12 -21.80 -67.37
C ILE B 1119 25.14 -20.96 -68.63
N VAL B 1120 26.14 -20.08 -68.72
CA VAL B 1120 26.32 -19.20 -69.87
C VAL B 1120 27.67 -19.48 -70.49
N ASN B 1121 27.68 -19.70 -71.80
CA ASN B 1121 28.93 -19.98 -72.51
C ASN B 1121 29.81 -18.75 -72.55
N ASN B 1122 31.10 -18.93 -72.28
CA ASN B 1122 32.10 -17.89 -72.42
C ASN B 1122 33.47 -18.56 -72.27
N THR B 1123 34.51 -17.78 -72.53
CA THR B 1123 35.88 -18.26 -72.41
C THR B 1123 36.53 -17.70 -71.17
N VAL B 1124 37.54 -18.42 -70.67
CA VAL B 1124 38.34 -17.98 -69.53
C VAL B 1124 39.78 -17.84 -70.00
N TYR B 1125 40.53 -16.99 -69.32
CA TYR B 1125 41.90 -16.68 -69.70
C TYR B 1125 42.86 -17.48 -68.84
N ASP B 1126 43.67 -18.31 -69.46
CA ASP B 1126 44.70 -19.08 -68.76
C ASP B 1126 46.06 -18.49 -69.08
N PRO B 1127 46.72 -17.83 -68.14
CA PRO B 1127 48.02 -17.21 -68.45
C PRO B 1127 49.16 -18.22 -68.48
N LEU B 1128 48.98 -19.32 -69.21
CA LEU B 1128 50.01 -20.33 -69.33
C LEU B 1128 50.14 -20.82 -70.77
N GLN B 1129 49.04 -20.82 -71.52
CA GLN B 1129 49.02 -21.31 -72.89
C GLN B 1129 49.68 -20.35 -73.87
N PRO B 1130 49.29 -19.05 -73.90
CA PRO B 1130 49.91 -18.15 -74.89
C PRO B 1130 51.42 -18.03 -74.72
N GLU B 1131 51.90 -18.02 -73.48
CA GLU B 1131 53.34 -17.91 -73.26
C GLU B 1131 54.06 -19.15 -73.78
N LEU B 1132 53.51 -20.33 -73.55
CA LEU B 1132 54.13 -21.55 -74.07
C LEU B 1132 54.10 -21.57 -75.59
N ASP B 1133 52.98 -21.13 -76.19
CA ASP B 1133 52.90 -21.11 -77.65
C ASP B 1133 53.91 -20.14 -78.24
N SER B 1134 54.08 -18.97 -77.63
CA SER B 1134 55.03 -17.98 -78.14
C SER B 1134 56.47 -18.47 -77.96
N PHE B 1135 56.78 -19.04 -76.81
CA PHE B 1135 58.14 -19.47 -76.48
C PHE B 1135 58.45 -20.88 -76.97
N LYS B 1136 57.49 -21.56 -77.58
CA LYS B 1136 57.68 -22.93 -78.08
C LYS B 1136 58.13 -23.87 -76.98
N GLN C 1 -57.27 -40.92 30.01
CA GLN C 1 -56.69 -39.76 29.33
C GLN C 1 -56.04 -40.17 28.01
N CYS C 2 -55.19 -41.19 28.07
CA CYS C 2 -54.48 -41.69 26.89
C CYS C 2 -54.57 -43.20 26.84
N VAL C 3 -54.52 -43.75 25.63
CA VAL C 3 -54.59 -45.18 25.39
C VAL C 3 -53.29 -45.61 24.72
N ASN C 4 -52.64 -46.62 25.30
CA ASN C 4 -51.36 -47.12 24.79
C ASN C 4 -51.62 -48.26 23.81
N LEU C 5 -51.24 -48.05 22.55
CA LEU C 5 -51.38 -49.05 21.50
C LEU C 5 -50.00 -49.24 20.87
N THR C 6 -49.24 -50.21 21.40
CA THR C 6 -47.88 -50.47 20.94
C THR C 6 -47.70 -51.97 20.74
N THR C 7 -46.76 -52.32 19.85
CA THR C 7 -46.44 -53.71 19.56
C THR C 7 -45.00 -53.99 19.97
N ARG C 8 -44.73 -55.26 20.29
CA ARG C 8 -43.42 -55.69 20.73
C ARG C 8 -42.48 -56.05 19.59
N THR C 9 -42.93 -55.93 18.34
CA THR C 9 -42.11 -56.27 17.18
C THR C 9 -41.42 -55.04 16.64
N GLN C 10 -40.10 -55.11 16.48
CA GLN C 10 -39.30 -54.02 15.94
C GLN C 10 -38.32 -54.57 14.93
N LEU C 11 -38.11 -53.83 13.84
CA LEU C 11 -37.19 -54.25 12.78
C LEU C 11 -36.17 -53.14 12.54
N PRO C 12 -34.88 -53.48 12.42
CA PRO C 12 -33.89 -52.46 12.14
C PRO C 12 -34.06 -51.89 10.74
N PRO C 13 -33.71 -50.63 10.53
CA PRO C 13 -33.83 -50.02 9.20
C PRO C 13 -32.65 -50.40 8.31
N ALA C 14 -32.63 -49.80 7.11
CA ALA C 14 -31.57 -50.03 6.14
C ALA C 14 -31.31 -48.74 5.37
N TYR C 15 -30.11 -48.66 4.79
CA TYR C 15 -29.68 -47.50 4.04
C TYR C 15 -29.68 -47.80 2.55
N THR C 16 -29.61 -46.72 1.75
CA THR C 16 -29.54 -46.86 0.30
C THR C 16 -28.73 -45.71 -0.27
N ASN C 17 -28.21 -45.90 -1.47
CA ASN C 17 -27.40 -44.89 -2.12
C ASN C 17 -28.27 -43.75 -2.63
N SER C 18 -27.65 -42.57 -2.81
CA SER C 18 -28.35 -41.42 -3.36
C SER C 18 -27.35 -40.53 -4.09
N PHE C 19 -27.70 -40.16 -5.32
CA PHE C 19 -26.85 -39.40 -6.22
C PHE C 19 -27.08 -37.89 -5.99
N THR C 20 -26.65 -37.07 -6.95
CA THR C 20 -26.59 -35.62 -6.80
C THR C 20 -27.91 -34.99 -6.39
N ARG C 21 -27.96 -34.49 -5.15
CA ARG C 21 -29.09 -33.74 -4.64
C ARG C 21 -28.59 -32.67 -3.69
N GLY C 22 -29.30 -31.55 -3.65
CA GLY C 22 -28.91 -30.45 -2.81
C GLY C 22 -28.29 -29.30 -3.58
N VAL C 23 -28.86 -29.01 -4.74
CA VAL C 23 -28.41 -27.91 -5.59
C VAL C 23 -29.53 -26.88 -5.66
N TYR C 24 -29.22 -25.65 -5.23
CA TYR C 24 -30.21 -24.58 -5.22
C TYR C 24 -29.47 -23.25 -5.27
N TYR C 25 -30.13 -22.26 -5.88
CA TYR C 25 -29.51 -20.95 -6.04
C TYR C 25 -29.26 -20.33 -4.66
N PRO C 26 -28.04 -19.87 -4.38
CA PRO C 26 -27.76 -19.33 -3.03
C PRO C 26 -28.60 -18.13 -2.67
N ASP C 27 -28.92 -17.27 -3.63
CA ASP C 27 -29.65 -16.04 -3.36
C ASP C 27 -30.66 -15.80 -4.47
N LYS C 28 -31.62 -14.92 -4.18
CA LYS C 28 -32.69 -14.59 -5.11
C LYS C 28 -32.19 -13.88 -6.36
N VAL C 29 -30.97 -13.35 -6.34
CA VAL C 29 -30.43 -12.60 -7.46
C VAL C 29 -30.21 -13.53 -8.65
N PHE C 30 -29.99 -12.96 -9.82
CA PHE C 30 -29.83 -13.69 -11.07
C PHE C 30 -28.43 -13.50 -11.63
N ARG C 31 -27.88 -14.57 -12.20
CA ARG C 31 -26.57 -14.52 -12.84
C ARG C 31 -26.63 -15.29 -14.14
N SER C 32 -25.81 -14.89 -15.10
CA SER C 32 -25.82 -15.49 -16.44
C SER C 32 -24.39 -15.74 -16.90
N SER C 33 -24.12 -16.98 -17.30
CA SER C 33 -22.83 -17.36 -17.90
C SER C 33 -21.66 -16.99 -17.00
N VAL C 34 -21.84 -17.16 -15.69
CA VAL C 34 -20.80 -16.84 -14.71
C VAL C 34 -20.72 -17.98 -13.71
N LEU C 35 -19.50 -18.42 -13.40
CA LEU C 35 -19.28 -19.44 -12.38
C LEU C 35 -19.03 -18.76 -11.05
N HIS C 36 -19.76 -19.18 -10.02
CA HIS C 36 -19.74 -18.52 -8.73
C HIS C 36 -19.57 -19.52 -7.61
N SER C 37 -18.74 -19.18 -6.63
CA SER C 37 -18.56 -20.02 -5.46
C SER C 37 -19.51 -19.59 -4.35
N THR C 38 -19.79 -20.52 -3.43
CA THR C 38 -20.67 -20.24 -2.31
C THR C 38 -20.22 -21.07 -1.12
N GLN C 39 -20.65 -20.65 0.07
CA GLN C 39 -20.35 -21.37 1.31
C GLN C 39 -21.60 -21.28 2.19
N ASP C 40 -22.42 -22.33 2.16
CA ASP C 40 -23.70 -22.30 2.85
C ASP C 40 -24.16 -23.73 3.11
N LEU C 41 -25.44 -23.88 3.43
CA LEU C 41 -26.03 -25.17 3.75
C LEU C 41 -26.45 -25.86 2.47
N PHE C 42 -25.67 -26.84 2.03
CA PHE C 42 -26.02 -27.66 0.87
C PHE C 42 -26.00 -29.12 1.31
N LEU C 43 -26.15 -30.02 0.34
CA LEU C 43 -26.00 -31.45 0.58
C LEU C 43 -25.07 -32.04 -0.47
N PRO C 44 -24.12 -32.89 -0.06
CA PRO C 44 -23.09 -33.37 -0.99
C PRO C 44 -23.63 -34.09 -2.22
N PHE C 45 -22.74 -34.37 -3.17
CA PHE C 45 -23.14 -34.97 -4.45
C PHE C 45 -23.46 -36.44 -4.31
N PHE C 46 -22.76 -37.16 -3.44
CA PHE C 46 -22.98 -38.58 -3.22
C PHE C 46 -23.25 -38.82 -1.74
N SER C 47 -24.39 -39.42 -1.43
CA SER C 47 -24.76 -39.59 -0.03
C SER C 47 -25.61 -40.85 0.11
N ASN C 48 -26.17 -41.05 1.30
CA ASN C 48 -27.03 -42.17 1.60
C ASN C 48 -28.35 -41.66 2.17
N VAL C 49 -29.39 -42.47 2.03
CA VAL C 49 -30.73 -42.15 2.50
C VAL C 49 -31.30 -43.32 3.27
N THR C 50 -32.32 -43.03 4.08
CA THR C 50 -32.93 -44.02 4.97
C THR C 50 -34.44 -43.76 5.02
N TRP C 51 -35.22 -44.63 4.37
CA TRP C 51 -36.67 -44.53 4.37
C TRP C 51 -37.25 -45.78 5.03
N PHE C 52 -38.16 -45.56 5.97
CA PHE C 52 -38.74 -46.65 6.74
C PHE C 52 -39.71 -47.48 5.89
N HIS C 53 -39.86 -48.75 6.27
CA HIS C 53 -40.81 -49.64 5.63
C HIS C 53 -42.16 -49.48 6.33
N ALA C 54 -42.92 -48.48 5.90
CA ALA C 54 -44.21 -48.15 6.50
C ALA C 54 -45.34 -48.97 5.90
N ILE C 55 -45.20 -50.29 5.92
CA ILE C 55 -46.21 -51.21 5.41
C ILE C 55 -46.61 -52.14 6.55
N HIS C 56 -47.88 -52.12 6.93
CA HIS C 56 -48.39 -52.96 8.00
C HIS C 56 -49.84 -53.29 7.71
N VAL C 57 -50.13 -54.58 7.59
CA VAL C 57 -51.49 -55.04 7.31
C VAL C 57 -52.00 -55.91 8.45
N THR C 63 -43.96 -58.07 3.71
CA THR C 63 -45.29 -58.42 4.21
C THR C 63 -45.87 -57.29 5.06
N LYS C 64 -45.68 -57.37 6.37
CA LYS C 64 -46.17 -56.37 7.30
C LYS C 64 -45.07 -55.98 8.27
N ARG C 65 -45.13 -54.73 8.74
CA ARG C 65 -44.15 -54.22 9.70
C ARG C 65 -44.72 -52.98 10.36
N PHE C 66 -44.84 -52.99 11.68
CA PHE C 66 -45.34 -51.87 12.45
C PHE C 66 -44.16 -51.13 13.07
N ASP C 67 -44.06 -49.83 12.80
CA ASP C 67 -42.95 -49.02 13.30
C ASP C 67 -43.39 -47.57 13.33
N ASN C 68 -43.49 -47.00 14.52
CA ASN C 68 -43.85 -45.59 14.71
C ASN C 68 -42.83 -44.94 15.63
N PRO C 69 -41.61 -44.69 15.14
CA PRO C 69 -40.57 -44.10 15.99
C PRO C 69 -40.57 -42.59 15.95
N VAL C 70 -39.68 -41.97 16.74
CA VAL C 70 -39.54 -40.52 16.77
C VAL C 70 -38.15 -40.17 16.24
N LEU C 71 -38.05 -38.98 15.65
CA LEU C 71 -36.81 -38.55 15.01
C LEU C 71 -36.25 -37.33 15.72
N PRO C 72 -34.98 -37.33 16.12
CA PRO C 72 -34.39 -36.11 16.69
C PRO C 72 -34.30 -35.00 15.65
N PHE C 73 -34.39 -33.76 16.14
CA PHE C 73 -34.30 -32.61 15.25
C PHE C 73 -32.87 -32.43 14.73
N ASN C 74 -31.91 -32.25 15.64
CA ASN C 74 -30.50 -32.12 15.30
C ASN C 74 -30.26 -30.98 14.31
N ASP C 75 -30.82 -29.82 14.62
CA ASP C 75 -30.60 -28.58 13.86
C ASP C 75 -31.01 -28.74 12.40
N GLY C 76 -32.31 -28.94 12.19
CA GLY C 76 -32.87 -28.95 10.85
C GLY C 76 -32.86 -30.29 10.16
N VAL C 77 -33.96 -30.65 9.50
CA VAL C 77 -34.08 -31.89 8.76
C VAL C 77 -34.67 -31.58 7.39
N TYR C 78 -34.09 -32.18 6.35
CA TYR C 78 -34.53 -32.01 4.97
C TYR C 78 -35.30 -33.26 4.55
N PHE C 79 -36.56 -33.06 4.15
CA PHE C 79 -37.46 -34.17 3.82
C PHE C 79 -37.84 -34.12 2.34
N ALA C 80 -38.03 -35.29 1.75
CA ALA C 80 -38.58 -35.42 0.42
C ALA C 80 -39.61 -36.55 0.44
N SER C 81 -40.59 -36.46 -0.44
CA SER C 81 -41.64 -37.48 -0.48
C SER C 81 -42.25 -37.54 -1.87
N THR C 82 -42.86 -38.69 -2.16
CA THR C 82 -43.61 -38.92 -3.39
C THR C 82 -44.94 -39.59 -3.08
N GLU C 83 -45.57 -39.18 -1.99
CA GLU C 83 -46.78 -39.84 -1.52
C GLU C 83 -47.95 -39.59 -2.47
N LYS C 84 -48.88 -40.55 -2.50
CA LYS C 84 -50.03 -40.49 -3.38
C LYS C 84 -51.37 -40.51 -2.65
N SER C 85 -51.48 -41.26 -1.55
CA SER C 85 -52.73 -41.39 -0.81
C SER C 85 -52.72 -40.58 0.48
N ASN C 86 -51.96 -39.47 0.49
CA ASN C 86 -51.84 -38.59 1.66
C ASN C 86 -51.34 -39.38 2.87
N ILE C 87 -50.15 -39.95 2.73
CA ILE C 87 -49.57 -40.76 3.80
C ILE C 87 -49.07 -39.88 4.94
N ILE C 88 -48.14 -38.98 4.63
CA ILE C 88 -47.61 -38.08 5.66
C ILE C 88 -48.58 -36.91 5.80
N ARG C 89 -49.54 -37.05 6.71
CA ARG C 89 -50.51 -35.98 6.94
C ARG C 89 -49.85 -34.74 7.53
N GLY C 90 -48.97 -34.93 8.50
CA GLY C 90 -48.32 -33.81 9.15
C GLY C 90 -47.21 -34.28 10.05
N TRP C 91 -46.62 -33.32 10.77
CA TRP C 91 -45.50 -33.56 11.65
C TRP C 91 -45.74 -32.89 13.00
N ILE C 92 -45.42 -33.59 14.08
CA ILE C 92 -45.56 -33.07 15.43
C ILE C 92 -44.16 -32.78 15.97
N PHE C 93 -43.90 -31.51 16.26
CA PHE C 93 -42.59 -31.06 16.71
C PHE C 93 -42.63 -30.76 18.20
N GLY C 94 -41.65 -31.28 18.92
CA GLY C 94 -41.53 -31.01 20.34
C GLY C 94 -40.70 -32.05 21.08
N THR C 95 -39.85 -31.57 22.00
CA THR C 95 -39.02 -32.49 22.78
C THR C 95 -39.88 -33.40 23.65
N THR C 96 -40.91 -32.84 24.28
CA THR C 96 -41.83 -33.62 25.10
C THR C 96 -43.15 -33.90 24.41
N LEU C 97 -43.54 -33.07 23.43
CA LEU C 97 -44.80 -33.23 22.69
C LEU C 97 -46.00 -33.26 23.65
N ASP C 98 -46.16 -32.15 24.38
CA ASP C 98 -47.22 -32.02 25.37
C ASP C 98 -47.82 -30.63 25.25
N SER C 99 -48.73 -30.31 26.17
CA SER C 99 -49.38 -29.00 26.20
C SER C 99 -48.47 -27.90 26.71
N LYS C 100 -47.36 -28.24 27.37
CA LYS C 100 -46.43 -27.24 27.87
C LYS C 100 -45.46 -26.75 26.80
N THR C 101 -45.47 -27.35 25.61
CA THR C 101 -44.60 -26.96 24.51
C THR C 101 -45.44 -26.66 23.28
N GLN C 102 -44.99 -25.68 22.50
CA GLN C 102 -45.70 -25.31 21.29
C GLN C 102 -45.64 -26.44 20.27
N SER C 103 -46.76 -26.65 19.57
CA SER C 103 -46.89 -27.75 18.62
C SER C 103 -47.25 -27.21 17.24
N LEU C 104 -46.79 -27.91 16.21
CA LEU C 104 -47.07 -27.57 14.83
C LEU C 104 -47.99 -28.63 14.22
N LEU C 105 -49.02 -28.18 13.51
CA LEU C 105 -49.97 -29.10 12.87
C LEU C 105 -50.23 -28.59 11.46
N ILE C 106 -49.74 -29.32 10.46
CA ILE C 106 -49.89 -28.96 9.06
C ILE C 106 -50.76 -30.03 8.40
N VAL C 107 -51.87 -29.60 7.79
CA VAL C 107 -52.81 -30.51 7.15
C VAL C 107 -53.13 -29.99 5.75
N ASN C 108 -53.15 -30.90 4.78
CA ASN C 108 -53.49 -30.59 3.40
C ASN C 108 -54.64 -31.49 2.97
N ASN C 109 -55.66 -30.89 2.38
CA ASN C 109 -56.83 -31.63 1.92
C ASN C 109 -57.25 -31.10 0.56
N ALA C 110 -58.42 -31.52 0.09
CA ALA C 110 -58.92 -31.12 -1.22
C ALA C 110 -59.54 -29.72 -1.21
N THR C 111 -59.72 -29.11 -0.06
CA THR C 111 -60.33 -27.79 0.04
C THR C 111 -59.35 -26.71 0.47
N ASN C 112 -58.65 -26.89 1.59
CA ASN C 112 -57.76 -25.86 2.10
C ASN C 112 -56.56 -26.52 2.77
N VAL C 113 -55.47 -25.74 2.85
CA VAL C 113 -54.25 -26.14 3.53
C VAL C 113 -54.17 -25.31 4.81
N VAL C 114 -54.12 -26.00 5.96
CA VAL C 114 -54.20 -25.34 7.26
C VAL C 114 -52.92 -25.63 8.04
N ILE C 115 -52.27 -24.58 8.51
CA ILE C 115 -51.08 -24.68 9.35
C ILE C 115 -51.40 -23.98 10.67
N LYS C 116 -51.39 -24.75 11.75
CA LYS C 116 -51.75 -24.24 13.08
C LYS C 116 -50.57 -24.45 14.04
N VAL C 117 -50.14 -23.36 14.67
CA VAL C 117 -49.10 -23.44 15.69
C VAL C 117 -49.75 -23.26 17.05
N CYS C 118 -50.10 -24.38 17.68
CA CYS C 118 -50.78 -24.36 18.97
C CYS C 118 -50.24 -25.50 19.83
N GLU C 119 -50.47 -25.37 21.14
CA GLU C 119 -50.04 -26.39 22.11
C GLU C 119 -51.10 -27.49 22.14
N PHE C 120 -51.03 -28.36 21.14
CA PHE C 120 -51.97 -29.46 21.03
C PHE C 120 -51.51 -30.66 21.87
N GLN C 121 -52.40 -31.14 22.73
CA GLN C 121 -52.09 -32.31 23.54
C GLN C 121 -51.95 -33.54 22.67
N PHE C 122 -50.93 -34.35 22.96
CA PHE C 122 -50.62 -35.54 22.18
C PHE C 122 -50.54 -36.75 23.11
N CYS C 123 -51.19 -37.84 22.71
CA CYS C 123 -51.20 -39.06 23.51
C CYS C 123 -49.92 -39.87 23.26
N ASN C 124 -49.87 -41.06 23.86
CA ASN C 124 -48.70 -41.92 23.69
C ASN C 124 -48.55 -42.38 22.25
N ASP C 125 -49.67 -42.74 21.61
CA ASP C 125 -49.65 -43.27 20.24
C ASP C 125 -50.64 -42.48 19.39
N PRO C 126 -50.23 -41.31 18.91
CA PRO C 126 -51.14 -40.50 18.09
C PRO C 126 -51.32 -41.08 16.69
N PHE C 127 -52.58 -41.12 16.24
CA PHE C 127 -52.89 -41.59 14.90
C PHE C 127 -54.25 -41.04 14.50
N LEU C 128 -54.39 -40.75 13.20
CA LEU C 128 -55.62 -40.21 12.64
C LEU C 128 -56.32 -41.28 11.83
N GLY C 129 -57.60 -41.47 12.08
CA GLY C 129 -58.39 -42.48 11.39
C GLY C 129 -59.51 -41.84 10.58
N VAL C 130 -59.77 -42.41 9.40
CA VAL C 130 -60.82 -41.95 8.51
C VAL C 130 -61.71 -43.13 8.15
N TYR C 131 -62.93 -42.82 7.75
CA TYR C 131 -63.92 -43.82 7.37
C TYR C 131 -64.29 -43.66 5.90
N TYR C 132 -65.21 -44.51 5.44
CA TYR C 132 -65.65 -44.51 4.05
C TYR C 132 -67.14 -44.83 4.02
N HIS C 133 -67.97 -43.83 3.74
CA HIS C 133 -69.40 -44.03 3.69
C HIS C 133 -69.80 -44.71 2.38
N LYS C 134 -70.57 -45.79 2.49
CA LYS C 134 -71.01 -46.51 1.30
C LYS C 134 -71.96 -45.67 0.46
N ASN C 135 -72.88 -44.95 1.10
CA ASN C 135 -73.85 -44.15 0.36
C ASN C 135 -73.18 -42.97 -0.33
N ASN C 136 -72.29 -42.28 0.37
CA ASN C 136 -71.61 -41.12 -0.21
C ASN C 136 -70.51 -41.51 -1.20
N LYS C 137 -70.00 -42.73 -1.10
CA LYS C 137 -68.93 -43.21 -1.98
C LYS C 137 -67.72 -42.28 -1.93
N SER C 138 -67.35 -41.85 -0.72
CA SER C 138 -66.21 -40.97 -0.51
C SER C 138 -65.65 -41.21 0.87
N TRP C 139 -64.51 -40.59 1.14
CA TRP C 139 -63.81 -40.72 2.42
C TRP C 139 -63.86 -39.40 3.16
N MET C 140 -64.20 -39.45 4.46
CA MET C 140 -64.25 -38.29 5.32
C MET C 140 -63.53 -38.62 6.63
N GLU C 141 -63.21 -37.56 7.38
CA GLU C 141 -62.54 -37.70 8.67
C GLU C 141 -63.55 -37.44 9.79
N SER C 142 -63.65 -38.38 10.72
CA SER C 142 -64.56 -38.25 11.86
C SER C 142 -63.92 -38.54 13.21
N GLU C 143 -62.79 -39.25 13.25
CA GLU C 143 -62.12 -39.58 14.52
C GLU C 143 -61.06 -38.52 14.80
N PHE C 144 -61.52 -37.40 15.36
CA PHE C 144 -60.62 -36.29 15.72
C PHE C 144 -60.08 -36.49 17.14
N ARG C 145 -59.47 -37.65 17.34
CA ARG C 145 -58.89 -38.01 18.63
C ARG C 145 -57.38 -37.79 18.68
N VAL C 146 -56.81 -37.14 17.66
CA VAL C 146 -55.38 -36.89 17.64
C VAL C 146 -54.97 -35.98 18.79
N TYR C 147 -55.77 -34.93 19.05
CA TYR C 147 -55.50 -33.99 20.12
C TYR C 147 -56.67 -33.99 21.09
N SER C 148 -56.35 -33.99 22.40
CA SER C 148 -57.37 -33.98 23.43
C SER C 148 -57.79 -32.57 23.83
N SER C 149 -56.83 -31.66 23.98
CA SER C 149 -57.11 -30.29 24.37
C SER C 149 -56.36 -29.33 23.44
N ALA C 150 -57.00 -28.19 23.17
CA ALA C 150 -56.42 -27.15 22.34
C ALA C 150 -56.43 -25.85 23.13
N ASN C 151 -55.25 -25.38 23.53
CA ASN C 151 -55.13 -24.17 24.33
C ASN C 151 -53.94 -23.36 23.83
N ASN C 152 -53.98 -22.06 24.14
CA ASN C 152 -52.91 -21.12 23.79
C ASN C 152 -52.68 -21.11 22.27
N CYS C 153 -53.76 -20.89 21.54
CA CYS C 153 -53.69 -20.80 20.09
C CYS C 153 -53.08 -19.46 19.69
N THR C 154 -52.04 -19.51 18.86
CA THR C 154 -51.31 -18.30 18.47
C THR C 154 -51.36 -18.03 16.98
N PHE C 155 -51.08 -19.03 16.14
CA PHE C 155 -50.97 -18.83 14.70
C PHE C 155 -51.84 -19.84 13.98
N GLU C 156 -52.62 -19.35 13.01
CA GLU C 156 -53.48 -20.20 12.18
C GLU C 156 -53.50 -19.61 10.78
N TYR C 157 -52.94 -20.34 9.81
CA TYR C 157 -52.82 -19.87 8.44
C TYR C 157 -53.54 -20.84 7.51
N VAL C 158 -54.45 -20.29 6.70
CA VAL C 158 -55.23 -21.07 5.75
C VAL C 158 -54.92 -20.57 4.35
N SER C 159 -54.49 -21.48 3.48
CA SER C 159 -54.16 -21.13 2.11
C SER C 159 -54.61 -22.25 1.17
N GLN C 160 -55.17 -21.86 0.03
CA GLN C 160 -55.61 -22.83 -0.96
C GLN C 160 -54.41 -23.60 -1.52
N PRO C 161 -54.60 -24.88 -1.86
CA PRO C 161 -53.48 -25.66 -2.41
C PRO C 161 -53.02 -25.12 -3.76
N PHE C 162 -51.81 -24.58 -3.80
CA PHE C 162 -51.27 -23.98 -5.02
C PHE C 162 -50.53 -25.03 -5.85
N LEU C 163 -49.54 -25.69 -5.26
CA LEU C 163 -48.72 -26.67 -5.96
C LEU C 163 -49.26 -28.08 -5.88
N MET C 164 -50.41 -28.29 -5.23
CA MET C 164 -51.04 -29.60 -5.13
C MET C 164 -52.15 -29.69 -6.17
N ASP C 165 -52.05 -30.69 -7.05
CA ASP C 165 -53.03 -30.83 -8.13
C ASP C 165 -54.27 -31.58 -7.67
N LEU C 166 -54.07 -32.76 -7.04
CA LEU C 166 -55.16 -33.58 -6.55
C LEU C 166 -56.15 -33.93 -7.65
N GLU C 167 -55.64 -34.20 -8.85
CA GLU C 167 -56.45 -34.52 -10.01
C GLU C 167 -56.40 -35.99 -10.39
N GLY C 168 -55.19 -36.56 -10.50
CA GLY C 168 -55.07 -37.95 -10.89
C GLY C 168 -55.66 -38.88 -9.85
N LYS C 169 -56.57 -39.75 -10.29
CA LYS C 169 -57.19 -40.70 -9.37
C LYS C 169 -56.18 -41.70 -8.83
N GLN C 170 -55.29 -42.20 -9.70
CA GLN C 170 -54.29 -43.19 -9.31
C GLN C 170 -52.94 -42.74 -9.86
N GLY C 171 -52.05 -42.30 -8.96
CA GLY C 171 -50.71 -41.94 -9.34
C GLY C 171 -49.65 -42.73 -8.59
N ASN C 172 -48.93 -43.60 -9.31
CA ASN C 172 -47.98 -44.52 -8.69
C ASN C 172 -46.61 -43.87 -8.67
N PHE C 173 -46.33 -43.12 -7.60
CA PHE C 173 -45.04 -42.48 -7.38
C PHE C 173 -44.65 -41.59 -8.56
N LYS C 174 -45.60 -40.78 -9.01
CA LYS C 174 -45.42 -39.91 -10.17
C LYS C 174 -45.42 -38.44 -9.78
N ASN C 175 -44.78 -38.12 -8.65
CA ASN C 175 -44.66 -36.74 -8.19
C ASN C 175 -43.42 -36.65 -7.31
N LEU C 176 -43.10 -35.41 -6.90
CA LEU C 176 -41.95 -35.19 -6.03
C LEU C 176 -42.20 -33.90 -5.25
N ARG C 177 -42.55 -34.04 -3.97
CA ARG C 177 -42.78 -32.90 -3.09
C ARG C 177 -41.64 -32.82 -2.08
N GLU C 178 -40.97 -31.67 -2.05
CA GLU C 178 -39.79 -31.49 -1.21
C GLU C 178 -40.06 -30.44 -0.13
N PHE C 179 -39.52 -30.68 1.07
CA PHE C 179 -39.62 -29.76 2.19
C PHE C 179 -38.25 -29.59 2.83
N VAL C 180 -37.90 -28.35 3.15
CA VAL C 180 -36.70 -28.05 3.93
C VAL C 180 -37.15 -27.37 5.22
N PHE C 181 -36.82 -27.97 6.35
CA PHE C 181 -37.17 -27.45 7.66
C PHE C 181 -35.95 -26.74 8.24
N LYS C 182 -35.96 -25.41 8.23
CA LYS C 182 -34.86 -24.62 8.76
C LYS C 182 -35.31 -23.94 10.04
N ASN C 183 -34.57 -24.18 11.13
CA ASN C 183 -34.87 -23.62 12.45
C ASN C 183 -33.68 -22.80 12.89
N ILE C 184 -33.64 -21.53 12.46
CA ILE C 184 -32.56 -20.62 12.77
C ILE C 184 -33.14 -19.28 13.19
N ASP C 185 -32.67 -18.75 14.31
CA ASP C 185 -33.03 -17.41 14.79
C ASP C 185 -34.55 -17.28 14.97
N GLY C 186 -35.14 -18.27 15.63
CA GLY C 186 -36.56 -18.22 15.94
C GLY C 186 -37.49 -18.26 14.75
N TYR C 187 -37.18 -19.07 13.75
CA TYR C 187 -38.03 -19.25 12.59
C TYR C 187 -38.12 -20.73 12.26
N PHE C 188 -39.23 -21.14 11.65
CA PHE C 188 -39.37 -22.47 11.07
C PHE C 188 -39.69 -22.26 9.59
N LYS C 189 -38.64 -22.10 8.79
CA LYS C 189 -38.80 -21.85 7.36
C LYS C 189 -38.97 -23.16 6.61
N ILE C 190 -39.99 -23.20 5.76
CA ILE C 190 -40.34 -24.38 4.98
C ILE C 190 -40.44 -23.98 3.51
N TYR C 191 -39.91 -24.82 2.64
CA TYR C 191 -39.81 -24.53 1.21
C TYR C 191 -40.47 -25.66 0.42
N SER C 192 -41.14 -25.30 -0.67
CA SER C 192 -41.92 -26.24 -1.45
C SER C 192 -41.29 -26.45 -2.83
N LYS C 193 -41.37 -27.69 -3.32
CA LYS C 193 -40.87 -28.03 -4.64
C LYS C 193 -41.68 -29.20 -5.17
N HIS C 194 -42.30 -29.02 -6.33
CA HIS C 194 -43.05 -30.07 -7.02
C HIS C 194 -42.46 -30.25 -8.42
N THR C 195 -42.09 -31.48 -8.75
CA THR C 195 -41.54 -31.79 -10.08
C THR C 195 -42.02 -33.17 -10.50
N PRO C 196 -42.64 -33.29 -11.67
CA PRO C 196 -43.13 -34.59 -12.13
C PRO C 196 -41.97 -35.48 -12.59
N ILE C 197 -41.83 -36.63 -11.95
CA ILE C 197 -40.78 -37.59 -12.27
C ILE C 197 -41.38 -39.00 -12.25
N ASN C 198 -41.04 -39.81 -13.24
CA ASN C 198 -41.46 -41.21 -13.29
C ASN C 198 -40.38 -42.00 -14.02
N LEU C 199 -39.48 -42.59 -13.24
CA LEU C 199 -38.39 -43.39 -13.77
C LEU C 199 -38.35 -44.77 -13.13
N VAL C 200 -37.29 -45.53 -13.38
CA VAL C 200 -37.19 -46.90 -12.88
C VAL C 200 -36.50 -46.95 -11.52
N ARG C 201 -35.31 -46.35 -11.41
CA ARG C 201 -34.56 -46.42 -10.16
C ARG C 201 -35.22 -45.57 -9.09
N ASP C 202 -34.86 -45.86 -7.82
CA ASP C 202 -35.40 -45.09 -6.71
C ASP C 202 -34.93 -43.64 -6.76
N LEU C 203 -33.66 -43.42 -7.10
CA LEU C 203 -33.08 -42.08 -7.18
C LEU C 203 -32.66 -41.77 -8.60
N PRO C 204 -33.42 -40.96 -9.34
CA PRO C 204 -32.99 -40.57 -10.68
C PRO C 204 -31.90 -39.52 -10.65
N GLN C 205 -31.55 -38.97 -11.82
CA GLN C 205 -30.50 -37.96 -11.93
C GLN C 205 -31.08 -36.56 -12.11
N GLY C 206 -32.19 -36.25 -11.43
CA GLY C 206 -32.80 -34.94 -11.56
C GLY C 206 -31.94 -33.83 -11.00
N PHE C 207 -32.17 -32.62 -11.51
CA PHE C 207 -31.36 -31.46 -11.14
C PHE C 207 -32.30 -30.26 -11.04
N SER C 208 -32.78 -29.99 -9.83
CA SER C 208 -33.75 -28.92 -9.61
C SER C 208 -33.49 -28.29 -8.25
N ALA C 209 -34.02 -27.08 -8.07
CA ALA C 209 -33.68 -26.22 -6.94
C ALA C 209 -34.92 -25.88 -6.11
N LEU C 210 -34.69 -25.54 -4.84
CA LEU C 210 -35.74 -25.15 -3.92
C LEU C 210 -35.81 -23.63 -3.74
N GLU C 211 -37.03 -23.12 -3.65
CA GLU C 211 -37.31 -21.70 -3.64
C GLU C 211 -38.29 -21.37 -2.51
N PRO C 212 -38.20 -20.17 -1.94
CA PRO C 212 -38.94 -19.88 -0.70
C PRO C 212 -40.44 -19.77 -0.92
N LEU C 213 -41.19 -20.40 -0.02
CA LEU C 213 -42.64 -20.18 0.05
C LEU C 213 -43.19 -20.01 1.46
N VAL C 214 -42.53 -20.51 2.50
CA VAL C 214 -43.02 -20.41 3.87
C VAL C 214 -41.89 -19.89 4.76
N ASP C 215 -42.10 -18.73 5.37
CA ASP C 215 -41.10 -18.06 6.21
C ASP C 215 -41.68 -17.68 7.56
N LEU C 216 -42.35 -18.63 8.20
CA LEU C 216 -42.99 -18.37 9.48
C LEU C 216 -41.96 -18.33 10.61
N PRO C 217 -42.14 -17.44 11.59
CA PRO C 217 -41.24 -17.43 12.75
C PRO C 217 -41.76 -18.22 13.94
N ILE C 218 -40.87 -18.96 14.61
CA ILE C 218 -41.18 -19.57 15.90
C ILE C 218 -39.86 -19.90 16.60
N GLY C 219 -39.75 -19.51 17.87
CA GLY C 219 -38.51 -19.70 18.60
C GLY C 219 -38.63 -20.62 19.80
N ILE C 220 -38.01 -21.80 19.71
CA ILE C 220 -37.97 -22.75 20.81
C ILE C 220 -36.88 -23.77 20.51
N ASN C 221 -36.20 -24.23 21.55
CA ASN C 221 -35.16 -25.25 21.41
C ASN C 221 -35.82 -26.62 21.33
N ILE C 222 -35.55 -27.35 20.25
CA ILE C 222 -36.17 -28.64 19.99
C ILE C 222 -35.09 -29.64 19.63
N THR C 223 -35.25 -30.88 20.10
CA THR C 223 -34.31 -31.95 19.79
C THR C 223 -35.03 -33.27 19.48
N ARG C 224 -36.32 -33.23 19.19
CA ARG C 224 -37.10 -34.44 18.96
C ARG C 224 -38.40 -34.07 18.26
N PHE C 225 -38.78 -34.87 17.27
CA PHE C 225 -40.04 -34.67 16.58
C PHE C 225 -40.48 -35.99 15.95
N GLN C 226 -41.75 -36.06 15.59
CA GLN C 226 -42.34 -37.28 15.05
C GLN C 226 -43.15 -36.93 13.80
N THR C 227 -43.29 -37.92 12.91
CA THR C 227 -44.07 -37.77 11.70
C THR C 227 -45.38 -38.52 11.86
N LEU C 228 -46.50 -37.82 11.69
CA LEU C 228 -47.81 -38.42 11.86
C LEU C 228 -48.16 -39.28 10.65
N LEU C 229 -49.39 -39.79 10.63
CA LEU C 229 -49.81 -40.72 9.60
C LEU C 229 -51.33 -40.70 9.52
N ALA C 230 -51.88 -41.53 8.63
CA ALA C 230 -53.31 -41.66 8.43
C ALA C 230 -53.71 -43.13 8.45
N LEU C 231 -54.94 -43.39 8.86
CA LEU C 231 -55.46 -44.75 8.96
C LEU C 231 -56.81 -44.84 8.26
N HIS C 232 -57.06 -45.98 7.65
CA HIS C 232 -58.32 -46.28 6.97
C HIS C 232 -59.10 -47.29 7.79
N ARG C 233 -60.32 -46.94 8.16
CA ARG C 233 -61.17 -47.85 8.94
C ARG C 233 -61.58 -49.05 8.08
N SER C 234 -61.52 -50.23 8.68
CA SER C 234 -61.89 -51.47 8.01
C SER C 234 -63.05 -52.11 8.75
N TYR C 235 -64.09 -52.50 8.01
CA TYR C 235 -65.26 -53.14 8.61
C TYR C 235 -64.91 -54.59 8.93
N LEU C 236 -64.77 -54.89 10.22
CA LEU C 236 -64.39 -56.22 10.68
C LEU C 236 -65.46 -56.75 11.62
N THR C 237 -65.81 -58.02 11.44
CA THR C 237 -66.80 -58.65 12.31
C THR C 237 -66.22 -58.83 13.72
N PRO C 238 -67.08 -58.85 14.75
CA PRO C 238 -66.57 -59.06 16.11
C PRO C 238 -65.81 -60.36 16.29
N GLY C 239 -66.21 -61.42 15.59
CA GLY C 239 -65.52 -62.69 15.68
C GLY C 239 -64.32 -62.85 14.79
N ASP C 240 -64.02 -61.85 13.94
CA ASP C 240 -62.86 -61.95 13.07
C ASP C 240 -61.56 -61.97 13.86
N SER C 241 -61.45 -61.12 14.89
CA SER C 241 -60.27 -61.02 15.73
C SER C 241 -59.02 -60.73 14.88
N SER C 242 -59.10 -59.65 14.13
CA SER C 242 -58.01 -59.22 13.26
C SER C 242 -57.07 -58.26 13.99
N SER C 243 -55.99 -57.87 13.31
CA SER C 243 -55.05 -56.93 13.91
C SER C 243 -55.70 -55.56 14.13
N GLY C 244 -56.50 -55.11 13.17
CA GLY C 244 -57.18 -53.83 13.27
C GLY C 244 -56.40 -52.63 12.80
N TRP C 245 -55.21 -52.83 12.21
CA TRP C 245 -54.38 -51.74 11.72
C TRP C 245 -54.28 -51.83 10.20
N THR C 246 -54.49 -50.71 9.53
CA THR C 246 -54.42 -50.64 8.08
C THR C 246 -53.50 -49.50 7.66
N ALA C 247 -52.70 -49.75 6.63
CA ALA C 247 -51.73 -48.76 6.16
C ALA C 247 -51.37 -49.10 4.71
N GLY C 248 -50.66 -48.17 4.09
CA GLY C 248 -50.20 -48.30 2.71
C GLY C 248 -48.70 -48.48 2.61
N ALA C 249 -48.10 -47.84 1.61
CA ALA C 249 -46.67 -47.88 1.38
C ALA C 249 -46.13 -46.47 1.24
N ALA C 250 -44.94 -46.22 1.78
CA ALA C 250 -44.37 -44.89 1.78
C ALA C 250 -42.85 -44.99 1.89
N ALA C 251 -42.18 -43.88 1.58
CA ALA C 251 -40.73 -43.77 1.69
C ALA C 251 -40.35 -42.31 1.87
N TYR C 252 -39.57 -42.02 2.92
CA TYR C 252 -39.16 -40.66 3.22
C TYR C 252 -37.70 -40.65 3.66
N TYR C 253 -36.90 -39.79 3.04
CA TYR C 253 -35.48 -39.69 3.37
C TYR C 253 -35.28 -38.80 4.59
N VAL C 254 -34.44 -39.25 5.51
CA VAL C 254 -34.16 -38.53 6.76
C VAL C 254 -32.67 -38.26 6.83
N GLY C 255 -32.30 -36.97 6.79
CA GLY C 255 -30.92 -36.56 6.95
C GLY C 255 -30.81 -35.42 7.92
N TYR C 256 -29.64 -34.79 8.01
CA TYR C 256 -29.44 -33.67 8.92
C TYR C 256 -28.50 -32.65 8.27
N LEU C 257 -28.60 -31.41 8.74
CA LEU C 257 -27.94 -30.30 8.08
C LEU C 257 -26.45 -30.24 8.42
N GLN C 258 -25.63 -29.93 7.41
CA GLN C 258 -24.20 -29.75 7.57
C GLN C 258 -23.67 -28.81 6.50
N PRO C 259 -23.27 -27.59 6.87
CA PRO C 259 -22.85 -26.61 5.86
C PRO C 259 -21.49 -26.95 5.27
N ARG C 260 -21.22 -26.36 4.10
CA ARG C 260 -19.97 -26.58 3.39
C ARG C 260 -19.90 -25.56 2.26
N THR C 261 -18.78 -25.57 1.54
CA THR C 261 -18.54 -24.65 0.43
C THR C 261 -18.52 -25.41 -0.89
N PHE C 262 -19.17 -24.84 -1.90
CA PHE C 262 -19.34 -25.48 -3.19
C PHE C 262 -19.22 -24.43 -4.29
N LEU C 263 -19.43 -24.87 -5.53
CA LEU C 263 -19.35 -24.01 -6.70
C LEU C 263 -20.55 -24.29 -7.60
N LEU C 264 -20.94 -23.27 -8.36
CA LEU C 264 -22.08 -23.36 -9.27
C LEU C 264 -21.69 -22.75 -10.60
N LYS C 265 -22.24 -23.30 -11.68
CA LYS C 265 -22.01 -22.79 -13.03
C LYS C 265 -23.36 -22.43 -13.63
N TYR C 266 -23.50 -21.19 -14.08
CA TYR C 266 -24.72 -20.72 -14.71
C TYR C 266 -24.64 -20.92 -16.22
N ASN C 267 -25.66 -20.44 -16.92
CA ASN C 267 -25.73 -20.56 -18.37
C ASN C 267 -26.36 -19.29 -18.92
N GLU C 268 -26.69 -19.30 -20.22
CA GLU C 268 -27.29 -18.11 -20.83
C GLU C 268 -28.73 -17.93 -20.38
N ASN C 269 -29.40 -19.01 -19.98
CA ASN C 269 -30.70 -18.92 -19.34
C ASN C 269 -30.61 -18.59 -17.86
N GLY C 270 -29.42 -18.62 -17.28
CA GLY C 270 -29.29 -18.48 -15.85
C GLY C 270 -29.67 -19.70 -15.06
N THR C 271 -29.94 -20.82 -15.72
CA THR C 271 -30.30 -22.07 -15.05
C THR C 271 -29.04 -22.89 -14.86
N ILE C 272 -28.86 -23.40 -13.63
CA ILE C 272 -27.68 -24.19 -13.29
C ILE C 272 -27.62 -25.43 -14.15
N THR C 273 -26.58 -25.52 -15.00
CA THR C 273 -26.40 -26.68 -15.85
C THR C 273 -25.55 -27.75 -15.18
N ASP C 274 -24.38 -27.38 -14.67
CA ASP C 274 -23.47 -28.31 -14.03
C ASP C 274 -22.83 -27.65 -12.82
N ALA C 275 -22.33 -28.47 -11.90
CA ALA C 275 -21.67 -27.98 -10.71
C ALA C 275 -20.66 -29.01 -10.23
N VAL C 276 -19.70 -28.55 -9.43
CA VAL C 276 -18.66 -29.39 -8.89
C VAL C 276 -18.67 -29.28 -7.37
N ASP C 277 -18.45 -30.41 -6.70
CA ASP C 277 -18.37 -30.45 -5.24
C ASP C 277 -16.96 -30.06 -4.84
N CYS C 278 -16.82 -28.92 -4.15
CA CYS C 278 -15.50 -28.44 -3.78
C CYS C 278 -14.77 -29.44 -2.90
N ALA C 279 -15.42 -29.89 -1.84
CA ALA C 279 -14.82 -30.87 -0.93
C ALA C 279 -15.30 -32.28 -1.25
N LEU C 280 -14.95 -32.76 -2.44
CA LEU C 280 -15.26 -34.13 -2.85
C LEU C 280 -14.02 -34.93 -3.19
N ASP C 281 -13.19 -34.43 -4.11
CA ASP C 281 -12.00 -35.12 -4.56
C ASP C 281 -11.02 -34.08 -5.07
N PRO C 282 -9.71 -34.39 -5.09
CA PRO C 282 -8.73 -33.37 -5.43
C PRO C 282 -8.95 -32.71 -6.77
N LEU C 283 -9.44 -33.44 -7.78
CA LEU C 283 -9.68 -32.84 -9.07
C LEU C 283 -10.70 -31.71 -8.98
N SER C 284 -11.80 -31.94 -8.26
CA SER C 284 -12.76 -30.88 -8.03
C SER C 284 -12.20 -29.79 -7.12
N GLU C 285 -11.28 -30.14 -6.23
CA GLU C 285 -10.62 -29.10 -5.43
C GLU C 285 -9.85 -28.14 -6.32
N THR C 286 -9.12 -28.65 -7.31
CA THR C 286 -8.47 -27.79 -8.28
C THR C 286 -9.49 -27.02 -9.11
N LYS C 287 -10.55 -27.69 -9.56
CA LYS C 287 -11.60 -27.00 -10.32
C LYS C 287 -12.25 -25.87 -9.53
N CYS C 288 -12.20 -25.92 -8.20
CA CYS C 288 -12.68 -24.81 -7.38
C CYS C 288 -11.73 -23.62 -7.39
N THR C 289 -10.42 -23.85 -7.30
CA THR C 289 -9.47 -22.73 -7.29
C THR C 289 -9.51 -22.00 -8.62
N LEU C 290 -9.27 -22.71 -9.72
CA LEU C 290 -9.50 -22.15 -11.04
C LEU C 290 -10.99 -21.89 -11.23
N LYS C 291 -11.30 -20.88 -12.03
CA LYS C 291 -12.69 -20.55 -12.31
C LYS C 291 -13.25 -21.28 -13.52
N SER C 292 -12.70 -22.45 -13.84
CA SER C 292 -13.14 -23.23 -14.97
C SER C 292 -13.30 -24.69 -14.55
N PHE C 293 -14.12 -25.41 -15.32
CA PHE C 293 -14.39 -26.82 -15.05
C PHE C 293 -13.43 -27.75 -15.78
N THR C 294 -12.49 -27.21 -16.56
CA THR C 294 -11.50 -28.00 -17.27
C THR C 294 -10.12 -27.47 -16.93
N VAL C 295 -9.22 -28.38 -16.58
CA VAL C 295 -7.85 -28.03 -16.18
C VAL C 295 -6.88 -28.79 -17.07
N GLU C 296 -5.88 -28.07 -17.57
CA GLU C 296 -4.84 -28.69 -18.37
C GLU C 296 -3.86 -29.45 -17.47
N LYS C 297 -2.97 -30.22 -18.11
CA LYS C 297 -2.02 -31.03 -17.37
C LYS C 297 -1.04 -30.15 -16.60
N GLY C 298 -0.61 -30.63 -15.45
CA GLY C 298 0.38 -29.96 -14.65
C GLY C 298 0.06 -30.07 -13.18
N ILE C 299 0.77 -29.27 -12.39
CA ILE C 299 0.58 -29.19 -10.95
C ILE C 299 -0.19 -27.91 -10.62
N TYR C 300 -1.23 -28.05 -9.81
CA TYR C 300 -1.99 -26.89 -9.32
C TYR C 300 -2.00 -26.92 -7.80
N GLN C 301 -1.62 -25.81 -7.18
CA GLN C 301 -1.63 -25.73 -5.73
C GLN C 301 -3.04 -25.48 -5.22
N THR C 302 -3.38 -26.16 -4.13
CA THR C 302 -4.70 -26.07 -3.52
C THR C 302 -4.52 -25.66 -2.06
N SER C 303 -5.61 -25.67 -1.29
CA SER C 303 -5.58 -25.24 0.10
C SER C 303 -4.58 -26.06 0.90
N ASN C 304 -3.78 -25.37 1.71
CA ASN C 304 -2.70 -26.02 2.43
C ASN C 304 -3.23 -27.00 3.46
N PHE C 305 -2.42 -28.02 3.76
CA PHE C 305 -2.78 -29.07 4.70
C PHE C 305 -2.13 -28.77 6.04
N ARG C 306 -2.94 -28.68 7.08
CA ARG C 306 -2.47 -28.38 8.42
C ARG C 306 -3.26 -29.19 9.43
N VAL C 307 -2.58 -29.78 10.39
CA VAL C 307 -3.22 -30.60 11.42
C VAL C 307 -3.39 -29.76 12.68
N GLN C 308 -4.62 -29.67 13.16
CA GLN C 308 -4.88 -28.97 14.39
C GLN C 308 -4.53 -29.84 15.59
N PRO C 309 -4.11 -29.24 16.70
CA PRO C 309 -3.76 -30.04 17.88
C PRO C 309 -5.03 -30.51 18.59
N THR C 310 -5.09 -31.80 18.89
CA THR C 310 -6.28 -32.42 19.48
C THR C 310 -6.24 -32.42 21.00
N GLU C 311 -5.20 -31.86 21.62
CA GLU C 311 -5.07 -31.86 23.07
C GLU C 311 -4.66 -30.47 23.54
N SER C 312 -4.97 -30.18 24.80
CA SER C 312 -4.50 -28.97 25.46
C SER C 312 -4.49 -29.24 26.96
N ILE C 313 -3.31 -29.54 27.50
CA ILE C 313 -3.15 -29.88 28.90
C ILE C 313 -1.91 -29.18 29.43
N VAL C 314 -2.01 -28.65 30.65
CA VAL C 314 -0.98 -27.80 31.21
C VAL C 314 -0.55 -28.33 32.58
N ARG C 315 0.74 -28.19 32.87
CA ARG C 315 1.34 -28.62 34.14
C ARG C 315 1.87 -27.39 34.86
N PHE C 316 1.24 -27.02 35.96
CA PHE C 316 1.53 -25.79 36.70
C PHE C 316 2.45 -26.08 37.87
N PRO C 317 3.04 -25.03 38.48
CA PRO C 317 3.80 -25.22 39.71
C PRO C 317 2.91 -25.70 40.86
N ASN C 318 3.56 -26.27 41.88
CA ASN C 318 2.84 -26.94 42.95
C ASN C 318 2.89 -26.22 44.29
N ILE C 319 4.06 -25.75 44.73
CA ILE C 319 4.15 -25.15 46.06
C ILE C 319 4.67 -23.72 46.00
N THR C 320 5.91 -23.54 45.52
CA THR C 320 6.53 -22.23 45.36
C THR C 320 6.42 -21.32 46.57
N ASN C 321 5.49 -20.36 46.53
CA ASN C 321 5.52 -19.21 47.44
C ASN C 321 4.60 -19.35 48.64
N LEU C 322 3.95 -20.50 48.82
CA LEU C 322 3.32 -20.85 50.10
C LEU C 322 2.23 -19.85 50.50
N CYS C 323 1.09 -19.94 49.77
CA CYS C 323 -0.14 -19.23 50.17
C CYS C 323 0.00 -17.72 50.12
N PRO C 324 -0.08 -17.13 48.92
CA PRO C 324 0.24 -15.70 48.77
C PRO C 324 -0.55 -14.76 49.67
N PHE C 325 -1.81 -15.07 49.99
CA PHE C 325 -2.64 -14.13 50.75
C PHE C 325 -2.75 -14.47 52.23
N GLY C 326 -2.29 -15.64 52.66
CA GLY C 326 -2.47 -16.06 54.03
C GLY C 326 -1.38 -15.69 55.00
N GLU C 327 -0.19 -15.31 54.52
CA GLU C 327 0.91 -15.02 55.44
C GLU C 327 0.76 -13.66 56.12
N VAL C 328 0.07 -12.71 55.50
CA VAL C 328 -0.07 -11.38 56.08
C VAL C 328 -1.50 -10.89 56.14
N PHE C 329 -2.44 -11.45 55.38
CA PHE C 329 -3.83 -11.00 55.38
C PHE C 329 -4.81 -12.11 55.71
N ASN C 330 -4.33 -13.32 56.03
CA ASN C 330 -5.18 -14.49 56.27
C ASN C 330 -6.10 -14.70 55.08
N ALA C 331 -7.38 -15.00 55.34
CA ALA C 331 -8.34 -15.15 54.25
C ALA C 331 -8.89 -13.80 53.82
N THR C 332 -9.60 -13.11 54.72
CA THR C 332 -10.20 -11.81 54.45
C THR C 332 -10.07 -10.96 55.71
N ARG C 333 -9.05 -10.10 55.74
CA ARG C 333 -8.86 -9.19 56.87
C ARG C 333 -7.97 -8.04 56.42
N PHE C 334 -8.53 -6.83 56.39
CA PHE C 334 -7.82 -5.65 55.92
C PHE C 334 -7.87 -4.55 56.98
N ALA C 335 -7.23 -3.42 56.66
CA ALA C 335 -7.13 -2.30 57.57
C ALA C 335 -8.29 -1.33 57.34
N SER C 336 -8.18 -0.13 57.93
CA SER C 336 -9.23 0.87 57.84
C SER C 336 -9.31 1.45 56.42
N VAL C 337 -10.33 2.28 56.21
CA VAL C 337 -10.56 2.86 54.89
C VAL C 337 -9.44 3.81 54.50
N TYR C 338 -9.08 4.72 55.43
CA TYR C 338 -8.17 5.81 55.08
C TYR C 338 -6.76 5.32 54.78
N ALA C 339 -6.40 4.12 55.23
CA ALA C 339 -5.06 3.57 55.00
C ALA C 339 -5.07 2.82 53.67
N TRP C 340 -4.87 3.56 52.58
CA TRP C 340 -4.81 2.96 51.24
C TRP C 340 -3.37 2.57 50.93
N ASN C 341 -2.88 1.63 51.73
CA ASN C 341 -1.51 1.15 51.57
C ASN C 341 -1.36 0.35 50.28
N ARG C 342 -0.24 0.56 49.59
CA ARG C 342 0.07 -0.16 48.36
C ARG C 342 0.77 -1.48 48.73
N LYS C 343 0.04 -2.58 48.61
CA LYS C 343 0.55 -3.91 48.97
C LYS C 343 0.31 -4.84 47.78
N ARG C 344 1.33 -4.98 46.93
CA ARG C 344 1.26 -5.87 45.78
C ARG C 344 2.24 -7.02 45.96
N ILE C 345 1.84 -8.21 45.50
CA ILE C 345 2.67 -9.40 45.57
C ILE C 345 2.93 -9.87 44.15
N SER C 346 4.20 -9.93 43.78
CA SER C 346 4.63 -10.38 42.47
C SER C 346 5.44 -11.68 42.60
N ASN C 347 5.95 -12.16 41.46
CA ASN C 347 6.69 -13.42 41.36
C ASN C 347 6.07 -14.51 42.22
N CYS C 348 4.75 -14.66 42.13
CA CYS C 348 4.00 -15.53 43.04
C CYS C 348 3.05 -16.45 42.28
N VAL C 349 2.12 -17.08 43.00
CA VAL C 349 1.13 -17.94 42.39
C VAL C 349 -0.23 -17.24 42.27
N ALA C 350 -0.61 -16.46 43.29
CA ALA C 350 -1.91 -15.77 43.31
C ALA C 350 -3.06 -16.75 43.10
N ASP C 351 -3.02 -17.85 43.86
CA ASP C 351 -4.02 -18.89 43.74
C ASP C 351 -5.39 -18.38 44.19
N TYR C 352 -6.44 -19.00 43.64
CA TYR C 352 -7.82 -18.65 43.94
C TYR C 352 -8.52 -19.72 44.78
N SER C 353 -7.77 -20.41 45.63
CA SER C 353 -8.37 -21.40 46.51
C SER C 353 -9.28 -20.78 47.56
N VAL C 354 -9.13 -19.48 47.82
CA VAL C 354 -9.93 -18.83 48.85
C VAL C 354 -11.39 -18.74 48.44
N LEU C 355 -11.66 -18.42 47.18
CA LEU C 355 -13.03 -18.23 46.71
C LEU C 355 -13.65 -19.49 46.15
N TYR C 356 -12.95 -20.63 46.22
CA TYR C 356 -13.51 -21.89 45.72
C TYR C 356 -14.77 -22.28 46.49
N ASN C 357 -14.64 -22.45 47.81
CA ASN C 357 -15.80 -22.74 48.64
C ASN C 357 -16.54 -21.45 48.99
N SER C 358 -15.86 -20.55 49.70
CA SER C 358 -16.38 -19.23 50.03
C SER C 358 -17.71 -19.28 50.78
N ALA C 359 -18.39 -18.15 50.87
CA ALA C 359 -19.69 -18.07 51.52
C ALA C 359 -20.40 -16.83 50.98
N SER C 360 -21.49 -17.05 50.23
CA SER C 360 -22.24 -15.96 49.60
C SER C 360 -21.36 -15.17 48.64
N PHE C 361 -21.11 -13.90 48.98
CA PHE C 361 -20.29 -12.99 48.17
C PHE C 361 -20.91 -12.73 46.80
N SER C 362 -20.34 -11.78 46.06
CA SER C 362 -20.87 -11.44 44.74
C SER C 362 -19.82 -11.26 43.66
N THR C 363 -18.54 -11.15 44.00
CA THR C 363 -17.44 -10.94 43.04
C THR C 363 -17.69 -9.69 42.20
N PHE C 364 -16.89 -9.51 41.15
CA PHE C 364 -17.00 -8.35 40.27
C PHE C 364 -18.04 -8.54 39.18
N LYS C 365 -18.72 -9.69 39.15
CA LYS C 365 -19.89 -9.96 38.32
C LYS C 365 -19.58 -9.88 36.82
N CYS C 366 -18.34 -10.10 36.41
CA CYS C 366 -17.99 -10.20 35.00
C CYS C 366 -17.51 -11.59 34.61
N TYR C 367 -16.45 -12.08 35.26
CA TYR C 367 -15.92 -13.43 35.04
C TYR C 367 -15.77 -13.72 33.54
N GLY C 368 -14.88 -12.96 32.90
CA GLY C 368 -14.76 -13.03 31.45
C GLY C 368 -14.35 -14.40 30.95
N VAL C 369 -13.38 -15.02 31.62
CA VAL C 369 -12.87 -16.32 31.22
C VAL C 369 -13.09 -17.31 32.35
N SER C 370 -13.78 -18.42 32.05
CA SER C 370 -14.01 -19.52 32.98
C SER C 370 -14.58 -19.04 34.30
N PRO C 371 -15.85 -18.65 34.34
CA PRO C 371 -16.44 -18.18 35.60
C PRO C 371 -16.34 -19.23 36.70
N THR C 372 -16.01 -18.75 37.91
CA THR C 372 -15.91 -19.57 39.12
C THR C 372 -14.73 -20.55 39.04
N LYS C 373 -14.05 -20.60 37.90
CA LYS C 373 -12.85 -21.43 37.74
C LYS C 373 -11.58 -20.59 37.73
N LEU C 374 -11.49 -19.64 36.80
CA LEU C 374 -10.34 -18.74 36.67
C LEU C 374 -9.00 -19.46 36.79
N ASN C 375 -8.03 -18.81 37.42
CA ASN C 375 -6.70 -19.38 37.67
C ASN C 375 -6.05 -19.83 36.37
N ASP C 376 -6.20 -19.02 35.32
CA ASP C 376 -5.59 -19.29 34.03
C ASP C 376 -4.69 -18.16 33.53
N LEU C 377 -4.79 -16.98 34.12
CA LEU C 377 -3.97 -15.83 33.73
C LEU C 377 -3.14 -15.38 34.92
N CYS C 378 -1.92 -14.93 34.65
CA CYS C 378 -0.98 -14.62 35.72
C CYS C 378 -1.24 -13.24 36.34
N PHE C 379 -1.41 -12.22 35.48
CA PHE C 379 -1.52 -10.82 35.88
C PHE C 379 -0.24 -10.32 36.52
N THR C 380 -0.05 -9.00 36.55
CA THR C 380 1.20 -8.44 37.05
C THR C 380 1.34 -8.63 38.56
N ASN C 381 0.30 -8.29 39.31
CA ASN C 381 0.37 -8.34 40.77
C ASN C 381 -1.05 -8.45 41.32
N VAL C 382 -1.14 -8.58 42.64
CA VAL C 382 -2.42 -8.75 43.33
C VAL C 382 -2.64 -7.61 44.30
N TYR C 383 -2.15 -6.42 43.96
CA TYR C 383 -2.30 -5.24 44.80
C TYR C 383 -3.74 -5.08 45.25
N ALA C 384 -3.95 -5.14 46.57
CA ALA C 384 -5.28 -5.07 47.16
C ALA C 384 -5.30 -3.95 48.19
N ASP C 385 -5.93 -2.83 47.84
CA ASP C 385 -6.07 -1.71 48.74
C ASP C 385 -6.99 -2.07 49.90
N SER C 386 -6.70 -1.50 51.06
CA SER C 386 -7.47 -1.76 52.27
C SER C 386 -8.58 -0.73 52.41
N PHE C 387 -9.82 -1.21 52.44
CA PHE C 387 -11.00 -0.35 52.54
C PHE C 387 -12.20 -1.22 52.89
N VAL C 388 -13.16 -0.62 53.59
CA VAL C 388 -14.39 -1.30 53.98
C VAL C 388 -15.58 -0.42 53.61
N ILE C 389 -16.59 -1.03 52.99
CA ILE C 389 -17.80 -0.31 52.60
C ILE C 389 -19.01 -1.13 53.06
N ARG C 390 -20.17 -0.46 53.04
CA ARG C 390 -21.40 -1.11 53.50
C ARG C 390 -21.74 -2.31 52.63
N GLY C 391 -21.57 -2.19 51.31
CA GLY C 391 -21.78 -3.28 50.40
C GLY C 391 -23.18 -3.41 49.84
N ASP C 392 -24.17 -2.76 50.46
CA ASP C 392 -25.53 -2.81 49.92
C ASP C 392 -25.61 -2.12 48.56
N GLU C 393 -24.91 -1.01 48.39
CA GLU C 393 -24.85 -0.31 47.11
C GLU C 393 -23.68 -0.84 46.27
N VAL C 394 -23.73 -2.14 45.99
CA VAL C 394 -22.66 -2.79 45.26
C VAL C 394 -22.61 -2.34 43.80
N ARG C 395 -23.70 -1.77 43.28
CA ARG C 395 -23.69 -1.27 41.91
C ARG C 395 -22.77 -0.08 41.74
N GLN C 396 -22.76 0.81 42.74
CA GLN C 396 -21.96 2.04 42.63
C GLN C 396 -20.47 1.74 42.58
N ILE C 397 -19.98 0.84 43.43
CA ILE C 397 -18.58 0.47 43.40
C ILE C 397 -18.26 -0.31 42.13
N ALA C 398 -19.19 -1.14 41.67
CA ALA C 398 -19.02 -1.85 40.43
C ALA C 398 -19.03 -0.88 39.26
N PRO C 399 -18.43 -1.26 38.12
CA PRO C 399 -18.42 -0.36 36.96
C PRO C 399 -19.84 0.03 36.55
N GLY C 400 -20.00 1.31 36.21
CA GLY C 400 -21.30 1.86 35.88
C GLY C 400 -22.00 2.47 37.07
N GLN C 401 -22.17 3.80 37.04
CA GLN C 401 -22.87 4.56 38.07
C GLN C 401 -22.06 4.64 39.36
N THR C 402 -22.07 5.80 40.01
CA THR C 402 -21.38 6.01 41.27
C THR C 402 -22.28 6.79 42.21
N GLY C 403 -22.04 6.63 43.50
CA GLY C 403 -22.86 7.26 44.53
C GLY C 403 -22.09 7.51 45.80
N LYS C 404 -22.81 7.55 46.92
CA LYS C 404 -22.18 7.87 48.21
C LYS C 404 -21.14 6.83 48.59
N ILE C 405 -21.45 5.54 48.40
CA ILE C 405 -20.51 4.48 48.75
C ILE C 405 -19.25 4.54 47.90
N ALA C 406 -19.31 5.21 46.75
CA ALA C 406 -18.12 5.39 45.91
C ALA C 406 -17.32 6.62 46.29
N ASP C 407 -17.80 7.44 47.23
CA ASP C 407 -17.07 8.63 47.64
C ASP C 407 -15.75 8.30 48.34
N TYR C 408 -15.64 7.11 48.93
CA TYR C 408 -14.42 6.65 49.59
C TYR C 408 -13.97 5.32 49.01
N ASN C 409 -14.05 5.19 47.69
CA ASN C 409 -13.68 3.97 46.98
C ASN C 409 -12.63 4.28 45.92
N TYR C 410 -11.56 3.50 45.91
CA TYR C 410 -10.50 3.62 44.91
C TYR C 410 -10.51 2.34 44.08
N LYS C 411 -11.34 2.33 43.03
CA LYS C 411 -11.44 1.20 42.13
C LYS C 411 -10.45 1.37 40.99
N LEU C 412 -10.58 0.57 39.94
CA LEU C 412 -9.69 0.69 38.80
C LEU C 412 -10.42 1.28 37.60
N PRO C 413 -9.74 2.08 36.79
CA PRO C 413 -10.43 2.77 35.68
C PRO C 413 -10.96 1.83 34.61
N ASP C 414 -10.10 0.93 34.10
CA ASP C 414 -10.49 0.03 33.02
C ASP C 414 -10.25 -1.44 33.32
N ASP C 415 -9.61 -1.76 34.45
CA ASP C 415 -9.33 -3.16 34.77
C ASP C 415 -10.61 -3.95 35.01
N PHE C 416 -11.49 -3.43 35.88
CA PHE C 416 -12.83 -3.97 36.10
C PHE C 416 -12.80 -5.43 36.54
N THR C 417 -11.98 -5.73 37.54
CA THR C 417 -11.98 -7.04 38.17
C THR C 417 -11.28 -6.92 39.52
N GLY C 418 -11.16 -8.06 40.21
CA GLY C 418 -10.52 -8.08 41.51
C GLY C 418 -11.15 -9.05 42.49
N CYS C 419 -12.31 -9.60 42.13
CA CYS C 419 -13.01 -10.60 42.95
C CYS C 419 -13.32 -10.04 44.34
N VAL C 420 -14.17 -9.01 44.36
CA VAL C 420 -14.53 -8.36 45.61
C VAL C 420 -15.29 -9.33 46.49
N ILE C 421 -14.89 -9.40 47.76
CA ILE C 421 -15.46 -10.34 48.73
C ILE C 421 -16.09 -9.52 49.85
N ALA C 422 -17.37 -9.77 50.12
CA ALA C 422 -18.11 -9.01 51.11
C ALA C 422 -19.02 -9.92 51.90
N TRP C 423 -18.80 -9.99 53.21
CA TRP C 423 -19.68 -10.76 54.11
C TRP C 423 -19.97 -9.92 55.34
N ASN C 424 -21.08 -10.23 56.00
CA ASN C 424 -21.52 -9.48 57.17
C ASN C 424 -20.50 -9.57 58.30
N SER C 425 -19.83 -8.46 58.61
CA SER C 425 -18.82 -8.42 59.66
C SER C 425 -19.46 -8.10 61.01
N ASN C 426 -20.39 -8.97 61.41
CA ASN C 426 -21.08 -8.80 62.67
C ASN C 426 -20.15 -9.12 63.85
N ASN C 427 -20.57 -8.67 65.03
CA ASN C 427 -19.85 -8.90 66.29
C ASN C 427 -18.47 -8.23 66.26
N LEU C 428 -17.55 -8.77 65.45
CA LEU C 428 -16.21 -8.22 65.38
C LEU C 428 -16.23 -6.84 64.72
N ASP C 429 -15.61 -5.87 65.39
CA ASP C 429 -15.50 -4.48 64.91
C ASP C 429 -16.88 -3.84 64.71
N SER C 430 -17.93 -4.41 65.27
CA SER C 430 -19.29 -3.90 65.12
C SER C 430 -20.00 -3.96 66.47
N LYS C 431 -19.33 -3.54 67.52
CA LYS C 431 -19.90 -3.57 68.86
C LYS C 431 -20.93 -2.47 69.03
N VAL C 432 -21.59 -2.47 70.20
CA VAL C 432 -22.61 -1.46 70.49
C VAL C 432 -22.03 -0.05 70.56
N GLY C 433 -20.72 0.08 70.85
CA GLY C 433 -20.12 1.39 70.91
C GLY C 433 -20.16 2.13 69.59
N GLY C 434 -20.01 1.39 68.49
CA GLY C 434 -20.06 1.95 67.15
C GLY C 434 -18.75 1.87 66.40
N ASN C 435 -17.63 1.69 67.09
CA ASN C 435 -16.31 1.55 66.47
C ASN C 435 -16.00 2.77 65.58
N TYR C 436 -15.89 3.92 66.24
CA TYR C 436 -15.65 5.20 65.56
C TYR C 436 -14.24 5.33 64.98
N ASN C 437 -13.40 4.29 65.05
CA ASN C 437 -12.06 4.39 64.48
C ASN C 437 -12.10 4.56 62.98
N TYR C 438 -12.99 3.84 62.30
CA TYR C 438 -13.08 3.92 60.85
C TYR C 438 -13.58 5.29 60.41
N LEU C 439 -13.09 5.75 59.26
CA LEU C 439 -13.38 7.07 58.75
C LEU C 439 -13.80 6.98 57.29
N TYR C 440 -14.83 7.75 56.93
CA TYR C 440 -15.30 7.81 55.55
C TYR C 440 -15.60 9.26 55.18
N ARG C 441 -15.41 9.58 53.90
CA ARG C 441 -15.70 10.92 53.41
C ARG C 441 -17.17 11.04 53.01
N LEU C 442 -17.62 12.29 52.90
CA LEU C 442 -19.01 12.60 52.58
C LEU C 442 -19.20 13.19 51.19
N PHE C 443 -18.44 14.23 50.86
CA PHE C 443 -18.54 14.90 49.56
C PHE C 443 -17.14 15.03 48.97
N ARG C 444 -16.82 14.22 47.97
CA ARG C 444 -15.51 14.25 47.31
C ARG C 444 -15.73 14.18 45.80
N LYS C 445 -15.88 15.34 45.18
CA LYS C 445 -16.06 15.47 43.73
C LYS C 445 -17.31 14.68 43.32
N SER C 446 -17.34 14.18 42.08
CA SER C 446 -18.43 13.33 41.62
C SER C 446 -18.15 11.87 41.97
N ASN C 447 -18.12 11.62 43.27
CA ASN C 447 -17.80 10.31 43.85
C ASN C 447 -16.39 9.84 43.49
N LEU C 448 -15.53 10.77 43.08
CA LEU C 448 -14.11 10.54 42.81
C LEU C 448 -13.87 9.64 41.61
N LYS C 449 -12.74 9.86 40.92
CA LYS C 449 -12.30 8.96 39.88
C LYS C 449 -11.57 7.77 40.49
N PRO C 450 -11.48 6.64 39.76
CA PRO C 450 -10.87 5.44 40.33
C PRO C 450 -9.49 5.64 40.92
N PHE C 451 -8.55 6.14 40.12
CA PHE C 451 -7.18 6.35 40.59
C PHE C 451 -6.96 7.82 40.94
N GLU C 452 -7.65 8.25 41.99
CA GLU C 452 -7.61 9.63 42.45
C GLU C 452 -6.63 9.84 43.61
N ARG C 453 -6.74 9.02 44.66
CA ARG C 453 -5.91 9.17 45.86
C ARG C 453 -6.06 10.57 46.46
N ASP C 454 -7.28 10.86 46.90
CA ASP C 454 -7.63 12.16 47.48
C ASP C 454 -7.59 12.05 48.99
N ILE C 455 -6.79 12.90 49.63
CA ILE C 455 -6.67 12.93 51.08
C ILE C 455 -7.02 14.33 51.58
N SER C 456 -7.93 15.00 50.87
CA SER C 456 -8.30 16.36 51.22
C SER C 456 -9.07 16.37 52.55
N THR C 457 -9.18 17.57 53.11
CA THR C 457 -9.81 17.77 54.42
C THR C 457 -10.49 19.15 54.36
N GLU C 458 -10.86 19.69 55.53
CA GLU C 458 -11.50 20.99 55.66
C GLU C 458 -12.86 21.01 54.99
N ILE C 459 -12.93 21.52 53.75
CA ILE C 459 -14.19 21.65 53.03
C ILE C 459 -13.94 21.34 51.56
N TYR C 460 -14.90 20.69 50.92
CA TYR C 460 -14.80 20.31 49.51
C TYR C 460 -15.00 21.54 48.65
N GLN C 461 -13.90 22.13 48.18
CA GLN C 461 -13.90 23.26 47.25
C GLN C 461 -14.53 24.51 47.84
N ALA C 462 -14.91 24.46 49.12
CA ALA C 462 -15.44 25.62 49.84
C ALA C 462 -16.74 26.13 49.21
N GLY C 463 -16.64 26.68 48.01
CA GLY C 463 -17.79 27.24 47.33
C GLY C 463 -17.90 28.74 47.53
N SER C 464 -19.12 29.25 47.35
CA SER C 464 -19.37 30.67 47.54
C SER C 464 -19.35 31.07 49.00
N THR C 465 -19.51 30.10 49.92
CA THR C 465 -19.50 30.40 51.35
C THR C 465 -18.08 30.29 51.89
N PRO C 466 -17.54 31.33 52.53
CA PRO C 466 -16.18 31.24 53.07
C PRO C 466 -16.10 30.30 54.26
N CYS C 467 -14.90 30.11 54.80
CA CYS C 467 -14.71 29.17 55.91
C CYS C 467 -15.50 29.61 57.14
N ASN C 468 -15.43 30.90 57.48
CA ASN C 468 -16.15 31.47 58.61
C ASN C 468 -15.87 30.70 59.90
N GLY C 469 -14.60 30.71 60.29
CA GLY C 469 -14.20 30.03 61.51
C GLY C 469 -14.14 28.51 61.36
N VAL C 470 -15.10 27.82 61.96
CA VAL C 470 -15.09 26.36 61.91
C VAL C 470 -15.68 25.86 60.59
N GLU C 471 -16.97 26.07 60.38
CA GLU C 471 -17.62 25.53 59.19
C GLU C 471 -18.32 26.60 58.38
N GLY C 472 -18.93 27.58 59.06
CA GLY C 472 -19.74 28.57 58.40
C GLY C 472 -21.22 28.30 58.58
N PHE C 473 -22.02 28.90 57.68
CA PHE C 473 -23.47 28.74 57.76
C PHE C 473 -24.01 27.67 56.80
N ASN C 474 -23.68 27.77 55.51
CA ASN C 474 -24.07 26.75 54.53
C ASN C 474 -22.93 25.78 54.24
N CYS C 475 -22.40 25.15 55.28
CA CYS C 475 -21.28 24.22 55.11
C CYS C 475 -21.33 23.16 56.19
N TYR C 476 -20.63 22.07 55.94
CA TYR C 476 -20.54 20.96 56.89
C TYR C 476 -19.15 20.36 56.81
N PHE C 477 -18.77 19.67 57.88
CA PHE C 477 -17.44 19.08 57.98
C PHE C 477 -17.47 17.66 57.42
N PRO C 478 -16.78 17.37 56.32
CA PRO C 478 -16.72 16.00 55.82
C PRO C 478 -15.78 15.13 56.65
N LEU C 479 -15.54 13.90 56.19
CA LEU C 479 -14.68 12.94 56.86
C LEU C 479 -15.21 12.62 58.26
N GLN C 480 -16.44 12.11 58.29
CA GLN C 480 -17.14 11.77 59.52
C GLN C 480 -16.93 10.29 59.85
N SER C 481 -16.85 9.99 61.14
CA SER C 481 -16.70 8.62 61.58
C SER C 481 -17.94 7.80 61.23
N TYR C 482 -17.73 6.49 61.02
CA TYR C 482 -18.84 5.60 60.68
C TYR C 482 -19.87 5.56 61.79
N GLY C 483 -19.48 5.07 62.97
CA GLY C 483 -20.41 4.93 64.07
C GLY C 483 -21.54 3.97 63.81
N PHE C 484 -21.31 2.95 63.00
CA PHE C 484 -22.35 1.99 62.66
C PHE C 484 -22.64 1.08 63.86
N GLN C 485 -23.90 0.67 63.97
CA GLN C 485 -24.33 -0.22 65.04
C GLN C 485 -24.79 -1.56 64.47
N PRO C 486 -24.61 -2.64 65.24
CA PRO C 486 -25.04 -3.96 64.73
C PRO C 486 -26.54 -4.07 64.48
N THR C 487 -27.35 -3.25 65.14
CA THR C 487 -28.79 -3.30 64.97
C THR C 487 -29.33 -2.22 64.05
N ASN C 488 -28.59 -1.12 63.87
CA ASN C 488 -29.03 -0.02 63.01
C ASN C 488 -28.67 -0.35 61.57
N GLY C 489 -29.53 -1.16 60.95
CA GLY C 489 -29.33 -1.56 59.56
C GLY C 489 -28.70 -2.93 59.42
N VAL C 490 -29.51 -3.92 59.03
CA VAL C 490 -28.99 -5.26 58.84
C VAL C 490 -28.06 -5.35 57.63
N GLY C 491 -28.21 -4.44 56.67
CA GLY C 491 -27.35 -4.44 55.50
C GLY C 491 -26.48 -3.20 55.41
N TYR C 492 -26.70 -2.25 56.31
CA TYR C 492 -25.94 -1.00 56.33
C TYR C 492 -24.83 -1.13 57.37
N GLN C 493 -23.79 -1.87 57.01
CA GLN C 493 -22.63 -2.08 57.87
C GLN C 493 -21.47 -2.54 57.02
N PRO C 494 -20.23 -2.23 57.41
CA PRO C 494 -19.08 -2.63 56.60
C PRO C 494 -19.00 -4.15 56.45
N TYR C 495 -18.57 -4.59 55.27
CA TYR C 495 -18.49 -6.01 54.93
C TYR C 495 -17.07 -6.49 54.71
N ARG C 496 -16.07 -5.66 55.00
CA ARG C 496 -14.65 -6.02 54.85
C ARG C 496 -14.35 -6.45 53.41
N VAL C 497 -14.50 -5.49 52.50
CA VAL C 497 -14.33 -5.76 51.07
C VAL C 497 -12.85 -5.80 50.73
N VAL C 498 -12.46 -6.80 49.95
CA VAL C 498 -11.09 -6.93 49.45
C VAL C 498 -11.15 -6.99 47.92
N VAL C 499 -10.39 -6.11 47.28
CA VAL C 499 -10.39 -5.99 45.83
C VAL C 499 -8.95 -6.03 45.33
N LEU C 500 -8.66 -6.93 44.39
CA LEU C 500 -7.33 -7.03 43.81
C LEU C 500 -7.16 -6.00 42.70
N SER C 501 -6.01 -6.04 42.03
CA SER C 501 -5.68 -5.07 40.99
C SER C 501 -5.66 -5.69 39.61
N PHE C 502 -4.85 -6.73 39.38
CA PHE C 502 -4.70 -7.38 38.08
C PHE C 502 -4.32 -6.35 37.01
N GLU C 503 -3.13 -5.76 37.20
CA GLU C 503 -2.70 -4.66 36.33
C GLU C 503 -2.59 -5.10 34.88
N LEU C 504 -2.07 -6.31 34.64
CA LEU C 504 -1.94 -6.95 33.34
C LEU C 504 -0.93 -6.28 32.42
N LEU C 505 -0.26 -5.21 32.85
CA LEU C 505 0.78 -4.60 32.01
C LEU C 505 2.04 -5.44 31.96
N HIS C 506 2.15 -6.47 32.80
CA HIS C 506 3.23 -7.44 32.78
C HIS C 506 2.67 -8.84 32.70
N ALA C 507 1.71 -9.04 31.79
CA ALA C 507 1.09 -10.34 31.60
C ALA C 507 2.08 -11.47 31.35
N PRO C 508 3.13 -11.31 30.51
CA PRO C 508 4.12 -12.39 30.39
C PRO C 508 4.97 -12.50 31.65
N ALA C 509 4.42 -13.13 32.68
CA ALA C 509 5.09 -13.27 33.97
C ALA C 509 4.83 -14.67 34.51
N THR C 510 5.14 -14.86 35.79
CA THR C 510 5.01 -16.16 36.43
C THR C 510 4.11 -16.07 37.65
N VAL C 511 2.89 -15.54 37.48
CA VAL C 511 2.01 -15.26 38.60
C VAL C 511 0.74 -16.11 38.48
N CYS C 512 0.87 -17.30 37.90
CA CYS C 512 -0.25 -18.22 37.75
C CYS C 512 -0.11 -19.37 38.76
N GLY C 513 -1.13 -19.56 39.58
CA GLY C 513 -1.07 -20.54 40.63
C GLY C 513 -2.24 -21.50 40.80
N PRO C 514 -2.81 -22.01 39.71
CA PRO C 514 -3.93 -22.95 39.87
C PRO C 514 -3.55 -24.26 40.55
N LYS C 515 -2.27 -24.59 40.62
CA LYS C 515 -1.77 -25.78 41.31
C LYS C 515 -2.33 -27.05 40.67
N LYS C 516 -2.06 -27.20 39.37
CA LYS C 516 -2.55 -28.32 38.58
C LYS C 516 -1.42 -29.29 38.28
N SER C 517 -1.69 -30.58 38.46
CA SER C 517 -0.73 -31.65 38.21
C SER C 517 -1.29 -32.53 37.09
N THR C 518 -0.86 -32.24 35.86
CA THR C 518 -1.31 -32.96 34.68
C THR C 518 -0.13 -33.64 34.00
N ASN C 519 -0.27 -34.94 33.75
CA ASN C 519 0.78 -35.70 33.07
C ASN C 519 0.90 -35.25 31.62
N LEU C 520 2.15 -35.17 31.14
CA LEU C 520 2.44 -34.69 29.79
C LEU C 520 3.30 -35.72 29.06
N VAL C 521 3.02 -35.89 27.76
CA VAL C 521 3.75 -36.83 26.92
C VAL C 521 4.20 -36.10 25.66
N LYS C 522 5.51 -36.09 25.41
CA LYS C 522 6.09 -35.34 24.31
C LYS C 522 5.84 -36.04 22.97
N ASN C 523 6.39 -35.48 21.91
CA ASN C 523 6.19 -35.94 20.54
C ASN C 523 4.71 -36.07 20.19
N LYS C 524 4.02 -34.94 20.24
CA LYS C 524 2.62 -34.88 19.85
C LYS C 524 2.25 -33.43 19.55
N CYS C 525 1.50 -33.22 18.49
CA CYS C 525 1.08 -31.88 18.10
C CYS C 525 0.07 -31.38 19.12
N VAL C 526 0.53 -30.57 20.06
CA VAL C 526 -0.29 -30.07 21.15
C VAL C 526 -0.08 -28.57 21.28
N ASN C 527 -1.12 -27.87 21.70
CA ASN C 527 -1.05 -26.46 22.01
C ASN C 527 -1.48 -26.27 23.45
N PHE C 528 -0.58 -25.75 24.28
CA PHE C 528 -0.87 -25.54 25.69
C PHE C 528 0.09 -24.50 26.23
N ASN C 529 -0.30 -23.90 27.36
CA ASN C 529 0.49 -22.82 27.95
C ASN C 529 0.08 -22.65 29.39
N PHE C 530 1.00 -22.90 30.32
CA PHE C 530 0.81 -22.58 31.73
C PHE C 530 1.75 -21.44 32.09
N ASN C 531 1.26 -20.52 32.92
CA ASN C 531 1.85 -19.21 33.18
C ASN C 531 1.68 -18.33 31.96
N GLY C 532 2.53 -17.32 31.78
CA GLY C 532 2.40 -16.44 30.64
C GLY C 532 3.72 -16.07 29.98
N LEU C 533 3.89 -16.41 28.71
CA LEU C 533 5.09 -16.02 27.99
C LEU C 533 4.85 -15.69 26.51
N THR C 534 3.60 -15.57 26.05
CA THR C 534 3.27 -15.29 24.65
C THR C 534 3.84 -16.37 23.72
N GLY C 535 3.28 -17.57 23.89
CA GLY C 535 3.71 -18.69 23.06
C GLY C 535 2.99 -19.96 23.45
N THR C 536 3.54 -21.09 22.98
CA THR C 536 3.02 -22.40 23.30
C THR C 536 4.17 -23.40 23.28
N GLY C 537 3.97 -24.54 23.94
CA GLY C 537 5.06 -25.48 24.12
C GLY C 537 4.79 -26.92 23.71
N VAL C 538 5.68 -27.81 24.13
CA VAL C 538 5.58 -29.24 23.86
C VAL C 538 5.60 -29.97 25.19
N LEU C 539 4.77 -31.02 25.30
CA LEU C 539 4.61 -31.75 26.54
C LEU C 539 5.93 -32.36 27.02
N THR C 540 5.93 -32.81 28.27
CA THR C 540 7.06 -33.43 28.96
C THR C 540 8.13 -32.41 29.32
N GLU C 541 8.68 -32.52 30.53
CA GLU C 541 9.63 -31.54 31.05
C GLU C 541 10.88 -32.21 31.62
N SER C 542 11.69 -31.44 32.32
CA SER C 542 12.86 -31.94 33.06
C SER C 542 13.88 -32.59 32.12
N ASN C 543 14.44 -31.77 31.22
CA ASN C 543 15.50 -32.19 30.32
C ASN C 543 16.86 -31.61 30.71
N LYS C 544 16.98 -30.28 30.75
CA LYS C 544 18.23 -29.61 31.09
C LYS C 544 18.03 -28.13 31.39
N LYS C 545 18.57 -27.66 32.51
CA LYS C 545 18.48 -26.26 32.93
C LYS C 545 19.82 -25.55 32.73
N PHE C 546 19.74 -24.22 32.64
CA PHE C 546 20.92 -23.40 32.36
C PHE C 546 21.30 -22.48 33.52
N LEU C 547 20.40 -21.63 33.97
CA LEU C 547 20.68 -20.78 35.12
C LEU C 547 19.37 -20.47 35.83
N PRO C 548 19.39 -20.19 37.14
CA PRO C 548 18.14 -20.11 37.90
C PRO C 548 17.18 -19.01 37.48
N PHE C 549 17.61 -17.74 37.49
CA PHE C 549 16.69 -16.63 37.31
C PHE C 549 16.54 -16.20 35.84
N GLN C 550 16.90 -17.07 34.90
CA GLN C 550 16.66 -16.82 33.48
C GLN C 550 16.67 -18.17 32.78
N GLN C 551 15.50 -18.62 32.34
CA GLN C 551 15.34 -20.00 31.87
C GLN C 551 14.64 -20.14 30.52
N PHE C 552 13.82 -19.17 30.10
CA PHE C 552 13.02 -19.32 28.89
C PHE C 552 13.92 -19.15 27.67
N GLY C 553 14.14 -20.22 26.93
CA GLY C 553 15.04 -20.18 25.80
C GLY C 553 14.36 -19.74 24.50
N ARG C 554 15.18 -19.23 23.59
CA ARG C 554 14.75 -18.87 22.24
C ARG C 554 16.00 -18.68 21.37
N ASP C 555 16.09 -19.40 20.26
CA ASP C 555 17.37 -19.50 19.56
C ASP C 555 17.64 -18.33 18.63
N ILE C 556 16.69 -17.95 17.77
CA ILE C 556 16.92 -16.87 16.83
C ILE C 556 15.86 -15.79 16.96
N ALA C 557 14.61 -16.11 16.60
CA ALA C 557 13.56 -15.12 16.66
C ALA C 557 12.30 -15.59 17.38
N ASP C 558 11.93 -16.86 17.23
CA ASP C 558 10.62 -17.29 17.70
C ASP C 558 10.57 -18.74 18.18
N THR C 559 11.69 -19.46 18.27
CA THR C 559 11.63 -20.87 18.63
C THR C 559 11.04 -21.07 20.02
N THR C 560 11.41 -20.22 20.97
CA THR C 560 10.86 -20.24 22.33
C THR C 560 11.03 -21.63 22.96
N ASP C 561 12.30 -22.00 23.15
CA ASP C 561 12.66 -23.33 23.64
C ASP C 561 12.33 -23.50 25.11
N ALA C 562 11.04 -23.46 25.44
CA ALA C 562 10.51 -23.69 26.78
C ALA C 562 8.99 -23.67 26.62
N VAL C 563 8.29 -24.29 27.58
CA VAL C 563 6.84 -24.27 27.44
C VAL C 563 6.37 -22.87 27.81
N ARG C 564 6.39 -22.54 29.11
CA ARG C 564 6.56 -21.15 29.52
C ARG C 564 7.59 -21.06 30.64
N ASP C 565 7.35 -21.83 31.72
CA ASP C 565 8.15 -21.82 32.93
C ASP C 565 7.80 -23.05 33.76
N PRO C 566 8.20 -24.25 33.34
CA PRO C 566 7.80 -25.46 34.07
C PRO C 566 8.37 -25.45 35.48
N GLN C 567 7.58 -25.98 36.43
CA GLN C 567 8.03 -26.04 37.82
C GLN C 567 9.22 -26.98 37.97
N THR C 568 9.32 -28.00 37.12
CA THR C 568 10.50 -28.85 37.11
C THR C 568 11.67 -28.19 36.41
N LEU C 569 11.46 -27.00 35.85
CA LEU C 569 12.47 -26.29 35.05
C LEU C 569 12.90 -27.18 33.89
N GLU C 570 14.05 -26.85 33.29
CA GLU C 570 14.70 -27.66 32.26
C GLU C 570 13.91 -27.66 30.95
N ILE C 571 14.62 -27.73 29.83
CA ILE C 571 14.02 -27.56 28.51
C ILE C 571 14.65 -28.53 27.54
N LEU C 572 13.85 -29.03 26.59
CA LEU C 572 14.33 -29.99 25.60
C LEU C 572 14.30 -29.45 24.18
N ASP C 573 13.13 -29.01 23.69
CA ASP C 573 12.97 -28.62 22.29
C ASP C 573 11.59 -28.00 22.12
N ILE C 574 11.29 -27.59 20.89
CA ILE C 574 9.96 -27.09 20.53
C ILE C 574 9.67 -27.56 19.11
N THR C 575 8.76 -28.53 18.97
CA THR C 575 8.25 -28.97 17.68
C THR C 575 6.97 -29.76 17.90
N PRO C 576 5.83 -29.11 18.21
CA PRO C 576 4.58 -29.85 18.33
C PRO C 576 4.15 -30.46 17.01
N CYS C 577 4.00 -29.62 15.98
CA CYS C 577 3.60 -30.06 14.65
C CYS C 577 3.84 -28.93 13.66
N SER C 578 4.19 -29.29 12.43
CA SER C 578 4.58 -28.32 11.42
C SER C 578 4.39 -28.96 10.05
N PHE C 579 3.49 -28.41 9.25
CA PHE C 579 3.15 -29.02 7.96
C PHE C 579 2.81 -27.94 6.96
N GLY C 580 2.95 -28.28 5.68
CA GLY C 580 2.82 -27.31 4.61
C GLY C 580 1.69 -27.57 3.63
N GLY C 581 1.80 -26.99 2.43
CA GLY C 581 0.71 -26.97 1.48
C GLY C 581 0.52 -28.28 0.75
N VAL C 582 -0.38 -28.24 -0.24
CA VAL C 582 -0.71 -29.39 -1.07
C VAL C 582 -0.73 -28.94 -2.52
N SER C 583 -0.62 -29.92 -3.42
CA SER C 583 -0.76 -29.67 -4.84
C SER C 583 -1.29 -30.93 -5.51
N VAL C 584 -1.87 -30.74 -6.69
CA VAL C 584 -2.51 -31.82 -7.43
C VAL C 584 -1.88 -31.91 -8.81
N ILE C 585 -1.49 -33.12 -9.19
CA ILE C 585 -0.96 -33.43 -10.51
C ILE C 585 -2.10 -33.97 -11.35
N THR C 586 -2.37 -33.35 -12.49
CA THR C 586 -3.44 -33.83 -13.34
C THR C 586 -2.99 -33.87 -14.80
N PRO C 587 -3.30 -34.95 -15.52
CA PRO C 587 -2.94 -35.04 -16.93
C PRO C 587 -3.90 -34.34 -17.88
N GLY C 588 -4.97 -33.74 -17.37
CA GLY C 588 -5.94 -33.07 -18.22
C GLY C 588 -7.30 -33.74 -18.19
N THR C 589 -8.35 -32.94 -18.14
CA THR C 589 -9.71 -33.49 -18.07
C THR C 589 -10.05 -34.27 -19.35
N ASN C 590 -9.70 -33.72 -20.51
CA ASN C 590 -10.04 -34.39 -21.77
C ASN C 590 -9.22 -35.64 -22.01
N THR C 591 -8.17 -35.88 -21.23
CA THR C 591 -7.40 -37.11 -21.35
C THR C 591 -7.86 -38.17 -20.36
N SER C 592 -8.02 -37.80 -19.09
CA SER C 592 -8.48 -38.72 -18.06
C SER C 592 -9.17 -37.91 -16.98
N ASN C 593 -9.58 -38.62 -15.91
CA ASN C 593 -10.24 -37.99 -14.78
C ASN C 593 -9.61 -38.39 -13.45
N GLN C 594 -8.45 -39.06 -13.47
CA GLN C 594 -7.76 -39.46 -12.26
C GLN C 594 -6.52 -38.60 -12.07
N VAL C 595 -6.32 -38.14 -10.84
CA VAL C 595 -5.25 -37.21 -10.50
C VAL C 595 -4.42 -37.79 -9.36
N ALA C 596 -3.30 -37.14 -9.08
CA ALA C 596 -2.44 -37.50 -7.96
C ALA C 596 -2.29 -36.29 -7.04
N VAL C 597 -1.93 -36.56 -5.78
CA VAL C 597 -1.84 -35.53 -4.76
C VAL C 597 -0.43 -35.57 -4.17
N LEU C 598 0.19 -34.39 -4.03
CA LEU C 598 1.52 -34.27 -3.45
C LEU C 598 1.50 -33.27 -2.32
N TYR C 599 2.00 -33.66 -1.16
CA TYR C 599 2.20 -32.76 -0.04
C TYR C 599 3.63 -32.21 -0.07
N GLN C 600 3.88 -31.17 0.70
CA GLN C 600 5.17 -30.48 0.63
C GLN C 600 6.16 -31.02 1.67
N ASP C 601 5.84 -30.90 2.95
CA ASP C 601 6.71 -31.33 4.04
C ASP C 601 5.95 -32.33 4.89
N VAL C 602 6.00 -33.60 4.50
CA VAL C 602 5.31 -34.67 5.22
C VAL C 602 6.23 -35.87 5.31
N ASN C 603 6.42 -36.40 6.52
CA ASN C 603 7.11 -37.66 6.72
C ASN C 603 6.12 -38.79 6.43
N CYS C 604 5.88 -38.99 5.15
CA CYS C 604 4.82 -39.88 4.68
C CYS C 604 5.14 -41.34 4.98
N ASN C 628 -0.32 -47.25 -2.21
CA ASN C 628 0.28 -46.59 -3.36
C ASN C 628 1.08 -45.37 -2.95
N VAL C 629 1.59 -45.40 -1.72
CA VAL C 629 2.40 -44.29 -1.21
C VAL C 629 3.78 -44.33 -1.86
N PHE C 630 4.43 -43.17 -1.89
CA PHE C 630 5.76 -43.05 -2.47
C PHE C 630 6.44 -41.83 -1.90
N GLN C 631 7.45 -42.04 -1.06
CA GLN C 631 8.19 -40.94 -0.48
C GLN C 631 9.00 -40.20 -1.55
N THR C 632 9.11 -38.89 -1.40
CA THR C 632 9.82 -38.06 -2.37
C THR C 632 10.39 -36.85 -1.65
N ARG C 633 11.61 -36.46 -2.04
CA ARG C 633 12.28 -35.33 -1.39
C ARG C 633 11.43 -34.07 -1.47
N ALA C 634 10.70 -33.88 -2.57
CA ALA C 634 9.81 -32.74 -2.69
C ALA C 634 8.58 -32.86 -1.81
N GLY C 635 8.32 -34.03 -1.25
CA GLY C 635 7.18 -34.24 -0.36
C GLY C 635 6.47 -35.53 -0.69
N CYS C 636 5.59 -35.96 0.22
CA CYS C 636 4.86 -37.20 0.05
C CYS C 636 3.98 -37.14 -1.18
N LEU C 637 3.99 -38.22 -1.96
CA LEU C 637 3.23 -38.31 -3.20
C LEU C 637 2.37 -39.56 -3.17
N ILE C 638 1.06 -39.38 -3.34
CA ILE C 638 0.12 -40.50 -3.38
C ILE C 638 -0.75 -40.35 -4.62
N GLY C 639 -1.20 -41.48 -5.16
CA GLY C 639 -1.95 -41.52 -6.39
C GLY C 639 -1.13 -41.99 -7.58
N ALA C 640 0.19 -42.06 -7.45
CA ALA C 640 1.06 -42.50 -8.52
C ALA C 640 2.17 -43.37 -7.93
N GLU C 641 2.71 -44.26 -8.76
CA GLU C 641 3.78 -45.16 -8.36
C GLU C 641 5.00 -44.92 -9.23
N HIS C 642 6.17 -45.12 -8.66
CA HIS C 642 7.40 -44.87 -9.40
C HIS C 642 7.77 -46.07 -10.25
N VAL C 643 8.44 -45.79 -11.37
CA VAL C 643 8.91 -46.82 -12.28
C VAL C 643 10.43 -46.82 -12.26
N ASN C 644 11.00 -47.95 -12.67
CA ASN C 644 12.44 -48.16 -12.49
C ASN C 644 13.23 -47.51 -13.62
N ASN C 645 12.69 -47.52 -14.84
CA ASN C 645 13.30 -46.83 -15.96
C ASN C 645 12.92 -45.36 -15.90
N SER C 646 13.26 -44.59 -16.94
CA SER C 646 13.04 -43.15 -16.92
C SER C 646 12.74 -42.66 -18.32
N TYR C 647 11.88 -41.65 -18.40
CA TYR C 647 11.52 -41.01 -19.67
C TYR C 647 11.56 -39.49 -19.50
N GLU C 648 11.80 -38.81 -20.61
CA GLU C 648 11.68 -37.36 -20.64
C GLU C 648 10.21 -36.99 -20.44
N CYS C 649 9.96 -36.08 -19.50
CA CYS C 649 8.60 -35.89 -19.01
C CYS C 649 8.10 -34.45 -19.17
N ASP C 650 6.83 -34.23 -18.83
CA ASP C 650 6.21 -32.92 -19.03
C ASP C 650 5.53 -32.35 -17.79
N ILE C 651 5.42 -33.09 -16.70
CA ILE C 651 4.81 -32.56 -15.48
C ILE C 651 5.88 -32.54 -14.38
N PRO C 652 6.56 -31.43 -14.18
CA PRO C 652 7.62 -31.39 -13.16
C PRO C 652 7.05 -31.47 -11.76
N ILE C 653 7.78 -32.19 -10.89
CA ILE C 653 7.45 -32.31 -9.48
C ILE C 653 8.50 -31.63 -8.61
N GLY C 654 9.76 -32.01 -8.77
CA GLY C 654 10.82 -31.41 -7.99
C GLY C 654 11.87 -32.41 -7.55
N ALA C 655 13.02 -31.92 -7.11
CA ALA C 655 14.13 -32.76 -6.64
C ALA C 655 14.51 -33.80 -7.69
N GLY C 656 14.43 -33.42 -8.95
CA GLY C 656 14.79 -34.32 -10.03
C GLY C 656 13.76 -35.35 -10.40
N ILE C 657 12.60 -35.34 -9.76
CA ILE C 657 11.56 -36.32 -10.02
C ILE C 657 10.35 -35.61 -10.61
N CYS C 658 9.57 -36.35 -11.39
CA CYS C 658 8.46 -35.77 -12.14
C CYS C 658 7.49 -36.86 -12.54
N ALA C 659 6.23 -36.47 -12.72
CA ALA C 659 5.16 -37.41 -13.01
C ALA C 659 4.67 -37.24 -14.44
N SER C 660 3.89 -38.22 -14.88
CA SER C 660 3.29 -38.22 -16.21
C SER C 660 2.19 -39.27 -16.25
N TYR C 661 1.53 -39.35 -17.40
CA TYR C 661 0.44 -40.30 -17.63
C TYR C 661 0.87 -41.29 -18.70
N GLN C 662 0.61 -42.58 -18.45
CA GLN C 662 1.10 -43.62 -19.35
C GLN C 662 0.14 -44.79 -19.35
N THR C 663 0.15 -45.54 -20.45
CA THR C 663 -0.69 -46.72 -20.59
C THR C 663 0.00 -47.96 -20.01
N SER C 676 -4.00 -51.44 -17.86
CA SER C 676 -4.71 -50.16 -17.90
C SER C 676 -3.72 -49.01 -18.00
N GLN C 677 -4.23 -47.80 -17.78
CA GLN C 677 -3.44 -46.58 -17.85
C GLN C 677 -3.45 -45.89 -16.48
N SER C 678 -2.30 -45.38 -16.07
CA SER C 678 -2.17 -44.75 -14.76
C SER C 678 -1.16 -43.62 -14.84
N ILE C 679 -1.07 -42.89 -13.74
CA ILE C 679 -0.09 -41.82 -13.57
C ILE C 679 1.13 -42.39 -12.86
N ILE C 680 2.31 -42.15 -13.41
CA ILE C 680 3.55 -42.65 -12.83
C ILE C 680 4.46 -41.48 -12.50
N ALA C 681 5.47 -41.76 -11.70
CA ALA C 681 6.51 -40.79 -11.35
C ALA C 681 7.87 -41.45 -11.56
N TYR C 682 8.86 -40.62 -11.88
CA TYR C 682 10.19 -41.13 -12.13
C TYR C 682 11.19 -39.98 -12.16
N THR C 683 12.46 -40.32 -12.02
CA THR C 683 13.52 -39.34 -12.21
C THR C 683 13.63 -38.98 -13.68
N MET C 684 13.90 -37.72 -13.96
CA MET C 684 13.99 -37.27 -15.34
C MET C 684 15.15 -37.94 -16.05
N SER C 685 15.00 -38.10 -17.36
CA SER C 685 16.09 -38.55 -18.23
C SER C 685 16.60 -37.35 -19.00
N LEU C 686 17.90 -37.09 -18.90
CA LEU C 686 18.48 -35.91 -19.54
C LEU C 686 18.36 -35.99 -21.05
N GLY C 687 18.60 -37.16 -21.62
CA GLY C 687 18.49 -37.32 -23.06
C GLY C 687 18.98 -38.67 -23.48
N ALA C 688 18.87 -38.92 -24.78
CA ALA C 688 19.34 -40.17 -25.36
C ALA C 688 20.86 -40.26 -25.21
N GLU C 689 21.32 -41.11 -24.30
CA GLU C 689 22.74 -41.19 -24.01
C GLU C 689 23.48 -41.83 -25.17
N ASN C 690 24.56 -41.19 -25.61
CA ASN C 690 25.36 -41.72 -26.70
C ASN C 690 26.78 -41.14 -26.60
N SER C 691 27.77 -41.98 -26.88
CA SER C 691 29.16 -41.57 -26.88
C SER C 691 29.70 -41.64 -28.30
N VAL C 692 30.31 -40.55 -28.75
CA VAL C 692 30.86 -40.48 -30.10
C VAL C 692 32.28 -41.05 -30.09
N ALA C 693 32.62 -41.81 -31.11
CA ALA C 693 33.93 -42.43 -31.18
C ALA C 693 34.98 -41.38 -31.50
N TYR C 694 35.88 -41.14 -30.55
CA TYR C 694 36.92 -40.14 -30.70
C TYR C 694 38.27 -40.83 -30.83
N SER C 695 39.03 -40.44 -31.85
CA SER C 695 40.38 -40.95 -32.06
C SER C 695 41.24 -39.85 -32.66
N ASN C 696 42.54 -39.93 -32.42
CA ASN C 696 43.43 -38.85 -32.81
C ASN C 696 43.67 -38.77 -34.31
N ASN C 697 43.13 -39.68 -35.11
CA ASN C 697 43.31 -39.60 -36.55
C ASN C 697 42.03 -39.95 -37.31
N SER C 698 40.86 -39.67 -36.73
CA SER C 698 39.60 -39.94 -37.38
C SER C 698 38.70 -38.71 -37.29
N ILE C 699 38.12 -38.32 -38.42
CA ILE C 699 37.19 -37.20 -38.48
C ILE C 699 35.92 -37.66 -39.17
N ALA C 700 34.78 -37.19 -38.67
CA ALA C 700 33.49 -37.50 -39.25
C ALA C 700 33.03 -36.32 -40.09
N ILE C 701 32.80 -36.55 -41.37
CA ILE C 701 32.46 -35.46 -42.28
C ILE C 701 31.10 -35.73 -42.90
N PRO C 702 30.22 -34.74 -43.00
CA PRO C 702 28.93 -34.95 -43.63
C PRO C 702 29.05 -35.17 -45.13
N THR C 703 28.19 -36.03 -45.65
CA THR C 703 28.05 -36.23 -47.09
C THR C 703 26.71 -35.72 -47.62
N ASN C 704 25.82 -35.26 -46.75
CA ASN C 704 24.50 -34.79 -47.14
C ASN C 704 23.99 -33.87 -46.05
N PHE C 705 23.00 -33.06 -46.39
CA PHE C 705 22.49 -32.05 -45.48
C PHE C 705 20.97 -32.10 -45.47
N THR C 706 20.38 -31.19 -44.69
CA THR C 706 18.94 -30.97 -44.73
C THR C 706 18.65 -29.57 -44.21
N ILE C 707 17.60 -28.97 -44.77
CA ILE C 707 17.20 -27.60 -44.46
C ILE C 707 15.93 -27.67 -43.63
N SER C 708 15.97 -27.08 -42.44
CA SER C 708 14.86 -27.08 -41.53
C SER C 708 14.36 -25.66 -41.30
N VAL C 709 13.12 -25.55 -40.85
CA VAL C 709 12.50 -24.27 -40.53
C VAL C 709 11.98 -24.36 -39.11
N THR C 710 12.49 -23.51 -38.23
CA THR C 710 12.12 -23.51 -36.82
C THR C 710 11.37 -22.24 -36.49
N THR C 711 10.27 -22.38 -35.75
CA THR C 711 9.43 -21.25 -35.40
C THR C 711 9.83 -20.69 -34.04
N GLU C 712 10.07 -19.38 -33.98
CA GLU C 712 10.41 -18.70 -32.75
C GLU C 712 9.34 -17.67 -32.45
N ILE C 713 8.80 -17.68 -31.24
CA ILE C 713 7.66 -16.86 -30.84
C ILE C 713 8.15 -15.81 -29.87
N LEU C 714 7.78 -14.55 -30.11
CA LEU C 714 8.23 -13.52 -29.18
C LEU C 714 7.15 -12.47 -28.93
N PRO C 715 6.74 -12.28 -27.68
CA PRO C 715 5.80 -11.19 -27.37
C PRO C 715 6.46 -9.84 -27.61
N VAL C 716 5.63 -8.86 -27.95
CA VAL C 716 6.08 -7.51 -28.24
C VAL C 716 5.41 -6.48 -27.34
N SER C 717 4.10 -6.59 -27.15
CA SER C 717 3.38 -5.62 -26.34
C SER C 717 2.11 -6.28 -25.79
N MET C 718 1.53 -5.63 -24.78
CA MET C 718 0.23 -6.03 -24.26
C MET C 718 -0.79 -4.95 -24.58
N THR C 719 -2.00 -5.14 -24.07
CA THR C 719 -3.04 -4.13 -24.21
C THR C 719 -2.69 -2.89 -23.40
N LYS C 720 -2.96 -1.72 -23.97
CA LYS C 720 -2.66 -0.44 -23.31
C LYS C 720 -3.86 -0.05 -22.46
N THR C 721 -3.90 -0.55 -21.23
CA THR C 721 -4.98 -0.22 -20.33
C THR C 721 -4.75 1.14 -19.68
N SER C 722 -5.84 1.70 -19.16
CA SER C 722 -5.78 3.01 -18.50
C SER C 722 -6.92 3.11 -17.51
N VAL C 723 -6.59 3.36 -16.24
CA VAL C 723 -7.56 3.57 -15.18
C VAL C 723 -7.27 4.92 -14.53
N ASP C 724 -8.11 5.29 -13.57
CA ASP C 724 -7.94 6.54 -12.82
C ASP C 724 -8.48 6.33 -11.41
N CYS C 725 -8.68 7.43 -10.70
CA CYS C 725 -9.23 7.38 -9.34
C CYS C 725 -10.69 7.77 -9.26
N THR C 726 -11.07 8.90 -9.87
CA THR C 726 -12.41 9.43 -9.71
C THR C 726 -13.48 8.45 -10.18
N MET C 727 -13.11 7.49 -11.03
CA MET C 727 -14.04 6.45 -11.46
C MET C 727 -13.80 5.12 -10.77
N TYR C 728 -12.58 4.83 -10.31
CA TYR C 728 -12.33 3.56 -9.63
C TYR C 728 -12.50 3.70 -8.12
N ILE C 729 -11.71 4.58 -7.49
CA ILE C 729 -11.77 4.73 -6.04
C ILE C 729 -13.14 5.24 -5.62
N CYS C 730 -13.65 6.24 -6.33
CA CYS C 730 -14.97 6.79 -6.08
C CYS C 730 -15.81 6.66 -7.35
N GLY C 731 -17.04 7.17 -7.28
CA GLY C 731 -17.93 7.12 -8.42
C GLY C 731 -18.55 8.46 -8.73
N ASP C 732 -19.87 8.50 -8.79
CA ASP C 732 -20.60 9.74 -9.01
C ASP C 732 -20.87 10.50 -7.71
N SER C 733 -20.16 10.17 -6.65
CA SER C 733 -20.33 10.81 -5.35
C SER C 733 -19.19 11.79 -5.12
N THR C 734 -19.55 13.05 -4.85
CA THR C 734 -18.54 14.08 -4.64
C THR C 734 -17.89 14.01 -3.26
N GLU C 735 -18.53 13.35 -2.29
CA GLU C 735 -17.94 13.25 -0.96
C GLU C 735 -16.69 12.37 -0.97
N CYS C 736 -16.76 11.24 -1.66
CA CYS C 736 -15.58 10.38 -1.76
C CYS C 736 -14.45 11.08 -2.49
N SER C 737 -14.76 11.80 -3.57
CA SER C 737 -13.73 12.53 -4.29
C SER C 737 -13.12 13.62 -3.43
N ASN C 738 -13.95 14.32 -2.66
CA ASN C 738 -13.43 15.36 -1.77
C ASN C 738 -12.51 14.76 -0.71
N LEU C 739 -12.89 13.61 -0.15
CA LEU C 739 -12.05 12.96 0.85
C LEU C 739 -10.74 12.47 0.24
N LEU C 740 -10.80 11.97 -1.00
CA LEU C 740 -9.59 11.48 -1.66
C LEU C 740 -8.66 12.62 -2.05
N LEU C 741 -9.22 13.80 -2.36
CA LEU C 741 -8.39 14.94 -2.75
C LEU C 741 -7.40 15.30 -1.66
N GLN C 742 -7.73 15.04 -0.41
CA GLN C 742 -6.85 15.30 0.73
C GLN C 742 -5.85 14.17 0.96
N TYR C 743 -5.96 13.06 0.25
CA TYR C 743 -5.05 11.95 0.43
C TYR C 743 -3.73 12.12 -0.30
N GLY C 744 -3.56 13.20 -1.07
CA GLY C 744 -2.32 13.48 -1.75
C GLY C 744 -2.49 13.48 -3.26
N SER C 745 -1.40 13.19 -3.96
CA SER C 745 -1.37 13.15 -5.42
C SER C 745 -0.97 11.77 -5.91
N PHE C 746 -1.49 10.72 -5.27
CA PHE C 746 -1.23 9.36 -5.73
C PHE C 746 -1.83 9.14 -7.11
N CYS C 747 -2.99 9.73 -7.36
CA CYS C 747 -3.70 9.50 -8.61
C CYS C 747 -2.90 10.00 -9.81
N THR C 748 -2.25 11.16 -9.67
CA THR C 748 -1.39 11.64 -10.74
C THR C 748 -0.26 10.65 -11.01
N GLN C 749 0.32 10.09 -9.95
CA GLN C 749 1.39 9.10 -10.13
C GLN C 749 0.88 7.87 -10.88
N LEU C 750 -0.29 7.36 -10.49
CA LEU C 750 -0.82 6.17 -11.15
C LEU C 750 -1.14 6.44 -12.61
N ASN C 751 -1.77 7.58 -12.90
CA ASN C 751 -2.09 7.92 -14.29
C ASN C 751 -0.82 8.08 -15.10
N ARG C 752 0.21 8.73 -14.52
CA ARG C 752 1.47 8.88 -15.23
C ARG C 752 2.11 7.54 -15.52
N ALA C 753 2.09 6.63 -14.54
CA ALA C 753 2.67 5.30 -14.75
C ALA C 753 1.96 4.55 -15.86
N LEU C 754 0.63 4.57 -15.87
CA LEU C 754 -0.10 3.84 -16.89
C LEU C 754 0.09 4.47 -18.28
N THR C 755 0.11 5.80 -18.36
CA THR C 755 0.37 6.45 -19.63
C THR C 755 1.76 6.14 -20.14
N GLY C 756 2.75 6.12 -19.23
CA GLY C 756 4.09 5.72 -19.63
C GLY C 756 4.14 4.31 -20.15
N ILE C 757 3.43 3.39 -19.51
CA ILE C 757 3.38 2.02 -19.99
C ILE C 757 2.79 1.97 -21.40
N ALA C 758 1.69 2.69 -21.63
CA ALA C 758 1.04 2.65 -22.93
C ALA C 758 1.95 3.19 -24.02
N VAL C 759 2.56 4.36 -23.80
CA VAL C 759 3.46 4.91 -24.81
C VAL C 759 4.67 4.03 -24.99
N GLU C 760 5.11 3.34 -23.92
CA GLU C 760 6.20 2.40 -24.05
C GLU C 760 5.84 1.25 -24.98
N GLN C 761 4.62 0.72 -24.85
CA GLN C 761 4.20 -0.35 -25.76
C GLN C 761 4.13 0.14 -27.19
N ASP C 762 3.63 1.36 -27.39
CA ASP C 762 3.54 1.89 -28.75
C ASP C 762 4.92 2.01 -29.38
N LYS C 763 5.85 2.67 -28.68
CA LYS C 763 7.22 2.78 -29.17
C LYS C 763 7.86 1.41 -29.33
N ASN C 764 7.48 0.46 -28.49
CA ASN C 764 8.06 -0.88 -28.53
C ASN C 764 7.72 -1.59 -29.83
N THR C 765 6.43 -1.62 -30.17
CA THR C 765 6.04 -2.25 -31.43
C THR C 765 6.57 -1.46 -32.63
N GLN C 766 6.65 -0.13 -32.52
CA GLN C 766 7.22 0.65 -33.62
C GLN C 766 8.69 0.30 -33.85
N GLU C 767 9.46 0.13 -32.77
CA GLU C 767 10.85 -0.26 -32.90
C GLU C 767 10.98 -1.67 -33.46
N VAL C 768 10.13 -2.59 -33.01
CA VAL C 768 10.24 -3.98 -33.43
C VAL C 768 9.97 -4.12 -34.92
N PHE C 769 8.92 -3.46 -35.42
CA PHE C 769 8.49 -3.72 -36.79
C PHE C 769 8.98 -2.71 -37.81
N ALA C 770 9.11 -1.44 -37.45
CA ALA C 770 9.47 -0.40 -38.43
C ALA C 770 10.98 -0.30 -38.57
N GLN C 771 11.56 -1.35 -39.15
CA GLN C 771 13.00 -1.39 -39.39
C GLN C 771 13.41 -0.90 -40.77
N VAL C 772 12.45 -0.63 -41.65
CA VAL C 772 12.73 -0.22 -43.03
C VAL C 772 12.03 1.10 -43.32
N LYS C 773 12.76 2.02 -43.94
CA LYS C 773 12.19 3.32 -44.28
C LYS C 773 11.27 3.25 -45.50
N GLN C 774 11.34 2.18 -46.29
CA GLN C 774 10.62 2.10 -47.55
C GLN C 774 9.78 0.84 -47.57
N ILE C 775 8.71 0.87 -48.38
CA ILE C 775 7.79 -0.24 -48.50
C ILE C 775 8.05 -0.92 -49.83
N TYR C 776 8.53 -2.16 -49.78
CA TYR C 776 8.79 -2.94 -50.97
C TYR C 776 7.60 -3.81 -51.32
N LYS C 777 7.62 -4.36 -52.53
CA LYS C 777 6.57 -5.24 -52.99
C LYS C 777 7.15 -6.33 -53.88
N THR C 778 6.68 -7.56 -53.70
CA THR C 778 7.13 -8.66 -54.52
C THR C 778 6.65 -8.48 -55.97
N PRO C 779 7.45 -8.93 -56.94
CA PRO C 779 7.03 -8.78 -58.34
C PRO C 779 5.81 -9.63 -58.63
N PRO C 780 4.99 -9.24 -59.60
CA PRO C 780 3.76 -10.00 -59.88
C PRO C 780 4.00 -11.44 -60.28
N ILE C 781 5.10 -11.73 -60.98
CA ILE C 781 5.42 -13.09 -61.40
C ILE C 781 6.31 -13.73 -60.35
N LYS C 782 5.86 -14.85 -59.79
CA LYS C 782 6.60 -15.56 -58.74
C LYS C 782 7.48 -16.60 -59.42
N ASP C 783 8.78 -16.31 -59.51
CA ASP C 783 9.73 -17.24 -60.10
C ASP C 783 11.05 -17.06 -59.36
N PHE C 784 11.27 -17.87 -58.34
CA PHE C 784 12.49 -17.80 -57.53
C PHE C 784 13.33 -19.07 -57.68
N GLY C 785 13.34 -19.66 -58.87
CA GLY C 785 14.15 -20.82 -59.12
C GLY C 785 13.64 -22.11 -58.54
N GLY C 786 12.42 -22.15 -58.03
CA GLY C 786 11.86 -23.37 -57.49
C GLY C 786 11.28 -23.20 -56.10
N PHE C 787 11.78 -22.22 -55.36
CA PHE C 787 11.27 -21.96 -54.03
C PHE C 787 9.83 -21.46 -54.10
N ASN C 788 8.98 -22.00 -53.24
CA ASN C 788 7.55 -21.67 -53.23
C ASN C 788 7.28 -20.74 -52.06
N PHE C 789 7.30 -19.44 -52.33
CA PHE C 789 7.05 -18.44 -51.31
C PHE C 789 5.59 -18.01 -51.24
N SER C 790 4.72 -18.58 -52.08
CA SER C 790 3.32 -18.20 -52.08
C SER C 790 2.60 -18.55 -50.80
N GLN C 791 3.20 -19.39 -49.96
CA GLN C 791 2.61 -19.80 -48.70
C GLN C 791 3.06 -18.93 -47.54
N ILE C 792 3.99 -18.00 -47.78
CA ILE C 792 4.52 -17.14 -46.73
C ILE C 792 4.25 -15.66 -47.02
N LEU C 793 3.94 -15.28 -48.26
CA LEU C 793 3.63 -13.93 -48.69
C LEU C 793 2.15 -13.65 -48.51
N PRO C 794 1.75 -12.37 -48.50
CA PRO C 794 0.33 -12.05 -48.38
C PRO C 794 -0.50 -12.62 -49.51
N ASP C 795 -1.74 -12.98 -49.20
CA ASP C 795 -2.66 -13.53 -50.18
C ASP C 795 -3.58 -12.43 -50.67
N PRO C 796 -3.49 -12.02 -51.94
CA PRO C 796 -4.35 -10.94 -52.43
C PRO C 796 -5.83 -11.28 -52.39
N SER C 797 -6.19 -12.56 -52.53
CA SER C 797 -7.60 -12.93 -52.62
C SER C 797 -8.36 -12.59 -51.35
N LYS C 798 -7.78 -12.87 -50.19
CA LYS C 798 -8.47 -12.62 -48.93
C LYS C 798 -8.64 -11.11 -48.72
N PRO C 799 -9.78 -10.68 -48.18
CA PRO C 799 -9.94 -9.25 -47.87
C PRO C 799 -8.89 -8.73 -46.89
N SER C 800 -8.47 -9.55 -45.93
CA SER C 800 -7.40 -9.18 -45.03
C SER C 800 -6.07 -9.54 -45.69
N LYS C 801 -5.21 -8.54 -45.89
CA LYS C 801 -3.95 -8.72 -46.61
C LYS C 801 -2.94 -9.38 -45.68
N ARG C 802 -3.12 -10.67 -45.45
CA ARG C 802 -2.24 -11.47 -44.62
C ARG C 802 -1.80 -12.71 -45.39
N SER C 803 -0.92 -13.47 -44.76
CA SER C 803 -0.44 -14.74 -45.27
C SER C 803 -1.15 -15.89 -44.57
N PRO C 804 -1.21 -17.07 -45.19
CA PRO C 804 -1.87 -18.20 -44.53
C PRO C 804 -1.30 -18.52 -43.16
N ILE C 805 0.02 -18.43 -43.00
CA ILE C 805 0.60 -18.64 -41.68
C ILE C 805 0.14 -17.55 -40.72
N GLU C 806 0.06 -16.31 -41.21
CA GLU C 806 -0.47 -15.23 -40.39
C GLU C 806 -1.93 -15.48 -40.03
N ASP C 807 -2.71 -16.04 -40.97
CA ASP C 807 -4.10 -16.35 -40.68
C ASP C 807 -4.21 -17.40 -39.58
N LEU C 808 -3.40 -18.46 -39.66
CA LEU C 808 -3.41 -19.46 -38.61
C LEU C 808 -2.97 -18.88 -37.28
N LEU C 809 -1.96 -18.01 -37.30
CA LEU C 809 -1.50 -17.39 -36.07
C LEU C 809 -2.59 -16.53 -35.44
N PHE C 810 -3.32 -15.78 -36.26
CA PHE C 810 -4.40 -14.95 -35.73
C PHE C 810 -5.53 -15.79 -35.17
N ASN C 811 -5.86 -16.90 -35.85
CA ASN C 811 -6.98 -17.71 -35.40
C ASN C 811 -6.64 -18.56 -34.18
N LYS C 812 -5.38 -18.95 -34.02
CA LYS C 812 -5.02 -19.89 -32.96
C LYS C 812 -5.14 -19.27 -31.57
N VAL C 813 -4.72 -18.02 -31.42
CA VAL C 813 -4.66 -17.36 -30.12
C VAL C 813 -5.81 -16.37 -30.01
N THR C 814 -6.53 -16.43 -28.89
CA THR C 814 -7.67 -15.56 -28.66
C THR C 814 -7.49 -14.78 -27.35
N CYS C 838 -17.83 -9.56 -19.94
CA CYS C 838 -17.21 -8.53 -20.75
C CYS C 838 -17.70 -7.14 -20.33
N ALA C 839 -18.29 -7.06 -19.14
CA ALA C 839 -18.79 -5.81 -18.61
C ALA C 839 -17.79 -5.11 -17.70
N GLN C 840 -16.58 -5.66 -17.53
CA GLN C 840 -15.58 -5.04 -16.69
C GLN C 840 -15.11 -3.69 -17.24
N LYS C 841 -15.36 -3.41 -18.51
CA LYS C 841 -14.97 -2.13 -19.09
C LYS C 841 -15.68 -0.97 -18.39
N PHE C 842 -16.96 -1.14 -18.10
CA PHE C 842 -17.78 -0.03 -17.59
C PHE C 842 -17.64 0.09 -16.06
N ASN C 843 -16.39 0.23 -15.62
CA ASN C 843 -16.12 0.46 -14.21
C ASN C 843 -15.02 1.49 -13.99
N GLY C 844 -14.56 2.17 -15.04
CA GLY C 844 -13.52 3.17 -14.92
C GLY C 844 -12.23 2.83 -15.65
N LEU C 845 -12.13 1.66 -16.25
CA LEU C 845 -10.93 1.25 -16.97
C LEU C 845 -11.23 1.19 -18.46
N THR C 846 -10.28 1.63 -19.28
CA THR C 846 -10.42 1.63 -20.72
C THR C 846 -9.18 1.02 -21.35
N VAL C 847 -9.31 0.62 -22.62
CA VAL C 847 -8.19 0.11 -23.39
C VAL C 847 -8.01 1.02 -24.59
N LEU C 848 -6.81 1.56 -24.75
CA LEU C 848 -6.53 2.42 -25.89
C LEU C 848 -6.15 1.58 -27.10
N PRO C 849 -6.57 1.97 -28.30
CA PRO C 849 -6.18 1.22 -29.48
C PRO C 849 -4.69 1.34 -29.73
N PRO C 850 -4.07 0.32 -30.33
CA PRO C 850 -2.66 0.45 -30.70
C PRO C 850 -2.46 1.54 -31.74
N LEU C 851 -1.27 2.13 -31.75
CA LEU C 851 -0.98 3.23 -32.67
C LEU C 851 -1.13 2.78 -34.10
N LEU C 852 -0.53 1.65 -34.46
CA LEU C 852 -0.62 1.08 -35.79
C LEU C 852 -1.39 -0.22 -35.74
N THR C 853 -2.44 -0.32 -36.56
CA THR C 853 -3.33 -1.45 -36.53
C THR C 853 -2.66 -2.68 -37.13
N ASP C 854 -3.34 -3.83 -37.03
CA ASP C 854 -2.78 -5.08 -37.52
C ASP C 854 -2.56 -5.04 -39.03
N GLU C 855 -3.37 -4.28 -39.76
CA GLU C 855 -3.16 -4.15 -41.19
C GLU C 855 -1.82 -3.49 -41.50
N MET C 856 -1.45 -2.44 -40.76
CA MET C 856 -0.18 -1.76 -41.00
C MET C 856 1.00 -2.62 -40.56
N ILE C 857 0.84 -3.40 -39.49
CA ILE C 857 1.89 -4.33 -39.09
C ILE C 857 2.10 -5.39 -40.16
N ALA C 858 0.99 -5.90 -40.72
CA ALA C 858 1.10 -6.86 -41.81
C ALA C 858 1.76 -6.23 -43.04
N GLN C 859 1.49 -4.96 -43.29
CA GLN C 859 2.14 -4.26 -44.39
C GLN C 859 3.65 -4.16 -44.16
N TYR C 860 4.05 -3.82 -42.94
CA TYR C 860 5.47 -3.78 -42.60
C TYR C 860 6.11 -5.14 -42.82
N THR C 861 5.47 -6.19 -42.34
CA THR C 861 6.02 -7.54 -42.48
C THR C 861 6.11 -7.95 -43.94
N SER C 862 5.11 -7.62 -44.74
CA SER C 862 5.15 -7.92 -46.17
C SER C 862 6.28 -7.19 -46.85
N ALA C 863 6.50 -5.92 -46.49
CA ALA C 863 7.61 -5.17 -47.07
C ALA C 863 8.94 -5.81 -46.70
N LEU C 864 9.10 -6.22 -45.44
CA LEU C 864 10.34 -6.87 -45.04
C LEU C 864 10.55 -8.18 -45.79
N LEU C 865 9.48 -8.96 -45.95
CA LEU C 865 9.57 -10.22 -46.68
C LEU C 865 9.98 -9.99 -48.13
N ALA C 866 9.34 -9.02 -48.79
CA ALA C 866 9.70 -8.73 -50.18
C ALA C 866 11.14 -8.25 -50.28
N GLY C 867 11.58 -7.45 -49.32
CA GLY C 867 12.97 -6.99 -49.34
C GLY C 867 13.96 -8.11 -49.21
N THR C 868 13.73 -9.02 -48.25
CA THR C 868 14.69 -10.10 -48.07
C THR C 868 14.57 -11.17 -49.15
N ILE C 869 13.46 -11.21 -49.88
CA ILE C 869 13.32 -12.17 -50.97
C ILE C 869 14.00 -11.67 -52.23
N THR C 870 13.73 -10.42 -52.61
CA THR C 870 14.30 -9.88 -53.84
C THR C 870 15.73 -9.37 -53.64
N SER C 871 15.89 -8.39 -52.75
CA SER C 871 17.17 -7.70 -52.62
C SER C 871 18.20 -8.53 -51.85
N GLY C 872 17.78 -9.40 -50.96
CA GLY C 872 18.69 -10.18 -50.14
C GLY C 872 18.88 -9.53 -48.77
N TRP C 873 20.13 -9.35 -48.36
CA TRP C 873 20.43 -8.67 -47.12
C TRP C 873 20.82 -7.22 -47.30
N THR C 874 21.00 -6.76 -48.55
CA THR C 874 21.50 -5.41 -48.78
C THR C 874 20.41 -4.35 -48.66
N PHE C 875 19.14 -4.74 -48.53
CA PHE C 875 18.09 -3.73 -48.41
C PHE C 875 18.09 -3.08 -47.04
N GLY C 876 18.59 -3.76 -46.03
CA GLY C 876 18.70 -3.21 -44.70
C GLY C 876 19.98 -2.45 -44.41
N ALA C 877 20.85 -2.32 -45.41
CA ALA C 877 22.12 -1.62 -45.25
C ALA C 877 22.38 -0.71 -46.44
N GLY C 878 21.38 0.07 -46.83
CA GLY C 878 21.52 0.98 -47.94
C GLY C 878 20.46 0.78 -49.00
N PRO C 879 20.73 1.25 -50.22
CA PRO C 879 19.78 1.03 -51.31
C PRO C 879 19.61 -0.45 -51.59
N ALA C 880 18.38 -0.84 -51.94
CA ALA C 880 18.07 -2.24 -52.19
C ALA C 880 18.58 -2.64 -53.57
N LEU C 881 19.53 -3.56 -53.60
CA LEU C 881 20.12 -4.05 -54.84
C LEU C 881 19.52 -5.41 -55.16
N GLN C 882 18.86 -5.51 -56.32
CA GLN C 882 18.23 -6.76 -56.71
C GLN C 882 19.28 -7.82 -56.99
N ILE C 883 18.89 -9.08 -56.79
CA ILE C 883 19.78 -10.21 -57.00
C ILE C 883 18.91 -11.46 -57.16
N PRO C 884 19.19 -12.33 -58.13
CA PRO C 884 18.39 -13.54 -58.29
C PRO C 884 18.44 -14.41 -57.03
N PHE C 885 17.30 -15.00 -56.70
CA PHE C 885 17.23 -15.76 -55.45
C PHE C 885 18.19 -16.94 -55.38
N PRO C 886 18.38 -17.76 -56.42
CA PRO C 886 19.42 -18.78 -56.33
C PRO C 886 20.80 -18.21 -56.04
N MET C 887 21.11 -17.04 -56.59
CA MET C 887 22.40 -16.43 -56.31
C MET C 887 22.48 -15.96 -54.87
N GLN C 888 21.38 -15.45 -54.31
CA GLN C 888 21.37 -15.09 -52.89
C GLN C 888 21.54 -16.32 -52.02
N MET C 889 20.93 -17.44 -52.42
CA MET C 889 21.11 -18.68 -51.67
C MET C 889 22.55 -19.15 -51.72
N ALA C 890 23.21 -19.02 -52.88
CA ALA C 890 24.63 -19.34 -52.95
C ALA C 890 25.45 -18.42 -52.06
N TYR C 891 25.09 -17.14 -52.04
CA TYR C 891 25.74 -16.18 -51.15
C TYR C 891 25.64 -16.65 -49.70
N ARG C 892 24.43 -16.98 -49.26
CA ARG C 892 24.22 -17.39 -47.88
C ARG C 892 24.89 -18.72 -47.57
N PHE C 893 24.94 -19.63 -48.53
CA PHE C 893 25.68 -20.88 -48.35
C PHE C 893 27.16 -20.61 -48.17
N ASN C 894 27.72 -19.71 -48.98
CA ASN C 894 29.12 -19.32 -48.80
C ASN C 894 29.34 -18.65 -47.46
N GLY C 895 28.31 -18.02 -46.91
CA GLY C 895 28.43 -17.39 -45.61
C GLY C 895 28.72 -18.34 -44.47
N ILE C 896 28.51 -19.64 -44.67
CA ILE C 896 28.75 -20.62 -43.61
C ILE C 896 29.77 -21.66 -44.06
N GLY C 897 30.69 -21.27 -44.93
CA GLY C 897 31.79 -22.14 -45.28
C GLY C 897 31.50 -23.21 -46.30
N VAL C 898 30.30 -23.25 -46.87
CA VAL C 898 29.94 -24.22 -47.88
C VAL C 898 29.96 -23.52 -49.24
N THR C 899 30.75 -24.05 -50.16
CA THR C 899 30.96 -23.37 -51.43
C THR C 899 29.68 -23.34 -52.26
N GLN C 900 29.67 -22.45 -53.26
CA GLN C 900 28.45 -22.21 -54.04
C GLN C 900 28.06 -23.42 -54.88
N ASN C 901 29.04 -24.21 -55.32
CA ASN C 901 28.72 -25.37 -56.16
C ASN C 901 27.78 -26.33 -55.44
N VAL C 902 27.88 -26.43 -54.12
CA VAL C 902 27.00 -27.31 -53.37
C VAL C 902 25.54 -26.96 -53.64
N LEU C 903 25.21 -25.67 -53.62
CA LEU C 903 23.85 -25.28 -53.93
C LEU C 903 23.55 -25.37 -55.43
N TYR C 904 24.51 -25.00 -56.26
CA TYR C 904 24.19 -24.91 -57.69
C TYR C 904 24.04 -26.27 -58.35
N GLU C 905 24.56 -27.34 -57.76
CA GLU C 905 24.36 -28.66 -58.35
C GLU C 905 23.17 -29.41 -57.78
N ASN C 906 22.51 -28.92 -56.72
CA ASN C 906 21.28 -29.56 -56.24
C ASN C 906 20.27 -28.50 -55.81
N GLN C 907 20.20 -27.41 -56.57
CA GLN C 907 19.17 -26.40 -56.35
C GLN C 907 17.77 -26.98 -56.30
N LYS C 908 17.48 -27.97 -57.13
CA LYS C 908 16.15 -28.58 -57.12
C LYS C 908 15.87 -29.25 -55.77
N LEU C 909 16.85 -30.00 -55.25
CA LEU C 909 16.69 -30.62 -53.95
C LEU C 909 16.54 -29.57 -52.85
N ILE C 910 17.32 -28.49 -52.93
CA ILE C 910 17.22 -27.41 -51.95
C ILE C 910 15.82 -26.83 -51.95
N ALA C 911 15.29 -26.56 -53.15
CA ALA C 911 13.95 -25.97 -53.25
C ALA C 911 12.88 -26.92 -52.73
N ASN C 912 13.02 -28.21 -53.04
CA ASN C 912 12.04 -29.18 -52.55
C ASN C 912 12.07 -29.25 -51.02
N GLN C 913 13.26 -29.28 -50.42
CA GLN C 913 13.35 -29.31 -48.97
C GLN C 913 12.76 -28.05 -48.36
N PHE C 914 13.07 -26.89 -48.94
CA PHE C 914 12.55 -25.63 -48.41
C PHE C 914 11.02 -25.60 -48.47
N ASN C 915 10.45 -26.00 -49.61
CA ASN C 915 9.00 -26.00 -49.74
C ASN C 915 8.38 -27.00 -48.77
N SER C 916 8.98 -28.17 -48.61
CA SER C 916 8.45 -29.15 -47.67
C SER C 916 8.46 -28.62 -46.24
N ALA C 917 9.55 -27.98 -45.83
CA ALA C 917 9.61 -27.43 -44.48
C ALA C 917 8.59 -26.32 -44.28
N ILE C 918 8.46 -25.43 -45.27
CA ILE C 918 7.50 -24.33 -45.16
C ILE C 918 6.08 -24.89 -45.04
N GLY C 919 5.76 -25.91 -45.84
CA GLY C 919 4.45 -26.53 -45.73
C GLY C 919 4.23 -27.23 -44.40
N LYS C 920 5.26 -27.90 -43.89
CA LYS C 920 5.15 -28.64 -42.64
C LYS C 920 5.06 -27.72 -41.44
N ILE C 921 5.47 -26.46 -41.57
CA ILE C 921 5.40 -25.55 -40.43
C ILE C 921 3.95 -25.37 -39.98
N GLN C 922 2.99 -25.40 -40.92
CA GLN C 922 1.60 -25.24 -40.52
C GLN C 922 1.10 -26.47 -39.76
N ASP C 923 1.47 -27.67 -40.21
CA ASP C 923 1.08 -28.87 -39.48
C ASP C 923 1.71 -28.91 -38.10
N SER C 924 2.94 -28.40 -37.97
CA SER C 924 3.59 -28.34 -36.67
C SER C 924 3.05 -27.21 -35.80
N LEU C 925 2.41 -26.21 -36.40
CA LEU C 925 1.90 -25.07 -35.65
C LEU C 925 0.46 -25.26 -35.19
N SER C 926 -0.40 -25.80 -36.04
CA SER C 926 -1.81 -25.97 -35.71
C SER C 926 -2.06 -27.08 -34.70
N SER C 927 -1.06 -27.91 -34.41
CA SER C 927 -1.22 -28.99 -33.45
C SER C 927 -0.16 -28.92 -32.35
N ALA C 931 2.74 -24.69 -29.35
CA ALA C 931 1.62 -23.77 -29.54
C ALA C 931 2.06 -22.33 -29.29
N LEU C 932 1.11 -21.41 -29.39
CA LEU C 932 1.38 -19.99 -29.12
C LEU C 932 1.30 -19.69 -27.63
N GLY C 933 2.08 -20.44 -26.84
CA GLY C 933 2.02 -20.28 -25.40
C GLY C 933 2.52 -18.93 -24.93
N LYS C 934 3.57 -18.42 -25.58
CA LYS C 934 4.18 -17.18 -25.11
C LYS C 934 3.32 -15.96 -25.44
N LEU C 935 2.54 -16.02 -26.51
CA LEU C 935 1.61 -14.93 -26.79
C LEU C 935 0.33 -15.05 -25.96
N GLN C 936 -0.09 -16.28 -25.69
CA GLN C 936 -1.33 -16.48 -24.93
C GLN C 936 -1.13 -16.19 -23.44
N ASP C 937 0.07 -16.47 -22.91
CA ASP C 937 0.28 -16.31 -21.48
C ASP C 937 0.21 -14.85 -21.06
N VAL C 938 0.68 -13.93 -21.91
CA VAL C 938 0.63 -12.52 -21.56
C VAL C 938 -0.81 -12.02 -21.55
N VAL C 939 -1.62 -12.48 -22.52
CA VAL C 939 -3.02 -12.10 -22.53
C VAL C 939 -3.72 -12.64 -21.29
N ASN C 940 -3.44 -13.90 -20.93
CA ASN C 940 -4.04 -14.49 -19.75
C ASN C 940 -3.62 -13.72 -18.49
N GLN C 941 -2.35 -13.36 -18.38
CA GLN C 941 -1.87 -12.65 -17.21
C GLN C 941 -2.51 -11.28 -17.08
N ASN C 942 -2.58 -10.53 -18.18
CA ASN C 942 -3.20 -9.21 -18.12
C ASN C 942 -4.69 -9.31 -17.79
N ALA C 943 -5.38 -10.28 -18.40
CA ALA C 943 -6.80 -10.45 -18.11
C ALA C 943 -7.02 -10.82 -16.65
N GLN C 944 -6.17 -11.70 -16.11
CA GLN C 944 -6.31 -12.09 -14.71
C GLN C 944 -6.03 -10.92 -13.78
N ALA C 945 -5.02 -10.10 -14.09
CA ALA C 945 -4.76 -8.93 -13.27
C ALA C 945 -5.92 -7.96 -13.30
N LEU C 946 -6.48 -7.71 -14.48
CA LEU C 946 -7.62 -6.80 -14.58
C LEU C 946 -8.84 -7.36 -13.84
N ASN C 947 -9.06 -8.67 -13.94
CA ASN C 947 -10.18 -9.29 -13.23
C ASN C 947 -10.01 -9.17 -11.73
N THR C 948 -8.79 -9.37 -11.22
CA THR C 948 -8.55 -9.20 -9.80
C THR C 948 -8.77 -7.74 -9.39
N LEU C 949 -8.31 -6.80 -10.21
CA LEU C 949 -8.50 -5.39 -9.90
C LEU C 949 -9.98 -5.04 -9.82
N VAL C 950 -10.78 -5.58 -10.74
CA VAL C 950 -12.22 -5.30 -10.72
C VAL C 950 -12.89 -5.97 -9.53
N LYS C 951 -12.54 -7.23 -9.27
CA LYS C 951 -13.14 -7.97 -8.16
C LYS C 951 -12.74 -7.40 -6.80
N GLN C 952 -11.68 -6.60 -6.74
CA GLN C 952 -11.30 -5.97 -5.48
C GLN C 952 -12.35 -4.96 -5.00
N LEU C 953 -13.30 -4.58 -5.85
CA LEU C 953 -14.33 -3.63 -5.43
C LEU C 953 -15.35 -4.29 -4.49
N SER C 954 -15.60 -5.59 -4.66
CA SER C 954 -16.63 -6.25 -3.88
C SER C 954 -16.25 -6.43 -2.41
N SER C 955 -15.00 -6.18 -2.04
CA SER C 955 -14.56 -6.32 -0.66
C SER C 955 -14.77 -5.01 0.09
N ASN C 956 -15.25 -5.13 1.33
CA ASN C 956 -15.59 -3.96 2.13
C ASN C 956 -14.43 -3.43 2.95
N PHE C 957 -13.31 -4.14 3.03
CA PHE C 957 -12.11 -3.69 3.73
C PHE C 957 -12.41 -3.29 5.17
N GLY C 958 -13.40 -3.95 5.79
CA GLY C 958 -13.80 -3.65 7.14
C GLY C 958 -14.90 -2.63 7.28
N ALA C 959 -15.33 -2.01 6.18
CA ALA C 959 -16.44 -1.06 6.24
C ALA C 959 -17.77 -1.82 6.35
N ILE C 960 -18.81 -1.08 6.73
CA ILE C 960 -20.12 -1.69 6.89
C ILE C 960 -20.72 -2.12 5.56
N SER C 961 -20.23 -1.60 4.45
CA SER C 961 -20.72 -1.97 3.14
C SER C 961 -19.57 -1.85 2.14
N SER C 962 -19.86 -2.19 0.88
CA SER C 962 -18.83 -2.16 -0.15
C SER C 962 -19.34 -1.57 -1.46
N VAL C 963 -20.40 -0.77 -1.42
CA VAL C 963 -20.99 -0.19 -2.62
C VAL C 963 -20.97 1.33 -2.52
N LEU C 964 -20.68 1.98 -3.64
CA LEU C 964 -20.58 3.43 -3.70
C LEU C 964 -21.93 4.13 -3.56
N ASN C 965 -23.04 3.38 -3.62
CA ASN C 965 -24.37 3.98 -3.61
C ASN C 965 -24.96 4.06 -2.22
N ASP C 966 -24.66 3.09 -1.36
CA ASP C 966 -25.10 3.12 0.04
C ASP C 966 -24.36 4.19 0.84
N ILE C 967 -23.29 4.77 0.28
CA ILE C 967 -22.38 5.65 1.00
C ILE C 967 -23.11 6.78 1.72
N LEU C 968 -23.75 7.66 0.97
CA LEU C 968 -24.49 8.77 1.56
C LEU C 968 -25.97 8.50 1.31
N SER C 969 -26.53 7.62 2.12
CA SER C 969 -27.94 7.29 2.03
C SER C 969 -28.62 7.36 3.40
N ARG C 970 -27.90 6.98 4.44
CA ARG C 970 -28.55 6.83 5.75
C ARG C 970 -27.83 7.54 6.89
N LEU C 971 -26.50 7.51 6.92
CA LEU C 971 -25.78 7.75 8.16
C LEU C 971 -25.18 9.14 8.21
N ASP C 972 -24.82 9.54 9.43
CA ASP C 972 -24.30 10.87 9.69
C ASP C 972 -22.99 11.10 8.93
N PRO C 973 -22.79 12.26 8.32
CA PRO C 973 -21.70 12.43 7.34
C PRO C 973 -20.33 12.11 7.90
N PRO C 974 -20.01 12.43 9.17
CA PRO C 974 -18.77 11.89 9.73
C PRO C 974 -18.73 10.37 9.83
N GLU C 975 -19.86 9.75 10.19
CA GLU C 975 -19.90 8.29 10.29
C GLU C 975 -19.80 7.65 8.91
N ALA C 976 -20.24 8.35 7.87
CA ALA C 976 -19.97 7.88 6.51
C ALA C 976 -18.54 8.19 6.09
N GLU C 977 -17.94 9.25 6.64
CA GLU C 977 -16.61 9.67 6.23
C GLU C 977 -15.56 8.70 6.73
N VAL C 978 -15.74 8.14 7.93
CA VAL C 978 -14.78 7.14 8.41
C VAL C 978 -14.80 5.91 7.52
N GLN C 979 -16.00 5.44 7.15
CA GLN C 979 -16.11 4.28 6.26
C GLN C 979 -15.52 4.60 4.89
N ILE C 980 -15.75 5.82 4.39
CA ILE C 980 -15.15 6.22 3.13
C ILE C 980 -13.63 6.22 3.23
N ASP C 981 -13.08 6.67 4.35
CA ASP C 981 -11.63 6.65 4.53
C ASP C 981 -11.11 5.22 4.44
N ARG C 982 -11.79 4.30 5.12
CA ARG C 982 -11.38 2.90 5.06
C ARG C 982 -11.46 2.36 3.63
N LEU C 983 -12.56 2.65 2.95
CA LEU C 983 -12.77 2.13 1.59
C LEU C 983 -11.74 2.68 0.62
N ILE C 984 -11.48 3.99 0.68
CA ILE C 984 -10.51 4.58 -0.25
C ILE C 984 -9.11 4.09 0.07
N THR C 985 -8.78 3.87 1.35
CA THR C 985 -7.47 3.31 1.67
C THR C 985 -7.32 1.92 1.04
N GLY C 986 -8.33 1.07 1.21
CA GLY C 986 -8.24 -0.26 0.63
C GLY C 986 -8.15 -0.25 -0.88
N ARG C 987 -9.01 0.54 -1.53
CA ARG C 987 -9.01 0.58 -2.98
C ARG C 987 -7.73 1.19 -3.53
N LEU C 988 -7.18 2.21 -2.86
CA LEU C 988 -5.91 2.78 -3.28
C LEU C 988 -4.78 1.78 -3.14
N GLN C 989 -4.80 0.98 -2.07
CA GLN C 989 -3.79 -0.08 -1.93
C GLN C 989 -3.89 -1.07 -3.08
N SER C 990 -5.12 -1.48 -3.42
CA SER C 990 -5.30 -2.43 -4.52
C SER C 990 -4.82 -1.84 -5.84
N LEU C 991 -5.14 -0.57 -6.10
CA LEU C 991 -4.73 0.06 -7.34
C LEU C 991 -3.22 0.21 -7.41
N GLN C 992 -2.57 0.54 -6.28
CA GLN C 992 -1.12 0.62 -6.26
C GLN C 992 -0.49 -0.74 -6.55
N THR C 993 -1.05 -1.81 -5.97
CA THR C 993 -0.53 -3.14 -6.27
C THR C 993 -0.66 -3.47 -7.74
N TYR C 994 -1.82 -3.16 -8.33
CA TYR C 994 -2.01 -3.43 -9.75
C TYR C 994 -1.03 -2.65 -10.61
N VAL C 995 -0.82 -1.36 -10.28
CA VAL C 995 0.09 -0.54 -11.08
C VAL C 995 1.52 -1.04 -10.97
N THR C 996 1.94 -1.44 -9.76
CA THR C 996 3.30 -1.96 -9.61
C THR C 996 3.49 -3.26 -10.38
N GLN C 997 2.50 -4.16 -10.31
CA GLN C 997 2.61 -5.40 -11.09
C GLN C 997 2.65 -5.10 -12.58
N GLN C 998 1.87 -4.13 -13.04
CA GLN C 998 1.89 -3.77 -14.45
C GLN C 998 3.25 -3.19 -14.84
N LEU C 999 3.86 -2.40 -13.96
CA LEU C 999 5.19 -1.88 -14.26
C LEU C 999 6.21 -3.00 -14.39
N ILE C 1000 6.15 -3.98 -13.49
CA ILE C 1000 7.07 -5.12 -13.56
C ILE C 1000 6.88 -5.87 -14.87
N ARG C 1001 5.63 -6.17 -15.20
CA ARG C 1001 5.36 -6.94 -16.42
C ARG C 1001 5.74 -6.15 -17.66
N ALA C 1002 5.55 -4.82 -17.63
CA ALA C 1002 5.95 -3.99 -18.75
C ALA C 1002 7.46 -4.00 -18.93
N ALA C 1003 8.21 -3.98 -17.83
CA ALA C 1003 9.67 -4.08 -17.95
C ALA C 1003 10.07 -5.42 -18.56
N GLU C 1004 9.44 -6.51 -18.11
CA GLU C 1004 9.76 -7.82 -18.68
C GLU C 1004 9.44 -7.87 -20.16
N ILE C 1005 8.29 -7.32 -20.56
CA ILE C 1005 7.89 -7.34 -21.96
C ILE C 1005 8.79 -6.44 -22.78
N ARG C 1006 9.23 -5.31 -22.24
CA ARG C 1006 10.15 -4.46 -22.98
C ARG C 1006 11.47 -5.17 -23.21
N ALA C 1007 11.96 -5.91 -22.23
CA ALA C 1007 13.18 -6.69 -22.45
C ALA C 1007 12.96 -7.74 -23.53
N SER C 1008 11.83 -8.47 -23.46
CA SER C 1008 11.55 -9.50 -24.45
C SER C 1008 11.43 -8.92 -25.85
N ALA C 1009 10.78 -7.75 -25.98
CA ALA C 1009 10.59 -7.16 -27.29
C ALA C 1009 11.84 -6.46 -27.80
N ASN C 1010 12.73 -6.01 -26.92
CA ASN C 1010 14.05 -5.58 -27.36
C ASN C 1010 14.83 -6.75 -27.94
N LEU C 1011 14.74 -7.91 -27.28
CA LEU C 1011 15.34 -9.11 -27.84
C LEU C 1011 14.72 -9.46 -29.18
N ALA C 1012 13.39 -9.33 -29.29
CA ALA C 1012 12.72 -9.60 -30.55
C ALA C 1012 13.17 -8.62 -31.64
N ALA C 1013 13.32 -7.34 -31.28
CA ALA C 1013 13.74 -6.34 -32.26
C ALA C 1013 15.15 -6.61 -32.75
N THR C 1014 16.08 -6.95 -31.85
CA THR C 1014 17.43 -7.23 -32.32
C THR C 1014 17.50 -8.54 -33.09
N LYS C 1015 16.68 -9.52 -32.73
CA LYS C 1015 16.61 -10.75 -33.51
C LYS C 1015 16.08 -10.48 -34.91
N MET C 1016 15.05 -9.63 -35.02
CA MET C 1016 14.53 -9.24 -36.33
C MET C 1016 15.58 -8.49 -37.12
N SER C 1017 16.34 -7.63 -36.47
CA SER C 1017 17.35 -6.84 -37.16
C SER C 1017 18.47 -7.71 -37.69
N GLU C 1018 18.94 -8.67 -36.90
CA GLU C 1018 20.13 -9.43 -37.29
C GLU C 1018 19.82 -10.68 -38.09
N CYS C 1019 18.82 -11.47 -37.69
CA CYS C 1019 18.52 -12.70 -38.41
C CYS C 1019 17.88 -12.41 -39.76
N VAL C 1020 16.98 -11.43 -39.81
CA VAL C 1020 16.26 -11.15 -41.05
C VAL C 1020 17.10 -10.29 -41.99
N LEU C 1021 17.47 -9.10 -41.54
CA LEU C 1021 18.19 -8.15 -42.38
C LEU C 1021 19.68 -8.51 -42.45
N GLY C 1022 19.99 -9.75 -42.80
CA GLY C 1022 21.37 -10.19 -42.85
C GLY C 1022 21.56 -11.57 -42.25
N GLN C 1023 22.76 -12.10 -42.37
CA GLN C 1023 23.09 -13.43 -41.86
C GLN C 1023 23.93 -13.29 -40.61
N SER C 1024 23.59 -14.06 -39.58
CA SER C 1024 24.25 -13.96 -38.28
C SER C 1024 25.13 -15.19 -38.05
N LYS C 1025 26.36 -14.95 -37.60
CA LYS C 1025 27.27 -16.03 -37.24
C LYS C 1025 27.12 -16.46 -35.79
N ARG C 1026 26.23 -15.83 -35.03
CA ARG C 1026 25.95 -16.28 -33.67
C ARG C 1026 25.35 -17.67 -33.72
N VAL C 1027 25.70 -18.49 -32.72
CA VAL C 1027 25.47 -19.93 -32.84
C VAL C 1027 23.99 -20.26 -32.87
N ASP C 1028 23.28 -19.96 -31.78
CA ASP C 1028 21.87 -20.33 -31.68
C ASP C 1028 20.96 -19.12 -31.53
N PHE C 1029 21.42 -17.94 -31.97
CA PHE C 1029 20.57 -16.77 -31.89
C PHE C 1029 19.38 -16.85 -32.83
N CYS C 1030 19.55 -17.46 -34.00
CA CYS C 1030 18.54 -17.49 -35.04
C CYS C 1030 18.20 -18.93 -35.43
N GLY C 1031 17.93 -19.76 -34.44
CA GLY C 1031 17.50 -21.12 -34.67
C GLY C 1031 18.55 -22.13 -34.24
N LYS C 1032 18.25 -23.39 -34.54
CA LYS C 1032 19.15 -24.50 -34.24
C LYS C 1032 19.76 -25.00 -35.54
N GLY C 1033 21.05 -24.74 -35.71
CA GLY C 1033 21.78 -25.13 -36.90
C GLY C 1033 22.55 -23.95 -37.44
N TYR C 1034 22.97 -24.06 -38.70
CA TYR C 1034 23.67 -22.97 -39.36
C TYR C 1034 22.64 -22.07 -40.02
N HIS C 1035 22.49 -20.85 -39.50
CA HIS C 1035 21.43 -19.98 -39.97
C HIS C 1035 21.66 -19.55 -41.41
N LEU C 1036 20.58 -19.49 -42.19
CA LEU C 1036 20.64 -19.03 -43.56
C LEU C 1036 19.88 -17.72 -43.75
N MET C 1037 18.60 -17.68 -43.37
CA MET C 1037 17.80 -16.47 -43.43
C MET C 1037 16.54 -16.70 -42.62
N SER C 1038 15.81 -15.62 -42.37
CA SER C 1038 14.57 -15.70 -41.61
C SER C 1038 13.50 -14.87 -42.29
N PHE C 1039 12.25 -15.27 -42.08
CA PHE C 1039 11.11 -14.54 -42.61
C PHE C 1039 10.18 -14.16 -41.47
N PRO C 1040 10.10 -12.88 -41.09
CA PRO C 1040 9.20 -12.50 -40.00
C PRO C 1040 7.75 -12.65 -40.39
N GLN C 1041 6.92 -12.86 -39.38
CA GLN C 1041 5.47 -12.88 -39.55
C GLN C 1041 4.84 -12.21 -38.33
N SER C 1042 3.71 -11.56 -38.54
CA SER C 1042 3.03 -10.88 -37.45
C SER C 1042 2.17 -11.88 -36.67
N ALA C 1043 1.77 -11.47 -35.48
CA ALA C 1043 0.79 -12.22 -34.70
C ALA C 1043 0.23 -11.26 -33.67
N PRO C 1044 -1.01 -11.49 -33.20
CA PRO C 1044 -1.60 -10.53 -32.26
C PRO C 1044 -0.74 -10.33 -31.04
N HIS C 1045 -0.20 -9.12 -30.91
CA HIS C 1045 0.71 -8.76 -29.82
C HIS C 1045 1.94 -9.67 -29.81
N GLY C 1046 2.56 -9.83 -30.97
CA GLY C 1046 3.79 -10.61 -31.02
C GLY C 1046 4.28 -10.79 -32.43
N VAL C 1047 5.50 -11.33 -32.50
CA VAL C 1047 6.17 -11.61 -33.77
C VAL C 1047 6.58 -13.08 -33.79
N VAL C 1048 6.63 -13.64 -35.00
CA VAL C 1048 6.91 -15.06 -35.18
C VAL C 1048 7.93 -15.19 -36.30
N PHE C 1049 9.12 -15.67 -35.97
CA PHE C 1049 10.17 -15.86 -36.96
C PHE C 1049 10.18 -17.30 -37.42
N LEU C 1050 10.43 -17.49 -38.72
CA LEU C 1050 10.63 -18.81 -39.29
C LEU C 1050 12.10 -18.89 -39.69
N HIS C 1051 12.95 -19.26 -38.73
CA HIS C 1051 14.37 -19.35 -39.00
C HIS C 1051 14.65 -20.52 -39.92
N VAL C 1052 15.39 -20.27 -41.00
CA VAL C 1052 15.82 -21.30 -41.93
C VAL C 1052 17.23 -21.71 -41.54
N THR C 1053 17.44 -23.00 -41.33
CA THR C 1053 18.72 -23.50 -40.87
C THR C 1053 19.18 -24.65 -41.74
N TYR C 1054 20.47 -24.65 -42.05
CA TYR C 1054 21.14 -25.74 -42.75
C TYR C 1054 21.81 -26.59 -41.69
N VAL C 1055 21.50 -27.88 -41.66
CA VAL C 1055 22.13 -28.79 -40.71
C VAL C 1055 22.59 -30.05 -41.44
N PRO C 1056 23.81 -30.54 -41.17
CA PRO C 1056 24.23 -31.80 -41.78
C PRO C 1056 23.37 -32.96 -41.29
N ALA C 1057 23.21 -33.96 -42.16
CA ALA C 1057 22.32 -35.08 -41.87
C ALA C 1057 23.06 -36.40 -41.75
N GLN C 1058 23.80 -36.80 -42.78
CA GLN C 1058 24.48 -38.08 -42.81
C GLN C 1058 25.98 -37.84 -42.81
N GLU C 1059 26.70 -38.56 -41.95
CA GLU C 1059 28.13 -38.38 -41.79
C GLU C 1059 28.86 -39.70 -41.99
N LYS C 1060 30.09 -39.60 -42.49
CA LYS C 1060 30.94 -40.76 -42.68
C LYS C 1060 32.28 -40.53 -41.99
N ASN C 1061 32.82 -41.60 -41.42
CA ASN C 1061 34.13 -41.54 -40.79
C ASN C 1061 35.23 -41.57 -41.85
N PHE C 1062 36.35 -40.91 -41.54
CA PHE C 1062 37.50 -40.91 -42.42
C PHE C 1062 38.77 -40.82 -41.59
N THR C 1063 39.85 -41.37 -42.13
CA THR C 1063 41.17 -41.25 -41.50
C THR C 1063 41.80 -39.95 -41.98
N THR C 1064 42.23 -39.12 -41.02
CA THR C 1064 42.70 -37.78 -41.31
C THR C 1064 44.06 -37.53 -40.70
N ALA C 1065 44.79 -36.59 -41.28
CA ALA C 1065 46.08 -36.15 -40.77
C ALA C 1065 46.14 -34.64 -40.87
N PRO C 1066 46.88 -33.99 -39.96
CA PRO C 1066 46.98 -32.52 -40.02
C PRO C 1066 47.60 -32.01 -41.31
N ALA C 1067 48.52 -32.74 -41.92
CA ALA C 1067 49.20 -32.26 -43.11
C ALA C 1067 49.84 -33.42 -43.84
N ILE C 1068 50.23 -33.17 -45.09
CA ILE C 1068 51.06 -34.07 -45.89
C ILE C 1068 52.30 -33.31 -46.32
N CYS C 1069 53.43 -34.02 -46.35
CA CYS C 1069 54.69 -33.37 -46.64
C CYS C 1069 55.40 -34.02 -47.82
N HIS C 1070 55.98 -33.18 -48.68
CA HIS C 1070 56.88 -33.59 -49.75
C HIS C 1070 58.30 -33.15 -49.39
N ASP C 1071 59.26 -34.07 -49.58
CA ASP C 1071 60.70 -33.81 -49.53
C ASP C 1071 61.06 -32.74 -48.51
N GLY C 1072 60.59 -32.89 -47.28
CA GLY C 1072 60.80 -31.90 -46.25
C GLY C 1072 60.07 -30.60 -46.47
N LYS C 1073 58.81 -30.66 -46.90
CA LYS C 1073 57.99 -29.47 -47.07
C LYS C 1073 56.55 -29.84 -46.75
N ALA C 1074 56.13 -29.57 -45.52
CA ALA C 1074 54.77 -29.90 -45.10
C ALA C 1074 53.76 -29.03 -45.81
N HIS C 1075 52.69 -29.66 -46.30
CA HIS C 1075 51.60 -28.96 -46.98
C HIS C 1075 50.37 -28.96 -46.08
N PHE C 1076 49.89 -27.77 -45.74
CA PHE C 1076 48.70 -27.61 -44.93
C PHE C 1076 47.53 -27.17 -45.81
N PRO C 1077 46.31 -27.57 -45.48
CA PRO C 1077 45.17 -27.26 -46.36
C PRO C 1077 44.85 -25.78 -46.37
N ARG C 1078 44.37 -25.30 -47.51
CA ARG C 1078 44.02 -23.89 -47.63
C ARG C 1078 42.77 -23.57 -46.82
N GLU C 1079 41.65 -24.22 -47.13
CA GLU C 1079 40.40 -23.93 -46.45
C GLU C 1079 39.73 -25.21 -45.96
N GLY C 1080 40.02 -26.33 -46.62
CA GLY C 1080 39.42 -27.61 -46.28
C GLY C 1080 40.22 -28.38 -45.25
N VAL C 1081 39.92 -29.68 -45.17
CA VAL C 1081 40.63 -30.61 -44.30
C VAL C 1081 40.98 -31.84 -45.12
N PHE C 1082 41.99 -32.57 -44.64
CA PHE C 1082 42.48 -33.75 -45.33
C PHE C 1082 41.78 -35.00 -44.82
N VAL C 1083 41.30 -35.81 -45.75
CA VAL C 1083 40.64 -37.08 -45.42
C VAL C 1083 41.20 -38.16 -46.32
N SER C 1084 40.82 -39.40 -46.03
CA SER C 1084 41.30 -40.54 -46.81
C SER C 1084 40.25 -41.64 -46.79
N ASN C 1085 39.96 -42.21 -47.95
CA ASN C 1085 39.02 -43.32 -48.06
C ASN C 1085 39.66 -44.65 -47.74
N GLY C 1086 40.95 -44.68 -47.42
CA GLY C 1086 41.63 -45.90 -47.07
C GLY C 1086 42.94 -46.09 -47.82
N THR C 1087 42.96 -45.70 -49.09
CA THR C 1087 44.16 -45.83 -49.91
C THR C 1087 44.68 -44.49 -50.39
N HIS C 1088 43.81 -43.61 -50.88
CA HIS C 1088 44.20 -42.32 -51.41
C HIS C 1088 43.74 -41.21 -50.46
N TRP C 1089 44.43 -40.08 -50.54
CA TRP C 1089 44.15 -38.92 -49.71
C TRP C 1089 43.53 -37.81 -50.56
N PHE C 1090 42.60 -37.07 -49.96
CA PHE C 1090 41.96 -35.95 -50.61
C PHE C 1090 41.85 -34.79 -49.63
N VAL C 1091 41.59 -33.61 -50.17
CA VAL C 1091 41.28 -32.43 -49.39
C VAL C 1091 39.84 -32.02 -49.73
N THR C 1092 39.02 -31.85 -48.71
CA THR C 1092 37.61 -31.61 -48.91
C THR C 1092 37.15 -30.44 -48.06
N GLN C 1093 35.92 -29.98 -48.32
CA GLN C 1093 35.35 -28.89 -47.55
C GLN C 1093 35.13 -29.32 -46.10
N ARG C 1094 34.93 -28.32 -45.24
CA ARG C 1094 34.73 -28.61 -43.83
C ARG C 1094 33.36 -29.23 -43.56
N ASN C 1095 32.32 -28.77 -44.27
CA ASN C 1095 30.95 -29.14 -43.96
C ASN C 1095 30.27 -29.93 -45.07
N PHE C 1096 31.01 -30.38 -46.09
CA PHE C 1096 30.42 -31.16 -47.16
C PHE C 1096 31.52 -32.01 -47.79
N TYR C 1097 31.24 -33.30 -47.97
CA TYR C 1097 32.25 -34.24 -48.47
C TYR C 1097 32.29 -34.15 -49.98
N GLU C 1098 33.20 -33.31 -50.48
CA GLU C 1098 33.47 -33.17 -51.91
C GLU C 1098 34.96 -33.37 -52.11
N PRO C 1099 35.41 -34.60 -52.30
CA PRO C 1099 36.85 -34.87 -52.41
C PRO C 1099 37.46 -34.15 -53.61
N GLN C 1100 38.68 -33.66 -53.42
CA GLN C 1100 39.46 -33.04 -54.48
C GLN C 1100 40.88 -33.58 -54.42
N ILE C 1101 41.50 -33.71 -55.60
CA ILE C 1101 42.90 -34.13 -55.64
C ILE C 1101 43.75 -33.07 -54.99
N ILE C 1102 44.79 -33.51 -54.28
CA ILE C 1102 45.63 -32.58 -53.51
C ILE C 1102 46.62 -31.91 -54.46
N THR C 1103 46.23 -30.77 -55.01
CA THR C 1103 47.09 -30.02 -55.92
C THR C 1103 48.01 -29.12 -55.11
N THR C 1104 48.78 -28.28 -55.80
CA THR C 1104 49.65 -27.32 -55.14
C THR C 1104 48.94 -26.02 -54.79
N ASP C 1105 47.70 -25.82 -55.28
CA ASP C 1105 46.93 -24.64 -54.94
C ASP C 1105 45.95 -24.87 -53.78
N ASN C 1106 45.55 -26.12 -53.54
CA ASN C 1106 44.73 -26.44 -52.39
C ASN C 1106 45.53 -26.44 -51.09
N THR C 1107 46.85 -26.48 -51.17
CA THR C 1107 47.71 -26.57 -49.99
C THR C 1107 48.79 -25.50 -50.06
N PHE C 1108 49.27 -25.10 -48.89
CA PHE C 1108 50.40 -24.17 -48.79
C PHE C 1108 51.45 -24.75 -47.88
N VAL C 1109 52.70 -24.46 -48.19
CA VAL C 1109 53.84 -25.02 -47.46
C VAL C 1109 54.14 -24.15 -46.25
N SER C 1110 54.72 -24.76 -45.22
CA SER C 1110 55.09 -24.04 -44.01
C SER C 1110 56.42 -24.45 -43.41
N GLY C 1111 57.17 -25.34 -44.03
CA GLY C 1111 58.47 -25.74 -43.54
C GLY C 1111 58.65 -27.25 -43.60
N ASN C 1112 59.76 -27.71 -43.03
CA ASN C 1112 60.06 -29.13 -43.03
C ASN C 1112 59.07 -29.91 -42.18
N CYS C 1113 58.88 -31.18 -42.52
CA CYS C 1113 57.86 -32.01 -41.91
C CYS C 1113 58.43 -32.94 -40.83
N ASP C 1114 59.43 -32.49 -40.10
CA ASP C 1114 59.95 -33.23 -38.95
C ASP C 1114 59.51 -32.61 -37.63
N VAL C 1115 58.62 -31.64 -37.66
CA VAL C 1115 58.19 -30.94 -36.46
C VAL C 1115 56.70 -31.09 -36.19
N VAL C 1116 55.90 -31.47 -37.18
CA VAL C 1116 54.46 -31.59 -37.03
C VAL C 1116 54.14 -33.03 -36.66
N ILE C 1117 53.42 -33.21 -35.55
CA ILE C 1117 53.03 -34.53 -35.09
C ILE C 1117 51.85 -35.02 -35.93
N GLY C 1118 51.99 -36.21 -36.50
CA GLY C 1118 50.94 -36.78 -37.32
C GLY C 1118 51.11 -36.60 -38.81
N ILE C 1119 52.29 -36.16 -39.27
CA ILE C 1119 52.52 -36.00 -40.70
C ILE C 1119 52.42 -37.36 -41.39
N VAL C 1120 52.02 -37.32 -42.66
CA VAL C 1120 51.91 -38.53 -43.48
C VAL C 1120 52.54 -38.25 -44.83
N ASN C 1121 52.94 -39.33 -45.50
CA ASN C 1121 53.52 -39.23 -46.84
C ASN C 1121 52.46 -39.51 -47.89
N ASN C 1122 52.38 -38.65 -48.89
CA ASN C 1122 51.46 -38.82 -50.01
C ASN C 1122 51.87 -37.84 -51.10
N THR C 1123 51.55 -38.20 -52.35
CA THR C 1123 51.99 -37.43 -53.51
C THR C 1123 50.97 -36.35 -53.86
N VAL C 1124 51.45 -35.12 -54.00
CA VAL C 1124 50.62 -34.00 -54.41
C VAL C 1124 50.79 -33.82 -55.92
N TYR C 1125 49.83 -33.11 -56.52
CA TYR C 1125 49.82 -32.88 -57.95
C TYR C 1125 50.26 -31.46 -58.25
N ASP C 1126 51.20 -31.32 -59.18
CA ASP C 1126 51.65 -30.01 -59.64
C ASP C 1126 51.11 -29.76 -61.04
N PRO C 1127 50.21 -28.80 -61.23
CA PRO C 1127 49.65 -28.56 -62.57
C PRO C 1127 50.69 -28.13 -63.60
N LEU C 1128 51.83 -27.62 -63.17
CA LEU C 1128 52.87 -27.19 -64.09
C LEU C 1128 53.63 -28.37 -64.71
N GLN C 1129 53.58 -29.55 -64.10
CA GLN C 1129 54.32 -30.69 -64.63
C GLN C 1129 53.86 -31.10 -66.03
N PRO C 1130 52.57 -31.22 -66.33
CA PRO C 1130 52.17 -31.56 -67.70
C PRO C 1130 52.58 -30.52 -68.74
N GLU C 1131 52.83 -29.28 -68.33
CA GLU C 1131 53.23 -28.25 -69.28
C GLU C 1131 54.57 -28.58 -69.92
N LEU C 1132 55.52 -29.08 -69.14
CA LEU C 1132 56.84 -29.39 -69.68
C LEU C 1132 56.76 -30.50 -70.73
N ASP C 1133 55.96 -31.53 -70.47
CA ASP C 1133 55.82 -32.63 -71.41
C ASP C 1133 54.71 -32.33 -72.43
N GLU D 1 -63.14 3.35 17.41
CA GLU D 1 -63.65 4.49 18.16
C GLU D 1 -62.66 4.97 19.20
N VAL D 2 -62.05 6.12 18.94
CA VAL D 2 -61.12 6.73 19.89
C VAL D 2 -61.95 7.46 20.94
N GLN D 3 -61.76 7.10 22.20
CA GLN D 3 -62.58 7.60 23.30
C GLN D 3 -61.78 8.63 24.09
N LEU D 4 -62.35 9.82 24.25
CA LEU D 4 -61.79 10.86 25.10
C LEU D 4 -62.79 11.16 26.21
N VAL D 5 -62.33 11.11 27.45
CA VAL D 5 -63.20 11.33 28.61
C VAL D 5 -63.16 12.81 28.98
N GLU D 6 -64.31 13.46 28.92
CA GLU D 6 -64.43 14.87 29.27
C GLU D 6 -65.12 14.98 30.62
N SER D 7 -64.47 15.62 31.58
CA SER D 7 -65.00 15.78 32.92
C SER D 7 -64.90 17.24 33.36
N GLY D 8 -65.81 17.63 34.23
CA GLY D 8 -65.86 18.98 34.75
C GLY D 8 -66.93 19.87 34.15
N GLY D 9 -67.53 19.47 33.03
CA GLY D 9 -68.57 20.28 32.41
C GLY D 9 -69.79 20.36 33.32
N GLY D 10 -70.25 21.58 33.57
CA GLY D 10 -71.41 21.77 34.43
C GLY D 10 -71.73 23.24 34.58
N LEU D 11 -72.80 23.50 35.33
CA LEU D 11 -73.24 24.86 35.55
C LEU D 11 -72.27 25.60 36.47
N VAL D 12 -72.11 26.90 36.22
CA VAL D 12 -71.20 27.73 36.99
C VAL D 12 -71.68 29.17 36.93
N GLN D 13 -71.56 29.88 38.05
CA GLN D 13 -71.97 31.27 38.13
C GLN D 13 -71.03 32.15 37.31
N PRO D 14 -71.51 33.32 36.89
CA PRO D 14 -70.64 34.25 36.16
C PRO D 14 -69.45 34.68 37.02
N GLY D 15 -68.31 34.87 36.36
CA GLY D 15 -67.10 35.23 37.07
C GLY D 15 -66.60 34.16 38.03
N GLY D 16 -66.78 32.90 37.69
CA GLY D 16 -66.38 31.79 38.52
C GLY D 16 -65.10 31.13 38.05
N SER D 17 -64.93 29.87 38.43
CA SER D 17 -63.75 29.10 38.06
C SER D 17 -64.16 27.65 37.84
N LEU D 18 -63.37 26.94 37.02
CA LEU D 18 -63.64 25.55 36.72
C LEU D 18 -62.34 24.86 36.34
N ARG D 19 -62.37 23.53 36.38
CA ARG D 19 -61.23 22.71 35.95
C ARG D 19 -61.77 21.58 35.09
N LEU D 20 -61.68 21.76 33.78
CA LEU D 20 -62.10 20.74 32.82
C LEU D 20 -60.93 19.82 32.51
N SER D 21 -61.26 18.57 32.17
CA SER D 21 -60.22 17.57 31.91
C SER D 21 -60.62 16.70 30.73
N CYS D 22 -59.69 16.51 29.80
CA CYS D 22 -59.86 15.56 28.70
C CYS D 22 -58.78 14.50 28.83
N ALA D 23 -59.21 13.27 29.11
CA ALA D 23 -58.33 12.12 29.21
C ALA D 23 -58.40 11.30 27.93
N ALA D 24 -57.30 10.63 27.60
CA ALA D 24 -57.24 9.89 26.35
C ALA D 24 -56.29 8.72 26.50
N SER D 25 -56.45 7.75 25.61
CA SER D 25 -55.53 6.62 25.53
C SER D 25 -55.49 6.14 24.09
N GLY D 26 -54.31 5.75 23.64
CA GLY D 26 -54.13 5.30 22.27
C GLY D 26 -53.55 6.39 21.39
N GLY D 27 -54.15 6.59 20.22
CA GLY D 27 -53.64 7.56 19.27
C GLY D 27 -52.28 7.21 18.73
N THR D 28 -52.05 5.93 18.41
CA THR D 28 -50.75 5.43 17.97
C THR D 28 -49.66 5.75 18.99
N PHE D 29 -50.06 5.85 20.26
CA PHE D 29 -49.16 6.00 21.40
C PHE D 29 -48.46 7.36 21.39
N SER D 30 -48.66 8.14 20.32
CA SER D 30 -47.91 9.38 20.15
C SER D 30 -48.73 10.34 19.32
N SER D 31 -48.78 11.59 19.75
CA SER D 31 -49.51 12.65 19.05
C SER D 31 -48.62 13.87 18.98
N ILE D 32 -49.17 14.97 18.48
CA ILE D 32 -48.46 16.24 18.43
C ILE D 32 -48.99 17.22 19.48
N GLY D 33 -50.31 17.25 19.68
CA GLY D 33 -50.85 18.15 20.69
C GLY D 33 -52.31 17.86 20.97
N MET D 34 -52.83 18.61 21.95
CA MET D 34 -54.21 18.52 22.38
C MET D 34 -54.83 19.91 22.29
N GLY D 35 -56.14 19.98 22.13
CA GLY D 35 -56.77 21.28 22.04
C GLY D 35 -58.18 21.28 22.58
N TRP D 36 -58.68 22.48 22.85
CA TRP D 36 -60.04 22.70 23.31
C TRP D 36 -60.70 23.71 22.38
N PHE D 37 -61.91 23.37 21.92
CA PHE D 37 -62.74 24.22 21.10
C PHE D 37 -64.09 24.41 21.80
N ARG D 38 -64.80 25.46 21.40
CA ARG D 38 -66.13 25.71 21.97
C ARG D 38 -67.09 26.06 20.86
N GLN D 39 -68.37 25.78 21.10
CA GLN D 39 -69.44 26.11 20.17
C GLN D 39 -70.63 26.61 20.97
N ALA D 40 -71.04 27.85 20.73
CA ALA D 40 -72.17 28.47 21.39
C ALA D 40 -73.44 28.25 20.60
N PRO D 41 -74.59 28.22 21.26
CA PRO D 41 -75.86 28.11 20.52
C PRO D 41 -76.02 29.27 19.55
N GLY D 42 -76.47 28.95 18.34
CA GLY D 42 -76.51 29.94 17.29
C GLY D 42 -75.16 30.36 16.77
N LYS D 43 -74.10 29.66 17.15
CA LYS D 43 -72.74 30.00 16.73
C LYS D 43 -72.03 28.70 16.33
N GLU D 44 -71.03 28.85 15.48
CA GLU D 44 -70.29 27.70 14.97
C GLU D 44 -69.15 27.34 15.91
N ARG D 45 -68.36 26.34 15.51
CA ARG D 45 -67.21 25.92 16.30
C ARG D 45 -66.10 26.96 16.18
N GLU D 46 -65.34 27.12 17.26
CA GLU D 46 -64.25 28.08 17.28
C GLU D 46 -63.14 27.58 18.20
N PHE D 47 -61.92 28.03 17.91
CA PHE D 47 -60.75 27.62 18.67
C PHE D 47 -60.71 28.30 20.02
N VAL D 48 -60.25 27.56 21.04
CA VAL D 48 -60.13 28.12 22.38
C VAL D 48 -58.69 28.02 22.86
N ALA D 49 -58.15 26.81 22.96
CA ALA D 49 -56.82 26.65 23.52
C ALA D 49 -56.14 25.44 22.92
N ALA D 50 -54.81 25.40 23.05
CA ALA D 50 -54.05 24.27 22.53
C ALA D 50 -52.73 24.13 23.27
N ILE D 51 -52.30 22.89 23.50
CA ILE D 51 -51.02 22.60 24.14
C ILE D 51 -50.33 21.49 23.36
N SER D 52 -49.09 21.73 22.97
CA SER D 52 -48.31 20.70 22.29
C SER D 52 -48.00 19.55 23.25
N TRP D 53 -48.03 18.33 22.73
CA TRP D 53 -47.79 17.17 23.57
C TRP D 53 -46.30 16.99 23.91
N ASP D 54 -45.40 17.55 23.11
CA ASP D 54 -43.97 17.36 23.32
C ASP D 54 -43.38 18.41 24.25
N GLY D 55 -43.74 19.70 24.06
CA GLY D 55 -43.23 20.77 24.88
C GLY D 55 -44.36 21.49 25.60
N GLY D 56 -43.97 22.39 26.48
CA GLY D 56 -44.93 23.14 27.26
C GLY D 56 -45.53 24.35 26.59
N ALA D 57 -45.35 24.47 25.27
CA ALA D 57 -45.87 25.63 24.56
C ALA D 57 -47.38 25.66 24.60
N THR D 58 -47.94 26.84 24.84
CA THR D 58 -49.36 27.06 24.97
C THR D 58 -49.84 28.07 23.95
N ALA D 59 -51.03 27.83 23.40
CA ALA D 59 -51.66 28.76 22.47
C ALA D 59 -53.06 29.07 22.96
N TYR D 60 -53.37 30.36 23.10
CA TYR D 60 -54.66 30.83 23.56
C TYR D 60 -55.30 31.72 22.51
N ALA D 61 -56.63 31.68 22.44
CA ALA D 61 -57.37 32.56 21.56
C ALA D 61 -57.40 33.97 22.13
N ASP D 62 -57.78 34.93 21.29
CA ASP D 62 -57.84 36.32 21.71
C ASP D 62 -58.87 36.51 22.82
N SER D 63 -60.02 35.86 22.70
CA SER D 63 -61.09 36.02 23.68
C SER D 63 -60.79 35.36 25.01
N VAL D 64 -59.74 34.56 25.11
CA VAL D 64 -59.41 33.87 26.35
C VAL D 64 -57.97 34.12 26.77
N LYS D 65 -57.35 35.18 26.27
CA LYS D 65 -55.96 35.48 26.61
C LYS D 65 -55.86 35.98 28.04
N GLY D 66 -55.01 35.32 28.83
CA GLY D 66 -54.68 35.77 30.16
C GLY D 66 -55.66 35.38 31.27
N ARG D 67 -56.74 34.67 30.95
CA ARG D 67 -57.70 34.25 31.96
C ARG D 67 -57.88 32.75 32.07
N PHE D 68 -57.34 31.97 31.14
CA PHE D 68 -57.39 30.52 31.20
C PHE D 68 -55.97 29.97 31.41
N THR D 69 -55.90 28.71 31.78
CA THR D 69 -54.59 28.05 31.94
C THR D 69 -54.72 26.60 31.51
N ILE D 70 -54.13 26.26 30.38
CA ILE D 70 -54.24 24.91 29.82
C ILE D 70 -52.88 24.22 29.93
N SER D 71 -52.86 23.09 30.62
CA SER D 71 -51.66 22.30 30.78
C SER D 71 -52.01 20.84 30.48
N ALA D 72 -51.02 19.96 30.58
CA ALA D 72 -51.29 18.55 30.38
C ALA D 72 -50.24 17.73 31.11
N ASP D 73 -50.67 16.59 31.62
CA ASP D 73 -49.78 15.63 32.28
C ASP D 73 -49.58 14.46 31.31
N ASN D 74 -48.36 14.35 30.78
CA ASN D 74 -48.02 13.23 29.91
C ASN D 74 -48.07 11.91 30.67
N SER D 75 -47.58 11.91 31.91
CA SER D 75 -47.63 10.70 32.73
C SER D 75 -49.07 10.26 32.96
N LYS D 76 -49.94 11.20 33.29
CA LYS D 76 -51.37 10.90 33.36
C LYS D 76 -52.03 10.90 31.99
N ASN D 77 -51.34 11.39 30.96
CA ASN D 77 -51.86 11.44 29.60
C ASN D 77 -53.22 12.14 29.54
N THR D 78 -53.32 13.25 30.27
CA THR D 78 -54.59 13.96 30.39
C THR D 78 -54.35 15.46 30.34
N ALA D 79 -55.20 16.17 29.59
CA ALA D 79 -55.10 17.62 29.47
C ALA D 79 -56.06 18.28 30.45
N TYR D 80 -55.55 19.26 31.20
CA TYR D 80 -56.31 20.00 32.18
C TYR D 80 -56.45 21.44 31.73
N LEU D 81 -57.62 22.03 31.98
CA LEU D 81 -57.91 23.41 31.59
C LEU D 81 -58.54 24.12 32.78
N GLN D 82 -57.99 25.28 33.13
CA GLN D 82 -58.43 26.07 34.26
C GLN D 82 -59.12 27.32 33.76
N MET D 83 -60.34 27.55 34.25
CA MET D 83 -61.20 28.64 33.80
C MET D 83 -61.40 29.61 34.96
N ASN D 84 -61.17 30.90 34.70
CA ASN D 84 -61.42 31.95 35.67
C ASN D 84 -62.06 33.13 34.97
N SER D 85 -62.81 33.93 35.73
CA SER D 85 -63.56 35.08 35.23
C SER D 85 -64.50 34.64 34.11
N LEU D 86 -65.44 33.77 34.47
CA LEU D 86 -66.39 33.22 33.51
C LEU D 86 -67.37 34.31 33.08
N LYS D 87 -67.25 34.76 31.84
CA LYS D 87 -68.18 35.72 31.28
C LYS D 87 -69.49 35.04 30.89
N PRO D 88 -70.60 35.78 30.86
CA PRO D 88 -71.88 35.16 30.48
C PRO D 88 -71.85 34.54 29.09
N GLU D 89 -71.09 35.10 28.15
CA GLU D 89 -71.02 34.57 26.80
C GLU D 89 -70.40 33.17 26.76
N ASP D 90 -69.65 32.78 27.80
CA ASP D 90 -68.95 31.51 27.79
C ASP D 90 -69.88 30.30 27.79
N THR D 91 -71.17 30.51 28.03
CA THR D 91 -72.15 29.43 27.92
C THR D 91 -72.09 28.82 26.52
N ALA D 92 -71.66 27.57 26.43
CA ALA D 92 -71.47 26.88 25.16
C ALA D 92 -71.31 25.40 25.45
N VAL D 93 -70.92 24.64 24.42
CA VAL D 93 -70.49 23.26 24.58
C VAL D 93 -69.04 23.16 24.14
N TYR D 94 -68.19 22.59 24.99
CA TYR D 94 -66.76 22.52 24.77
C TYR D 94 -66.38 21.11 24.33
N TYR D 95 -65.54 21.05 23.29
CA TYR D 95 -64.99 19.79 22.79
C TYR D 95 -63.50 19.78 23.04
N CYS D 96 -62.96 18.60 23.34
CA CYS D 96 -61.52 18.39 23.38
C CYS D 96 -61.13 17.61 22.13
N ALA D 97 -60.23 18.19 21.34
CA ALA D 97 -59.91 17.69 20.01
C ALA D 97 -58.43 17.37 19.90
N LYS D 98 -58.12 16.15 19.44
CA LYS D 98 -56.69 15.70 19.44
C LYS D 98 -56.13 15.57 18.03
N GLU D 99 -55.34 16.55 17.59
CA GLU D 99 -54.67 16.42 16.27
C GLU D 99 -53.41 15.58 16.46
N ASP D 100 -53.13 14.66 15.55
CA ASP D 100 -51.88 13.86 15.63
C ASP D 100 -51.08 14.07 14.33
N VAL D 101 -49.83 13.60 14.30
CA VAL D 101 -49.03 13.69 13.05
C VAL D 101 -49.93 13.24 11.90
N GLY D 102 -50.18 14.13 10.94
CA GLY D 102 -51.08 13.80 9.81
C GLY D 102 -52.34 13.08 10.29
N LYS D 103 -53.03 13.66 11.29
CA LYS D 103 -54.28 13.05 11.81
C LYS D 103 -55.23 14.15 12.27
N PRO D 104 -56.56 14.00 12.10
CA PRO D 104 -57.52 15.02 12.51
C PRO D 104 -57.54 15.21 14.03
N PHE D 105 -58.38 16.13 14.53
CA PHE D 105 -58.41 16.42 15.98
C PHE D 105 -59.51 15.59 16.66
N ASP D 106 -59.18 14.39 17.13
CA ASP D 106 -60.17 13.50 17.78
C ASP D 106 -61.31 14.32 18.38
N TRP D 107 -62.48 14.31 17.73
CA TRP D 107 -63.63 15.13 18.19
C TRP D 107 -64.55 14.31 19.10
N GLY D 108 -64.43 14.49 20.42
CA GLY D 108 -65.28 13.80 21.37
C GLY D 108 -66.72 14.23 21.26
N GLN D 109 -67.54 13.70 22.18
CA GLN D 109 -68.95 14.08 22.21
C GLN D 109 -69.16 15.48 22.75
N GLY D 110 -68.21 16.03 23.50
CA GLY D 110 -68.32 17.37 24.04
C GLY D 110 -69.15 17.40 25.32
N THR D 111 -69.00 18.50 26.05
CA THR D 111 -69.72 18.68 27.30
C THR D 111 -70.26 20.11 27.38
N LEU D 112 -71.47 20.25 27.89
CA LEU D 112 -72.15 21.54 27.96
C LEU D 112 -71.79 22.26 29.25
N VAL D 113 -71.41 23.53 29.12
CA VAL D 113 -71.15 24.39 30.27
C VAL D 113 -71.95 25.67 30.09
N THR D 114 -72.71 26.04 31.12
CA THR D 114 -73.61 27.18 31.06
C THR D 114 -73.20 28.19 32.13
N VAL D 115 -73.16 29.47 31.74
CA VAL D 115 -72.84 30.56 32.65
C VAL D 115 -74.14 31.29 32.96
N SER D 116 -74.61 31.15 34.19
CA SER D 116 -75.84 31.82 34.61
C SER D 116 -75.76 32.09 36.11
N SER D 117 -76.54 33.08 36.55
CA SER D 117 -76.55 33.52 37.93
C SER D 117 -77.59 32.78 38.78
N GLY D 118 -78.28 31.81 38.20
CA GLY D 118 -79.29 31.06 38.93
C GLY D 118 -78.72 30.14 39.98
C1 NAG E . -16.26 36.43 37.24
C2 NAG E . -16.56 36.82 38.69
C3 NAG E . -15.34 36.57 39.56
C4 NAG E . -14.10 37.24 38.99
C5 NAG E . -13.94 36.87 37.52
C6 NAG E . -12.60 36.23 37.22
C7 NAG E . -18.03 38.62 39.49
C8 NAG E . -18.80 37.55 40.21
N2 NAG E . -16.98 38.21 38.77
O3 NAG E . -15.12 35.17 39.69
O4 NAG E . -14.22 38.65 39.09
O5 NAG E . -14.94 35.91 37.14
O6 NAG E . -12.12 35.52 38.34
O7 NAG E . -18.37 39.80 39.54
C1 NAG E . -13.38 39.16 40.14
C2 NAG E . -14.26 39.49 41.34
C3 NAG E . -13.43 39.60 42.62
C4 NAG E . -11.94 39.78 42.35
C5 NAG E . -11.37 38.76 41.35
C6 NAG E . -10.67 37.60 42.01
C7 NAG E . -14.54 41.91 40.87
C8 NAG E . -15.54 43.01 40.69
N2 NAG E . -15.05 40.69 41.13
O3 NAG E . -13.63 38.43 43.42
O4 NAG E . -11.67 41.10 41.90
O5 NAG E . -12.41 38.21 40.53
O6 NAG E . -11.06 36.36 41.44
O7 NAG E . -13.33 42.11 40.79
C1 NAG F . 27.25 -23.72 -75.23
C2 NAG F . 26.25 -23.64 -76.38
C3 NAG F . 25.55 -24.99 -76.56
C4 NAG F . 26.57 -26.11 -76.71
C5 NAG F . 27.56 -26.08 -75.55
C6 NAG F . 28.68 -27.09 -75.70
C7 NAG F . 24.43 -22.50 -75.16
C8 NAG F . 23.51 -21.32 -75.15
N2 NAG F . 25.27 -22.57 -76.19
O3 NAG F . 24.70 -24.94 -77.71
O4 NAG F . 25.91 -27.37 -76.74
O5 NAG F . 28.17 -24.78 -75.47
O6 NAG F . 29.56 -26.72 -76.75
O7 NAG F . 24.38 -23.36 -74.28
C1 NAG F . 26.06 -27.94 -78.05
C2 NAG F . 25.34 -29.29 -78.07
C3 NAG F . 25.44 -29.92 -79.47
C4 NAG F . 24.95 -28.95 -80.53
C5 NAG F . 25.68 -27.61 -80.40
C6 NAG F . 25.17 -26.55 -81.35
C7 NAG F . 27.13 -30.63 -77.00
C8 NAG F . 27.46 -31.56 -75.88
N2 NAG F . 25.87 -30.21 -77.06
O3 NAG F . 24.65 -31.12 -79.50
O4 NAG F . 25.18 -29.49 -81.83
O5 NAG F . 25.53 -27.09 -79.07
O6 NAG F . 25.91 -26.55 -82.57
O7 NAG F . 27.98 -30.28 -77.82
C1 NAG G . 31.92 -2.87 -71.33
C2 NAG G . 31.83 -1.61 -72.19
C3 NAG G . 32.89 -1.62 -73.30
C4 NAG G . 34.27 -1.83 -72.70
C5 NAG G . 34.28 -3.13 -71.90
C6 NAG G . 35.61 -3.40 -71.23
C7 NAG G . 29.91 -2.30 -73.59
C8 NAG G . 28.53 -1.94 -74.05
N2 NAG G . 30.49 -1.44 -72.75
O3 NAG G . 32.84 -0.40 -74.01
O4 NAG G . 35.29 -1.81 -73.68
O5 NAG G . 33.29 -3.06 -70.87
O6 NAG G . 36.60 -2.49 -71.67
O7 NAG G . 30.47 -3.33 -73.97
C1 NAG G . 35.04 -2.69 -74.79
C2 NAG G . 35.26 -1.90 -76.08
C3 NAG G . 35.07 -2.79 -77.30
C4 NAG G . 35.96 -4.03 -77.18
C5 NAG G . 35.70 -4.74 -75.86
C6 NAG G . 36.64 -5.90 -75.63
C7 NAG G . 34.75 0.44 -76.65
C8 NAG G . 33.70 1.51 -76.64
N2 NAG G . 34.38 -0.75 -76.15
O3 NAG G . 35.40 -2.07 -78.47
O4 NAG G . 35.68 -4.92 -78.26
O5 NAG G . 35.90 -3.83 -74.77
O6 NAG G . 37.96 -5.61 -76.06
O7 NAG G . 35.87 0.61 -77.11
C1 NAG H . 31.50 9.07 -55.97
C2 NAG H . 32.13 9.57 -57.26
C3 NAG H . 33.04 10.77 -56.97
C4 NAG H . 32.28 11.83 -56.20
C5 NAG H . 31.64 11.24 -54.96
C6 NAG H . 30.76 12.22 -54.22
C7 NAG H . 32.67 8.18 -59.21
C8 NAG H . 33.52 7.06 -59.73
N2 NAG H . 32.87 8.51 -57.93
O3 NAG H . 33.52 11.29 -58.21
O4 NAG H . 33.18 12.87 -55.81
O5 NAG H . 30.80 10.13 -55.33
O6 NAG H . 29.96 11.56 -53.24
O7 NAG H . 31.85 8.75 -59.90
C1 NAG H . 32.82 14.09 -56.48
C2 NAG H . 33.31 15.26 -55.63
C3 NAG H . 32.99 16.59 -56.33
C4 NAG H . 33.54 16.58 -57.75
C5 NAG H . 33.05 15.35 -58.51
C6 NAG H . 33.66 15.22 -59.88
C7 NAG H . 33.45 15.01 -53.20
C8 NAG H . 32.68 15.00 -51.91
N2 NAG H . 32.73 15.23 -54.30
O3 NAG H . 33.55 17.66 -55.59
O4 NAG H . 33.12 17.75 -58.44
O5 NAG H . 33.40 14.16 -57.79
O6 NAG H . 33.13 16.20 -60.78
O7 NAG H . 34.66 14.82 -53.24
C1 NAG I . 40.61 19.99 -39.32
C2 NAG I . 41.58 20.87 -40.11
C3 NAG I . 41.86 22.16 -39.36
C4 NAG I . 40.56 22.87 -38.99
C5 NAG I . 39.63 21.90 -38.26
C6 NAG I . 38.28 22.50 -37.96
C7 NAG I . 43.69 19.71 -39.49
C8 NAG I . 44.90 19.01 -40.03
N2 NAG I . 42.82 20.16 -40.41
O3 NAG I . 42.68 23.00 -40.17
O4 NAG I . 40.81 23.98 -38.14
O5 NAG I . 39.42 20.73 -39.05
O6 NAG I . 38.38 23.67 -37.18
O7 NAG I . 43.49 19.85 -38.29
C1 NAG I . 40.98 25.20 -38.89
C2 NAG I . 40.03 26.28 -38.36
C3 NAG I . 40.27 27.61 -39.07
C4 NAG I . 41.74 27.99 -39.00
C5 NAG I . 42.60 26.86 -39.53
C6 NAG I . 44.08 27.12 -39.39
C7 NAG I . 38.01 25.63 -39.64
C8 NAG I . 36.56 25.24 -39.54
N2 NAG I . 38.63 25.87 -38.47
O3 NAG I . 39.47 28.62 -38.46
O4 NAG I . 41.97 29.16 -39.77
O5 NAG I . 42.33 25.65 -38.79
O6 NAG I . 44.33 28.44 -38.94
O7 NAG I . 38.57 25.74 -40.72
C1 NAG J . -53.77 1.09 20.49
C2 NAG J . -53.81 1.29 18.98
C3 NAG J . -54.59 0.16 18.33
C4 NAG J . -53.99 -1.18 18.71
C5 NAG J . -53.92 -1.33 20.23
C6 NAG J . -53.20 -2.57 20.69
C7 NAG J . -54.12 3.22 17.51
C8 NAG J . -54.81 4.54 17.32
N2 NAG J . -54.39 2.58 18.64
O3 NAG J . -54.57 0.32 16.91
O4 NAG J . -54.71 -2.24 18.08
O5 NAG J . -53.21 -0.21 20.80
O6 NAG J . -53.74 -3.08 21.89
O7 NAG J . -53.35 2.77 16.67
C1 NAG J . -55.94 -2.65 18.71
C2 NAG J . -57.12 -2.36 17.78
C3 NAG J . -58.13 -3.52 17.73
C4 NAG J . -58.28 -4.26 19.06
C5 NAG J . -56.95 -4.47 19.77
C6 NAG J . -56.68 -5.93 20.08
C7 NAG J . -58.27 -0.75 19.30
C8 NAG J . -58.93 0.60 19.39
N2 NAG J . -57.79 -1.10 18.10
O3 NAG J . -57.73 -4.44 16.72
O4 NAG J . -59.17 -3.54 19.92
O5 NAG J . -55.87 -4.02 18.95
O6 NAG J . -55.65 -6.45 19.24
O7 NAG J . -58.20 -1.49 20.28
C1 NAG K . 27.99 -22.52 30.59
C2 NAG K . 29.18 -22.52 31.58
C3 NAG K . 29.90 -23.86 31.58
C4 NAG K . 28.89 -25.00 31.45
C5 NAG K . 28.27 -24.95 30.05
C6 NAG K . 26.87 -25.53 30.00
C7 NAG K . 30.78 -21.29 30.17
C8 NAG K . 31.69 -20.09 30.10
N2 NAG K . 30.10 -21.43 31.31
O3 NAG K . 30.64 -24.00 32.78
O4 NAG K . 29.54 -26.25 31.63
O5 NAG K . 28.19 -23.59 29.58
O6 NAG K . 26.89 -26.90 29.63
O7 NAG K . 30.70 -22.09 29.24
C1 NAG L . 7.98 46.74 23.86
C2 NAG L . 9.06 47.71 23.39
C3 NAG L . 8.43 48.96 22.79
C4 NAG L . 7.44 48.58 21.69
C5 NAG L . 6.42 47.56 22.22
C6 NAG L . 5.51 47.04 21.13
C7 NAG L . 11.21 47.62 24.57
C8 NAG L . 11.99 48.08 25.77
N2 NAG L . 9.96 48.06 24.49
O3 NAG L . 9.45 49.80 22.27
O4 NAG L . 6.74 49.74 21.24
O5 NAG L . 7.11 46.42 22.76
O6 NAG L . 4.40 46.35 21.68
O7 NAG L . 11.70 46.88 23.71
C1 NAG M . 41.28 -11.79 8.81
C2 NAG M . 40.44 -12.95 8.30
C3 NAG M . 40.69 -14.21 9.13
C4 NAG M . 42.19 -14.52 9.19
C5 NAG M . 42.96 -13.28 9.66
C6 NAG M . 44.45 -13.47 9.61
C7 NAG M . 38.30 -12.31 9.38
C8 NAG M . 36.85 -12.01 9.15
N2 NAG M . 39.01 -12.63 8.29
O3 NAG M . 39.99 -15.31 8.57
O4 NAG M . 42.43 -15.59 10.09
O5 NAG M . 42.67 -12.17 8.80
O6 NAG M . 44.83 -14.42 8.62
O7 NAG M . 38.80 -12.28 10.51
C1 NAG N . 31.25 26.82 6.07
C2 NAG N . 31.86 27.25 7.42
C3 NAG N . 31.17 28.51 7.93
C4 NAG N . 31.19 29.60 6.88
C5 NAG N . 30.58 29.08 5.57
C6 NAG N . 30.66 30.09 4.44
C7 NAG N . 32.83 25.73 9.09
C8 NAG N . 32.56 24.63 10.06
N2 NAG N . 31.77 26.19 8.40
O3 NAG N . 31.83 28.96 9.11
O4 NAG N . 30.44 30.74 7.33
O5 NAG N . 31.29 27.92 5.14
O6 NAG N . 31.89 29.97 3.74
O7 NAG N . 33.96 26.19 8.93
C1 NAG O . 55.07 10.21 -43.71
C2 NAG O . 55.20 10.30 -45.23
C3 NAG O . 56.48 11.02 -45.62
C4 NAG O . 56.55 12.37 -44.92
C5 NAG O . 56.37 12.20 -43.41
C6 NAG O . 56.32 13.51 -42.66
C7 NAG O . 54.02 8.36 -46.20
C8 NAG O . 54.17 7.00 -46.80
N2 NAG O . 55.16 8.97 -45.83
O3 NAG O . 56.51 11.20 -47.03
O4 NAG O . 57.81 12.98 -45.18
O5 NAG O . 55.14 11.51 -43.15
O6 NAG O . 56.96 13.42 -41.41
O7 NAG O . 52.93 8.89 -46.03
C1 NAG P . 56.96 -17.39 -26.36
C2 NAG P . 58.33 -17.88 -26.85
C3 NAG P . 58.68 -19.21 -26.21
C4 NAG P . 58.57 -19.12 -24.69
C5 NAG P . 57.20 -18.60 -24.30
C6 NAG P . 57.06 -18.37 -22.81
C7 NAG P . 59.46 -17.95 -29.02
C8 NAG P . 59.30 -18.08 -30.51
N2 NAG P . 58.34 -17.99 -28.30
O3 NAG P . 60.00 -19.59 -26.58
O4 NAG P . 58.77 -20.40 -24.11
O5 NAG P . 56.96 -17.33 -24.93
O6 NAG P . 57.55 -19.47 -22.06
O7 NAG P . 60.57 -17.82 -28.51
C1 NAG Q . 67.65 -9.02 -43.14
C2 NAG Q . 68.29 -8.64 -41.80
C3 NAG Q . 69.70 -9.20 -41.70
C4 NAG Q . 69.70 -10.70 -41.99
C5 NAG Q . 69.02 -10.98 -43.33
C6 NAG Q . 68.89 -12.45 -43.64
C7 NAG Q . 68.38 -6.61 -40.41
C8 NAG Q . 68.38 -5.11 -40.41
N2 NAG Q . 68.29 -7.20 -41.62
O3 NAG Q . 70.22 -8.96 -40.40
O4 NAG Q . 71.05 -11.18 -42.05
O5 NAG Q . 67.68 -10.44 -43.30
O6 NAG Q . 70.07 -12.95 -44.27
O7 NAG Q . 68.45 -7.26 -39.37
C1 NAG R . 60.25 3.36 -58.40
C2 NAG R . 60.74 4.72 -57.92
C3 NAG R . 60.21 5.82 -58.84
C4 NAG R . 60.57 5.52 -60.29
C5 NAG R . 60.09 4.12 -60.67
C6 NAG R . 60.52 3.70 -62.06
C7 NAG R . 61.20 5.46 -55.63
C8 NAG R . 60.63 5.66 -54.25
N2 NAG R . 60.35 4.97 -56.55
O3 NAG R . 60.77 7.07 -58.45
O4 NAG R . 59.95 6.48 -61.15
O5 NAG R . 60.63 3.15 -59.76
O6 NAG R . 61.45 2.63 -62.01
O7 NAG R . 62.37 5.73 -55.90
C1 NAG S . 51.44 18.28 -1.74
C2 NAG S . 52.74 18.49 -0.97
C3 NAG S . 52.66 19.77 -0.12
C4 NAG S . 52.25 20.95 -0.98
C5 NAG S . 50.97 20.63 -1.75
C6 NAG S . 50.57 21.73 -2.71
C7 NAG S . 52.32 16.88 0.86
C8 NAG S . 52.85 15.68 1.58
N2 NAG S . 53.08 17.34 -0.15
O3 NAG S . 53.92 20.01 0.48
O4 NAG S . 52.03 22.09 -0.16
O5 NAG S . 51.14 19.44 -2.53
O6 NAG S . 51.47 21.79 -3.82
O7 NAG S . 51.25 17.40 1.17
C1 NAG T . 12.42 43.41 -9.83
C2 NAG T . 12.05 44.52 -10.80
C3 NAG T . 13.31 45.17 -11.36
C4 NAG T . 14.23 45.63 -10.23
C5 NAG T . 14.50 44.48 -9.27
C6 NAG T . 15.28 44.89 -8.05
C7 NAG T . 9.89 44.10 -11.89
C8 NAG T . 9.19 43.53 -13.08
N2 NAG T . 11.22 44.01 -11.89
O3 NAG T . 12.96 46.28 -12.18
O4 NAG T . 15.46 46.10 -10.75
O5 NAG T . 13.25 43.94 -8.79
O6 NAG T . 15.87 46.18 -8.22
O7 NAG T . 9.27 44.64 -10.97
C1 NAG U . -12.12 12.05 -49.72
C2 NAG U . -12.63 12.43 -51.11
C3 NAG U . -14.09 12.88 -51.03
C4 NAG U . -14.93 11.81 -50.34
C5 NAG U . -14.32 11.46 -48.98
C6 NAG U . -15.04 10.33 -48.29
C7 NAG U . -11.63 14.69 -51.21
C8 NAG U . -10.73 15.59 -52.01
N2 NAG U . -11.80 13.47 -51.72
O3 NAG U . -14.58 13.11 -52.34
O4 NAG U . -16.26 12.29 -50.15
O5 NAG U . -12.96 11.04 -49.16
O6 NAG U . -15.20 9.21 -49.15
O7 NAG U . -12.15 15.05 -50.16
C1 NAG V . -23.33 6.61 -33.61
C2 NAG V . -22.99 5.26 -34.22
C3 NAG V . -23.54 5.17 -35.64
C4 NAG V . -25.03 5.47 -35.65
C5 NAG V . -25.29 6.82 -34.97
C6 NAG V . -26.76 7.13 -34.84
C7 NAG V . -20.99 3.85 -33.93
C8 NAG V . -19.50 3.81 -33.98
N2 NAG V . -21.54 5.03 -34.22
O3 NAG V . -23.31 3.85 -36.15
O4 NAG V . -25.51 5.51 -36.99
O5 NAG V . -24.75 6.81 -33.65
O6 NAG V . -27.56 6.15 -35.48
O7 NAG V . -21.67 2.86 -33.66
C1 NAG W . 14.06 -17.13 -65.73
C2 NAG W . 13.36 -16.03 -66.52
C3 NAG W . 12.93 -16.56 -67.89
C4 NAG W . 14.11 -17.20 -68.62
C5 NAG W . 14.79 -18.23 -67.73
C6 NAG W . 16.04 -18.81 -68.33
C7 NAG W . 11.97 -14.20 -65.65
C8 NAG W . 10.75 -13.83 -64.87
N2 NAG W . 12.22 -15.51 -65.79
O3 NAG W . 12.39 -15.50 -68.67
O4 NAG W . 13.66 -17.82 -69.82
O5 NAG W . 15.17 -17.63 -66.48
O6 NAG W . 17.03 -19.06 -67.34
O7 NAG W . 12.71 -13.35 -66.15
C1 NAG X . 18.53 -1.78 -65.39
C2 NAG X . 17.48 -2.55 -66.21
C3 NAG X . 17.44 -2.03 -67.65
C4 NAG X . 17.27 -0.52 -67.67
C5 NAG X . 18.34 0.14 -66.82
C6 NAG X . 18.18 1.64 -66.72
C7 NAG X . 18.79 -4.58 -66.70
C8 NAG X . 18.83 -6.08 -66.57
N2 NAG X . 17.71 -3.98 -66.18
O3 NAG X . 16.38 -2.65 -68.36
O4 NAG X . 17.35 -0.03 -69.00
O5 NAG X . 18.29 -0.37 -65.49
O6 NAG X . 16.97 2.08 -67.31
O7 NAG X . 19.70 -3.96 -67.23
C1 NAG Y . 9.00 28.73 -29.11
C2 NAG Y . 10.33 28.18 -28.60
C3 NAG Y . 11.05 29.23 -27.75
C4 NAG Y . 11.18 30.54 -28.52
C5 NAG Y . 9.81 30.99 -29.04
C6 NAG Y . 9.88 32.22 -29.92
C7 NAG Y . 10.52 25.76 -28.30
C8 NAG Y . 10.25 24.59 -27.40
N2 NAG Y . 10.14 26.96 -27.85
O3 NAG Y . 12.34 28.75 -27.39
O4 NAG Y . 11.70 31.56 -27.66
O5 NAG Y . 9.22 29.95 -29.84
O6 NAG Y . 8.64 32.89 -29.97
O7 NAG Y . 11.07 25.61 -29.39
C1 NAG Z . -51.81 1.61 -8.37
C2 NAG Z . -52.29 1.61 -9.82
C3 NAG Z . -53.11 0.35 -10.11
C4 NAG Z . -54.02 -0.02 -8.95
C5 NAG Z . -53.24 -0.10 -7.63
C6 NAG Z . -53.20 -1.50 -7.07
C7 NAG Z . -52.96 3.46 -11.29
C8 NAG Z . -53.83 4.67 -11.44
N2 NAG Z . -53.06 2.81 -10.13
O3 NAG Z . -52.24 -0.73 -10.39
O4 NAG Z . -55.05 0.97 -8.81
O5 NAG Z . -51.89 0.31 -7.84
O6 NAG Z . -54.50 -2.05 -6.95
O7 NAG Z . -52.20 3.09 -12.18
C1 NAG AA . 6.77 -30.05 42.88
C2 NAG AA . 7.12 -30.41 41.44
C3 NAG AA . 8.63 -30.41 41.22
C4 NAG AA . 9.42 -30.53 42.52
C5 NAG AA . 8.95 -29.57 43.62
C6 NAG AA . 9.87 -28.36 43.76
C7 NAG AA . 6.75 -32.86 41.64
C8 NAG AA . 6.04 -34.03 41.05
N2 NAG AA . 6.52 -31.69 41.03
O3 NAG AA . 9.01 -29.22 40.54
O4 NAG AA . 9.36 -31.87 43.01
O5 NAG AA . 7.64 -29.06 43.33
O6 NAG AA . 11.14 -28.74 44.25
O7 NAG AA . 7.48 -32.97 42.62
C1 NAG BA . -9.04 -33.20 -25.59
C2 NAG BA . -9.21 -31.92 -26.41
C3 NAG BA . -10.18 -32.13 -27.56
C4 NAG BA . -9.77 -33.34 -28.39
C5 NAG BA . -9.61 -34.56 -27.49
C6 NAG BA . -9.09 -35.77 -28.23
C7 NAG BA . -10.80 -30.74 -24.91
C8 NAG BA . -11.02 -29.50 -24.11
N2 NAG BA . -9.62 -30.79 -25.57
O3 NAG BA . -10.21 -30.96 -28.38
O4 NAG BA . -10.77 -33.61 -29.38
O5 NAG BA . -8.66 -34.28 -26.45
O6 NAG BA . -7.73 -35.63 -28.60
O7 NAG BA . -11.62 -31.65 -24.96
C1 NAG CA . 10.46 -40.24 7.41
C2 NAG CA . 11.62 -39.95 8.34
C3 NAG CA . 12.62 -41.11 8.34
C4 NAG CA . 11.90 -42.42 8.65
C5 NAG CA . 10.72 -42.62 7.71
C6 NAG CA . 9.90 -43.84 8.05
C7 NAG CA . 11.97 -37.53 8.53
C8 NAG CA . 12.76 -36.35 8.03
N2 NAG CA . 12.29 -38.71 7.99
O3 NAG CA . 13.64 -40.87 9.29
O4 NAG CA . 12.81 -43.52 8.50
O5 NAG CA . 9.84 -41.49 7.78
O6 NAG CA . 9.30 -43.73 9.33
O7 NAG CA . 11.10 -37.42 9.38
C1 NAG DA . 13.00 -51.90 -9.39
C2 NAG DA . 11.64 -52.49 -9.02
C3 NAG DA . 11.64 -52.95 -7.55
C4 NAG DA . 12.81 -53.90 -7.30
C5 NAG DA . 14.12 -53.27 -7.76
C6 NAG DA . 15.30 -54.22 -7.66
C7 NAG DA . 9.37 -51.89 -9.71
C8 NAG DA . 8.38 -50.78 -9.89
N2 NAG DA . 10.57 -51.54 -9.25
O3 NAG DA . 10.41 -53.59 -7.26
O4 NAG DA . 12.89 -54.22 -5.92
O5 NAG DA . 14.03 -52.87 -9.14
O6 NAG DA . 15.07 -55.39 -8.40
O7 NAG DA . 9.08 -53.05 -9.96
C1 NAG EA . 47.36 -41.74 -32.05
C2 NAG EA . 48.81 -41.52 -32.49
C3 NAG EA . 49.53 -42.87 -32.58
C4 NAG EA . 49.40 -43.63 -31.28
C5 NAG EA . 47.94 -43.75 -30.88
C6 NAG EA . 47.74 -44.38 -29.52
C7 NAG EA . 48.93 -39.50 -33.86
C8 NAG EA . 48.98 -38.94 -35.26
N2 NAG EA . 48.87 -40.83 -33.77
O3 NAG EA . 50.90 -42.65 -32.89
O4 NAG EA . 49.96 -44.93 -31.41
O5 NAG EA . 47.34 -42.44 -30.81
O6 NAG EA . 46.95 -45.56 -29.61
O7 NAG EA . 48.95 -38.77 -32.87
C1 NAG FA . 20.32 -36.34 -49.29
C2 NAG FA . 20.39 -37.26 -50.51
C3 NAG FA . 19.14 -37.10 -51.37
C4 NAG FA . 17.89 -37.32 -50.53
C5 NAG FA . 17.92 -36.39 -49.32
C6 NAG FA . 16.76 -36.61 -48.37
C7 NAG FA . 22.49 -37.92 -51.61
C8 NAG FA . 23.66 -37.46 -52.43
N2 NAG FA . 21.59 -36.98 -51.30
O3 NAG FA . 19.18 -38.05 -52.43
O4 NAG FA . 16.73 -37.05 -51.30
O5 NAG FA . 19.12 -36.61 -48.56
O6 NAG FA . 15.51 -36.44 -49.03
O7 NAG FA . 22.36 -39.08 -51.26
C1 NAG GA . 58.25 -40.12 -45.74
C2 NAG GA . 58.41 -41.08 -44.57
C3 NAG GA . 59.74 -40.84 -43.86
C4 NAG GA . 60.89 -40.92 -44.86
C5 NAG GA . 60.65 -39.97 -46.01
C6 NAG GA . 61.68 -40.07 -47.10
C7 NAG GA . 56.84 -41.95 -42.88
C8 NAG GA . 55.70 -41.62 -41.97
N2 NAG GA . 57.31 -40.94 -43.63
O3 NAG GA . 59.91 -41.82 -42.84
O4 NAG GA . 62.12 -40.58 -44.21
O5 NAG GA . 59.38 -40.26 -46.62
O6 NAG GA . 61.22 -40.86 -48.19
O7 NAG GA . 57.32 -43.07 -42.94
C1 NAG HA . -8.40 -16.90 58.87
C2 NAG HA . -8.42 -16.94 60.41
C3 NAG HA . -9.84 -17.23 60.92
C4 NAG HA . -10.47 -18.42 60.21
C5 NAG HA . -10.29 -18.31 58.70
C6 NAG HA . -11.59 -18.40 57.94
C7 NAG HA . -6.95 -17.86 62.14
C8 NAG HA . -6.00 -18.95 62.50
N2 NAG HA . -7.48 -17.91 60.92
O3 NAG HA . -10.66 -16.07 60.75
O4 NAG HA . -9.86 -19.63 60.66
O5 NAG HA . -9.71 -17.03 58.38
O6 NAG HA . -11.63 -17.49 56.86
O7 NAG HA . -7.23 -16.95 62.93
C1 NAG IA . -33.24 -21.41 -24.22
C2 NAG IA . -34.77 -21.45 -24.08
C3 NAG IA . -35.41 -21.83 -25.40
C4 NAG IA . -34.99 -20.84 -26.48
C5 NAG IA . -33.46 -20.79 -26.58
C6 NAG IA . -32.90 -19.41 -26.35
C7 NAG IA . -34.95 -23.67 -23.00
C8 NAG IA . -35.47 -24.41 -21.81
N2 NAG IA . -35.19 -22.35 -23.01
O3 NAG IA . -36.83 -21.82 -25.27
O4 NAG IA . -35.53 -21.21 -27.74
O5 NAG IA . -32.87 -21.66 -25.60
O6 NAG IA . -31.86 -19.12 -27.28
O7 NAG IA . -34.33 -24.24 -23.90
#